data_7LF2
#
_entry.id   7LF2
#
_cell.length_a   1.00
_cell.length_b   1.00
_cell.length_c   1.00
_cell.angle_alpha   90.00
_cell.angle_beta   90.00
_cell.angle_gamma   90.00
#
_symmetry.space_group_name_H-M   'P 1'
#
loop_
_entity.id
_entity.type
_entity.pdbx_description
1 polymer Arginase-1
2 polymer 'mAb4 monoclonal antibody heavy chain'
3 polymer 'mAb4 monoclonal antibody light chain'
4 non-polymer 'MANGANESE (II) ION'
#
loop_
_entity_poly.entity_id
_entity_poly.type
_entity_poly.pdbx_seq_one_letter_code
_entity_poly.pdbx_strand_id
1 'polypeptide(L)'
;MSAKSRTIGIIGAPFSKGQPRGGVEEGPTVLRKAGLLEKLKEQECDVKDYGDLPFADIPNDSPFQIVKNPRSVGKASEQL
AGKVAEVKKNGRISLVLGGDHSLAIGSISGHARVHPDLGVIWVDAHTDINTPLTTTSGNLHGQPVSFLLKELKGKIPDVP
GFSWVTPCISAKDIVYIGLRDVDPGEHYILKTLGIKYFSMTEVDRLGIGKVMEETLSYLLGRKKRPIHLSFDVDGLDPSF
TPATGTPVVGGLTYREGLYITEEIYKTGLLSGLDIMEVNPSLGKTPEEVTRTVNTAVAITLACFGLAREGNHKPIDYLNP
PK
;
A,B,C,J,Q,R
2 'polypeptide(L)'
;EVQLVQSGAEVKKPGASVKVSCKASGYTFTDYYMNWVRQAPGQGLEWIGVISPYNGGTTYNQKFKGKATLTVDKSTSTAY
MELSSLRSEDTAVYYCVYDLYYFDYWGQGTLVTVSSASTKGPSVFPLAPCSRSTSESTAALGCLVKDYFPEPVTVSWNSG
ALTSGVHTFPAVLQSSGLYSLSSVVTVPSSSLGTKTYTCNVDHKPSNTKVDKRVESKYGPPCPPCPAPEFLGGPSVFLFP
PKPKDTLMISRTPEVTCVVVDVSQEDPEVQFNWYVDGVEVHNAKTKPREEQFNSTYRVVSVLTVLHQDWLNGKEYKCKVS
NKGLPSSIEKTISKAKGQPREPQVYTLPPSQEEMTKNQVSLTCLVKGFYPSDIAVEWESNGQPENNYKTTPPVLDSDGSF
FLYSRLTVDKSRWQEGNVFSCSVMHEALHNHYTQKSLSLSLGK
;
D,G,F,K,O,P
3 'polypeptide(L)'
;EIVLTQSPATLSLSPGERATLSCRASQRISNDLHWYQQKPGQAPRLLIKYASQSISGIPSRFSGSGSGTDFTLTISSLEP
EDFAVYYCQQSNSWPRTFGGGTKLEIKRTVAAPSVFIFPPSDEQLKSGTASVVCLLNNFYPREAKVQWKVDNALQSGNSQ
ESVTEQDSKDSTYSLSSTLTLSKADYEKHKVYACEVTHQGLSSPVTKSFNRGEC
;
E,I,H,L,M,N
#
# COMPACT_ATOMS: atom_id res chain seq x y z
N ALA A 3 82.94 -0.36 -24.14
CA ALA A 3 83.94 0.17 -25.05
C ALA A 3 84.19 1.64 -24.77
N LYS A 4 84.83 2.32 -25.73
CA LYS A 4 84.93 3.77 -25.68
C LYS A 4 83.55 4.39 -25.74
N SER A 5 82.84 4.15 -26.83
CA SER A 5 81.42 4.42 -26.86
C SER A 5 80.71 3.39 -25.99
N ARG A 6 79.42 3.65 -25.76
CA ARG A 6 78.56 3.00 -24.78
C ARG A 6 79.28 2.72 -23.45
N THR A 7 79.81 3.80 -22.89
CA THR A 7 80.24 3.86 -21.49
C THR A 7 79.54 5.08 -20.93
N ILE A 8 78.54 4.88 -20.09
CA ILE A 8 77.49 5.88 -19.89
C ILE A 8 77.48 6.33 -18.45
N GLY A 9 77.45 7.63 -18.26
CA GLY A 9 76.91 8.16 -17.03
C GLY A 9 75.49 8.65 -17.24
N ILE A 10 74.54 8.05 -16.54
CA ILE A 10 73.15 8.51 -16.62
C ILE A 10 72.90 9.52 -15.51
N ILE A 11 72.48 10.72 -15.90
CA ILE A 11 72.15 11.77 -14.96
C ILE A 11 70.71 12.19 -15.22
N GLY A 12 69.84 11.95 -14.27
CA GLY A 12 68.51 12.50 -14.37
C GLY A 12 68.48 13.93 -13.88
N ALA A 13 67.41 14.64 -14.24
CA ALA A 13 67.22 16.02 -13.79
C ALA A 13 65.74 16.32 -13.72
N PRO A 14 65.11 16.05 -12.59
CA PRO A 14 63.67 16.30 -12.45
C PRO A 14 63.39 17.78 -12.23
N PHE A 15 63.33 18.52 -13.32
CA PHE A 15 63.25 19.97 -13.25
C PHE A 15 62.15 20.49 -14.17
N SER A 16 61.48 21.55 -13.74
CA SER A 16 60.41 22.12 -14.57
C SER A 16 60.35 23.63 -14.59
N LYS A 17 61.18 24.33 -13.84
CA LYS A 17 60.91 25.75 -13.65
C LYS A 17 61.34 26.63 -14.81
N GLY A 18 61.93 26.06 -15.85
CA GLY A 18 62.18 26.87 -17.02
C GLY A 18 61.01 26.97 -17.96
N GLN A 19 59.93 26.27 -17.66
CA GLN A 19 58.76 26.18 -18.50
C GLN A 19 57.51 26.28 -17.62
N PRO A 20 56.35 26.63 -18.19
CA PRO A 20 55.16 26.75 -17.35
C PRO A 20 54.54 25.42 -16.95
N ARG A 21 54.37 24.50 -17.89
CA ARG A 21 53.48 23.36 -17.68
C ARG A 21 54.13 22.33 -16.80
N GLY A 22 53.69 22.27 -15.54
CA GLY A 22 54.32 21.36 -14.58
C GLY A 22 54.07 19.91 -14.94
N GLY A 23 55.11 19.10 -14.84
CA GLY A 23 54.99 17.70 -15.20
C GLY A 23 56.24 17.12 -15.82
N VAL A 24 57.11 17.98 -16.36
CA VAL A 24 58.39 17.49 -16.89
C VAL A 24 59.40 17.22 -15.80
N GLU A 25 59.05 17.45 -14.54
CA GLU A 25 59.81 16.86 -13.44
C GLU A 25 59.74 15.35 -13.48
N GLU A 26 58.65 14.79 -13.98
CA GLU A 26 58.57 13.35 -14.16
C GLU A 26 59.10 12.93 -15.52
N GLY A 27 60.28 13.43 -15.84
CA GLY A 27 61.11 12.87 -16.88
C GLY A 27 61.90 11.69 -16.36
N PRO A 28 62.79 11.92 -15.39
CA PRO A 28 63.60 10.81 -14.85
C PRO A 28 62.81 9.71 -14.21
N THR A 29 61.73 10.04 -13.51
CA THR A 29 60.86 9.04 -12.90
C THR A 29 60.33 8.07 -13.95
N VAL A 30 59.84 8.62 -15.05
CA VAL A 30 59.23 7.78 -16.07
C VAL A 30 60.27 7.05 -16.89
N LEU A 31 61.35 7.74 -17.27
CA LEU A 31 62.37 7.11 -18.09
C LEU A 31 63.16 6.07 -17.33
N ARG A 32 63.17 6.12 -16.01
CA ARG A 32 63.74 4.99 -15.31
C ARG A 32 62.70 3.89 -15.05
N LYS A 33 61.45 4.26 -14.74
CA LYS A 33 60.46 3.24 -14.45
C LYS A 33 60.02 2.51 -15.72
N ALA A 34 60.21 3.12 -16.89
CA ALA A 34 60.00 2.37 -18.12
C ALA A 34 61.11 1.37 -18.34
N GLY A 35 62.28 1.64 -17.80
CA GLY A 35 63.37 0.71 -17.94
C GLY A 35 64.29 1.18 -19.03
N LEU A 36 65.34 1.87 -18.65
CA LEU A 36 66.30 2.37 -19.61
C LEU A 36 67.69 1.82 -19.34
N LEU A 37 68.11 1.87 -18.07
CA LEU A 37 69.35 1.24 -17.62
C LEU A 37 69.39 -0.22 -18.00
N GLU A 38 68.27 -0.91 -17.80
CA GLU A 38 68.15 -2.33 -18.11
C GLU A 38 68.30 -2.56 -19.60
N LYS A 39 67.63 -1.75 -20.41
CA LYS A 39 67.69 -1.89 -21.86
C LYS A 39 69.05 -1.50 -22.40
N LEU A 40 69.83 -0.75 -21.64
CA LEU A 40 71.20 -0.52 -22.04
C LEU A 40 72.07 -1.74 -21.79
N LYS A 41 71.90 -2.39 -20.65
CA LYS A 41 72.91 -3.31 -20.15
C LYS A 41 73.01 -4.62 -20.90
N GLU A 42 72.18 -4.88 -21.91
CA GLU A 42 72.37 -6.11 -22.66
C GLU A 42 73.55 -5.99 -23.61
N GLN A 43 73.50 -5.01 -24.50
CA GLN A 43 74.72 -4.63 -25.19
C GLN A 43 75.67 -3.98 -24.19
N GLU A 44 76.95 -4.00 -24.52
CA GLU A 44 78.02 -3.81 -23.55
C GLU A 44 78.08 -2.35 -23.11
N CYS A 45 77.12 -1.99 -22.28
CA CYS A 45 76.97 -0.62 -21.80
C CYS A 45 77.44 -0.57 -20.35
N ASP A 46 78.56 0.10 -20.10
CA ASP A 46 79.01 0.37 -18.74
C ASP A 46 78.10 1.45 -18.18
N VAL A 47 76.94 1.01 -17.70
CA VAL A 47 75.94 1.92 -17.18
C VAL A 47 76.34 2.27 -15.76
N LYS A 48 76.39 3.56 -15.48
CA LYS A 48 76.52 4.02 -14.10
C LYS A 48 75.60 5.19 -13.92
N ASP A 49 74.52 4.97 -13.19
CA ASP A 49 73.67 6.06 -12.78
C ASP A 49 74.43 6.96 -11.81
N TYR A 50 74.05 8.21 -11.79
CA TYR A 50 74.52 9.15 -10.78
C TYR A 50 73.35 9.80 -10.08
N GLY A 51 72.16 9.24 -10.24
CA GLY A 51 70.99 9.67 -9.53
C GLY A 51 70.41 10.96 -10.07
N ASP A 52 69.20 11.25 -9.65
CA ASP A 52 68.60 12.53 -9.95
C ASP A 52 69.25 13.60 -9.07
N LEU A 53 69.45 14.77 -9.63
CA LEU A 53 70.10 15.81 -8.85
C LEU A 53 69.10 16.42 -7.88
N PRO A 54 69.48 16.63 -6.64
CA PRO A 54 68.60 17.30 -5.67
C PRO A 54 68.56 18.80 -5.96
N PHE A 55 67.70 19.18 -6.89
CA PHE A 55 67.52 20.58 -7.20
C PHE A 55 66.78 21.27 -6.07
N ALA A 56 67.27 22.45 -5.70
CA ALA A 56 66.74 23.18 -4.56
C ALA A 56 65.45 23.89 -4.97
N ASP A 57 64.95 24.74 -4.07
CA ASP A 57 63.75 25.53 -4.34
C ASP A 57 63.98 26.90 -3.73
N ILE A 58 64.43 27.84 -4.54
CA ILE A 58 64.51 29.22 -4.10
C ILE A 58 63.09 29.77 -4.11
N PRO A 59 62.54 30.18 -2.98
CA PRO A 59 61.14 30.62 -2.97
C PRO A 59 60.94 31.99 -3.59
N ASN A 60 61.87 32.92 -3.37
CA ASN A 60 61.75 34.26 -3.91
C ASN A 60 62.43 34.34 -5.26
N ASP A 61 61.92 33.54 -6.19
CA ASP A 61 62.44 33.50 -7.55
C ASP A 61 61.87 34.69 -8.30
N SER A 62 62.42 35.85 -7.99
CA SER A 62 61.94 37.09 -8.58
C SER A 62 62.40 37.16 -10.02
N PRO A 63 61.50 37.33 -10.96
CA PRO A 63 61.89 37.24 -12.37
C PRO A 63 62.66 38.44 -12.86
N PHE A 64 63.09 38.35 -14.11
CA PHE A 64 63.49 39.51 -14.88
C PHE A 64 62.21 40.06 -15.51
N GLN A 65 62.34 40.97 -16.48
CA GLN A 65 61.19 41.58 -17.16
C GLN A 65 60.32 40.53 -17.84
N ILE A 66 60.88 39.85 -18.83
CA ILE A 66 60.13 38.80 -19.50
C ILE A 66 60.64 37.48 -18.95
N VAL A 67 61.94 37.43 -18.68
CA VAL A 67 62.60 36.20 -18.26
C VAL A 67 62.09 35.78 -16.89
N LYS A 68 61.35 34.70 -16.85
CA LYS A 68 60.73 34.22 -15.63
C LYS A 68 61.58 33.13 -15.00
N ASN A 69 61.59 33.12 -13.67
CA ASN A 69 62.31 32.16 -12.85
C ASN A 69 63.80 32.00 -13.15
N PRO A 70 64.60 33.06 -13.03
CA PRO A 70 65.97 32.96 -13.51
C PRO A 70 66.91 32.23 -12.57
N ARG A 71 66.75 32.43 -11.27
CA ARG A 71 67.78 32.00 -10.34
C ARG A 71 67.71 30.52 -10.07
N SER A 72 66.50 29.96 -10.02
CA SER A 72 66.35 28.52 -9.85
C SER A 72 66.92 27.78 -11.04
N VAL A 73 66.71 28.31 -12.23
CA VAL A 73 67.27 27.72 -13.43
C VAL A 73 68.79 27.83 -13.43
N GLY A 74 69.31 28.98 -12.97
CA GLY A 74 70.76 29.15 -12.95
C GLY A 74 71.44 28.24 -11.97
N LYS A 75 70.86 28.10 -10.78
CA LYS A 75 71.37 27.17 -9.79
C LYS A 75 71.27 25.73 -10.29
N ALA A 76 70.18 25.42 -10.98
CA ALA A 76 69.95 24.08 -11.49
C ALA A 76 71.00 23.70 -12.53
N SER A 77 71.22 24.58 -13.50
CA SER A 77 72.21 24.27 -14.53
C SER A 77 73.61 24.35 -13.99
N GLU A 78 73.85 25.09 -12.92
CA GLU A 78 75.18 25.10 -12.33
C GLU A 78 75.49 23.78 -11.66
N GLN A 79 74.56 23.29 -10.84
CA GLN A 79 74.66 21.96 -10.25
C GLN A 79 74.79 20.89 -11.33
N LEU A 80 74.06 21.05 -12.42
CA LEU A 80 74.12 20.09 -13.51
C LEU A 80 75.46 20.13 -14.22
N ALA A 81 76.01 21.33 -14.44
CA ALA A 81 77.29 21.45 -15.11
C ALA A 81 78.40 20.84 -14.28
N GLY A 82 78.32 21.02 -12.97
CA GLY A 82 79.27 20.36 -12.08
C GLY A 82 79.18 18.84 -12.17
N LYS A 83 77.96 18.30 -12.15
CA LYS A 83 77.81 16.84 -12.18
C LYS A 83 78.21 16.26 -13.54
N VAL A 84 77.90 16.97 -14.62
CA VAL A 84 78.21 16.47 -15.95
C VAL A 84 79.70 16.50 -16.20
N ALA A 85 80.36 17.59 -15.81
CA ALA A 85 81.82 17.64 -15.91
C ALA A 85 82.46 16.58 -15.04
N GLU A 86 81.86 16.29 -13.89
CA GLU A 86 82.35 15.24 -13.01
C GLU A 86 82.27 13.88 -13.69
N VAL A 87 81.17 13.59 -14.39
CA VAL A 87 81.09 12.27 -14.99
C VAL A 87 81.78 12.21 -16.33
N LYS A 88 82.16 13.35 -16.91
CA LYS A 88 83.06 13.30 -18.03
C LYS A 88 84.49 13.16 -17.59
N LYS A 89 84.79 13.53 -16.34
CA LYS A 89 86.09 13.17 -15.77
C LYS A 89 86.23 11.66 -15.63
N ASN A 90 85.11 10.95 -15.45
CA ASN A 90 85.11 9.51 -15.50
C ASN A 90 85.28 8.96 -16.91
N GLY A 91 85.33 9.82 -17.92
CA GLY A 91 85.49 9.35 -19.28
C GLY A 91 84.28 8.68 -19.85
N ARG A 92 83.12 8.89 -19.25
CA ARG A 92 81.90 8.26 -19.73
C ARG A 92 81.24 9.13 -20.78
N ILE A 93 80.03 8.78 -21.15
CA ILE A 93 79.22 9.58 -22.05
C ILE A 93 78.02 10.08 -21.26
N SER A 94 77.94 11.39 -21.12
CA SER A 94 77.00 12.01 -20.19
C SER A 94 75.61 11.94 -20.78
N LEU A 95 74.92 10.84 -20.54
CA LEU A 95 73.50 10.77 -20.86
C LEU A 95 72.77 11.57 -19.80
N VAL A 96 72.29 12.74 -20.18
CA VAL A 96 71.49 13.57 -19.30
C VAL A 96 70.07 13.48 -19.79
N LEU A 97 69.12 13.41 -18.87
CA LEU A 97 67.74 13.54 -19.29
C LEU A 97 66.99 14.38 -18.26
N GLY A 98 66.04 15.17 -18.74
CA GLY A 98 65.36 16.10 -17.87
C GLY A 98 63.86 15.93 -17.94
N GLY A 99 63.10 17.01 -17.72
CA GLY A 99 63.66 18.34 -17.52
C GLY A 99 63.21 19.24 -18.64
N ASP A 100 64.02 20.23 -19.01
CA ASP A 100 63.75 20.99 -20.22
C ASP A 100 65.07 21.45 -20.80
N HIS A 101 64.95 22.28 -21.84
CA HIS A 101 66.11 22.76 -22.55
C HIS A 101 66.96 23.71 -21.75
N SER A 102 66.42 24.28 -20.67
CA SER A 102 67.19 25.19 -19.84
C SER A 102 68.37 24.48 -19.19
N LEU A 103 68.24 23.19 -18.93
CA LEU A 103 69.31 22.42 -18.35
C LEU A 103 70.40 22.11 -19.35
N ALA A 104 70.13 22.24 -20.65
CA ALA A 104 71.16 22.00 -21.64
C ALA A 104 72.26 23.04 -21.58
N ILE A 105 71.99 24.20 -20.99
CA ILE A 105 73.03 25.18 -20.66
C ILE A 105 74.13 24.53 -19.85
N GLY A 106 73.77 24.01 -18.68
CA GLY A 106 74.76 23.35 -17.85
C GLY A 106 75.28 22.08 -18.47
N SER A 107 74.43 21.36 -19.21
CA SER A 107 74.83 20.10 -19.83
C SER A 107 75.93 20.31 -20.86
N ILE A 108 75.86 21.40 -21.61
CA ILE A 108 76.93 21.66 -22.56
C ILE A 108 78.06 22.43 -21.89
N SER A 109 77.77 23.16 -20.82
CA SER A 109 78.81 23.95 -20.16
C SER A 109 79.81 23.06 -19.46
N GLY A 110 79.33 22.12 -18.65
CA GLY A 110 80.23 21.19 -17.99
C GLY A 110 80.91 20.26 -18.97
N HIS A 111 80.24 19.97 -20.09
CA HIS A 111 80.87 19.18 -21.13
C HIS A 111 82.00 19.93 -21.78
N ALA A 112 81.81 21.23 -21.99
CA ALA A 112 82.83 22.06 -22.59
C ALA A 112 83.96 22.33 -21.62
N ARG A 113 83.69 22.25 -20.31
CA ARG A 113 84.76 22.30 -19.33
C ARG A 113 85.77 21.19 -19.57
N VAL A 114 85.28 19.99 -19.85
CA VAL A 114 86.16 18.89 -20.13
C VAL A 114 86.61 18.91 -21.58
N HIS A 115 85.68 19.07 -22.51
CA HIS A 115 86.02 19.06 -23.94
C HIS A 115 85.64 20.38 -24.57
N PRO A 116 86.59 21.30 -24.72
CA PRO A 116 86.26 22.62 -25.28
C PRO A 116 85.94 22.60 -26.75
N ASP A 117 86.33 21.57 -27.49
CA ASP A 117 86.19 21.56 -28.93
C ASP A 117 84.94 20.81 -29.38
N LEU A 118 83.87 20.87 -28.62
CA LEU A 118 82.75 20.01 -28.98
C LEU A 118 81.91 20.63 -30.09
N GLY A 119 80.90 19.89 -30.50
CA GLY A 119 79.91 20.40 -31.42
C GLY A 119 78.54 19.97 -30.97
N VAL A 120 77.54 20.78 -31.28
CA VAL A 120 76.19 20.59 -30.79
C VAL A 120 75.29 20.31 -31.97
N ILE A 121 74.58 19.20 -31.92
CA ILE A 121 73.50 18.95 -32.85
C ILE A 121 72.21 19.16 -32.07
N TRP A 122 71.66 20.35 -32.15
CA TRP A 122 70.48 20.70 -31.36
C TRP A 122 69.25 20.26 -32.15
N VAL A 123 68.72 19.10 -31.81
CA VAL A 123 67.55 18.56 -32.48
C VAL A 123 66.32 18.98 -31.70
N ASP A 124 65.50 19.82 -32.32
CA ASP A 124 64.35 20.43 -31.66
C ASP A 124 63.45 20.99 -32.75
N ALA A 125 62.17 21.12 -32.43
CA ALA A 125 61.29 21.85 -33.33
C ALA A 125 61.58 23.34 -33.30
N HIS A 126 62.20 23.82 -32.24
CA HIS A 126 62.50 25.23 -32.05
C HIS A 126 64.00 25.45 -32.08
N THR A 127 64.39 26.69 -32.29
CA THR A 127 65.82 26.98 -32.27
C THR A 127 66.30 27.18 -30.86
N ASP A 128 65.41 27.67 -29.99
CA ASP A 128 65.70 28.02 -28.61
C ASP A 128 66.83 29.02 -28.49
N ILE A 129 66.95 29.92 -29.44
CA ILE A 129 68.05 30.86 -29.47
C ILE A 129 67.58 32.25 -29.01
N ASN A 130 66.45 32.30 -28.30
CA ASN A 130 65.95 33.56 -27.74
C ASN A 130 66.96 34.17 -26.79
N THR A 131 67.32 35.40 -27.05
CA THR A 131 68.04 36.15 -26.05
C THR A 131 67.03 36.64 -25.03
N PRO A 132 67.49 37.04 -23.84
CA PRO A 132 66.58 37.72 -22.90
C PRO A 132 65.96 38.98 -23.45
N LEU A 133 66.60 39.66 -24.39
CA LEU A 133 65.95 40.78 -25.04
C LEU A 133 64.88 40.30 -26.03
N THR A 134 65.19 39.27 -26.80
CA THR A 134 64.34 38.88 -27.91
C THR A 134 63.28 37.87 -27.55
N THR A 135 63.17 37.49 -26.28
CA THR A 135 62.10 36.56 -25.95
C THR A 135 60.78 37.30 -25.85
N THR A 136 59.72 36.51 -25.86
CA THR A 136 58.36 36.98 -25.59
C THR A 136 57.74 36.26 -24.41
N SER A 137 58.08 34.98 -24.23
CA SER A 137 57.60 34.27 -23.06
C SER A 137 58.52 34.47 -21.87
N GLY A 138 59.84 34.48 -22.12
CA GLY A 138 60.80 34.47 -21.05
C GLY A 138 60.98 33.12 -20.39
N ASN A 139 60.32 32.08 -20.89
CA ASN A 139 60.56 30.75 -20.42
C ASN A 139 61.92 30.28 -20.90
N LEU A 140 62.73 29.78 -19.98
CA LEU A 140 64.15 29.63 -20.29
C LEU A 140 64.45 28.41 -21.14
N HIS A 141 63.51 27.49 -21.29
CA HIS A 141 63.70 26.44 -22.28
C HIS A 141 63.69 27.00 -23.68
N GLY A 142 63.09 28.18 -23.88
CA GLY A 142 63.33 28.92 -25.09
C GLY A 142 64.66 29.64 -25.13
N GLN A 143 65.39 29.70 -24.01
CA GLN A 143 66.65 30.40 -24.13
C GLN A 143 67.95 29.68 -23.76
N PRO A 144 68.23 28.42 -24.12
CA PRO A 144 69.54 27.90 -23.74
C PRO A 144 70.67 28.36 -24.65
N VAL A 145 70.39 28.47 -25.94
CA VAL A 145 71.46 28.56 -26.92
C VAL A 145 72.16 29.90 -26.85
N SER A 146 71.43 30.94 -26.46
CA SER A 146 71.95 32.29 -26.41
C SER A 146 73.07 32.44 -25.38
N PHE A 147 73.09 31.62 -24.35
CA PHE A 147 74.15 31.72 -23.36
C PHE A 147 75.42 31.01 -23.76
N LEU A 148 75.34 30.06 -24.68
CA LEU A 148 76.50 29.27 -25.04
C LEU A 148 77.23 29.81 -26.26
N LEU A 149 76.55 30.60 -27.07
CA LEU A 149 77.19 31.15 -28.25
C LEU A 149 78.12 32.28 -27.86
N LYS A 150 79.37 32.17 -28.31
CA LYS A 150 80.33 33.23 -28.04
C LYS A 150 80.02 34.49 -28.83
N GLU A 151 79.33 34.34 -29.96
CA GLU A 151 79.01 35.49 -30.80
C GLU A 151 77.90 36.34 -30.23
N LEU A 152 77.17 35.83 -29.26
CA LEU A 152 76.16 36.62 -28.58
C LEU A 152 76.67 37.24 -27.30
N LYS A 153 77.98 37.21 -27.07
CA LYS A 153 78.55 37.90 -25.93
C LYS A 153 78.39 39.40 -26.13
N GLY A 154 77.93 40.08 -25.08
CA GLY A 154 77.49 41.44 -25.19
C GLY A 154 76.01 41.57 -25.48
N LYS A 155 75.45 40.62 -26.22
CA LYS A 155 74.02 40.59 -26.44
C LYS A 155 73.27 39.93 -25.31
N ILE A 156 73.98 39.40 -24.32
CA ILE A 156 73.36 38.67 -23.22
C ILE A 156 73.42 39.56 -21.98
N PRO A 157 72.29 40.00 -21.46
CA PRO A 157 72.29 40.67 -20.16
C PRO A 157 72.64 39.69 -19.05
N ASP A 158 73.21 40.23 -17.98
CA ASP A 158 73.65 39.41 -16.87
C ASP A 158 72.43 38.99 -16.06
N VAL A 159 71.89 37.85 -16.43
CA VAL A 159 70.69 37.33 -15.78
C VAL A 159 71.09 36.76 -14.42
N PRO A 160 70.36 37.10 -13.35
CA PRO A 160 70.72 36.61 -12.01
C PRO A 160 70.61 35.09 -11.90
N GLY A 161 71.73 34.47 -11.55
CA GLY A 161 71.84 33.04 -11.48
C GLY A 161 72.78 32.46 -12.52
N PHE A 162 73.17 33.24 -13.52
CA PHE A 162 73.96 32.74 -14.62
C PHE A 162 75.33 33.39 -14.68
N SER A 163 75.86 33.77 -13.51
CA SER A 163 77.19 34.34 -13.45
C SER A 163 78.26 33.31 -13.79
N TRP A 164 78.05 32.06 -13.39
CA TRP A 164 78.98 30.98 -13.71
C TRP A 164 78.99 30.64 -15.20
N VAL A 165 78.00 31.08 -15.95
CA VAL A 165 77.87 30.70 -17.35
C VAL A 165 78.93 31.41 -18.18
N THR A 166 79.64 30.66 -18.98
CA THR A 166 80.54 31.18 -19.98
C THR A 166 80.10 30.63 -21.33
N PRO A 167 79.99 31.45 -22.37
CA PRO A 167 79.72 30.91 -23.71
C PRO A 167 80.89 30.08 -24.20
N CYS A 168 80.56 28.97 -24.84
CA CYS A 168 81.53 27.89 -24.99
C CYS A 168 81.74 27.46 -26.43
N ILE A 169 80.73 27.58 -27.27
CA ILE A 169 80.85 27.14 -28.64
C ILE A 169 80.79 28.35 -29.57
N SER A 170 81.29 28.14 -30.77
CA SER A 170 81.16 29.12 -31.84
C SER A 170 79.86 28.88 -32.59
N ALA A 171 79.50 29.84 -33.43
CA ALA A 171 78.28 29.71 -34.21
C ALA A 171 78.44 28.69 -35.32
N LYS A 172 79.65 28.48 -35.81
CA LYS A 172 79.88 27.58 -36.91
C LYS A 172 80.05 26.13 -36.47
N ASP A 173 79.81 25.84 -35.19
CA ASP A 173 80.00 24.49 -34.69
C ASP A 173 78.69 23.85 -34.23
N ILE A 174 77.58 24.55 -34.34
CA ILE A 174 76.30 24.05 -33.90
C ILE A 174 75.40 23.84 -35.11
N VAL A 175 74.69 22.74 -35.13
CA VAL A 175 73.86 22.36 -36.25
C VAL A 175 72.46 22.09 -35.75
N TYR A 176 71.49 22.80 -36.31
CA TYR A 176 70.10 22.49 -36.04
C TYR A 176 69.58 21.50 -37.05
N ILE A 177 68.78 20.55 -36.57
CA ILE A 177 68.06 19.63 -37.43
C ILE A 177 66.61 19.64 -36.99
N GLY A 178 65.71 19.96 -37.90
CA GLY A 178 64.30 19.83 -37.65
C GLY A 178 63.59 21.07 -37.21
N LEU A 179 64.01 22.24 -37.66
CA LEU A 179 63.36 23.47 -37.24
C LEU A 179 62.05 23.62 -37.97
N ARG A 180 60.97 23.76 -37.23
CA ARG A 180 59.69 24.04 -37.87
C ARG A 180 58.83 25.01 -37.09
N ASP A 181 59.37 25.66 -36.07
CA ASP A 181 58.62 26.69 -35.33
C ASP A 181 59.65 27.67 -34.80
N VAL A 182 59.80 28.79 -35.48
CA VAL A 182 60.90 29.72 -35.24
C VAL A 182 60.31 31.11 -35.06
N ASP A 183 60.75 31.82 -34.03
CA ASP A 183 60.38 33.22 -33.85
C ASP A 183 60.93 34.09 -34.96
N PRO A 184 60.37 35.29 -35.13
CA PRO A 184 61.06 36.28 -35.96
C PRO A 184 62.43 36.66 -35.43
N GLY A 185 62.56 36.82 -34.12
CA GLY A 185 63.86 37.10 -33.54
C GLY A 185 64.82 35.94 -33.70
N GLU A 186 64.32 34.72 -33.52
CA GLU A 186 65.16 33.54 -33.67
C GLU A 186 65.60 33.37 -35.10
N HIS A 187 64.70 33.59 -36.06
CA HIS A 187 65.10 33.49 -37.45
C HIS A 187 66.06 34.58 -37.84
N TYR A 188 65.91 35.76 -37.23
CA TYR A 188 66.82 36.85 -37.50
C TYR A 188 68.22 36.55 -36.99
N ILE A 189 68.32 36.01 -35.78
CA ILE A 189 69.63 35.67 -35.22
C ILE A 189 70.25 34.52 -35.99
N LEU A 190 69.42 33.55 -36.37
CA LEU A 190 69.89 32.37 -37.08
C LEU A 190 70.44 32.73 -38.45
N LYS A 191 69.77 33.66 -39.14
CA LYS A 191 70.35 34.18 -40.36
C LYS A 191 71.52 35.11 -40.08
N THR A 192 71.51 35.76 -38.92
CA THR A 192 72.55 36.74 -38.63
C THR A 192 73.87 36.06 -38.33
N LEU A 193 73.84 35.03 -37.50
CA LEU A 193 75.09 34.39 -37.13
C LEU A 193 75.59 33.40 -38.17
N GLY A 194 74.78 33.10 -39.18
CA GLY A 194 75.20 32.13 -40.17
C GLY A 194 75.28 30.72 -39.63
N ILE A 195 74.45 30.41 -38.64
CA ILE A 195 74.47 29.08 -38.05
C ILE A 195 73.88 28.08 -39.03
N LYS A 196 74.64 27.03 -39.31
CA LYS A 196 74.19 26.01 -40.25
C LYS A 196 73.04 25.24 -39.64
N TYR A 197 71.86 25.39 -40.23
CA TYR A 197 70.68 24.70 -39.76
C TYR A 197 70.16 23.83 -40.89
N PHE A 198 69.50 22.75 -40.53
CA PHE A 198 68.75 21.94 -41.47
C PHE A 198 67.32 21.93 -40.97
N SER A 199 66.53 22.90 -41.41
CA SER A 199 65.13 22.89 -41.07
C SER A 199 64.40 21.84 -41.89
N MET A 200 63.12 21.68 -41.62
CA MET A 200 62.30 20.66 -42.28
C MET A 200 62.21 20.86 -43.78
N THR A 201 62.38 22.11 -44.23
CA THR A 201 62.52 22.39 -45.66
C THR A 201 63.70 21.63 -46.25
N GLU A 202 64.87 21.76 -45.65
CA GLU A 202 66.05 21.10 -46.18
C GLU A 202 65.99 19.60 -46.03
N VAL A 203 65.31 19.13 -44.99
CA VAL A 203 65.17 17.69 -44.80
C VAL A 203 64.27 17.11 -45.88
N ASP A 204 63.15 17.79 -46.15
CA ASP A 204 62.26 17.36 -47.22
C ASP A 204 62.92 17.49 -48.59
N ARG A 205 63.85 18.43 -48.73
CA ARG A 205 64.62 18.52 -49.96
C ARG A 205 65.55 17.33 -50.11
N LEU A 206 66.39 17.11 -49.11
CA LEU A 206 67.56 16.27 -49.30
C LEU A 206 67.32 14.80 -48.99
N GLY A 207 66.43 14.49 -48.06
CA GLY A 207 66.44 13.15 -47.52
C GLY A 207 67.36 13.12 -46.33
N ILE A 208 66.96 12.38 -45.30
CA ILE A 208 67.67 12.40 -44.02
C ILE A 208 69.06 11.80 -44.14
N GLY A 209 69.29 10.92 -45.11
CA GLY A 209 70.64 10.43 -45.34
C GLY A 209 71.58 11.52 -45.80
N LYS A 210 71.14 12.30 -46.77
CA LYS A 210 71.92 13.42 -47.25
C LYS A 210 72.08 14.49 -46.17
N VAL A 211 71.04 14.68 -45.36
CA VAL A 211 71.11 15.68 -44.29
C VAL A 211 72.14 15.29 -43.25
N MET A 212 72.11 14.03 -42.80
CA MET A 212 73.09 13.57 -41.82
C MET A 212 74.49 13.57 -42.39
N GLU A 213 74.63 13.25 -43.67
CA GLU A 213 75.96 13.26 -44.28
C GLU A 213 76.52 14.67 -44.36
N GLU A 214 75.69 15.63 -44.75
CA GLU A 214 76.14 17.02 -44.78
C GLU A 214 76.41 17.55 -43.39
N THR A 215 75.67 17.07 -42.39
CA THR A 215 75.89 17.49 -41.02
C THR A 215 77.24 17.02 -40.52
N LEU A 216 77.54 15.74 -40.73
CA LEU A 216 78.80 15.21 -40.24
C LEU A 216 79.96 15.72 -41.07
N SER A 217 79.73 16.05 -42.34
CA SER A 217 80.77 16.72 -43.10
C SER A 217 80.99 18.16 -42.64
N TYR A 218 79.92 18.81 -42.19
CA TYR A 218 80.06 20.18 -41.72
C TYR A 218 80.77 20.23 -40.38
N LEU A 219 80.57 19.22 -39.55
CA LEU A 219 81.16 19.23 -38.22
C LEU A 219 82.52 18.56 -38.21
N LEU A 220 82.56 17.28 -38.57
CA LEU A 220 83.74 16.47 -38.44
C LEU A 220 84.60 16.46 -39.69
N GLY A 221 84.17 17.13 -40.75
CA GLY A 221 84.94 17.16 -41.98
C GLY A 221 86.26 17.88 -41.86
N ARG A 222 86.39 18.76 -40.89
CA ARG A 222 87.66 19.38 -40.57
C ARG A 222 88.47 18.58 -39.58
N LYS A 223 87.84 18.03 -38.54
CA LYS A 223 88.58 17.51 -37.41
C LYS A 223 87.66 16.62 -36.60
N LYS A 224 88.20 15.50 -36.13
CA LYS A 224 87.47 14.63 -35.22
C LYS A 224 87.33 15.31 -33.86
N ARG A 225 86.09 15.50 -33.43
CA ARG A 225 85.83 16.21 -32.19
C ARG A 225 84.62 15.60 -31.52
N PRO A 226 84.55 15.64 -30.18
CA PRO A 226 83.44 15.00 -29.47
C PRO A 226 82.12 15.70 -29.74
N ILE A 227 81.16 14.95 -30.22
CA ILE A 227 79.89 15.50 -30.64
C ILE A 227 78.89 15.39 -29.51
N HIS A 228 78.25 16.49 -29.16
CA HIS A 228 77.24 16.50 -28.12
C HIS A 228 75.88 16.64 -28.77
N LEU A 229 75.24 15.52 -29.03
CA LEU A 229 73.86 15.54 -29.48
C LEU A 229 72.95 15.93 -28.34
N SER A 230 72.15 16.96 -28.53
CA SER A 230 71.06 17.26 -27.62
C SER A 230 69.76 17.19 -28.39
N PHE A 231 68.71 16.71 -27.73
CA PHE A 231 67.57 16.19 -28.45
C PHE A 231 66.29 16.57 -27.75
N ASP A 232 65.48 17.38 -28.40
CA ASP A 232 64.11 17.54 -27.95
C ASP A 232 63.30 16.39 -28.48
N VAL A 233 62.26 16.05 -27.72
CA VAL A 233 61.32 15.04 -28.18
C VAL A 233 60.19 15.66 -28.99
N ASP A 234 60.07 16.99 -29.01
CA ASP A 234 59.02 17.53 -29.86
C ASP A 234 59.49 17.72 -31.28
N GLY A 235 60.79 17.55 -31.54
CA GLY A 235 61.29 17.65 -32.89
C GLY A 235 60.76 16.56 -33.77
N LEU A 236 60.50 15.39 -33.19
CA LEU A 236 59.73 14.38 -33.86
C LEU A 236 58.29 14.85 -34.02
N ASP A 237 57.63 14.31 -35.03
CA ASP A 237 56.24 14.64 -35.26
C ASP A 237 55.38 14.10 -34.12
N PRO A 238 54.42 14.89 -33.63
CA PRO A 238 53.68 14.50 -32.43
C PRO A 238 52.76 13.31 -32.58
N SER A 239 52.62 12.76 -33.78
CA SER A 239 52.04 11.44 -33.93
C SER A 239 52.82 10.43 -33.12
N PHE A 240 54.15 10.49 -33.18
CA PHE A 240 54.95 9.56 -32.43
C PHE A 240 55.16 10.01 -30.99
N THR A 241 55.33 11.31 -30.75
CA THR A 241 55.53 11.84 -29.40
C THR A 241 54.45 12.87 -29.12
N PRO A 242 53.29 12.46 -28.68
CA PRO A 242 52.28 13.44 -28.28
C PRO A 242 52.57 14.08 -26.93
N ALA A 243 53.17 13.32 -26.01
CA ALA A 243 53.25 13.76 -24.61
C ALA A 243 54.49 14.63 -24.41
N THR A 244 54.46 15.80 -25.03
CA THR A 244 55.56 16.75 -24.88
C THR A 244 55.00 18.16 -24.85
N GLY A 245 55.88 19.11 -24.51
CA GLY A 245 55.43 20.43 -24.12
C GLY A 245 54.89 21.25 -25.27
N THR A 246 55.64 21.32 -26.36
CA THR A 246 55.25 22.10 -27.54
C THR A 246 55.13 21.17 -28.73
N PRO A 247 54.01 20.46 -28.88
CA PRO A 247 53.84 19.60 -30.05
C PRO A 247 53.60 20.45 -31.29
N VAL A 248 54.49 20.32 -32.27
CA VAL A 248 54.39 21.07 -33.51
C VAL A 248 54.29 20.06 -34.64
N VAL A 249 53.19 20.12 -35.38
CA VAL A 249 52.91 19.12 -36.40
C VAL A 249 53.87 19.26 -37.59
N GLY A 250 53.89 18.24 -38.42
CA GLY A 250 54.79 18.23 -39.55
C GLY A 250 56.24 18.04 -39.14
N GLY A 251 56.49 17.21 -38.14
CA GLY A 251 57.82 17.00 -37.64
C GLY A 251 58.50 15.81 -38.25
N LEU A 252 59.66 15.48 -37.70
CA LEU A 252 60.44 14.34 -38.17
C LEU A 252 59.73 13.05 -37.84
N THR A 253 59.83 12.09 -38.75
CA THR A 253 59.24 10.81 -38.47
C THR A 253 60.16 10.02 -37.53
N TYR A 254 59.59 8.95 -37.00
CA TYR A 254 60.30 8.06 -36.10
C TYR A 254 61.50 7.41 -36.79
N ARG A 255 61.30 7.00 -38.04
CA ARG A 255 62.36 6.37 -38.82
C ARG A 255 63.53 7.32 -39.02
N GLU A 256 63.24 8.58 -39.30
CA GLU A 256 64.29 9.54 -39.57
C GLU A 256 65.11 9.83 -38.33
N GLY A 257 64.44 9.92 -37.18
CA GLY A 257 65.17 10.14 -35.94
C GLY A 257 66.05 8.97 -35.57
N LEU A 258 65.53 7.75 -35.77
CA LEU A 258 66.35 6.56 -35.58
C LEU A 258 67.56 6.57 -36.49
N TYR A 259 67.39 7.03 -37.73
CA TYR A 259 68.51 7.10 -38.65
C TYR A 259 69.55 8.10 -38.18
N ILE A 260 69.10 9.26 -37.70
CA ILE A 260 69.99 10.29 -37.14
C ILE A 260 70.85 9.70 -36.05
N THR A 261 70.21 9.02 -35.11
CA THR A 261 70.93 8.45 -33.98
C THR A 261 71.89 7.36 -34.41
N GLU A 262 71.50 6.54 -35.38
CA GLU A 262 72.39 5.47 -35.83
C GLU A 262 73.61 6.02 -36.52
N GLU A 263 73.44 7.10 -37.30
CA GLU A 263 74.60 7.70 -37.93
C GLU A 263 75.52 8.32 -36.91
N ILE A 264 74.96 8.97 -35.89
CA ILE A 264 75.78 9.59 -34.86
C ILE A 264 76.51 8.54 -34.05
N TYR A 265 75.90 7.37 -33.85
CA TYR A 265 76.62 6.28 -33.22
C TYR A 265 77.76 5.81 -34.10
N LYS A 266 77.52 5.66 -35.40
CA LYS A 266 78.56 5.15 -36.27
C LYS A 266 79.68 6.14 -36.51
N THR A 267 79.49 7.42 -36.15
CA THR A 267 80.65 8.28 -35.98
C THR A 267 81.58 7.74 -34.92
N GLY A 268 81.01 7.31 -33.80
CA GLY A 268 81.81 6.95 -32.66
C GLY A 268 82.32 8.12 -31.85
N LEU A 269 81.93 9.34 -32.21
CA LEU A 269 82.37 10.52 -31.49
C LEU A 269 81.26 11.12 -30.64
N LEU A 270 80.27 10.32 -30.30
CA LEU A 270 79.23 10.79 -29.40
C LEU A 270 79.81 10.96 -28.02
N SER A 271 79.49 12.08 -27.37
CA SER A 271 80.13 12.36 -26.10
C SER A 271 79.13 12.70 -25.02
N GLY A 272 78.00 13.28 -25.39
CA GLY A 272 77.00 13.60 -24.41
C GLY A 272 75.63 13.74 -25.02
N LEU A 273 74.66 13.04 -24.47
CA LEU A 273 73.32 12.96 -25.03
C LEU A 273 72.32 13.56 -24.06
N ASP A 274 71.43 14.42 -24.57
CA ASP A 274 70.47 15.12 -23.74
C ASP A 274 69.07 14.86 -24.27
N ILE A 275 68.17 14.43 -23.40
CA ILE A 275 66.78 14.15 -23.74
C ILE A 275 65.92 15.04 -22.88
N MET A 276 65.16 15.93 -23.48
CA MET A 276 64.40 16.88 -22.70
C MET A 276 62.92 16.79 -23.03
N GLU A 277 62.15 17.60 -22.31
CA GLU A 277 60.77 17.99 -22.66
C GLU A 277 59.80 16.83 -22.62
N VAL A 278 60.14 15.71 -21.98
CA VAL A 278 59.21 14.60 -21.86
C VAL A 278 58.22 14.94 -20.76
N ASN A 279 56.98 15.22 -21.15
CA ASN A 279 55.98 15.49 -20.13
C ASN A 279 54.95 14.37 -20.14
N PRO A 280 54.95 13.52 -19.11
CA PRO A 280 53.88 12.52 -18.99
C PRO A 280 52.54 13.12 -18.65
N SER A 281 52.48 14.35 -18.16
CA SER A 281 51.19 14.92 -17.84
C SER A 281 50.45 15.41 -19.07
N LEU A 282 51.05 15.36 -20.24
CA LEU A 282 50.41 15.83 -21.45
C LEU A 282 49.87 14.71 -22.30
N GLY A 283 49.99 13.46 -21.85
CA GLY A 283 49.36 12.36 -22.54
C GLY A 283 47.88 12.36 -22.22
N LYS A 284 47.06 12.40 -23.27
CA LYS A 284 45.62 12.36 -23.05
C LYS A 284 45.19 11.01 -22.53
N THR A 285 45.78 9.95 -23.05
CA THR A 285 45.73 8.64 -22.45
C THR A 285 47.12 8.31 -21.97
N PRO A 286 47.27 7.43 -20.99
CA PRO A 286 48.62 6.96 -20.64
C PRO A 286 49.29 6.17 -21.74
N GLU A 287 48.52 5.65 -22.69
CA GLU A 287 49.11 5.03 -23.87
C GLU A 287 49.86 6.05 -24.70
N GLU A 288 49.42 7.31 -24.71
CA GLU A 288 50.18 8.35 -25.40
C GLU A 288 51.53 8.57 -24.75
N VAL A 289 51.54 8.57 -23.42
CA VAL A 289 52.79 8.66 -22.67
C VAL A 289 53.66 7.46 -22.99
N THR A 290 53.05 6.29 -23.09
CA THR A 290 53.76 5.07 -23.42
C THR A 290 54.41 5.17 -24.79
N ARG A 291 53.69 5.75 -25.77
CA ARG A 291 54.25 5.95 -27.09
C ARG A 291 55.42 6.92 -27.07
N THR A 292 55.26 8.04 -26.36
CA THR A 292 56.32 9.04 -26.30
C THR A 292 57.57 8.48 -25.64
N VAL A 293 57.38 7.72 -24.56
CA VAL A 293 58.52 7.23 -23.81
C VAL A 293 59.21 6.10 -24.55
N ASN A 294 58.44 5.19 -25.16
CA ASN A 294 59.05 4.13 -25.96
C ASN A 294 59.79 4.70 -27.15
N THR A 295 59.27 5.78 -27.73
CA THR A 295 59.98 6.48 -28.79
C THR A 295 61.31 7.01 -28.31
N ALA A 296 61.29 7.73 -27.19
CA ALA A 296 62.52 8.37 -26.71
C ALA A 296 63.54 7.35 -26.25
N VAL A 297 63.07 6.26 -25.65
CA VAL A 297 63.96 5.19 -25.22
C VAL A 297 64.58 4.50 -26.42
N ALA A 298 63.82 4.31 -27.49
CA ALA A 298 64.37 3.71 -28.69
C ALA A 298 65.39 4.63 -29.34
N ILE A 299 65.14 5.94 -29.27
CA ILE A 299 66.11 6.93 -29.74
C ILE A 299 67.41 6.81 -28.95
N THR A 300 67.31 6.71 -27.64
CA THR A 300 68.48 6.64 -26.80
C THR A 300 69.26 5.35 -27.01
N LEU A 301 68.54 4.24 -27.12
CA LEU A 301 69.19 2.96 -27.37
C LEU A 301 69.87 2.93 -28.72
N ALA A 302 69.25 3.54 -29.73
CA ALA A 302 69.88 3.64 -31.02
C ALA A 302 71.07 4.60 -30.99
N CYS A 303 71.16 5.47 -30.00
CA CYS A 303 72.40 6.21 -29.84
C CYS A 303 73.54 5.36 -29.28
N PHE A 304 73.27 4.12 -28.86
CA PHE A 304 74.31 3.32 -28.24
C PHE A 304 74.35 1.93 -28.86
N GLY A 305 74.39 1.89 -30.17
CA GLY A 305 74.68 0.67 -30.88
C GLY A 305 73.49 -0.14 -31.28
N LEU A 306 72.32 0.13 -30.72
CA LEU A 306 71.15 -0.65 -31.08
C LEU A 306 70.72 -0.23 -32.48
N ALA A 307 71.26 -0.93 -33.47
CA ALA A 307 70.87 -0.67 -34.84
C ALA A 307 69.60 -1.41 -35.16
N ARG A 308 68.81 -0.83 -36.07
CA ARG A 308 67.65 -1.53 -36.57
C ARG A 308 68.01 -2.77 -37.38
N GLU A 309 69.21 -2.79 -37.96
CA GLU A 309 69.69 -4.04 -38.56
C GLU A 309 70.06 -5.06 -37.51
N GLY A 310 70.21 -4.67 -36.25
CA GLY A 310 70.49 -5.58 -35.18
C GLY A 310 71.97 -5.58 -34.82
N ASN A 311 72.26 -6.32 -33.75
CA ASN A 311 73.61 -6.40 -33.23
C ASN A 311 73.92 -7.85 -32.92
N HIS A 312 75.18 -8.12 -32.59
CA HIS A 312 75.57 -9.42 -32.12
C HIS A 312 76.82 -9.26 -31.27
N LYS A 313 76.91 -10.03 -30.24
CA LYS A 313 78.15 -10.03 -29.50
C LYS A 313 79.19 -10.84 -30.25
N PRO A 314 80.42 -10.37 -30.35
CA PRO A 314 81.37 -10.91 -31.34
C PRO A 314 81.94 -12.27 -30.93
N ILE A 315 81.06 -13.27 -30.86
CA ILE A 315 81.45 -14.67 -30.76
C ILE A 315 80.64 -15.45 -31.78
N ASP A 316 81.12 -16.65 -32.11
CA ASP A 316 80.43 -17.50 -33.06
C ASP A 316 79.14 -18.01 -32.45
N TYR A 317 78.02 -17.67 -33.08
CA TYR A 317 76.73 -18.18 -32.65
C TYR A 317 76.39 -19.51 -33.28
N LEU A 318 77.27 -20.06 -34.10
CA LEU A 318 77.06 -21.39 -34.67
C LEU A 318 77.80 -22.44 -33.82
N ASN A 319 77.40 -22.50 -32.55
CA ASN A 319 77.99 -23.42 -31.60
C ASN A 319 76.93 -24.05 -30.72
N GLU B 1 55.64 4.18 2.67
CA GLU B 1 55.74 3.75 1.29
C GLU B 1 54.44 4.00 0.54
N VAL B 2 54.38 3.46 -0.68
CA VAL B 2 53.13 3.44 -1.43
C VAL B 2 52.27 2.33 -0.87
N GLN B 3 51.25 2.69 -0.11
CA GLN B 3 50.37 1.71 0.51
C GLN B 3 48.94 2.05 0.14
N LEU B 4 48.14 1.01 -0.04
CA LEU B 4 46.79 1.16 -0.57
C LEU B 4 45.74 0.67 0.41
N VAL B 5 44.58 1.29 0.33
CA VAL B 5 43.39 0.87 1.07
C VAL B 5 42.29 0.65 0.06
N GLN B 6 41.86 -0.60 -0.09
CA GLN B 6 40.81 -0.95 -1.02
C GLN B 6 39.53 -1.22 -0.27
N SER B 7 38.41 -0.96 -0.94
CA SER B 7 37.09 -1.22 -0.38
C SER B 7 36.10 -1.35 -1.51
N GLY B 8 35.24 -2.37 -1.48
CA GLY B 8 35.22 -3.40 -0.45
C GLY B 8 34.46 -4.62 -0.94
N ALA B 9 34.28 -5.61 -0.08
CA ALA B 9 33.60 -6.83 -0.48
C ALA B 9 32.12 -6.57 -0.69
N GLU B 10 31.60 -6.98 -1.85
CA GLU B 10 30.24 -6.67 -2.24
C GLU B 10 29.61 -7.88 -2.92
N VAL B 11 28.27 -7.91 -2.89
CA VAL B 11 27.47 -8.97 -3.50
C VAL B 11 26.40 -8.30 -4.35
N LYS B 12 26.50 -8.48 -5.68
CA LYS B 12 25.58 -7.83 -6.61
C LYS B 12 25.07 -8.85 -7.62
N LYS B 13 23.78 -8.78 -7.91
CA LYS B 13 23.17 -9.69 -8.88
C LYS B 13 23.28 -9.13 -10.29
N VAL B 18 29.06 -0.46 -10.01
CA VAL B 18 29.45 -0.95 -8.70
C VAL B 18 30.87 -0.47 -8.39
N LYS B 19 30.96 0.57 -7.58
CA LYS B 19 32.23 1.25 -7.34
C LYS B 19 33.13 0.44 -6.43
N VAL B 20 34.44 0.56 -6.67
CA VAL B 20 35.46 -0.08 -5.87
C VAL B 20 36.50 0.98 -5.50
N SER B 21 36.75 1.15 -4.22
CA SER B 21 37.67 2.17 -3.76
C SER B 21 39.11 1.66 -3.78
N CYS B 22 40.04 2.60 -3.96
CA CYS B 22 41.48 2.32 -3.87
C CYS B 22 42.15 3.60 -3.37
N LYS B 23 42.37 3.67 -2.06
CA LYS B 23 42.88 4.88 -1.44
C LYS B 23 44.40 4.88 -1.46
N ALA B 24 44.98 5.84 -2.17
CA ALA B 24 46.42 6.02 -2.13
C ALA B 24 46.84 6.70 -0.84
N SER B 25 47.96 6.25 -0.29
CA SER B 25 48.37 6.69 1.03
C SER B 25 49.87 6.52 1.19
N GLY B 26 50.49 7.49 1.86
CA GLY B 26 51.87 7.37 2.29
C GLY B 26 52.90 8.02 1.40
N TYR B 27 52.49 8.79 0.40
CA TYR B 27 53.40 9.29 -0.62
C TYR B 27 52.73 10.44 -1.34
N THR B 28 53.35 10.91 -2.42
CA THR B 28 52.84 12.02 -3.20
C THR B 28 52.00 11.52 -4.37
N PHE B 29 50.73 11.93 -4.41
CA PHE B 29 49.84 11.53 -5.47
C PHE B 29 50.21 12.30 -6.75
N THR B 30 49.60 11.88 -7.87
CA THR B 30 49.91 12.30 -9.24
C THR B 30 51.35 12.01 -9.62
N ASP B 31 51.92 10.98 -8.99
CA ASP B 31 53.25 10.51 -9.31
C ASP B 31 53.23 9.11 -9.88
N TYR B 32 52.15 8.37 -9.69
CA TYR B 32 52.05 7.00 -10.13
C TYR B 32 50.65 6.74 -10.64
N TYR B 33 50.53 5.77 -11.53
CA TYR B 33 49.32 5.60 -12.33
C TYR B 33 48.46 4.52 -11.71
N MET B 34 47.20 4.84 -11.45
CA MET B 34 46.25 3.86 -10.98
C MET B 34 45.97 2.82 -12.05
N ASN B 35 46.28 1.57 -11.75
CA ASN B 35 46.20 0.49 -12.73
C ASN B 35 45.37 -0.62 -12.13
N TRP B 36 44.20 -0.86 -12.68
CA TRP B 36 43.35 -1.92 -12.16
C TRP B 36 43.61 -3.24 -12.87
N VAL B 37 43.44 -4.32 -12.11
CA VAL B 37 43.67 -5.67 -12.60
C VAL B 37 42.84 -6.61 -11.73
N ARG B 38 42.24 -7.60 -12.36
CA ARG B 38 41.41 -8.55 -11.65
C ARG B 38 42.06 -9.93 -11.69
N GLN B 39 41.54 -10.78 -10.83
CA GLN B 39 41.90 -12.19 -10.86
C GLN B 39 40.63 -12.98 -10.61
N ALA B 40 40.21 -13.74 -11.62
CA ALA B 40 39.14 -14.70 -11.42
C ALA B 40 39.61 -15.76 -10.43
N PRO B 41 38.70 -16.27 -9.59
CA PRO B 41 39.11 -17.21 -8.53
C PRO B 41 39.63 -18.51 -9.09
N GLY B 42 40.85 -18.86 -8.68
CA GLY B 42 41.52 -20.01 -9.24
C GLY B 42 42.03 -19.82 -10.64
N GLN B 43 42.23 -18.58 -11.07
CA GLN B 43 42.67 -18.33 -12.44
C GLN B 43 43.87 -17.40 -12.49
N GLY B 44 44.24 -16.98 -13.70
CA GLY B 44 45.32 -16.04 -13.89
C GLY B 44 44.87 -14.61 -13.64
N LEU B 45 45.69 -13.68 -14.10
CA LEU B 45 45.49 -12.27 -13.86
C LEU B 45 45.07 -11.56 -15.13
N GLU B 46 44.00 -10.80 -15.05
CA GLU B 46 43.41 -10.12 -16.20
C GLU B 46 43.57 -8.63 -16.00
N TRP B 47 44.43 -8.03 -16.80
CA TRP B 47 44.65 -6.58 -16.76
C TRP B 47 43.39 -5.85 -17.20
N ILE B 48 43.18 -4.66 -16.64
CA ILE B 48 41.95 -3.94 -16.93
C ILE B 48 42.24 -2.62 -17.62
N GLY B 49 42.93 -1.72 -16.93
CA GLY B 49 43.11 -0.39 -17.47
C GLY B 49 44.10 0.42 -16.67
N VAL B 50 44.43 1.59 -17.19
CA VAL B 50 45.36 2.54 -16.58
C VAL B 50 44.76 3.91 -16.75
N ILE B 51 44.50 4.62 -15.65
CA ILE B 51 44.12 6.03 -15.74
C ILE B 51 45.27 6.85 -15.17
N SER B 52 45.51 7.99 -15.79
CA SER B 52 46.44 8.94 -15.24
C SER B 52 45.78 9.68 -14.08
N PRO B 53 46.54 10.21 -13.13
CA PRO B 53 45.94 11.12 -12.15
C PRO B 53 45.78 12.53 -12.68
N TYR B 54 46.43 12.87 -13.79
CA TYR B 54 46.25 14.20 -14.35
C TYR B 54 44.90 14.33 -15.03
N ASN B 55 44.43 13.24 -15.65
CA ASN B 55 43.19 13.22 -16.38
C ASN B 55 42.75 11.78 -16.54
N GLY B 56 41.46 11.60 -16.81
CA GLY B 56 40.92 10.26 -16.99
C GLY B 56 41.26 9.63 -18.32
N GLY B 57 42.55 9.42 -18.60
CA GLY B 57 42.94 8.70 -19.79
C GLY B 57 42.59 7.25 -19.64
N THR B 58 41.70 6.74 -20.49
CA THR B 58 41.05 5.48 -20.20
C THR B 58 41.97 4.29 -20.44
N THR B 59 42.37 4.09 -21.71
CA THR B 59 43.10 2.95 -22.28
C THR B 59 42.74 1.61 -21.64
N TYR B 60 41.45 1.28 -21.65
CA TYR B 60 40.97 0.06 -21.02
C TYR B 60 41.41 -1.17 -21.82
N ASN B 61 41.09 -2.33 -21.26
CA ASN B 61 41.16 -3.57 -22.00
C ASN B 61 40.09 -3.57 -23.09
N GLN B 62 40.37 -4.29 -24.17
CA GLN B 62 39.40 -4.51 -25.24
C GLN B 62 38.12 -5.14 -24.71
N LYS B 63 38.27 -6.13 -23.83
CA LYS B 63 37.12 -6.85 -23.31
C LYS B 63 36.47 -6.17 -22.12
N PHE B 64 37.14 -5.22 -21.48
CA PHE B 64 36.66 -4.65 -20.24
C PHE B 64 36.17 -3.23 -20.38
N LYS B 65 36.11 -2.69 -21.59
CA LYS B 65 35.73 -1.30 -21.78
C LYS B 65 34.25 -1.08 -21.50
N GLY B 66 33.43 -2.12 -21.64
CA GLY B 66 32.01 -1.99 -21.41
C GLY B 66 31.64 -2.14 -19.96
N LYS B 67 32.09 -3.24 -19.34
CA LYS B 67 31.69 -3.55 -17.98
C LYS B 67 32.39 -2.65 -16.97
N ALA B 68 33.69 -2.46 -17.13
CA ALA B 68 34.50 -1.73 -16.17
C ALA B 68 34.67 -0.28 -16.60
N THR B 69 34.44 0.64 -15.67
CA THR B 69 34.65 2.06 -15.89
C THR B 69 35.52 2.61 -14.76
N LEU B 70 36.71 3.07 -15.11
CA LEU B 70 37.64 3.67 -14.12
C LEU B 70 37.34 5.15 -14.09
N THR B 71 37.28 5.73 -12.91
CA THR B 71 37.14 7.15 -12.71
C THR B 71 38.25 7.66 -11.81
N VAL B 72 38.41 8.98 -11.80
CA VAL B 72 39.52 9.64 -11.13
C VAL B 72 38.94 10.54 -10.04
N ASP B 73 39.62 10.59 -8.90
CA ASP B 73 39.28 11.47 -7.79
C ASP B 73 40.52 12.19 -7.31
N LYS B 74 41.21 12.87 -8.24
CA LYS B 74 42.57 13.38 -8.05
C LYS B 74 42.72 14.38 -6.91
N SER B 75 41.63 14.88 -6.34
CA SER B 75 41.74 15.71 -5.14
C SER B 75 42.13 14.86 -3.93
N THR B 76 41.27 13.93 -3.54
CA THR B 76 41.54 13.02 -2.44
C THR B 76 41.96 11.68 -3.03
N SER B 77 43.17 11.25 -2.71
CA SER B 77 43.99 10.36 -3.54
C SER B 77 43.40 8.99 -3.89
N THR B 78 42.16 8.72 -3.45
CA THR B 78 41.42 7.55 -3.91
C THR B 78 41.15 7.61 -5.40
N ALA B 79 40.85 6.44 -5.97
CA ALA B 79 40.33 6.32 -7.31
C ALA B 79 39.29 5.21 -7.32
N TYR B 80 38.46 5.18 -8.36
CA TYR B 80 37.32 4.30 -8.38
C TYR B 80 37.22 3.56 -9.70
N MET B 81 36.87 2.28 -9.60
CA MET B 81 36.52 1.45 -10.76
C MET B 81 35.10 0.97 -10.55
N GLU B 82 34.23 1.24 -11.50
CA GLU B 82 32.83 0.90 -11.37
C GLU B 82 32.47 -0.21 -12.37
N LEU B 83 31.36 -0.88 -12.08
CA LEU B 83 31.09 -2.16 -12.73
C LEU B 83 29.58 -2.36 -12.80
N SER B 84 29.15 -3.08 -13.83
CA SER B 84 27.74 -3.40 -14.04
C SER B 84 27.56 -4.91 -14.10
N SER B 85 27.12 -5.48 -12.98
CA SER B 85 26.86 -6.93 -12.81
C SER B 85 28.04 -7.82 -13.17
N THR B 91 32.30 -11.43 -9.39
CA THR B 91 32.62 -12.78 -9.84
C THR B 91 34.13 -13.03 -9.78
N ALA B 92 34.87 -12.09 -9.19
CA ALA B 92 36.32 -12.20 -9.10
C ALA B 92 36.83 -11.31 -7.98
N VAL B 93 38.14 -11.35 -7.77
CA VAL B 93 38.82 -10.44 -6.86
C VAL B 93 39.51 -9.38 -7.70
N TYR B 94 39.74 -8.22 -7.11
CA TYR B 94 40.18 -7.05 -7.86
C TYR B 94 41.36 -6.41 -7.15
N TYR B 95 42.22 -5.76 -7.94
CA TYR B 95 43.46 -5.18 -7.44
C TYR B 95 43.75 -3.88 -8.17
N CYS B 96 44.33 -2.94 -7.43
CA CYS B 96 44.85 -1.70 -8.00
C CYS B 96 46.34 -1.61 -7.71
N VAL B 97 47.13 -1.34 -8.75
CA VAL B 97 48.58 -1.33 -8.65
C VAL B 97 49.02 0.01 -9.23
N TYR B 98 50.27 0.39 -8.95
CA TYR B 98 50.86 1.55 -9.57
C TYR B 98 52.01 1.13 -10.48
N ASP B 99 52.71 2.13 -11.02
CA ASP B 99 53.96 1.96 -11.76
C ASP B 99 53.75 1.05 -12.98
N LEU B 100 53.05 1.62 -13.97
CA LEU B 100 52.40 0.87 -15.04
C LEU B 100 53.34 -0.05 -15.82
N TYR B 101 54.60 0.34 -15.99
CA TYR B 101 55.56 -0.56 -16.63
C TYR B 101 55.86 -1.77 -15.76
N TYR B 102 56.03 -1.55 -14.47
CA TYR B 102 56.19 -2.60 -13.47
C TYR B 102 54.81 -3.12 -13.07
N PHE B 103 54.73 -3.80 -11.92
CA PHE B 103 53.55 -3.77 -11.03
C PHE B 103 54.06 -4.12 -9.63
N ASP B 104 54.35 -3.10 -8.84
CA ASP B 104 55.01 -3.28 -7.56
C ASP B 104 54.19 -2.82 -6.36
N TYR B 105 53.09 -2.13 -6.58
CA TYR B 105 52.41 -1.38 -5.53
C TYR B 105 50.98 -1.88 -5.42
N TRP B 106 50.89 -3.19 -5.25
CA TRP B 106 49.63 -3.90 -5.21
C TRP B 106 48.77 -3.48 -4.02
N GLY B 107 47.47 -3.44 -4.24
CA GLY B 107 46.54 -3.05 -3.20
C GLY B 107 46.16 -4.18 -2.29
N GLN B 108 44.96 -4.08 -1.72
CA GLN B 108 44.51 -5.05 -0.74
C GLN B 108 44.03 -6.34 -1.41
N GLY B 109 43.06 -6.22 -2.29
CA GLY B 109 42.32 -7.37 -2.76
C GLY B 109 40.85 -7.14 -2.47
N THR B 110 40.04 -7.10 -3.51
CA THR B 110 38.63 -6.72 -3.36
C THR B 110 37.79 -7.75 -4.11
N LEU B 111 37.14 -8.63 -3.35
CA LEU B 111 36.31 -9.66 -3.94
C LEU B 111 34.92 -9.12 -4.18
N VAL B 112 34.41 -9.33 -5.39
CA VAL B 112 33.04 -9.00 -5.76
C VAL B 112 32.44 -10.26 -6.35
N THR B 113 31.20 -10.58 -5.97
CA THR B 113 30.54 -11.79 -6.39
C THR B 113 29.41 -11.45 -7.36
N VAL B 114 29.37 -12.14 -8.50
CA VAL B 114 28.26 -12.01 -9.44
C VAL B 114 27.55 -13.35 -9.55
N SER B 115 26.41 -11.45 -6.43
CA SER B 115 25.63 -12.65 -6.66
C SER B 115 24.14 -12.40 -6.49
N SER B 116 23.33 -13.37 -6.90
CA SER B 116 21.89 -13.32 -6.73
C SER B 116 21.42 -14.02 -5.47
N ALA B 117 22.32 -14.67 -4.73
CA ALA B 117 21.94 -15.40 -3.55
C ALA B 117 21.71 -14.46 -2.37
N SER B 118 20.92 -14.92 -1.41
CA SER B 118 20.65 -14.14 -0.20
C SER B 118 21.50 -14.66 0.94
N THR B 119 21.72 -13.79 1.93
CA THR B 119 22.59 -14.09 3.06
C THR B 119 21.95 -15.13 3.97
N LYS B 120 22.59 -16.28 4.12
CA LYS B 120 22.03 -17.37 4.91
C LYS B 120 23.10 -18.07 5.72
N GLY B 121 22.71 -18.54 6.89
CA GLY B 121 23.55 -19.40 7.69
C GLY B 121 23.56 -20.81 7.15
N PRO B 122 24.58 -21.56 7.54
CA PRO B 122 24.74 -22.92 7.01
C PRO B 122 23.80 -23.90 7.70
N SER B 123 23.82 -25.12 7.19
CA SER B 123 23.08 -26.25 7.76
C SER B 123 24.06 -27.40 7.84
N VAL B 124 24.73 -27.54 8.97
CA VAL B 124 25.77 -28.54 9.11
C VAL B 124 25.15 -29.91 9.35
N PHE B 125 25.55 -30.89 8.54
CA PHE B 125 25.05 -32.25 8.66
C PHE B 125 26.24 -33.17 8.92
N PRO B 126 26.82 -33.14 10.11
CA PRO B 126 28.12 -33.76 10.34
C PRO B 126 28.04 -35.27 10.49
N LEU B 127 29.22 -35.87 10.54
CA LEU B 127 29.43 -37.11 11.29
C LEU B 127 30.64 -36.93 12.17
N ALA B 128 30.44 -36.98 13.49
CA ALA B 128 31.52 -37.06 14.46
C ALA B 128 31.38 -38.33 15.31
N PRO B 129 31.66 -39.50 14.75
CA PRO B 129 31.72 -40.70 15.59
C PRO B 129 33.02 -40.69 16.39
N CYS B 130 33.04 -41.43 17.49
CA CYS B 130 34.21 -41.40 18.36
C CYS B 130 35.24 -42.45 17.97
N SER B 131 35.55 -42.47 16.66
CA SER B 131 36.51 -43.38 16.02
C SER B 131 36.21 -44.84 16.31
N ARG B 132 34.93 -45.17 16.42
CA ARG B 132 34.46 -46.53 16.64
C ARG B 132 33.43 -46.93 15.59
N SER B 133 33.68 -46.54 14.34
CA SER B 133 32.79 -46.88 13.24
C SER B 133 32.73 -48.38 13.01
N THR B 134 33.84 -48.98 12.55
CA THR B 134 33.92 -50.44 12.53
C THR B 134 35.08 -50.95 13.38
N SER B 135 36.34 -50.69 13.01
CA SER B 135 37.45 -51.24 13.80
C SER B 135 38.72 -50.38 13.81
N GLU B 136 38.73 -49.23 13.15
CA GLU B 136 39.98 -48.54 12.85
C GLU B 136 40.42 -47.69 14.03
N SER B 137 41.72 -47.75 14.34
CA SER B 137 42.30 -47.02 15.47
C SER B 137 42.20 -45.52 15.27
N THR B 138 42.91 -44.98 14.30
CA THR B 138 42.87 -43.54 14.02
C THR B 138 41.84 -43.31 12.93
N ALA B 139 40.57 -43.35 13.30
CA ALA B 139 39.48 -43.10 12.38
C ALA B 139 39.14 -41.61 12.41
N ALA B 140 38.51 -41.16 11.34
CA ALA B 140 38.27 -39.74 11.15
C ALA B 140 36.85 -39.36 11.50
N LEU B 141 36.60 -38.05 11.50
CA LEU B 141 35.28 -37.48 11.69
C LEU B 141 35.29 -36.11 11.04
N GLY B 142 34.12 -35.62 10.66
CA GLY B 142 34.08 -34.31 10.05
C GLY B 142 32.67 -33.78 9.93
N CYS B 143 32.59 -32.46 9.84
CA CYS B 143 31.33 -31.75 9.69
C CYS B 143 31.10 -31.41 8.23
N LEU B 144 29.83 -31.24 7.88
CA LEU B 144 29.41 -31.01 6.51
C LEU B 144 28.73 -29.65 6.48
N VAL B 145 29.53 -28.59 6.32
CA VAL B 145 29.02 -27.23 6.38
C VAL B 145 28.32 -26.95 5.06
N LYS B 146 26.99 -26.94 5.09
CA LYS B 146 26.18 -26.94 3.88
C LYS B 146 25.25 -25.74 3.85
N ASP B 147 25.12 -25.14 2.67
CA ASP B 147 24.10 -24.15 2.32
C ASP B 147 24.20 -22.86 3.13
N TYR B 148 25.31 -22.16 2.95
CA TYR B 148 25.50 -20.84 3.52
C TYR B 148 25.81 -19.83 2.44
N PHE B 149 25.59 -18.56 2.77
CA PHE B 149 25.92 -17.44 1.90
C PHE B 149 25.96 -16.20 2.76
N PRO B 150 26.93 -15.30 2.57
CA PRO B 150 28.04 -15.41 1.64
C PRO B 150 29.22 -16.13 2.24
N GLU B 151 30.38 -15.91 1.64
CA GLU B 151 31.62 -16.39 2.20
C GLU B 151 31.96 -15.57 3.45
N PRO B 152 32.73 -16.12 4.38
CA PRO B 152 33.06 -17.55 4.58
C PRO B 152 32.36 -18.11 5.80
N VAL B 153 32.70 -19.35 6.15
CA VAL B 153 32.39 -19.88 7.46
C VAL B 153 33.71 -20.08 8.21
N THR B 154 33.64 -19.96 9.53
CA THR B 154 34.79 -20.13 10.40
C THR B 154 34.50 -21.30 11.33
N VAL B 155 35.28 -22.36 11.20
CA VAL B 155 35.04 -23.62 11.89
C VAL B 155 36.18 -23.88 12.86
N SER B 156 35.83 -24.18 14.11
CA SER B 156 36.81 -24.53 15.12
C SER B 156 36.33 -25.76 15.88
N TRP B 157 37.26 -26.66 16.20
CA TRP B 157 36.93 -27.90 16.88
C TRP B 157 37.04 -27.71 18.38
N ASN B 158 35.89 -27.82 19.05
CA ASN B 158 35.74 -27.66 20.51
C ASN B 158 36.29 -26.30 20.97
N SER B 159 35.74 -25.25 20.34
CA SER B 159 36.23 -23.88 20.47
C SER B 159 37.72 -23.77 20.13
N GLY B 160 38.13 -24.48 19.08
CA GLY B 160 39.50 -24.44 18.63
C GLY B 160 40.46 -25.27 19.46
N ALA B 161 39.97 -26.18 20.29
CA ALA B 161 40.86 -27.01 21.10
C ALA B 161 41.60 -28.02 20.23
N LEU B 162 40.86 -28.83 19.48
CA LEU B 162 41.48 -29.82 18.61
C LEU B 162 42.03 -29.12 17.38
N THR B 163 43.35 -29.03 17.29
CA THR B 163 44.01 -28.35 16.19
C THR B 163 44.78 -29.29 15.27
N SER B 164 45.22 -30.44 15.76
CA SER B 164 45.91 -31.41 14.92
C SER B 164 44.90 -32.21 14.12
N GLY B 165 45.27 -32.55 12.89
CA GLY B 165 44.39 -33.27 12.01
C GLY B 165 43.29 -32.43 11.38
N VAL B 166 43.25 -31.13 11.66
CA VAL B 166 42.23 -30.26 11.10
C VAL B 166 42.50 -30.06 9.61
N HIS B 167 41.53 -30.41 8.79
CA HIS B 167 41.65 -30.26 7.34
C HIS B 167 40.42 -29.52 6.84
N THR B 168 40.50 -28.20 6.81
CA THR B 168 39.42 -27.36 6.30
C THR B 168 39.43 -27.40 4.79
N PHE B 169 38.35 -27.74 4.24
CA PHE B 169 38.28 -27.81 2.79
C PHE B 169 37.70 -26.51 2.25
N PRO B 170 38.14 -26.10 1.06
CA PRO B 170 37.67 -24.83 0.49
C PRO B 170 36.20 -24.89 0.14
N ALA B 171 35.60 -23.70 0.07
CA ALA B 171 34.16 -23.59 -0.14
C ALA B 171 33.82 -23.92 -1.58
N VAL B 172 33.44 -25.17 -1.84
CA VAL B 172 32.96 -25.56 -3.16
C VAL B 172 31.55 -25.01 -3.31
N LEU B 173 31.32 -24.32 -4.41
CA LEU B 173 30.13 -23.51 -4.59
C LEU B 173 29.05 -24.35 -5.28
N GLN B 174 27.86 -24.37 -4.69
CA GLN B 174 26.75 -25.11 -5.30
C GLN B 174 26.26 -24.43 -6.57
N SER B 175 25.97 -25.26 -7.57
CA SER B 175 25.16 -24.86 -8.70
C SER B 175 23.67 -24.87 -8.39
N SER B 176 23.37 -25.18 -7.13
CA SER B 176 21.95 -25.28 -6.71
C SER B 176 21.41 -23.87 -6.47
N GLY B 177 21.88 -23.21 -5.43
CA GLY B 177 21.34 -21.91 -5.08
C GLY B 177 22.44 -20.89 -4.82
N LEU B 178 23.63 -21.18 -5.35
CA LEU B 178 24.86 -20.42 -5.11
C LEU B 178 25.19 -20.37 -3.61
N TYR B 179 24.90 -21.45 -2.91
CA TYR B 179 25.20 -21.60 -1.50
C TYR B 179 26.37 -22.55 -1.37
N SER B 180 27.56 -22.00 -1.13
CA SER B 180 28.77 -22.80 -1.19
C SER B 180 28.85 -23.79 -0.04
N LEU B 181 29.73 -24.77 -0.21
CA LEU B 181 29.82 -25.90 0.70
C LEU B 181 31.25 -26.06 1.18
N SER B 182 31.42 -26.18 2.49
CA SER B 182 32.74 -26.53 3.01
C SER B 182 32.58 -27.71 3.95
N SER B 183 33.72 -28.26 4.37
CA SER B 183 33.75 -29.38 5.28
C SER B 183 35.10 -29.39 5.97
N VAL B 184 35.10 -29.51 7.29
CA VAL B 184 36.35 -29.58 8.05
C VAL B 184 36.36 -30.91 8.76
N VAL B 185 37.47 -31.64 8.66
CA VAL B 185 37.57 -32.99 9.18
C VAL B 185 38.77 -33.09 10.12
N THR B 186 38.69 -34.04 11.05
CA THR B 186 39.77 -34.37 11.97
C THR B 186 39.86 -35.87 12.14
N VAL B 187 41.04 -36.35 12.51
CA VAL B 187 41.30 -37.77 12.71
C VAL B 187 41.74 -37.97 14.15
N PRO B 188 40.82 -38.33 15.04
CA PRO B 188 41.24 -38.76 16.39
C PRO B 188 41.51 -40.26 16.44
N SER B 189 41.81 -40.78 17.62
CA SER B 189 42.06 -42.20 17.79
C SER B 189 40.85 -42.90 18.42
N SER B 190 40.86 -44.24 18.35
CA SER B 190 39.73 -45.02 18.85
C SER B 190 39.69 -45.07 20.37
N SER B 191 40.82 -44.82 21.03
CA SER B 191 40.81 -44.72 22.49
C SER B 191 40.51 -43.30 22.95
N LEU B 192 39.48 -42.71 22.34
CA LEU B 192 38.97 -41.39 22.66
C LEU B 192 37.45 -41.39 22.62
N GLY B 193 36.86 -42.54 22.98
CA GLY B 193 35.42 -42.72 22.81
C GLY B 193 34.58 -41.83 23.70
N THR B 194 35.11 -41.46 24.86
CA THR B 194 34.43 -40.50 25.73
C THR B 194 34.92 -39.08 25.47
N LYS B 195 34.96 -38.69 24.19
CA LYS B 195 35.32 -37.34 23.79
C LYS B 195 34.48 -36.95 22.60
N THR B 196 33.61 -35.97 22.78
CA THR B 196 32.92 -35.35 21.67
C THR B 196 33.79 -34.26 21.06
N TYR B 197 33.58 -34.01 19.78
CA TYR B 197 34.36 -33.03 19.04
C TYR B 197 33.40 -32.11 18.31
N THR B 198 33.32 -30.87 18.74
CA THR B 198 32.32 -29.94 18.25
C THR B 198 32.97 -28.97 17.28
N CYS B 199 32.69 -29.14 16.00
CA CYS B 199 32.98 -28.08 15.05
C CYS B 199 32.11 -26.89 15.38
N ASN B 200 32.71 -25.71 15.44
CA ASN B 200 32.01 -24.52 15.87
C ASN B 200 31.96 -23.59 14.66
N VAL B 201 30.95 -23.81 13.83
CA VAL B 201 30.80 -23.11 12.56
C VAL B 201 30.17 -21.76 12.84
N ASP B 202 30.87 -20.68 12.51
CA ASP B 202 30.40 -19.34 12.82
C ASP B 202 30.37 -18.53 11.53
N HIS B 203 29.27 -18.59 10.81
CA HIS B 203 29.08 -17.80 9.59
C HIS B 203 28.68 -16.40 10.01
N LYS B 204 29.68 -15.53 10.10
CA LYS B 204 29.48 -14.20 10.66
C LYS B 204 28.70 -13.21 9.80
N PRO B 205 28.78 -13.18 8.46
CA PRO B 205 27.88 -12.26 7.73
C PRO B 205 26.40 -12.62 7.80
N SER B 206 26.04 -13.84 8.21
CA SER B 206 24.67 -14.11 8.63
C SER B 206 24.52 -14.22 10.13
N ASN B 207 25.64 -14.12 10.87
CA ASN B 207 25.68 -14.14 12.34
C ASN B 207 25.07 -15.41 12.92
N THR B 208 25.43 -16.54 12.32
CA THR B 208 24.92 -17.84 12.72
C THR B 208 26.06 -18.67 13.29
N LYS B 209 25.82 -19.32 14.42
CA LYS B 209 26.84 -20.06 15.15
C LYS B 209 26.36 -21.49 15.36
N VAL B 210 27.02 -22.45 14.73
CA VAL B 210 26.56 -23.84 14.67
C VAL B 210 27.55 -24.72 15.41
N ASP B 211 27.05 -25.54 16.33
CA ASP B 211 27.84 -26.48 17.12
C ASP B 211 27.23 -27.86 16.98
N LYS B 212 28.08 -28.89 16.80
CA LYS B 212 27.60 -30.20 16.40
C LYS B 212 28.33 -31.32 17.13
N ARG B 213 27.77 -32.53 16.98
CA ARG B 213 28.34 -33.83 17.32
C ARG B 213 27.36 -34.88 16.82
N VAL B 214 27.82 -36.13 16.75
CA VAL B 214 27.02 -37.25 16.23
C VAL B 214 27.26 -38.48 17.11
N GLU B 215 26.17 -39.19 17.43
CA GLU B 215 26.23 -40.40 18.25
C GLU B 215 25.99 -41.65 17.42
N SER B 216 26.04 -42.81 18.07
CA SER B 216 25.85 -44.10 17.42
C SER B 216 24.37 -44.43 17.29
N LYS B 217 24.06 -45.68 16.96
CA LYS B 217 22.70 -46.11 16.65
C LYS B 217 22.37 -47.44 17.34
N TYR B 218 22.63 -47.49 18.66
CA TYR B 218 22.52 -48.70 19.51
C TYR B 218 23.29 -49.89 18.92
N GLY B 219 24.60 -49.74 18.84
CA GLY B 219 25.46 -50.79 18.33
C GLY B 219 25.64 -51.93 19.30
N PRO B 220 26.56 -52.85 18.98
CA PRO B 220 26.81 -54.02 19.84
C PRO B 220 27.58 -53.67 21.11
N GLU C 1 48.40 -7.57 -26.72
CA GLU C 1 47.91 -8.94 -26.90
C GLU C 1 49.03 -9.87 -27.34
N ILE C 2 50.00 -10.09 -26.48
CA ILE C 2 51.04 -11.08 -26.70
C ILE C 2 50.87 -12.16 -25.65
N VAL C 3 50.64 -13.39 -26.11
CA VAL C 3 50.36 -14.49 -25.20
C VAL C 3 51.67 -14.94 -24.55
N LEU C 4 51.71 -14.90 -23.23
CA LEU C 4 52.86 -15.34 -22.46
C LEU C 4 52.64 -16.79 -22.08
N THR C 5 53.53 -17.66 -22.55
CA THR C 5 53.42 -19.09 -22.29
C THR C 5 54.37 -19.47 -21.16
N GLN C 6 53.80 -19.97 -20.08
CA GLN C 6 54.55 -20.50 -18.94
C GLN C 6 54.57 -22.01 -19.08
N SER C 7 55.68 -22.53 -19.60
CA SER C 7 55.77 -23.92 -20.01
C SER C 7 55.71 -24.91 -18.83
N PRO C 8 56.29 -24.63 -17.66
CA PRO C 8 55.83 -25.39 -16.49
C PRO C 8 54.47 -24.86 -16.05
N ALA C 9 53.44 -25.68 -16.18
CA ALA C 9 52.13 -25.28 -15.70
C ALA C 9 52.11 -25.26 -14.18
N THR C 10 52.31 -26.41 -13.56
CA THR C 10 52.60 -26.52 -12.13
C THR C 10 53.86 -27.35 -11.98
N LEU C 11 54.44 -27.30 -10.79
CA LEU C 11 55.71 -27.98 -10.56
C LEU C 11 55.81 -28.31 -9.08
N SER C 12 56.37 -29.47 -8.77
CA SER C 12 56.66 -29.85 -7.40
C SER C 12 58.15 -30.12 -7.28
N LEU C 13 58.79 -29.51 -6.29
CA LEU C 13 60.23 -29.68 -6.13
C LEU C 13 60.55 -29.59 -4.65
N SER C 14 61.62 -30.27 -4.27
CA SER C 14 62.01 -30.38 -2.86
C SER C 14 62.62 -29.08 -2.39
N PRO C 15 62.75 -28.88 -1.07
CA PRO C 15 63.66 -27.84 -0.58
C PRO C 15 65.09 -28.18 -0.97
N GLY C 16 65.68 -27.42 -1.88
CA GLY C 16 66.91 -27.89 -2.49
C GLY C 16 67.48 -27.03 -3.60
N GLU C 17 67.74 -27.65 -4.74
CA GLU C 17 68.53 -27.06 -5.81
C GLU C 17 67.75 -26.06 -6.65
N ARG C 18 68.31 -25.71 -7.81
CA ARG C 18 67.75 -24.70 -8.69
C ARG C 18 66.40 -25.15 -9.26
N ALA C 19 65.53 -24.18 -9.47
CA ALA C 19 64.15 -24.39 -9.91
C ALA C 19 63.80 -23.43 -11.03
N THR C 20 64.63 -23.44 -12.07
CA THR C 20 64.52 -22.48 -13.17
C THR C 20 63.20 -22.63 -13.92
N LEU C 21 62.50 -21.52 -14.09
CA LEU C 21 61.21 -21.50 -14.76
C LEU C 21 61.36 -20.84 -16.12
N SER C 22 60.24 -20.70 -16.84
CA SER C 22 60.30 -20.13 -18.18
C SER C 22 58.98 -19.47 -18.52
N CYS C 23 59.05 -18.23 -18.98
CA CYS C 23 57.92 -17.54 -19.59
C CYS C 23 58.32 -17.23 -21.02
N ARG C 24 57.84 -18.03 -21.97
CA ARG C 24 58.15 -17.84 -23.37
C ARG C 24 57.06 -17.02 -24.01
N ALA C 25 57.45 -15.91 -24.63
CA ALA C 25 56.50 -14.96 -25.19
C ALA C 25 56.01 -15.42 -26.55
N SER C 26 55.06 -14.69 -27.11
CA SER C 26 54.64 -14.92 -28.48
C SER C 26 55.41 -14.08 -29.49
N GLN C 27 56.02 -12.98 -29.05
CA GLN C 27 56.80 -12.13 -29.93
C GLN C 27 58.17 -11.85 -29.32
N ARG C 28 58.94 -10.99 -29.95
CA ARG C 28 60.21 -10.55 -29.39
C ARG C 28 59.91 -9.28 -28.59
N ILE C 29 59.58 -9.45 -27.32
CA ILE C 29 59.31 -8.28 -26.49
C ILE C 29 60.61 -7.61 -26.08
N SER C 30 61.74 -8.31 -26.20
CA SER C 30 63.10 -7.79 -26.00
C SER C 30 63.28 -7.22 -24.60
N ASN C 31 63.26 -8.16 -23.64
CA ASN C 31 63.68 -7.96 -22.26
C ASN C 31 62.71 -7.05 -21.51
N ASP C 32 61.42 -7.24 -21.73
CA ASP C 32 60.40 -6.33 -21.24
C ASP C 32 59.26 -7.07 -20.56
N LEU C 33 59.59 -7.99 -19.67
CA LEU C 33 58.57 -8.52 -18.76
C LEU C 33 59.08 -8.51 -17.33
N HIS C 34 58.25 -9.04 -16.44
CA HIS C 34 58.48 -8.95 -15.00
C HIS C 34 58.20 -10.33 -14.41
N TRP C 35 58.31 -10.43 -13.08
CA TRP C 35 58.12 -11.70 -12.40
C TRP C 35 57.47 -11.47 -11.04
N TYR C 36 56.57 -12.38 -10.67
CA TYR C 36 55.67 -12.13 -9.56
C TYR C 36 55.60 -13.34 -8.64
N GLN C 37 55.23 -13.07 -7.39
CA GLN C 37 55.32 -14.03 -6.30
C GLN C 37 53.99 -14.00 -5.53
N GLN C 38 52.89 -14.23 -6.23
CA GLN C 38 51.60 -14.26 -5.54
C GLN C 38 51.54 -15.48 -4.64
N LYS C 39 51.73 -15.23 -3.35
CA LYS C 39 51.53 -16.25 -2.34
C LYS C 39 50.04 -16.50 -2.17
N PRO C 40 49.66 -17.67 -1.64
CA PRO C 40 48.23 -17.96 -1.45
C PRO C 40 47.58 -17.02 -0.45
N GLY C 41 46.40 -16.52 -0.82
CA GLY C 41 45.70 -15.55 -0.01
C GLY C 41 46.37 -14.20 0.04
N GLN C 42 47.22 -13.89 -0.94
CA GLN C 42 48.02 -12.67 -0.90
C GLN C 42 47.91 -11.92 -2.23
N ALA C 43 48.15 -10.63 -2.16
CA ALA C 43 48.41 -9.87 -3.37
C ALA C 43 49.76 -10.30 -3.95
N PRO C 44 49.92 -10.24 -5.27
CA PRO C 44 51.20 -10.60 -5.88
C PRO C 44 52.33 -9.67 -5.50
N ARG C 45 53.54 -10.20 -5.59
CA ARG C 45 54.74 -9.48 -5.18
C ARG C 45 55.75 -9.53 -6.32
N LEU C 46 56.12 -8.35 -6.81
CA LEU C 46 57.02 -8.24 -7.94
C LEU C 46 58.45 -8.65 -7.57
N LEU C 47 59.12 -9.33 -8.49
CA LEU C 47 60.43 -9.91 -8.24
C LEU C 47 61.53 -9.31 -9.10
N ILE C 48 61.25 -9.02 -10.36
CA ILE C 48 62.26 -8.72 -11.37
C ILE C 48 61.82 -7.53 -12.20
N LYS C 49 62.74 -6.59 -12.44
CA LYS C 49 62.46 -5.47 -13.33
C LYS C 49 62.34 -5.92 -14.77
N TYR C 50 63.46 -6.32 -15.38
CA TYR C 50 63.47 -6.66 -16.80
C TYR C 50 64.49 -7.78 -16.98
N ALA C 51 64.02 -9.02 -16.82
CA ALA C 51 64.81 -10.26 -16.83
C ALA C 51 66.00 -10.24 -15.88
N SER C 52 66.03 -9.34 -14.89
CA SER C 52 67.14 -9.11 -13.98
C SER C 52 66.70 -8.13 -12.91
N GLN C 53 67.63 -7.82 -12.01
CA GLN C 53 67.63 -6.63 -11.14
C GLN C 53 66.55 -6.69 -10.06
N SER C 54 66.40 -7.85 -9.43
CA SER C 54 66.41 -8.01 -7.96
C SER C 54 65.84 -6.86 -7.15
N ILE C 55 64.56 -6.56 -7.34
CA ILE C 55 63.95 -5.33 -6.84
C ILE C 55 63.88 -5.24 -5.32
N SER C 56 64.59 -4.25 -4.77
CA SER C 56 64.44 -3.77 -3.39
C SER C 56 64.70 -4.87 -2.37
N GLY C 57 65.85 -5.51 -2.50
CA GLY C 57 66.27 -6.52 -1.56
C GLY C 57 65.48 -7.80 -1.59
N ILE C 58 64.82 -8.12 -2.69
CA ILE C 58 64.22 -9.47 -2.80
C ILE C 58 65.36 -10.48 -2.90
N PRO C 59 65.47 -11.44 -1.95
CA PRO C 59 66.77 -11.65 -1.28
C PRO C 59 67.99 -12.05 -2.10
N SER C 60 68.04 -13.26 -2.62
CA SER C 60 69.31 -13.71 -3.17
C SER C 60 69.21 -14.65 -4.36
N ARG C 61 68.02 -14.98 -4.85
CA ARG C 61 67.89 -16.23 -5.59
C ARG C 61 66.98 -16.10 -6.80
N PHE C 62 66.71 -14.88 -7.24
CA PHE C 62 65.69 -14.67 -8.26
C PHE C 62 66.30 -14.04 -9.50
N SER C 63 67.39 -14.62 -9.99
CA SER C 63 67.98 -14.15 -11.23
C SER C 63 67.17 -14.63 -12.43
N GLY C 64 67.16 -13.82 -13.49
CA GLY C 64 66.47 -14.19 -14.71
C GLY C 64 67.38 -14.15 -15.91
N SER C 65 66.82 -14.34 -17.10
CA SER C 65 67.59 -14.25 -18.33
C SER C 65 66.67 -13.81 -19.46
N GLY C 66 67.23 -13.03 -20.38
CA GLY C 66 66.43 -12.44 -21.42
C GLY C 66 66.82 -12.83 -22.84
N SER C 67 66.65 -11.90 -23.78
CA SER C 67 67.25 -11.94 -25.12
C SER C 67 66.84 -13.15 -25.98
N GLY C 68 65.62 -13.17 -26.54
CA GLY C 68 64.70 -12.05 -26.52
C GLY C 68 63.24 -12.45 -26.54
N THR C 69 62.97 -13.74 -26.45
CA THR C 69 61.63 -14.26 -26.25
C THR C 69 61.58 -15.28 -25.12
N ASP C 70 62.58 -16.15 -25.02
CA ASP C 70 62.63 -17.18 -23.99
C ASP C 70 63.11 -16.55 -22.68
N PHE C 71 62.16 -16.18 -21.85
CA PHE C 71 62.44 -15.42 -20.64
C PHE C 71 62.26 -16.32 -19.43
N THR C 72 63.32 -16.44 -18.64
CA THR C 72 63.39 -17.44 -17.59
C THR C 72 63.40 -16.78 -16.22
N LEU C 73 63.02 -17.57 -15.22
CA LEU C 73 63.17 -17.20 -13.82
C LEU C 73 63.88 -18.35 -13.11
N THR C 74 65.11 -18.11 -12.70
CA THR C 74 65.85 -19.11 -11.95
C THR C 74 65.56 -18.95 -10.47
N ILE C 75 65.37 -20.08 -9.78
CA ILE C 75 65.28 -20.03 -8.33
C ILE C 75 66.50 -20.76 -7.80
N SER C 76 67.59 -20.04 -7.61
CA SER C 76 68.89 -20.69 -7.43
C SER C 76 69.08 -21.28 -6.03
N SER C 77 68.37 -20.76 -5.04
CA SER C 77 68.63 -21.05 -3.63
C SER C 77 67.32 -21.41 -2.94
N LEU C 78 66.64 -22.43 -3.48
CA LEU C 78 65.19 -22.62 -3.60
C LEU C 78 64.33 -22.00 -2.51
N GLU C 79 64.71 -22.17 -1.22
CA GLU C 79 64.10 -21.48 -0.08
C GLU C 79 62.60 -21.81 0.01
N PRO C 80 62.25 -22.98 0.56
CA PRO C 80 60.90 -23.55 0.36
C PRO C 80 59.70 -22.73 0.85
N GLU C 81 59.93 -21.57 1.49
CA GLU C 81 58.85 -20.61 1.67
C GLU C 81 58.40 -19.98 0.36
N ASP C 82 59.20 -20.10 -0.70
CA ASP C 82 58.92 -19.44 -1.97
C ASP C 82 57.91 -20.19 -2.82
N PHE C 83 57.31 -21.25 -2.29
CA PHE C 83 56.33 -22.01 -3.05
C PHE C 83 55.07 -21.18 -3.21
N ALA C 84 54.95 -20.54 -4.36
CA ALA C 84 53.85 -19.63 -4.63
C ALA C 84 53.55 -19.64 -6.11
N VAL C 85 52.36 -19.14 -6.45
CA VAL C 85 51.88 -19.15 -7.83
C VAL C 85 52.60 -18.01 -8.55
N TYR C 86 53.57 -18.35 -9.38
CA TYR C 86 54.35 -17.27 -9.99
C TYR C 86 53.69 -16.79 -11.26
N TYR C 87 54.02 -15.56 -11.64
CA TYR C 87 53.46 -14.97 -12.83
C TYR C 87 54.51 -14.13 -13.54
N CYS C 88 54.54 -14.23 -14.85
CA CYS C 88 55.27 -13.31 -15.71
C CYS C 88 54.27 -12.34 -16.32
N GLN C 89 54.73 -11.13 -16.60
CA GLN C 89 53.86 -10.10 -17.16
C GLN C 89 54.68 -9.18 -18.05
N GLN C 90 54.30 -9.09 -19.32
CA GLN C 90 54.93 -8.17 -20.25
C GLN C 90 54.65 -6.72 -19.87
N SER C 91 55.49 -5.84 -20.41
CA SER C 91 55.32 -4.41 -20.21
C SER C 91 55.03 -3.68 -21.51
N ASN C 92 55.90 -3.80 -22.50
CA ASN C 92 55.91 -2.87 -23.62
C ASN C 92 55.17 -3.45 -24.83
N SER C 93 53.88 -3.67 -24.62
CA SER C 93 52.87 -3.89 -25.65
C SER C 93 51.51 -3.82 -24.96
N TRP C 94 50.57 -3.40 -25.67
CA TRP C 94 49.24 -3.32 -25.13
C TRP C 94 48.37 -4.46 -25.62
N PRO C 95 47.37 -4.90 -24.84
CA PRO C 95 47.26 -4.63 -23.41
C PRO C 95 47.85 -5.70 -22.49
N ARG C 96 49.02 -5.41 -21.92
CA ARG C 96 49.53 -5.87 -20.63
C ARG C 96 49.16 -7.27 -20.17
N THR C 97 49.48 -8.28 -20.97
CA THR C 97 49.10 -9.64 -20.63
C THR C 97 49.96 -10.18 -19.50
N PHE C 98 49.37 -11.07 -18.72
CA PHE C 98 50.05 -11.78 -17.65
C PHE C 98 50.43 -13.18 -18.14
N GLY C 99 50.99 -13.96 -17.23
CA GLY C 99 51.22 -15.36 -17.46
C GLY C 99 50.00 -16.18 -17.12
N GLY C 100 50.24 -17.41 -16.69
CA GLY C 100 49.13 -18.28 -16.33
C GLY C 100 49.20 -18.80 -14.92
N GLY C 101 50.39 -18.84 -14.34
CA GLY C 101 50.52 -19.50 -13.05
C GLY C 101 51.54 -20.60 -13.20
N THR C 102 52.51 -20.59 -12.30
CA THR C 102 53.65 -21.49 -12.35
C THR C 102 53.86 -22.05 -10.94
N LYS C 103 52.79 -22.67 -10.42
CA LYS C 103 52.73 -23.16 -9.04
C LYS C 103 53.89 -24.08 -8.69
N LEU C 104 54.72 -23.63 -7.76
CA LEU C 104 55.79 -24.44 -7.21
C LEU C 104 55.26 -25.16 -5.99
N GLU C 105 55.44 -26.47 -5.96
CA GLU C 105 54.95 -27.30 -4.88
C GLU C 105 56.10 -28.06 -4.23
N ILE C 106 55.80 -28.72 -3.14
CA ILE C 106 56.78 -29.52 -2.43
C ILE C 106 56.86 -30.88 -3.10
N LYS C 107 58.07 -31.37 -3.33
CA LYS C 107 58.21 -32.72 -3.82
C LYS C 107 57.98 -33.70 -2.68
N ARG C 108 59.56 -34.99 -0.26
CA ARG C 108 58.92 -36.18 0.25
C ARG C 108 58.51 -37.15 -0.84
N THR C 109 57.67 -38.11 -0.49
CA THR C 109 57.33 -39.24 -1.34
C THR C 109 55.83 -39.33 -1.58
N VAL C 110 55.48 -40.28 -2.45
CA VAL C 110 54.09 -40.60 -2.72
C VAL C 110 53.49 -41.33 -1.53
N ALA C 111 52.40 -40.80 -0.99
CA ALA C 111 51.75 -41.36 0.19
C ALA C 111 50.33 -41.77 -0.14
N ALA C 112 49.87 -42.83 0.53
CA ALA C 112 48.52 -43.31 0.31
C ALA C 112 47.52 -42.48 1.12
N PRO C 113 46.35 -42.21 0.57
CA PRO C 113 45.31 -41.52 1.35
C PRO C 113 44.67 -42.45 2.36
N SER C 114 44.59 -41.97 3.60
CA SER C 114 43.77 -42.62 4.60
C SER C 114 42.31 -42.25 4.30
N VAL C 115 41.58 -43.22 3.77
CA VAL C 115 40.28 -42.97 3.15
C VAL C 115 39.19 -43.17 4.20
N PHE C 116 38.30 -42.19 4.32
CA PHE C 116 37.22 -42.25 5.30
C PHE C 116 35.93 -41.80 4.67
N ILE C 117 35.00 -42.74 4.48
CA ILE C 117 33.71 -42.40 3.92
C ILE C 117 32.77 -42.08 5.08
N PHE C 118 31.79 -41.23 4.80
CA PHE C 118 30.83 -40.86 5.81
C PHE C 118 29.42 -40.95 5.23
N PRO C 119 28.52 -41.69 5.88
CA PRO C 119 27.10 -41.62 5.56
C PRO C 119 26.54 -40.21 5.69
N PRO C 120 25.52 -39.88 4.92
CA PRO C 120 24.72 -38.69 5.24
C PRO C 120 24.04 -38.87 6.58
N SER C 121 23.99 -37.78 7.33
CA SER C 121 23.45 -37.82 8.67
C SER C 121 21.94 -38.06 8.63
N ASP C 122 21.42 -38.58 9.75
CA ASP C 122 19.97 -38.64 9.93
C ASP C 122 19.36 -37.26 9.99
N GLU C 123 20.13 -36.28 10.49
CA GLU C 123 19.76 -34.87 10.38
C GLU C 123 19.60 -34.46 8.93
N GLN C 124 20.48 -34.94 8.05
CA GLN C 124 20.31 -34.64 6.64
C GLN C 124 19.17 -35.46 6.05
N LEU C 125 18.94 -36.65 6.58
CA LEU C 125 17.74 -37.39 6.24
C LEU C 125 16.50 -36.76 6.83
N LYS C 126 16.65 -35.93 7.87
CA LYS C 126 15.61 -35.03 8.32
C LYS C 126 15.61 -33.71 7.58
N SER C 127 16.33 -33.61 6.47
CA SER C 127 16.29 -32.45 5.60
C SER C 127 15.77 -32.77 4.20
N GLY C 128 15.80 -34.04 3.80
CA GLY C 128 15.35 -34.43 2.47
C GLY C 128 16.46 -34.56 1.45
N THR C 129 17.71 -34.42 1.86
CA THR C 129 18.86 -34.62 0.99
C THR C 129 19.78 -35.67 1.60
N ALA C 130 20.87 -35.96 0.89
CA ALA C 130 21.83 -36.96 1.33
C ALA C 130 23.16 -36.70 0.64
N SER C 131 24.17 -36.34 1.41
CA SER C 131 25.49 -36.03 0.87
C SER C 131 26.49 -37.02 1.45
N VAL C 132 27.06 -37.86 0.60
CA VAL C 132 28.01 -38.88 1.03
C VAL C 132 29.40 -38.30 0.88
N VAL C 133 30.14 -38.22 1.97
CA VAL C 133 31.47 -37.62 1.99
C VAL C 133 32.49 -38.73 2.22
N CYS C 134 33.40 -38.88 1.26
CA CYS C 134 34.48 -39.85 1.31
C CYS C 134 35.80 -39.12 1.39
N LEU C 135 36.49 -39.24 2.52
CA LEU C 135 37.76 -38.54 2.69
C LEU C 135 38.86 -39.21 1.92
N LEU C 136 39.83 -38.40 1.53
CA LEU C 136 41.17 -38.84 1.20
C LEU C 136 42.05 -37.92 2.02
N ASN C 137 42.91 -38.48 2.85
CA ASN C 137 43.64 -37.67 3.82
C ASN C 137 45.09 -38.09 3.85
N ASN C 138 45.97 -37.08 3.86
CA ASN C 138 47.41 -37.22 4.13
C ASN C 138 48.09 -38.11 3.09
N PHE C 139 48.08 -37.60 1.86
CA PHE C 139 48.56 -38.32 0.70
C PHE C 139 49.37 -37.37 -0.16
N TYR C 140 49.98 -37.93 -1.19
CA TYR C 140 50.77 -37.17 -2.14
C TYR C 140 50.88 -37.97 -3.43
N PRO C 141 50.71 -37.36 -4.60
CA PRO C 141 50.35 -35.97 -4.89
C PRO C 141 48.85 -35.77 -4.96
N ARG C 142 48.43 -34.70 -5.63
CA ARG C 142 47.01 -34.42 -5.84
C ARG C 142 46.36 -35.40 -6.82
N GLU C 143 47.15 -36.21 -7.51
CA GLU C 143 46.66 -37.05 -8.60
C GLU C 143 45.85 -38.20 -8.03
N ALA C 144 44.53 -37.99 -7.93
CA ALA C 144 43.66 -38.97 -7.31
C ALA C 144 42.36 -39.07 -8.10
N LYS C 145 41.69 -40.20 -7.97
CA LYS C 145 40.40 -40.44 -8.60
C LYS C 145 39.43 -40.97 -7.55
N VAL C 146 38.28 -40.32 -7.43
CA VAL C 146 37.20 -40.79 -6.58
C VAL C 146 36.08 -41.29 -7.48
N GLN C 147 35.72 -42.55 -7.32
CA GLN C 147 34.66 -43.15 -8.10
C GLN C 147 33.58 -43.64 -7.16
N TRP C 148 32.36 -43.17 -7.39
CA TRP C 148 31.23 -43.46 -6.53
C TRP C 148 30.48 -44.67 -7.05
N LYS C 149 30.18 -45.60 -6.15
CA LYS C 149 29.43 -46.80 -6.49
C LYS C 149 28.25 -46.92 -5.55
N VAL C 150 27.05 -46.88 -6.13
CA VAL C 150 25.78 -46.79 -5.40
C VAL C 150 25.03 -48.07 -5.67
N ASP C 151 25.11 -49.01 -4.72
CA ASP C 151 24.96 -50.46 -4.98
C ASP C 151 25.76 -50.86 -6.22
N ASN C 152 27.05 -50.50 -6.20
CA ASN C 152 28.02 -50.77 -7.27
C ASN C 152 27.59 -50.17 -8.61
N ALA C 153 27.17 -48.91 -8.60
CA ALA C 153 26.82 -48.20 -9.82
C ALA C 153 27.69 -46.95 -9.93
N LEU C 154 28.50 -46.91 -10.98
CA LEU C 154 29.41 -45.78 -11.21
C LEU C 154 28.62 -44.54 -11.57
N GLN C 155 28.48 -43.63 -10.61
CA GLN C 155 27.72 -42.42 -10.79
C GLN C 155 28.63 -41.21 -10.87
N SER C 156 28.06 -40.10 -11.34
CA SER C 156 28.78 -38.84 -11.49
C SER C 156 27.75 -37.73 -11.56
N GLY C 157 28.23 -36.49 -11.42
CA GLY C 157 27.36 -35.34 -11.44
C GLY C 157 26.64 -35.04 -10.15
N ASN C 158 26.70 -35.93 -9.18
CA ASN C 158 26.12 -35.72 -7.87
C ASN C 158 27.18 -35.43 -6.82
N SER C 159 28.43 -35.29 -7.24
CA SER C 159 29.55 -35.20 -6.32
C SER C 159 30.33 -33.91 -6.54
N GLN C 160 30.64 -33.23 -5.44
CA GLN C 160 31.51 -32.07 -5.46
C GLN C 160 32.76 -32.38 -4.64
N GLU C 161 33.90 -31.92 -5.13
CA GLU C 161 35.18 -32.28 -4.57
C GLU C 161 35.88 -31.04 -4.02
N SER C 162 36.84 -31.27 -3.11
CA SER C 162 37.51 -30.19 -2.41
C SER C 162 38.94 -30.59 -2.12
N VAL C 163 39.88 -29.78 -2.61
CA VAL C 163 41.32 -30.07 -2.52
C VAL C 163 41.93 -29.16 -1.48
N THR C 164 42.69 -29.73 -0.56
CA THR C 164 43.49 -28.86 0.30
C THR C 164 44.74 -28.39 -0.42
N GLU C 165 45.27 -27.27 0.05
CA GLU C 165 46.60 -26.88 -0.35
C GLU C 165 47.63 -27.77 0.33
N GLN C 166 48.86 -27.70 -0.14
CA GLN C 166 49.88 -28.60 0.37
C GLN C 166 50.35 -28.11 1.73
N ASP C 167 50.39 -29.03 2.68
CA ASP C 167 50.60 -28.65 4.08
C ASP C 167 52.04 -28.20 4.29
N SER C 168 52.20 -27.25 5.21
CA SER C 168 53.55 -26.88 5.62
C SER C 168 54.18 -27.97 6.47
N LYS C 169 53.35 -28.73 7.19
CA LYS C 169 53.86 -29.70 8.14
C LYS C 169 54.43 -30.94 7.45
N ASP C 170 53.56 -31.68 6.76
CA ASP C 170 53.93 -32.97 6.20
C ASP C 170 53.81 -33.01 4.68
N SER C 171 53.52 -31.87 4.06
CA SER C 171 53.53 -31.69 2.59
C SER C 171 52.48 -32.56 1.91
N THR C 172 51.38 -32.81 2.59
CA THR C 172 50.38 -33.74 2.11
C THR C 172 49.21 -32.99 1.49
N TYR C 173 48.18 -33.75 1.12
CA TYR C 173 46.93 -33.19 0.64
C TYR C 173 45.79 -33.88 1.36
N SER C 174 44.60 -33.32 1.21
CA SER C 174 43.41 -33.89 1.82
C SER C 174 42.21 -33.62 0.94
N LEU C 175 41.62 -34.70 0.41
CA LEU C 175 40.50 -34.63 -0.50
C LEU C 175 39.23 -35.17 0.13
N SER C 176 38.10 -34.68 -0.37
CA SER C 176 36.81 -35.27 -0.10
C SER C 176 35.90 -35.00 -1.28
N SER C 177 35.17 -36.01 -1.69
CA SER C 177 34.11 -35.87 -2.68
C SER C 177 32.78 -35.96 -1.94
N THR C 178 31.86 -35.06 -2.26
CA THR C 178 30.60 -34.94 -1.54
C THR C 178 29.49 -35.42 -2.46
N LEU C 179 29.22 -36.72 -2.43
CA LEU C 179 28.21 -37.31 -3.30
C LEU C 179 26.83 -36.90 -2.77
N THR C 180 26.32 -35.79 -3.29
CA THR C 180 25.06 -35.24 -2.83
C THR C 180 23.92 -35.81 -3.64
N LEU C 181 23.07 -36.60 -2.98
CA LEU C 181 21.90 -37.20 -3.60
C LEU C 181 20.65 -36.60 -2.98
N SER C 182 19.51 -36.96 -3.55
CA SER C 182 18.24 -36.70 -2.89
C SER C 182 18.03 -37.74 -1.80
N LYS C 183 16.97 -37.54 -1.01
CA LYS C 183 16.61 -38.52 -0.01
C LYS C 183 16.07 -39.79 -0.65
N ALA C 184 15.36 -39.66 -1.78
CA ALA C 184 14.72 -40.81 -2.40
C ALA C 184 15.73 -41.77 -3.01
N ASP C 185 16.65 -41.25 -3.82
CA ASP C 185 17.69 -42.09 -4.42
C ASP C 185 18.66 -42.64 -3.39
N TYR C 186 18.81 -41.94 -2.27
CA TYR C 186 19.55 -42.50 -1.13
C TYR C 186 18.87 -43.75 -0.61
N GLU C 187 17.55 -43.70 -0.40
CA GLU C 187 16.84 -44.83 0.15
C GLU C 187 16.71 -46.00 -0.83
N LYS C 188 16.96 -45.76 -2.11
CA LYS C 188 16.89 -46.83 -3.10
C LYS C 188 18.04 -47.81 -2.98
N HIS C 189 19.14 -47.43 -2.33
CA HIS C 189 20.35 -48.24 -2.36
C HIS C 189 20.98 -48.27 -0.98
N LYS C 190 21.88 -49.23 -0.78
CA LYS C 190 22.65 -49.31 0.46
C LYS C 190 24.14 -49.24 0.21
N VAL C 191 24.69 -50.07 -0.69
CA VAL C 191 26.13 -50.22 -0.85
C VAL C 191 26.68 -48.95 -1.49
N TYR C 192 27.37 -48.14 -0.69
CA TYR C 192 27.85 -46.83 -1.11
C TYR C 192 29.36 -46.88 -1.09
N ALA C 193 29.95 -47.33 -2.20
CA ALA C 193 31.38 -47.55 -2.29
C ALA C 193 32.06 -46.35 -2.92
N CYS C 194 33.23 -46.03 -2.37
CA CYS C 194 34.06 -44.92 -2.80
C CYS C 194 35.36 -45.49 -3.34
N GLU C 195 35.39 -45.76 -4.64
CA GLU C 195 36.59 -46.30 -5.26
C GLU C 195 37.64 -45.19 -5.39
N VAL C 196 38.75 -45.37 -4.69
CA VAL C 196 39.78 -44.35 -4.60
C VAL C 196 41.00 -44.85 -5.35
N THR C 197 41.30 -44.19 -6.47
CA THR C 197 42.47 -44.51 -7.28
C THR C 197 43.52 -43.43 -7.07
N HIS C 198 44.59 -43.77 -6.36
CA HIS C 198 45.66 -42.84 -6.07
C HIS C 198 46.98 -43.60 -6.16
N GLN C 199 48.06 -42.85 -6.41
CA GLN C 199 49.36 -43.47 -6.64
C GLN C 199 49.92 -44.13 -5.39
N GLY C 200 49.57 -43.62 -4.20
CA GLY C 200 49.98 -44.28 -2.98
C GLY C 200 49.24 -45.58 -2.72
N LEU C 201 48.11 -45.79 -3.37
CA LEU C 201 47.35 -47.02 -3.25
C LEU C 201 47.75 -47.96 -4.39
N SER C 202 48.13 -49.18 -4.03
CA SER C 202 48.47 -50.17 -5.05
C SER C 202 47.23 -50.64 -5.80
N SER C 203 46.09 -50.73 -5.12
CA SER C 203 44.83 -51.09 -5.71
C SER C 203 43.85 -49.92 -5.58
N PRO C 204 42.87 -49.80 -6.47
CA PRO C 204 41.83 -48.80 -6.26
C PRO C 204 40.93 -49.19 -5.09
N VAL C 205 41.11 -48.52 -3.97
CA VAL C 205 40.44 -48.93 -2.73
C VAL C 205 39.02 -48.41 -2.74
N THR C 206 38.06 -49.32 -2.63
CA THR C 206 36.66 -48.99 -2.58
C THR C 206 36.22 -48.94 -1.12
N LYS C 207 36.03 -47.74 -0.60
CA LYS C 207 35.58 -47.55 0.77
C LYS C 207 34.07 -47.53 0.76
N SER C 208 33.45 -48.54 1.35
CA SER C 208 32.02 -48.76 1.19
C SER C 208 31.33 -48.81 2.54
N PHE C 209 30.02 -48.56 2.51
CA PHE C 209 29.16 -48.77 3.66
C PHE C 209 27.77 -49.10 3.15
N ASN C 210 26.89 -49.44 4.07
CA ASN C 210 25.50 -49.71 3.75
C ASN C 210 24.60 -48.64 4.36
N ARG C 211 23.44 -48.47 3.76
CA ARG C 211 22.47 -47.53 4.30
C ARG C 211 21.84 -48.09 5.56
N GLY C 212 21.88 -47.32 6.64
CA GLY C 212 21.41 -47.79 7.92
C GLY C 212 22.34 -48.78 8.60
N GLU C 213 23.62 -48.78 8.24
CA GLU C 213 24.56 -49.74 8.81
C GLU C 213 25.08 -49.28 10.16
N CYS C 214 25.79 -48.17 10.19
CA CYS C 214 26.42 -47.69 11.43
C CYS C 214 25.41 -46.96 12.32
N GLU D 1 19.05 37.28 -36.86
CA GLU D 1 20.40 36.78 -36.66
C GLU D 1 20.40 35.36 -36.12
N VAL D 2 21.58 34.91 -35.74
CA VAL D 2 21.71 33.64 -35.01
C VAL D 2 21.30 33.91 -33.57
N GLN D 3 20.12 33.45 -33.20
CA GLN D 3 19.60 33.65 -31.86
C GLN D 3 19.19 32.31 -31.28
N LEU D 4 19.41 32.15 -29.98
CA LEU D 4 19.24 30.87 -29.33
C LEU D 4 18.18 30.92 -28.24
N VAL D 5 17.53 29.78 -28.04
CA VAL D 5 16.59 29.58 -26.96
C VAL D 5 17.07 28.37 -26.18
N GLN D 6 17.48 28.59 -24.94
CA GLN D 6 17.95 27.53 -24.07
C GLN D 6 16.89 27.17 -23.04
N SER D 7 16.89 25.92 -22.62
CA SER D 7 15.99 25.46 -21.58
C SER D 7 16.57 24.20 -20.95
N GLY D 8 16.57 24.13 -19.62
CA GLY D 8 16.09 25.17 -18.73
C GLY D 8 16.64 24.95 -17.34
N ALA D 9 16.21 25.78 -16.38
CA ALA D 9 16.72 25.68 -15.02
C ALA D 9 16.19 24.41 -14.35
N GLU D 10 17.11 23.62 -13.78
CA GLU D 10 16.75 22.33 -13.23
C GLU D 10 17.49 22.09 -11.93
N VAL D 11 16.94 21.21 -11.10
CA VAL D 11 17.51 20.83 -9.81
C VAL D 11 17.54 19.31 -9.76
N LYS D 12 18.74 18.73 -9.76
CA LYS D 12 18.90 17.28 -9.77
C LYS D 12 19.92 16.86 -8.71
N LYS D 13 19.60 15.78 -8.00
CA LYS D 13 20.49 15.27 -6.97
C LYS D 13 21.51 14.28 -7.57
N VAL D 18 20.42 14.28 -17.93
CA VAL D 18 19.68 15.51 -17.70
C VAL D 18 19.82 16.41 -18.92
N LYS D 19 18.79 16.43 -19.76
CA LYS D 19 18.87 17.11 -21.04
C LYS D 19 18.77 18.61 -20.89
N VAL D 20 19.47 19.31 -21.77
CA VAL D 20 19.46 20.77 -21.85
C VAL D 20 19.20 21.17 -23.29
N SER D 21 18.16 21.98 -23.49
CA SER D 21 17.77 22.38 -24.84
C SER D 21 18.57 23.59 -25.29
N CYS D 22 18.75 23.69 -26.62
CA CYS D 22 19.38 24.85 -27.25
C CYS D 22 18.76 24.97 -28.65
N LYS D 23 17.73 25.81 -28.75
CA LYS D 23 16.98 25.93 -29.98
C LYS D 23 17.62 26.96 -30.90
N ALA D 24 18.08 26.51 -32.07
CA ALA D 24 18.58 27.42 -33.07
C ALA D 24 17.42 28.10 -33.79
N SER D 25 17.60 29.39 -34.07
CA SER D 25 16.50 30.19 -34.59
C SER D 25 17.05 31.39 -35.35
N GLY D 26 16.38 31.73 -36.45
CA GLY D 26 16.64 32.96 -37.16
C GLY D 26 17.56 32.87 -38.35
N TYR D 27 17.94 31.67 -38.77
CA TYR D 27 18.97 31.50 -39.78
C TYR D 27 18.87 30.08 -40.34
N THR D 28 19.85 29.70 -41.15
CA THR D 28 19.88 28.39 -41.78
C THR D 28 20.70 27.40 -40.94
N PHE D 29 20.05 26.33 -40.51
CA PHE D 29 20.72 25.31 -39.72
C PHE D 29 21.65 24.50 -40.62
N THR D 30 22.48 23.66 -39.99
CA THR D 30 23.60 22.92 -40.59
C THR D 30 24.61 23.84 -41.24
N ASP D 31 24.70 25.06 -40.75
CA ASP D 31 25.69 26.02 -41.18
C ASP D 31 26.68 26.36 -40.09
N TYR D 32 26.35 26.07 -38.83
CA TYR D 32 27.19 26.43 -37.71
C TYR D 32 27.13 25.31 -36.70
N TYR D 33 28.19 25.20 -35.89
CA TYR D 33 28.42 24.02 -35.08
C TYR D 33 27.96 24.27 -33.66
N MET D 34 27.10 23.39 -33.16
CA MET D 34 26.68 23.47 -31.77
C MET D 34 27.84 23.18 -30.84
N ASN D 35 28.19 24.16 -30.00
CA ASN D 35 29.37 24.08 -29.17
C ASN D 35 28.94 24.38 -27.75
N TRP D 36 29.02 23.38 -26.87
CA TRP D 36 28.62 23.58 -25.49
C TRP D 36 29.81 24.00 -24.64
N VAL D 37 29.51 24.82 -23.63
CA VAL D 37 30.52 25.35 -22.72
C VAL D 37 29.80 25.71 -21.43
N ARG D 38 30.45 25.41 -20.31
CA ARG D 38 29.87 25.70 -19.01
C ARG D 38 30.67 26.76 -18.30
N GLN D 39 30.07 27.30 -17.26
CA GLN D 39 30.76 28.21 -16.36
C GLN D 39 30.32 27.83 -14.95
N ALA D 40 31.28 27.36 -14.15
CA ALA D 40 31.03 27.20 -12.74
C ALA D 40 30.78 28.57 -12.10
N PRO D 41 29.91 28.64 -11.10
CA PRO D 41 29.54 29.96 -10.53
C PRO D 41 30.72 30.63 -9.84
N GLY D 42 31.01 31.85 -10.28
CA GLY D 42 32.17 32.57 -9.80
C GLY D 42 33.48 32.04 -10.34
N GLN D 43 33.47 31.35 -11.48
CA GLN D 43 34.68 30.77 -12.02
C GLN D 43 34.88 31.13 -13.49
N GLY D 44 35.87 30.52 -14.12
CA GLY D 44 36.12 30.70 -15.53
C GLY D 44 35.20 29.85 -16.38
N LEU D 45 35.58 29.72 -17.65
CA LEU D 45 34.75 29.04 -18.64
C LEU D 45 35.39 27.72 -19.02
N GLU D 46 34.59 26.67 -18.98
CA GLU D 46 35.07 25.31 -19.23
C GLU D 46 34.40 24.82 -20.50
N TRP D 47 35.20 24.68 -21.56
CA TRP D 47 34.73 24.17 -22.83
C TRP D 47 34.30 22.71 -22.69
N ILE D 48 33.31 22.30 -23.48
CA ILE D 48 32.77 20.96 -23.32
C ILE D 48 32.98 20.14 -24.59
N GLY D 49 32.35 20.58 -25.69
CA GLY D 49 32.38 19.76 -26.88
C GLY D 49 31.82 20.51 -28.06
N VAL D 50 31.95 19.88 -29.24
CA VAL D 50 31.47 20.41 -30.51
C VAL D 50 30.85 19.24 -31.26
N ILE D 51 29.57 19.35 -31.60
CA ILE D 51 28.96 18.37 -32.51
C ILE D 51 28.66 19.06 -33.82
N SER D 52 28.84 18.34 -34.90
CA SER D 52 28.41 18.85 -36.19
C SER D 52 26.91 18.67 -36.31
N PRO D 53 26.24 19.47 -37.14
CA PRO D 53 24.84 19.16 -37.44
C PRO D 53 24.67 18.07 -38.49
N TYR D 54 25.74 17.76 -39.23
CA TYR D 54 25.65 16.69 -40.21
C TYR D 54 25.61 15.34 -39.54
N ASN D 55 26.33 15.20 -38.44
CA ASN D 55 26.44 13.94 -37.71
C ASN D 55 26.93 14.24 -36.30
N GLY D 56 26.70 13.28 -35.40
CA GLY D 56 27.12 13.47 -34.03
C GLY D 56 28.60 13.26 -33.80
N GLY D 57 29.43 14.09 -34.42
CA GLY D 57 30.86 14.04 -34.16
C GLY D 57 31.12 14.58 -32.78
N THR D 58 31.66 13.74 -31.91
CA THR D 58 31.62 14.05 -30.48
C THR D 58 32.64 15.12 -30.10
N THR D 59 33.93 14.80 -30.26
CA THR D 59 35.13 15.52 -29.81
C THR D 59 34.95 16.27 -28.50
N TYR D 60 34.55 15.54 -27.46
CA TYR D 60 34.30 16.14 -26.16
C TYR D 60 35.59 16.59 -25.49
N ASN D 61 35.43 17.22 -24.35
CA ASN D 61 36.53 17.46 -23.44
C ASN D 61 37.00 16.12 -22.87
N GLN D 62 38.27 16.06 -22.53
CA GLN D 62 38.85 14.91 -21.84
C GLN D 62 38.13 14.63 -20.53
N LYS D 63 37.82 15.68 -19.79
CA LYS D 63 37.19 15.52 -18.48
C LYS D 63 35.67 15.41 -18.56
N PHE D 64 35.06 15.76 -19.69
CA PHE D 64 33.62 15.85 -19.77
C PHE D 64 33.00 14.76 -20.62
N LYS D 65 33.79 13.79 -21.08
CA LYS D 65 33.27 12.77 -21.97
C LYS D 65 32.35 11.80 -21.24
N GLY D 66 32.51 11.67 -19.93
CA GLY D 66 31.69 10.75 -19.18
C GLY D 66 30.39 11.37 -18.74
N LYS D 67 30.47 12.54 -18.10
CA LYS D 67 29.28 13.15 -17.53
C LYS D 67 28.40 13.77 -18.60
N ALA D 68 29.00 14.48 -19.55
CA ALA D 68 28.26 15.22 -20.56
C ALA D 68 28.15 14.41 -21.84
N THR D 69 26.94 14.33 -22.39
CA THR D 69 26.67 13.68 -23.66
C THR D 69 25.87 14.62 -24.54
N LEU D 70 26.50 15.04 -25.65
CA LEU D 70 25.83 15.93 -26.63
C LEU D 70 25.13 15.03 -27.62
N THR D 71 23.91 15.37 -27.99
CA THR D 71 23.15 14.70 -29.02
C THR D 71 22.67 15.72 -30.05
N VAL D 72 22.24 15.20 -31.19
CA VAL D 72 21.89 16.03 -32.34
C VAL D 72 20.42 15.80 -32.63
N ASP D 73 19.73 16.87 -33.02
CA ASP D 73 18.34 16.82 -33.45
C ASP D 73 18.18 17.61 -34.75
N LYS D 74 18.98 17.24 -35.75
CA LYS D 74 19.20 18.03 -36.96
C LYS D 74 17.93 18.28 -37.79
N SER D 75 16.82 17.62 -37.51
CA SER D 75 15.56 17.96 -38.15
C SER D 75 15.04 19.29 -37.65
N THR D 76 14.71 19.36 -36.36
CA THR D 76 14.23 20.59 -35.73
C THR D 76 15.39 21.18 -34.95
N SER D 77 15.79 22.40 -35.32
CA SER D 77 17.15 22.93 -35.15
C SER D 77 17.70 22.98 -33.72
N THR D 78 16.94 22.50 -32.74
CA THR D 78 17.43 22.30 -31.39
C THR D 78 18.55 21.26 -31.36
N ALA D 79 19.33 21.31 -30.29
CA ALA D 79 20.28 20.26 -29.95
C ALA D 79 20.27 20.07 -28.45
N TYR D 80 20.81 18.94 -27.99
CA TYR D 80 20.68 18.56 -26.60
C TYR D 80 22.01 18.13 -26.02
N MET D 81 22.28 18.55 -24.79
CA MET D 81 23.39 18.07 -24.00
C MET D 81 22.82 17.45 -22.73
N GLU D 82 23.15 16.19 -22.50
CA GLU D 82 22.60 15.47 -21.35
C GLU D 82 23.69 15.19 -20.32
N LEU D 83 23.24 14.91 -19.11
CA LEU D 83 24.15 14.97 -17.96
C LEU D 83 23.66 14.00 -16.90
N SER D 84 24.61 13.49 -16.12
CA SER D 84 24.33 12.55 -15.04
C SER D 84 24.87 13.12 -13.74
N SER D 85 23.96 13.70 -12.94
CA SER D 85 24.25 14.31 -11.62
C SER D 85 25.37 15.34 -11.64
N THR D 91 25.31 22.07 -11.11
CA THR D 91 26.32 22.67 -10.26
C THR D 91 26.98 23.86 -10.95
N ALA D 92 26.45 24.25 -12.10
CA ALA D 92 27.01 25.34 -12.88
C ALA D 92 25.96 25.88 -13.85
N VAL D 93 26.33 26.92 -14.59
CA VAL D 93 25.51 27.45 -15.65
C VAL D 93 26.12 26.97 -16.97
N TYR D 94 25.28 26.89 -18.00
CA TYR D 94 25.64 26.23 -19.24
C TYR D 94 25.30 27.12 -20.42
N TYR D 95 26.07 26.97 -21.51
CA TYR D 95 25.95 27.82 -22.67
C TYR D 95 26.19 27.00 -23.94
N CYS D 96 25.47 27.35 -24.99
CA CYS D 96 25.68 26.80 -26.31
C CYS D 96 26.03 27.93 -27.27
N VAL D 97 27.12 27.77 -28.02
CA VAL D 97 27.63 28.82 -28.89
C VAL D 97 27.80 28.17 -30.26
N TYR D 98 27.93 29.00 -31.29
CA TYR D 98 28.26 28.52 -32.62
C TYR D 98 29.65 29.00 -33.03
N ASP D 99 30.01 28.69 -34.28
CA ASP D 99 31.21 29.23 -34.95
C ASP D 99 32.47 28.86 -34.16
N LEU D 100 32.80 27.55 -34.26
CA LEU D 100 33.70 26.89 -33.32
C LEU D 100 35.08 27.53 -33.21
N TYR D 101 35.59 28.12 -34.28
CA TYR D 101 36.85 28.84 -34.19
C TYR D 101 36.71 30.10 -33.35
N TYR D 102 35.61 30.83 -33.55
CA TYR D 102 35.24 31.99 -32.74
C TYR D 102 34.52 31.51 -31.49
N PHE D 103 33.79 32.41 -30.82
CA PHE D 103 32.56 32.09 -30.08
C PHE D 103 31.73 33.36 -30.03
N ASP D 104 30.81 33.52 -30.98
CA ASP D 104 30.08 34.76 -31.14
C ASP D 104 28.58 34.65 -30.96
N TYR D 105 28.05 33.43 -30.85
CA TYR D 105 26.62 33.18 -30.98
C TYR D 105 26.13 32.52 -29.71
N TRP D 106 26.43 33.17 -28.60
CA TRP D 106 26.15 32.66 -27.27
C TRP D 106 24.65 32.53 -27.03
N GLY D 107 24.28 31.50 -26.29
CA GLY D 107 22.89 31.24 -25.97
C GLY D 107 22.39 32.03 -24.79
N GLN D 108 21.40 31.46 -24.12
CA GLN D 108 20.75 32.16 -23.01
C GLN D 108 21.59 32.09 -21.74
N GLY D 109 21.89 30.87 -21.30
CA GLY D 109 22.40 30.65 -19.97
C GLY D 109 21.47 29.70 -19.25
N THR D 110 21.99 28.53 -18.86
CA THR D 110 21.15 27.47 -18.31
C THR D 110 21.80 26.98 -17.02
N LEU D 111 21.24 27.39 -15.89
CA LEU D 111 21.77 26.97 -14.60
C LEU D 111 21.19 25.63 -14.21
N VAL D 112 22.06 24.71 -13.81
CA VAL D 112 21.69 23.42 -13.27
C VAL D 112 22.41 23.27 -11.94
N THR D 113 21.70 22.79 -10.93
CA THR D 113 22.24 22.68 -9.57
C THR D 113 22.44 21.21 -9.23
N VAL D 114 23.64 20.88 -8.74
CA VAL D 114 23.91 19.55 -8.22
C VAL D 114 24.21 19.63 -6.73
N SER D 115 20.43 19.66 -7.37
CA SER D 115 20.75 19.57 -5.96
C SER D 115 19.91 18.52 -5.27
N SER D 116 20.28 18.21 -4.03
CA SER D 116 19.52 17.29 -3.19
C SER D 116 18.55 17.99 -2.27
N ALA D 117 18.55 19.32 -2.25
CA ALA D 117 17.67 20.07 -1.36
C ALA D 117 16.25 20.12 -1.91
N SER D 118 15.29 20.31 -1.01
CA SER D 118 13.90 20.43 -1.40
C SER D 118 13.48 21.89 -1.43
N THR D 119 12.42 22.16 -2.20
CA THR D 119 11.95 23.53 -2.40
C THR D 119 11.31 24.08 -1.14
N LYS D 120 11.88 25.15 -0.59
CA LYS D 120 11.40 25.73 0.65
C LYS D 120 11.43 27.24 0.61
N GLY D 121 10.46 27.84 1.29
CA GLY D 121 10.47 29.26 1.52
C GLY D 121 11.44 29.65 2.61
N PRO D 122 11.82 30.92 2.61
CA PRO D 122 12.83 31.38 3.57
C PRO D 122 12.23 31.59 4.95
N SER D 123 13.12 31.91 5.89
CA SER D 123 12.76 32.24 7.26
C SER D 123 13.53 33.51 7.60
N VAL D 124 12.90 34.66 7.37
CA VAL D 124 13.59 35.93 7.56
C VAL D 124 13.65 36.28 9.04
N PHE D 125 14.85 36.56 9.52
CA PHE D 125 15.06 36.95 10.92
C PHE D 125 15.67 38.34 10.95
N PRO D 126 14.90 39.38 10.65
CA PRO D 126 15.47 40.69 10.37
C PRO D 126 15.88 41.44 11.63
N LEU D 127 16.54 42.57 11.40
CA LEU D 127 16.46 43.70 12.31
C LEU D 127 16.16 44.94 11.49
N ALA D 128 15.00 45.54 11.74
CA ALA D 128 14.67 46.86 11.21
C ALA D 128 14.37 47.83 12.36
N PRO D 129 15.39 48.30 13.09
CA PRO D 129 15.16 49.37 14.05
C PRO D 129 15.03 50.68 13.31
N CYS D 130 14.39 51.65 13.95
CA CYS D 130 14.14 52.93 13.28
C CYS D 130 15.28 53.92 13.48
N SER D 131 16.51 53.43 13.22
CA SER D 131 17.77 54.16 13.33
C SER D 131 17.95 54.81 14.69
N ARG D 132 17.45 54.14 15.73
CA ARG D 132 17.57 54.59 17.12
C ARG D 132 18.17 53.50 17.98
N SER D 133 19.19 52.80 17.46
CA SER D 133 19.86 51.74 18.19
C SER D 133 20.59 52.28 19.40
N THR D 134 21.64 53.08 19.20
CA THR D 134 22.23 53.84 20.30
C THR D 134 22.19 55.34 20.07
N SER D 135 22.92 55.87 19.07
CA SER D 135 22.92 57.32 18.90
C SER D 135 23.12 57.79 17.46
N GLU D 136 23.25 56.89 16.49
CA GLU D 136 23.75 57.25 15.17
C GLU D 136 22.63 57.80 14.30
N SER D 137 22.93 58.89 13.59
CA SER D 137 21.96 59.55 12.73
C SER D 137 21.51 58.66 11.57
N THR D 138 22.43 58.36 10.65
CA THR D 138 22.12 57.50 9.53
C THR D 138 22.51 56.07 9.89
N ALA D 139 21.68 55.43 10.71
CA ALA D 139 21.90 54.06 11.11
C ALA D 139 21.20 53.13 10.14
N ALA D 140 21.67 51.89 10.08
CA ALA D 140 21.20 50.95 9.08
C ALA D 140 20.16 49.98 9.66
N LEU D 141 19.58 49.20 8.76
CA LEU D 141 18.68 48.12 9.11
C LEU D 141 18.72 47.12 7.98
N GLY D 142 18.36 45.87 8.28
CA GLY D 142 18.36 44.88 7.21
C GLY D 142 17.69 43.59 7.63
N CYS D 143 17.23 42.86 6.62
CA CYS D 143 16.58 41.58 6.81
C CYS D 143 17.57 40.46 6.58
N LEU D 144 17.29 39.31 7.20
CA LEU D 144 18.17 38.16 7.19
C LEU D 144 17.41 37.03 6.50
N VAL D 145 17.48 36.99 5.17
CA VAL D 145 16.72 36.02 4.40
C VAL D 145 17.42 34.68 4.51
N LYS D 146 16.84 33.78 5.30
CA LYS D 146 17.52 32.56 5.72
C LYS D 146 16.72 31.34 5.32
N ASP D 147 17.42 30.31 4.84
CA ASP D 147 16.93 28.94 4.66
C ASP D 147 15.81 28.85 3.62
N TYR D 148 16.16 29.18 2.38
CA TYR D 148 15.26 28.99 1.25
C TYR D 148 15.92 28.13 0.19
N PHE D 149 15.08 27.56 -0.67
CA PHE D 149 15.53 26.77 -1.80
C PHE D 149 14.37 26.68 -2.77
N PRO D 150 14.59 26.81 -4.08
CA PRO D 150 15.87 27.11 -4.72
C PRO D 150 16.12 28.60 -4.82
N GLU D 151 17.02 28.96 -5.73
CA GLU D 151 17.22 30.34 -6.06
C GLU D 151 16.02 30.87 -6.85
N PRO D 152 15.77 32.19 -6.79
CA PRO D 152 16.27 33.19 -5.86
C PRO D 152 15.18 33.65 -4.91
N VAL D 153 15.48 34.66 -4.11
CA VAL D 153 14.47 35.44 -3.42
C VAL D 153 14.45 36.83 -4.02
N THR D 154 13.28 37.46 -3.99
CA THR D 154 13.10 38.81 -4.49
C THR D 154 12.64 39.68 -3.34
N VAL D 155 13.46 40.66 -2.96
CA VAL D 155 13.26 41.46 -1.77
C VAL D 155 13.00 42.90 -2.19
N SER D 156 11.95 43.50 -1.67
CA SER D 156 11.63 44.89 -1.92
C SER D 156 11.26 45.56 -0.61
N TRP D 157 11.71 46.80 -0.43
CA TRP D 157 11.47 47.55 0.80
C TRP D 157 10.19 48.36 0.67
N ASN D 158 9.19 47.99 1.48
CA ASN D 158 7.87 48.62 1.53
C ASN D 158 7.21 48.60 0.16
N SER D 159 7.12 47.38 -0.40
CA SER D 159 6.70 47.12 -1.78
C SER D 159 7.55 47.91 -2.77
N GLY D 160 8.85 47.95 -2.52
CA GLY D 160 9.78 48.63 -3.40
C GLY D 160 9.79 50.13 -3.27
N ALA D 161 9.23 50.69 -2.20
CA ALA D 161 9.24 52.14 -2.03
C ALA D 161 10.63 52.65 -1.72
N LEU D 162 11.26 52.12 -0.67
CA LEU D 162 12.61 52.54 -0.31
C LEU D 162 13.59 51.90 -1.27
N THR D 163 14.18 52.71 -2.14
CA THR D 163 15.12 52.25 -3.14
C THR D 163 16.55 52.71 -2.92
N SER D 164 16.74 53.83 -2.23
CA SER D 164 18.09 54.30 -1.93
C SER D 164 18.65 53.54 -0.72
N GLY D 165 19.95 53.28 -0.74
CA GLY D 165 20.59 52.52 0.30
C GLY D 165 20.34 51.04 0.26
N VAL D 166 19.60 50.55 -0.74
CA VAL D 166 19.33 49.12 -0.85
C VAL D 166 20.60 48.40 -1.26
N HIS D 167 21.03 47.44 -0.45
CA HIS D 167 22.23 46.65 -0.74
C HIS D 167 21.86 45.18 -0.60
N THR D 168 21.43 44.59 -1.71
CA THR D 168 21.10 43.18 -1.77
C THR D 168 22.38 42.36 -1.82
N PHE D 169 22.52 41.48 -0.93
CA PHE D 169 23.72 40.67 -0.92
C PHE D 169 23.46 39.36 -1.64
N PRO D 170 24.48 38.81 -2.30
CA PRO D 170 24.27 37.57 -3.06
C PRO D 170 23.99 36.38 -2.15
N ALA D 171 23.35 35.38 -2.74
CA ALA D 171 22.90 34.22 -1.99
C ALA D 171 24.09 33.35 -1.61
N VAL D 172 24.61 33.54 -0.40
CA VAL D 172 25.66 32.67 0.13
C VAL D 172 25.00 31.36 0.53
N LEU D 173 25.57 30.26 0.04
CA LEU D 173 24.92 28.97 0.12
C LEU D 173 25.36 28.25 1.39
N GLN D 174 24.40 27.76 2.15
CA GLN D 174 24.72 27.02 3.37
C GLN D 174 25.31 25.67 3.06
N SER D 175 26.34 25.31 3.82
CA SER D 175 26.80 23.94 3.93
C SER D 175 25.93 23.11 4.86
N SER D 176 24.87 23.73 5.35
CA SER D 176 23.99 23.04 6.31
C SER D 176 23.05 22.13 5.53
N GLY D 177 22.11 22.71 4.78
CA GLY D 177 21.12 21.93 4.09
C GLY D 177 20.98 22.32 2.64
N LEU D 178 22.01 22.99 2.12
CA LEU D 178 22.03 23.60 0.79
C LEU D 178 20.91 24.62 0.63
N TYR D 179 20.61 25.33 1.72
CA TYR D 179 19.61 26.39 1.74
C TYR D 179 20.33 27.71 1.80
N SER D 180 20.42 28.40 0.65
CA SER D 180 21.27 29.57 0.56
C SER D 180 20.71 30.74 1.37
N LEU D 181 21.57 31.71 1.62
CA LEU D 181 21.28 32.82 2.52
C LEU D 181 21.52 34.12 1.81
N SER D 182 20.55 35.03 1.88
CA SER D 182 20.77 36.38 1.40
C SER D 182 20.38 37.36 2.50
N SER D 183 20.70 38.62 2.27
CA SER D 183 20.36 39.68 3.20
C SER D 183 20.35 40.99 2.44
N VAL D 184 19.31 41.78 2.61
CA VAL D 184 19.20 43.08 1.96
C VAL D 184 19.11 44.12 3.06
N VAL D 185 19.92 45.17 2.96
CA VAL D 185 20.02 46.17 4.01
C VAL D 185 19.79 47.55 3.43
N THR D 186 19.33 48.47 4.28
CA THR D 186 19.13 49.87 3.95
C THR D 186 19.58 50.74 5.11
N VAL D 187 19.94 51.98 4.80
CA VAL D 187 20.41 52.94 5.78
C VAL D 187 19.45 54.15 5.77
N PRO D 188 18.47 54.17 6.66
CA PRO D 188 17.68 55.40 6.83
C PRO D 188 18.30 56.32 7.86
N SER D 189 17.64 57.43 8.17
CA SER D 189 18.13 58.38 9.16
C SER D 189 17.37 58.23 10.48
N SER D 190 17.94 58.83 11.54
CA SER D 190 17.35 58.71 12.87
C SER D 190 16.09 59.54 13.03
N SER D 191 15.90 60.54 12.19
CA SER D 191 14.65 61.31 12.19
C SER D 191 13.62 60.68 11.28
N LEU D 192 13.47 59.35 11.39
CA LEU D 192 12.51 58.55 10.65
C LEU D 192 11.93 57.48 11.58
N GLY D 193 11.80 57.82 12.87
CA GLY D 193 11.42 56.83 13.87
C GLY D 193 10.00 56.33 13.72
N THR D 194 9.12 57.15 13.17
CA THR D 194 7.77 56.71 12.87
C THR D 194 7.65 56.22 11.43
N LYS D 195 8.59 55.37 11.01
CA LYS D 195 8.57 54.75 9.69
C LYS D 195 9.07 53.32 9.82
N THR D 196 8.20 52.37 9.57
CA THR D 196 8.60 50.98 9.43
C THR D 196 9.06 50.72 8.00
N TYR D 197 9.95 49.75 7.85
CA TYR D 197 10.52 49.42 6.56
C TYR D 197 10.40 47.92 6.36
N THR D 198 9.54 47.51 5.44
CA THR D 198 9.19 46.11 5.28
C THR D 198 9.90 45.56 4.05
N CYS D 199 10.92 44.75 4.28
CA CYS D 199 11.45 43.92 3.21
C CYS D 199 10.36 42.92 2.80
N ASN D 200 10.13 42.83 1.50
CA ASN D 200 9.03 42.01 1.00
C ASN D 200 9.68 40.87 0.22
N VAL D 201 10.04 39.82 0.95
CA VAL D 201 10.77 38.69 0.40
C VAL D 201 9.78 37.76 -0.26
N ASP D 202 9.93 37.56 -1.57
CA ASP D 202 8.99 36.76 -2.34
C ASP D 202 9.74 35.65 -3.06
N HIS D 203 9.92 34.52 -2.38
CA HIS D 203 10.56 33.34 -2.96
C HIS D 203 9.52 32.64 -3.82
N LYS D 204 9.54 32.96 -5.10
CA LYS D 204 8.49 32.50 -6.01
C LYS D 204 8.52 31.01 -6.38
N PRO D 205 9.66 30.32 -6.54
CA PRO D 205 9.56 28.85 -6.77
C PRO D 205 9.02 28.05 -5.59
N SER D 206 8.99 28.61 -4.38
CA SER D 206 8.18 28.03 -3.31
C SER D 206 6.91 28.81 -3.05
N ASN D 207 6.71 29.94 -3.75
CA ASN D 207 5.51 30.78 -3.68
C ASN D 207 5.25 31.29 -2.26
N THR D 208 6.33 31.74 -1.62
CA THR D 208 6.26 32.23 -0.25
C THR D 208 6.57 33.72 -0.23
N LYS D 209 5.76 34.49 0.49
CA LYS D 209 5.86 35.94 0.52
C LYS D 209 6.01 36.40 1.96
N VAL D 210 7.16 36.98 2.28
CA VAL D 210 7.53 37.29 3.66
C VAL D 210 7.66 38.80 3.82
N ASP D 211 6.99 39.35 4.83
CA ASP D 211 7.02 40.77 5.14
C ASP D 211 7.39 40.94 6.61
N LYS D 212 8.26 41.90 6.89
CA LYS D 212 8.89 41.98 8.21
C LYS D 212 9.00 43.42 8.70
N ARG D 213 9.35 43.53 10.00
CA ARG D 213 9.77 44.72 10.71
C ARG D 213 10.17 44.27 12.11
N VAL D 214 10.90 45.15 12.83
CA VAL D 214 11.42 44.85 14.16
C VAL D 214 11.23 46.08 15.05
N GLU D 215 10.79 45.85 16.30
CA GLU D 215 10.57 46.92 17.27
C GLU D 215 11.64 46.89 18.36
N SER D 216 11.55 47.84 19.29
CA SER D 216 12.50 47.97 20.39
C SER D 216 12.11 47.03 21.54
N LYS D 217 12.72 47.24 22.71
CA LYS D 217 12.59 46.34 23.85
C LYS D 217 12.37 47.13 25.14
N TYR D 218 11.40 48.05 25.10
CA TYR D 218 11.10 49.02 26.18
C TYR D 218 12.35 49.79 26.64
N GLY D 219 12.89 50.58 25.72
CA GLY D 219 14.06 51.37 26.03
C GLY D 219 13.76 52.58 26.88
N PRO D 220 14.74 53.49 27.03
CA PRO D 220 14.56 54.68 27.87
C PRO D 220 13.69 55.74 27.20
N GLU E 1 24.37 -25.38 -43.44
CA GLU E 1 24.95 -24.10 -43.85
C GLU E 1 25.04 -23.14 -42.68
N VAL E 2 25.38 -21.88 -43.00
CA VAL E 2 25.31 -20.81 -42.04
C VAL E 2 23.85 -20.40 -41.92
N GLN E 3 23.22 -20.79 -40.82
CA GLN E 3 21.81 -20.49 -40.59
C GLN E 3 21.67 -19.80 -39.25
N LEU E 4 20.74 -18.87 -39.17
CA LEU E 4 20.61 -18.00 -38.01
C LEU E 4 19.25 -18.14 -37.35
N VAL E 5 19.24 -17.93 -36.04
CA VAL E 5 18.03 -17.87 -35.26
C VAL E 5 18.03 -16.54 -34.54
N GLN E 6 17.09 -15.67 -34.89
CA GLN E 6 16.98 -14.36 -34.28
C GLN E 6 15.80 -14.34 -33.32
N SER E 7 15.93 -13.51 -32.28
CA SER E 7 14.87 -13.33 -31.30
C SER E 7 15.06 -11.99 -30.62
N GLY E 8 13.98 -11.21 -30.49
CA GLY E 8 12.65 -11.54 -30.97
C GLY E 8 11.81 -10.27 -31.05
N ALA E 9 10.53 -10.43 -31.40
CA ALA E 9 9.66 -9.27 -31.55
C ALA E 9 9.35 -8.65 -30.19
N GLU E 10 9.57 -7.34 -30.07
CA GLU E 10 9.44 -6.66 -28.79
C GLU E 10 8.76 -5.31 -28.98
N VAL E 11 8.18 -4.82 -27.90
CA VAL E 11 7.50 -3.52 -27.87
C VAL E 11 8.03 -2.76 -26.67
N LYS E 12 8.75 -1.67 -26.92
CA LYS E 12 9.37 -0.87 -25.87
C LYS E 12 9.07 0.61 -26.08
N LYS E 13 8.76 1.30 -24.98
CA LYS E 13 8.48 2.73 -25.06
C LYS E 13 9.75 3.54 -24.92
N VAL E 18 17.89 -2.98 -24.86
CA VAL E 18 16.92 -3.94 -25.37
C VAL E 18 17.64 -4.95 -26.25
N LYS E 19 17.90 -6.13 -25.69
CA LYS E 19 18.74 -7.11 -26.35
C LYS E 19 18.02 -7.80 -27.49
N VAL E 20 18.77 -8.16 -28.52
CA VAL E 20 18.29 -8.89 -29.67
C VAL E 20 19.22 -10.07 -29.91
N SER E 21 18.66 -11.27 -29.95
CA SER E 21 19.46 -12.48 -30.11
C SER E 21 19.72 -12.76 -31.58
N CYS E 22 20.85 -13.42 -31.84
CA CYS E 22 21.20 -13.91 -33.18
C CYS E 22 22.04 -15.16 -32.99
N LYS E 23 21.39 -16.32 -33.04
CA LYS E 23 22.06 -17.58 -32.75
C LYS E 23 22.70 -18.13 -34.02
N ALA E 24 24.02 -18.25 -34.00
CA ALA E 24 24.72 -18.92 -35.09
C ALA E 24 24.57 -20.42 -34.97
N SER E 25 24.39 -21.07 -36.13
CA SER E 25 24.07 -22.49 -36.13
C SER E 25 24.49 -23.10 -37.46
N GLY E 26 24.99 -24.33 -37.39
CA GLY E 26 25.22 -25.13 -38.57
C GLY E 26 26.62 -25.13 -39.12
N TYR E 27 27.58 -24.55 -38.41
CA TYR E 27 28.91 -24.32 -38.95
C TYR E 27 29.86 -24.03 -37.79
N THR E 28 31.08 -23.64 -38.12
CA THR E 28 32.10 -23.34 -37.13
C THR E 28 32.12 -21.86 -36.79
N PHE E 29 31.90 -21.54 -35.51
CA PHE E 29 31.90 -20.16 -35.06
C PHE E 29 33.35 -19.65 -35.02
N THR E 30 33.49 -18.34 -34.82
CA THR E 30 34.73 -17.56 -34.93
C THR E 30 35.35 -17.67 -36.31
N ASP E 31 34.51 -17.91 -37.32
CA ASP E 31 34.93 -17.94 -38.70
C ASP E 31 34.32 -16.81 -39.50
N TYR E 32 33.25 -16.20 -39.00
CA TYR E 32 32.53 -15.17 -39.73
C TYR E 32 32.09 -14.11 -38.74
N TYR E 33 31.91 -12.89 -39.24
CA TYR E 33 31.78 -11.73 -38.39
C TYR E 33 30.31 -11.36 -38.24
N MET E 34 29.87 -11.25 -37.00
CA MET E 34 28.51 -10.79 -36.72
C MET E 34 28.34 -9.34 -37.14
N ASN E 35 27.43 -9.12 -38.08
CA ASN E 35 27.26 -7.80 -38.68
C ASN E 35 25.79 -7.44 -38.57
N TRP E 36 25.47 -6.43 -37.78
CA TRP E 36 24.09 -6.02 -37.62
C TRP E 36 23.72 -4.93 -38.62
N VAL E 37 22.46 -4.96 -39.04
CA VAL E 37 21.93 -4.02 -40.01
C VAL E 37 20.43 -3.95 -39.80
N ARG E 38 19.87 -2.75 -39.89
CA ARG E 38 18.46 -2.55 -39.69
C ARG E 38 17.81 -2.11 -40.99
N GLN E 39 16.49 -2.19 -40.99
CA GLN E 39 15.69 -1.65 -42.07
C GLN E 39 14.49 -0.99 -41.44
N ALA E 40 14.40 0.33 -41.59
CA ALA E 40 13.18 1.04 -41.22
C ALA E 40 12.05 0.57 -42.14
N PRO E 41 10.83 0.50 -41.62
CA PRO E 41 9.71 -0.06 -42.41
C PRO E 41 9.38 0.81 -43.62
N GLY E 42 9.41 0.18 -44.79
CA GLY E 42 9.23 0.91 -46.03
C GLY E 42 10.42 1.75 -46.44
N GLN E 43 11.61 1.43 -45.93
CA GLN E 43 12.79 2.23 -46.23
C GLN E 43 13.94 1.38 -46.72
N GLY E 44 15.12 1.99 -46.86
CA GLY E 44 16.32 1.28 -47.24
C GLY E 44 16.96 0.58 -46.06
N LEU E 45 18.21 0.20 -46.25
CA LEU E 45 18.94 -0.60 -45.28
C LEU E 45 20.01 0.25 -44.62
N GLU E 46 20.04 0.23 -43.30
CA GLU E 46 20.95 1.05 -42.51
C GLU E 46 21.92 0.13 -41.80
N TRP E 47 23.18 0.14 -42.23
CA TRP E 47 24.22 -0.66 -41.60
C TRP E 47 24.47 -0.17 -40.17
N ILE E 48 24.85 -1.10 -39.30
CA ILE E 48 25.02 -0.74 -37.90
C ILE E 48 26.46 -0.93 -37.45
N GLY E 49 26.93 -2.16 -37.48
CA GLY E 49 28.24 -2.42 -36.91
C GLY E 49 28.71 -3.83 -37.24
N VAL E 50 29.97 -4.08 -36.89
CA VAL E 50 30.62 -5.38 -37.09
C VAL E 50 31.42 -5.67 -35.83
N ILE E 51 31.13 -6.78 -35.15
CA ILE E 51 31.98 -7.24 -34.06
C ILE E 51 32.68 -8.51 -34.52
N SER E 52 33.93 -8.65 -34.12
CA SER E 52 34.63 -9.90 -34.32
C SER E 52 34.16 -10.90 -33.29
N PRO E 53 34.27 -12.21 -33.56
CA PRO E 53 34.05 -13.19 -32.50
C PRO E 53 35.26 -13.36 -31.61
N TYR E 54 36.43 -12.90 -32.02
CA TYR E 54 37.61 -13.01 -31.17
C TYR E 54 37.54 -12.01 -30.03
N ASN E 55 36.98 -10.84 -30.29
CA ASN E 55 36.89 -9.76 -29.31
C ASN E 55 35.82 -8.78 -29.77
N GLY E 56 35.33 -8.00 -28.82
CA GLY E 56 34.31 -7.03 -29.14
C GLY E 56 34.81 -5.79 -29.85
N GLY E 57 35.38 -5.96 -31.05
CA GLY E 57 35.77 -4.82 -31.85
C GLY E 57 34.54 -4.12 -32.35
N THR E 58 34.35 -2.87 -31.97
CA THR E 58 33.03 -2.25 -32.11
C THR E 58 32.75 -1.85 -33.55
N THR E 59 33.55 -0.91 -34.08
CA THR E 59 33.41 -0.19 -35.35
C THR E 59 31.96 0.07 -35.76
N TYR E 60 31.21 0.72 -34.88
CA TYR E 60 29.80 1.00 -35.13
C TYR E 60 29.62 2.03 -36.23
N ASN E 61 28.36 2.26 -36.57
CA ASN E 61 28.00 3.41 -37.37
C ASN E 61 28.21 4.68 -36.55
N GLN E 62 28.48 5.77 -37.26
CA GLN E 62 28.59 7.10 -36.65
C GLN E 62 27.31 7.46 -35.90
N LYS E 63 26.17 7.18 -36.52
CA LYS E 63 24.89 7.54 -35.95
C LYS E 63 24.36 6.52 -34.94
N PHE E 64 24.90 5.31 -34.93
CA PHE E 64 24.34 4.24 -34.13
C PHE E 64 25.19 3.86 -32.94
N LYS E 65 26.27 4.60 -32.68
CA LYS E 65 27.17 4.23 -31.58
C LYS E 65 26.54 4.46 -30.22
N GLY E 66 25.58 5.38 -30.14
CA GLY E 66 24.95 5.67 -28.88
C GLY E 66 23.80 4.74 -28.56
N LYS E 67 22.88 4.59 -29.51
CA LYS E 67 21.67 3.81 -29.26
C LYS E 67 21.97 2.32 -29.28
N ALA E 68 22.73 1.86 -30.27
CA ALA E 68 22.98 0.44 -30.46
C ALA E 68 24.30 0.04 -29.82
N THR E 69 24.28 -1.05 -29.06
CA THR E 69 25.46 -1.63 -28.44
C THR E 69 25.50 -3.12 -28.78
N LEU E 70 26.53 -3.51 -29.55
CA LEU E 70 26.72 -4.94 -29.90
C LEU E 70 27.60 -5.54 -28.83
N THR E 71 27.25 -6.74 -28.39
CA THR E 71 28.04 -7.52 -27.46
C THR E 71 28.31 -8.89 -28.04
N VAL E 72 29.27 -9.58 -27.44
CA VAL E 72 29.76 -10.85 -27.94
C VAL E 72 29.47 -11.92 -26.89
N ASP E 73 29.11 -13.11 -27.36
CA ASP E 73 28.89 -14.27 -26.51
C ASP E 73 29.61 -15.47 -27.11
N LYS E 74 30.92 -15.31 -27.36
CA LYS E 74 31.71 -16.23 -28.18
C LYS E 74 31.77 -17.67 -27.68
N SER E 75 31.33 -17.94 -26.46
CA SER E 75 31.20 -19.33 -26.01
C SER E 75 30.07 -20.03 -26.73
N THR E 76 28.84 -19.57 -26.51
CA THR E 76 27.66 -20.13 -27.17
C THR E 76 27.27 -19.19 -28.30
N SER E 77 27.29 -19.69 -29.53
CA SER E 77 27.52 -18.92 -30.75
C SER E 77 26.55 -17.77 -31.04
N THR E 78 25.59 -17.52 -30.16
CA THR E 78 24.76 -16.33 -30.22
C THR E 78 25.60 -15.05 -30.05
N ALA E 79 25.01 -13.95 -30.50
CA ALA E 79 25.53 -12.62 -30.22
C ALA E 79 24.35 -11.69 -29.98
N TYR E 80 24.62 -10.54 -29.38
CA TYR E 80 23.56 -9.67 -28.92
C TYR E 80 23.80 -8.23 -29.34
N MET E 81 22.73 -7.58 -29.76
CA MET E 81 22.72 -6.13 -30.01
C MET E 81 21.67 -5.53 -29.09
N GLU E 82 22.08 -4.57 -28.28
CA GLU E 82 21.18 -3.97 -27.30
C GLU E 82 20.88 -2.53 -27.67
N LEU E 83 19.79 -2.01 -27.12
CA LEU E 83 19.21 -0.79 -27.65
C LEU E 83 18.49 -0.06 -26.52
N SER E 84 18.44 1.26 -26.63
CA SER E 84 17.77 2.12 -25.65
C SER E 84 16.70 2.94 -26.35
N SER E 85 15.44 2.50 -26.24
CA SER E 85 14.25 3.14 -26.81
C SER E 85 14.35 3.41 -28.32
N THR E 91 11.36 0.47 -33.61
CA THR E 91 10.86 1.35 -34.66
C THR E 91 11.26 0.85 -36.04
N ALA E 92 11.85 -0.34 -36.09
CA ALA E 92 12.32 -0.90 -37.35
C ALA E 92 12.47 -2.41 -37.20
N VAL E 93 12.86 -3.07 -38.29
CA VAL E 93 13.20 -4.47 -38.28
C VAL E 93 14.72 -4.57 -38.34
N TYR E 94 15.25 -5.68 -37.83
CA TYR E 94 16.68 -5.81 -37.59
C TYR E 94 17.18 -7.13 -38.16
N TYR E 95 18.45 -7.14 -38.56
CA TYR E 95 19.05 -8.27 -39.23
C TYR E 95 20.50 -8.42 -38.79
N CYS E 96 20.95 -9.67 -38.71
CA CYS E 96 22.34 -10.01 -38.47
C CYS E 96 22.84 -10.84 -39.64
N VAL E 97 23.98 -10.43 -40.20
CA VAL E 97 24.53 -11.07 -41.39
C VAL E 97 25.97 -11.42 -41.06
N TYR E 98 26.57 -12.30 -41.86
CA TYR E 98 27.99 -12.58 -41.74
C TYR E 98 28.73 -12.10 -42.99
N ASP E 99 30.03 -12.40 -43.04
CA ASP E 99 30.88 -12.21 -44.22
C ASP E 99 30.90 -10.74 -44.63
N LEU E 100 31.61 -9.95 -43.80
CA LEU E 100 31.46 -8.49 -43.75
C LEU E 100 31.70 -7.80 -45.08
N TYR E 101 32.57 -8.33 -45.92
CA TYR E 101 32.76 -7.77 -47.25
C TYR E 101 31.54 -8.00 -48.13
N TYR E 102 30.97 -9.19 -48.07
CA TYR E 102 29.72 -9.54 -48.71
C TYR E 102 28.55 -9.10 -47.83
N PHE E 103 27.36 -9.65 -48.07
CA PHE E 103 26.34 -9.92 -47.03
C PHE E 103 25.48 -11.07 -47.55
N ASP E 104 25.83 -12.30 -47.17
CA ASP E 104 25.19 -13.48 -47.75
C ASP E 104 24.45 -14.33 -46.73
N TYR E 105 24.59 -14.06 -45.44
CA TYR E 105 24.20 -14.99 -44.39
C TYR E 105 23.20 -14.30 -43.49
N TRP E 106 22.16 -13.79 -44.13
CA TRP E 106 21.14 -12.99 -43.47
C TRP E 106 20.35 -13.81 -42.47
N GLY E 107 19.97 -13.17 -41.37
CA GLY E 107 19.23 -13.81 -40.31
C GLY E 107 17.74 -13.86 -40.58
N GLN E 108 16.98 -13.90 -39.49
CA GLN E 108 15.54 -14.05 -39.60
C GLN E 108 14.87 -12.74 -39.96
N GLY E 109 15.07 -11.71 -39.15
CA GLY E 109 14.27 -10.51 -39.22
C GLY E 109 13.65 -10.30 -37.86
N THR E 110 13.98 -9.18 -37.21
CA THR E 110 13.57 -8.94 -35.83
C THR E 110 12.96 -7.55 -35.76
N LEU E 111 11.64 -7.49 -35.67
CA LEU E 111 10.94 -6.22 -35.60
C LEU E 111 10.88 -5.75 -34.15
N VAL E 112 11.25 -4.50 -33.93
CA VAL E 112 11.13 -3.85 -32.64
C VAL E 112 10.39 -2.53 -32.87
N THR E 113 9.43 -2.22 -32.00
CA THR E 113 8.59 -1.05 -32.17
C THR E 113 8.93 -0.02 -31.11
N VAL E 114 9.14 1.22 -31.53
CA VAL E 114 9.33 2.33 -30.60
C VAL E 114 8.20 3.33 -30.76
N SER E 115 7.14 0.38 -28.55
CA SER E 115 6.13 1.43 -28.60
C SER E 115 5.59 1.74 -27.21
N SER E 116 4.84 2.83 -27.12
CA SER E 116 4.18 3.22 -25.88
C SER E 116 2.74 2.73 -25.80
N ALA E 117 2.23 2.11 -26.86
CA ALA E 117 0.85 1.65 -26.88
C ALA E 117 0.70 0.37 -26.09
N SER E 118 -0.52 0.12 -25.62
CA SER E 118 -0.83 -1.10 -24.90
C SER E 118 -1.54 -2.10 -25.82
N THR E 119 -1.44 -3.38 -25.45
CA THR E 119 -1.96 -4.46 -26.26
C THR E 119 -3.50 -4.44 -26.24
N LYS E 120 -4.11 -4.26 -27.41
CA LYS E 120 -5.55 -4.16 -27.51
C LYS E 120 -6.08 -4.88 -28.73
N GLY E 121 -7.27 -5.44 -28.59
CA GLY E 121 -7.99 -5.98 -29.72
C GLY E 121 -8.62 -4.90 -30.55
N PRO E 122 -8.95 -5.24 -31.80
CA PRO E 122 -9.49 -4.24 -32.71
C PRO E 122 -10.96 -3.97 -32.43
N SER E 123 -11.48 -2.99 -33.17
CA SER E 123 -12.89 -2.62 -33.14
C SER E 123 -13.32 -2.52 -34.60
N VAL E 124 -13.84 -3.60 -35.15
CA VAL E 124 -14.17 -3.64 -36.57
C VAL E 124 -15.50 -2.94 -36.80
N PHE E 125 -15.51 -1.99 -37.72
CA PHE E 125 -16.72 -1.25 -38.07
C PHE E 125 -17.01 -1.47 -39.54
N PRO E 126 -17.48 -2.66 -39.92
CA PRO E 126 -17.49 -3.04 -41.33
C PRO E 126 -18.65 -2.42 -42.11
N LEU E 127 -18.60 -2.62 -43.42
CA LEU E 127 -19.81 -2.72 -44.23
C LEU E 127 -19.72 -3.96 -45.08
N ALA E 128 -20.63 -4.90 -44.84
CA ALA E 128 -20.84 -6.05 -45.73
C ALA E 128 -22.27 -6.07 -46.26
N PRO E 129 -22.62 -5.19 -47.20
CA PRO E 129 -23.92 -5.31 -47.85
C PRO E 129 -23.85 -6.43 -48.87
N CYS E 130 -25.01 -6.96 -49.23
CA CYS E 130 -25.04 -8.12 -50.13
C CYS E 130 -25.09 -7.70 -51.60
N SER E 131 -24.18 -6.77 -51.94
CA SER E 131 -24.02 -6.20 -53.28
C SER E 131 -25.32 -5.62 -53.84
N ARG E 132 -26.13 -5.06 -52.95
CA ARG E 132 -27.40 -4.43 -53.30
C ARG E 132 -27.45 -3.01 -52.74
N SER E 133 -26.33 -2.29 -52.82
CA SER E 133 -26.26 -0.91 -52.34
C SER E 133 -27.17 0.00 -53.14
N THR E 134 -26.85 0.23 -54.42
CA THR E 134 -27.80 0.89 -55.32
C THR E 134 -28.19 0.02 -56.50
N SER E 135 -27.26 -0.29 -57.42
CA SER E 135 -27.65 -1.07 -58.59
C SER E 135 -26.55 -1.97 -59.16
N GLU E 136 -25.36 -2.00 -58.58
CA GLU E 136 -24.20 -2.56 -59.24
C GLU E 136 -24.14 -4.07 -59.05
N SER E 137 -23.84 -4.78 -60.14
CA SER E 137 -23.79 -6.24 -60.14
C SER E 137 -22.69 -6.76 -59.24
N THR E 138 -21.43 -6.50 -59.59
CA THR E 138 -20.30 -6.95 -58.77
C THR E 138 -19.91 -5.81 -57.86
N ALA E 139 -20.69 -5.61 -56.80
CA ALA E 139 -20.41 -4.57 -55.82
C ALA E 139 -19.55 -5.15 -54.71
N ALA E 140 -18.85 -4.29 -54.01
CA ALA E 140 -17.87 -4.72 -53.02
C ALA E 140 -18.42 -4.65 -51.61
N LEU E 141 -17.62 -5.16 -50.68
CA LEU E 141 -17.89 -5.08 -49.26
C LEU E 141 -16.56 -5.21 -48.54
N GLY E 142 -16.49 -4.70 -47.33
CA GLY E 142 -15.24 -4.82 -46.59
C GLY E 142 -15.39 -4.44 -45.14
N CYS E 143 -14.47 -4.97 -44.34
CA CYS E 143 -14.42 -4.69 -42.91
C CYS E 143 -13.39 -3.62 -42.63
N LEU E 144 -13.59 -2.93 -41.51
CA LEU E 144 -12.79 -1.78 -41.12
C LEU E 144 -12.11 -2.15 -39.80
N VAL E 145 -10.96 -2.83 -39.89
CA VAL E 145 -10.28 -3.32 -38.70
C VAL E 145 -9.58 -2.14 -38.04
N LYS E 146 -10.14 -1.68 -36.93
CA LYS E 146 -9.74 -0.41 -36.35
C LYS E 146 -9.30 -0.59 -34.90
N ASP E 147 -8.22 0.12 -34.54
CA ASP E 147 -7.76 0.32 -33.17
C ASP E 147 -7.34 -0.98 -32.48
N TYR E 148 -6.29 -1.59 -33.02
CA TYR E 148 -5.65 -2.74 -32.40
C TYR E 148 -4.18 -2.48 -32.16
N PHE E 149 -3.60 -3.26 -31.26
CA PHE E 149 -2.18 -3.21 -30.95
C PHE E 149 -1.84 -4.51 -30.25
N PRO E 150 -0.71 -5.14 -30.55
CA PRO E 150 0.25 -4.78 -31.60
C PRO E 150 -0.13 -5.36 -32.94
N GLU E 151 0.86 -5.43 -33.82
CA GLU E 151 0.70 -6.14 -35.07
C GLU E 151 0.66 -7.63 -34.81
N PRO E 152 0.03 -8.41 -35.71
CA PRO E 152 -0.92 -8.02 -36.76
C PRO E 152 -2.33 -8.45 -36.41
N VAL E 153 -3.25 -8.27 -37.36
CA VAL E 153 -4.53 -8.95 -37.32
C VAL E 153 -4.57 -9.95 -38.46
N THR E 154 -5.31 -11.03 -38.26
CA THR E 154 -5.49 -12.07 -39.26
C THR E 154 -6.96 -12.15 -39.61
N VAL E 155 -7.29 -11.84 -40.85
CA VAL E 155 -8.67 -11.70 -41.31
C VAL E 155 -8.95 -12.78 -42.33
N SER E 156 -10.06 -13.50 -42.13
CA SER E 156 -10.51 -14.52 -43.08
C SER E 156 -12.00 -14.35 -43.31
N TRP E 157 -12.42 -14.54 -44.56
CA TRP E 157 -13.81 -14.36 -44.94
C TRP E 157 -14.54 -15.69 -44.83
N ASN E 158 -15.50 -15.74 -43.90
CA ASN E 158 -16.33 -16.91 -43.59
C ASN E 158 -15.46 -18.12 -43.26
N SER E 159 -14.58 -17.92 -42.26
CA SER E 159 -13.52 -18.85 -41.89
C SER E 159 -12.63 -19.20 -43.08
N GLY E 160 -12.32 -18.18 -43.89
CA GLY E 160 -11.45 -18.37 -45.03
C GLY E 160 -12.11 -19.01 -46.22
N ALA E 161 -13.45 -19.04 -46.27
CA ALA E 161 -14.12 -19.63 -47.42
C ALA E 161 -13.99 -18.75 -48.66
N LEU E 162 -14.40 -17.49 -48.55
CA LEU E 162 -14.29 -16.57 -49.67
C LEU E 162 -12.84 -16.14 -49.80
N THR E 163 -12.18 -16.59 -50.86
CA THR E 163 -10.78 -16.31 -51.10
C THR E 163 -10.55 -15.42 -52.32
N SER E 164 -11.45 -15.43 -53.30
CA SER E 164 -11.31 -14.57 -54.46
C SER E 164 -11.79 -13.16 -54.12
N GLY E 165 -11.13 -12.17 -54.70
CA GLY E 165 -11.45 -10.79 -54.42
C GLY E 165 -10.96 -10.27 -53.08
N VAL E 166 -10.26 -11.10 -52.30
CA VAL E 166 -9.74 -10.67 -51.01
C VAL E 166 -8.60 -9.70 -51.22
N HIS E 167 -8.74 -8.49 -50.67
CA HIS E 167 -7.70 -7.47 -50.77
C HIS E 167 -7.42 -6.94 -49.38
N THR E 168 -6.46 -7.58 -48.70
CA THR E 168 -6.03 -7.16 -47.38
C THR E 168 -5.14 -5.95 -47.50
N PHE E 169 -5.49 -4.93 -46.84
CA PHE E 169 -4.70 -3.72 -46.91
C PHE E 169 -3.71 -3.69 -45.76
N PRO E 170 -2.54 -3.10 -45.96
CA PRO E 170 -1.53 -3.08 -44.90
C PRO E 170 -1.96 -2.20 -43.73
N ALA E 171 -1.35 -2.49 -42.57
CA ALA E 171 -1.73 -1.83 -41.34
C ALA E 171 -1.23 -0.39 -41.33
N VAL E 172 -2.08 0.55 -41.74
CA VAL E 172 -1.75 1.96 -41.64
C VAL E 172 -1.87 2.36 -40.18
N LEU E 173 -0.82 3.00 -39.67
CA LEU E 173 -0.67 3.21 -38.25
C LEU E 173 -1.27 4.56 -37.87
N GLN E 174 -2.13 4.57 -36.86
CA GLN E 174 -2.72 5.81 -36.39
C GLN E 174 -1.71 6.68 -35.68
N SER E 175 -1.78 7.98 -35.97
CA SER E 175 -1.15 9.01 -35.15
C SER E 175 -1.97 9.33 -33.90
N SER E 176 -3.06 8.58 -33.75
CA SER E 176 -3.96 8.84 -32.61
C SER E 176 -3.37 8.20 -31.36
N GLY E 177 -3.36 6.87 -31.30
CA GLY E 177 -2.91 6.17 -30.12
C GLY E 177 -1.92 5.08 -30.43
N LEU E 178 -1.30 5.18 -31.61
CA LEU E 178 -0.42 4.16 -32.19
C LEU E 178 -1.15 2.83 -32.34
N TYR E 179 -2.43 2.90 -32.67
CA TYR E 179 -3.27 1.72 -32.89
C TYR E 179 -3.51 1.62 -34.39
N SER E 180 -2.78 0.72 -35.06
CA SER E 180 -2.79 0.69 -36.50
C SER E 180 -4.13 0.21 -37.05
N LEU E 181 -4.34 0.47 -38.34
CA LEU E 181 -5.62 0.25 -38.99
C LEU E 181 -5.42 -0.61 -40.22
N SER E 182 -6.22 -1.65 -40.35
CA SER E 182 -6.24 -2.40 -41.60
C SER E 182 -7.67 -2.52 -42.07
N SER E 183 -7.83 -3.03 -43.28
CA SER E 183 -9.14 -3.24 -43.88
C SER E 183 -9.00 -4.29 -44.96
N VAL E 184 -9.88 -5.28 -44.95
CA VAL E 184 -9.86 -6.33 -45.96
C VAL E 184 -11.21 -6.28 -46.67
N VAL E 185 -11.17 -6.28 -48.00
CA VAL E 185 -12.38 -6.08 -48.80
C VAL E 185 -12.51 -7.23 -49.80
N THR E 186 -13.75 -7.50 -50.19
CA THR E 186 -14.08 -8.48 -51.22
C THR E 186 -15.18 -7.94 -52.11
N VAL E 187 -15.24 -8.46 -53.33
CA VAL E 187 -16.22 -8.04 -54.34
C VAL E 187 -17.05 -9.27 -54.72
N PRO E 188 -18.21 -9.45 -54.10
CA PRO E 188 -19.15 -10.47 -54.59
C PRO E 188 -20.08 -9.92 -55.65
N SER E 189 -21.03 -10.72 -56.11
CA SER E 189 -22.00 -10.27 -57.10
C SER E 189 -23.35 -9.99 -56.46
N SER E 190 -24.22 -9.29 -57.21
CA SER E 190 -25.52 -8.89 -56.68
C SER E 190 -26.48 -10.06 -56.58
N SER E 191 -26.25 -11.13 -57.32
CA SER E 191 -27.07 -12.34 -57.17
C SER E 191 -26.50 -13.26 -56.10
N LEU E 192 -26.16 -12.67 -54.96
CA LEU E 192 -25.65 -13.36 -53.78
C LEU E 192 -26.27 -12.74 -52.53
N GLY E 193 -27.51 -12.26 -52.65
CA GLY E 193 -28.13 -11.49 -51.58
C GLY E 193 -28.40 -12.30 -50.33
N THR E 194 -28.63 -13.59 -50.49
CA THR E 194 -28.78 -14.49 -49.33
C THR E 194 -27.45 -15.13 -48.96
N LYS E 195 -26.40 -14.31 -48.86
CA LYS E 195 -25.08 -14.78 -48.44
C LYS E 195 -24.44 -13.69 -47.60
N THR E 196 -24.25 -13.97 -46.32
CA THR E 196 -23.44 -13.12 -45.47
C THR E 196 -21.97 -13.49 -45.63
N TYR E 197 -21.12 -12.50 -45.39
CA TYR E 197 -19.68 -12.68 -45.54
C TYR E 197 -19.01 -12.16 -44.28
N THR E 198 -18.45 -13.07 -43.50
CA THR E 198 -17.94 -12.73 -42.18
C THR E 198 -16.42 -12.68 -42.24
N CYS E 199 -15.87 -11.47 -42.18
CA CYS E 199 -14.46 -11.31 -41.90
C CYS E 199 -14.21 -11.81 -40.48
N ASN E 200 -13.20 -12.65 -40.33
CA ASN E 200 -12.92 -13.29 -39.05
C ASN E 200 -11.58 -12.74 -38.57
N VAL E 201 -11.65 -11.60 -37.91
CA VAL E 201 -10.46 -10.86 -37.48
C VAL E 201 -9.98 -11.47 -36.18
N ASP E 202 -8.76 -12.00 -36.19
CA ASP E 202 -8.22 -12.71 -35.03
C ASP E 202 -6.89 -12.07 -34.64
N HIS E 203 -6.96 -11.03 -33.80
CA HIS E 203 -5.77 -10.35 -33.29
C HIS E 203 -5.23 -11.22 -32.14
N LYS E 204 -4.28 -12.07 -32.48
CA LYS E 204 -3.80 -13.08 -31.54
C LYS E 204 -2.92 -12.56 -30.39
N PRO E 205 -2.05 -11.54 -30.53
CA PRO E 205 -1.36 -11.05 -29.32
C PRO E 205 -2.26 -10.37 -28.29
N SER E 206 -3.49 -9.98 -28.64
CA SER E 206 -4.48 -9.66 -27.64
C SER E 206 -5.53 -10.75 -27.48
N ASN E 207 -5.45 -11.81 -28.30
CA ASN E 207 -6.32 -12.99 -28.25
C ASN E 207 -7.80 -12.61 -28.42
N THR E 208 -8.06 -11.73 -29.39
CA THR E 208 -9.40 -11.25 -29.66
C THR E 208 -9.84 -11.74 -31.03
N LYS E 209 -11.06 -12.25 -31.12
CA LYS E 209 -11.59 -12.85 -32.33
C LYS E 209 -12.89 -12.16 -32.72
N VAL E 210 -12.89 -11.46 -33.85
CA VAL E 210 -13.99 -10.59 -34.23
C VAL E 210 -14.62 -11.13 -35.51
N ASP E 211 -15.96 -11.28 -35.48
CA ASP E 211 -16.74 -11.77 -36.61
C ASP E 211 -17.85 -10.77 -36.90
N LYS E 212 -18.09 -10.47 -38.17
CA LYS E 212 -18.94 -9.34 -38.53
C LYS E 212 -19.84 -9.67 -39.71
N ARG E 213 -20.81 -8.77 -39.94
CA ARG E 213 -21.67 -8.63 -41.11
C ARG E 213 -22.49 -7.37 -40.92
N VAL E 214 -23.11 -6.89 -42.00
CA VAL E 214 -23.89 -5.65 -42.00
C VAL E 214 -25.16 -5.87 -42.82
N GLU E 215 -26.29 -5.37 -42.31
CA GLU E 215 -27.58 -5.47 -42.97
C GLU E 215 -28.03 -4.12 -43.53
N SER E 216 -29.20 -4.12 -44.18
CA SER E 216 -29.75 -2.91 -44.78
C SER E 216 -30.53 -2.10 -43.74
N LYS E 217 -31.30 -1.12 -44.20
CA LYS E 217 -31.97 -0.15 -43.34
C LYS E 217 -33.43 0.05 -43.77
N TYR E 218 -34.15 -1.08 -43.93
CA TYR E 218 -35.53 -1.13 -44.46
C TYR E 218 -35.67 -0.40 -45.79
N GLY E 219 -34.98 -0.91 -46.80
CA GLY E 219 -35.03 -0.32 -48.12
C GLY E 219 -36.32 -0.62 -48.86
N PRO E 220 -36.37 -0.28 -50.15
CA PRO E 220 -37.58 -0.51 -50.95
C PRO E 220 -37.80 -1.97 -51.31
N ALA F 3 48.86 -11.86 -70.43
CA ALA F 3 50.20 -11.74 -70.97
C ALA F 3 51.13 -12.76 -70.31
N LYS F 4 52.44 -12.56 -70.49
CA LYS F 4 53.42 -13.35 -69.75
C LYS F 4 53.30 -13.06 -68.27
N SER F 5 53.50 -11.81 -67.89
CA SER F 5 53.11 -11.38 -66.57
C SER F 5 51.59 -11.29 -66.50
N ARG F 6 51.11 -11.10 -65.27
CA ARG F 6 49.71 -11.26 -64.86
C ARG F 6 49.03 -12.47 -65.52
N THR F 7 49.68 -13.61 -65.37
CA THR F 7 49.08 -14.92 -65.61
C THR F 7 49.25 -15.67 -64.29
N ILE F 8 48.17 -15.80 -63.54
CA ILE F 8 48.28 -16.06 -62.10
C ILE F 8 47.71 -17.42 -61.80
N GLY F 9 48.48 -18.21 -61.05
CA GLY F 9 47.88 -19.24 -60.25
C GLY F 9 47.74 -18.77 -58.82
N ILE F 10 46.52 -18.81 -58.27
CA ILE F 10 46.31 -18.44 -56.88
C ILE F 10 46.24 -19.70 -56.04
N ILE F 11 47.09 -19.77 -55.02
CA ILE F 11 47.10 -20.88 -54.09
C ILE F 11 46.94 -20.33 -52.69
N GLY F 12 45.84 -20.66 -52.05
CA GLY F 12 45.71 -20.37 -50.65
C GLY F 12 46.39 -21.42 -49.79
N ALA F 13 46.66 -21.06 -48.55
CA ALA F 13 47.25 -22.00 -47.60
C ALA F 13 46.80 -21.64 -46.20
N PRO F 14 45.67 -22.15 -45.77
CA PRO F 14 45.17 -21.86 -44.41
C PRO F 14 45.92 -22.64 -43.36
N PHE F 15 47.06 -22.12 -42.94
CA PHE F 15 47.96 -22.84 -42.07
C PHE F 15 48.41 -21.94 -40.93
N SER F 16 48.58 -22.53 -39.74
CA SER F 16 49.01 -21.74 -38.59
C SER F 16 50.03 -22.41 -37.69
N LYS F 17 50.40 -23.67 -37.94
CA LYS F 17 51.13 -24.39 -36.91
C LYS F 17 52.60 -24.04 -36.86
N GLY F 18 53.09 -23.18 -37.74
CA GLY F 18 54.45 -22.71 -37.58
C GLY F 18 54.59 -21.56 -36.62
N GLN F 19 53.48 -21.06 -36.08
CA GLN F 19 53.45 -19.90 -35.22
C GLN F 19 52.48 -20.17 -34.08
N PRO F 20 52.59 -19.44 -32.96
CA PRO F 20 51.66 -19.72 -31.85
C PRO F 20 50.26 -19.17 -32.05
N ARG F 21 50.11 -17.92 -32.48
CA ARG F 21 48.83 -17.22 -32.36
C ARG F 21 47.86 -17.71 -33.42
N GLY F 22 46.86 -18.48 -32.99
CA GLY F 22 45.92 -19.06 -33.95
C GLY F 22 45.06 -17.99 -34.58
N GLY F 23 44.89 -18.09 -35.90
CA GLY F 23 44.09 -17.11 -36.62
C GLY F 23 44.60 -16.82 -38.01
N VAL F 24 45.89 -17.11 -38.28
CA VAL F 24 46.40 -16.92 -39.63
C VAL F 24 45.98 -18.02 -40.57
N GLU F 25 45.26 -19.04 -40.09
CA GLU F 25 44.51 -19.90 -40.97
C GLU F 25 43.45 -19.13 -41.74
N GLU F 26 42.92 -18.06 -41.14
CA GLU F 26 42.00 -17.19 -41.87
C GLU F 26 42.76 -16.13 -42.64
N GLY F 27 43.74 -16.56 -43.39
CA GLY F 27 44.33 -15.75 -44.43
C GLY F 27 43.61 -15.92 -45.75
N PRO F 28 43.56 -17.15 -46.27
CA PRO F 28 42.84 -17.39 -47.52
C PRO F 28 41.36 -17.08 -47.47
N THR F 29 40.71 -17.38 -46.35
CA THR F 29 39.29 -17.07 -46.19
C THR F 29 39.05 -15.58 -46.34
N VAL F 30 39.88 -14.77 -45.68
CA VAL F 30 39.67 -13.34 -45.68
C VAL F 30 40.09 -12.74 -47.02
N LEU F 31 41.24 -13.14 -47.55
CA LEU F 31 41.73 -12.56 -48.79
C LEU F 31 40.87 -12.95 -49.97
N ARG F 32 40.18 -14.07 -49.91
CA ARG F 32 39.22 -14.32 -50.98
C ARG F 32 37.89 -13.63 -50.72
N LYS F 33 37.43 -13.58 -49.46
CA LYS F 33 36.15 -12.92 -49.21
C LYS F 33 36.26 -11.42 -49.32
N ALA F 34 37.44 -10.85 -49.13
CA ALA F 34 37.61 -9.42 -49.40
C ALA F 34 37.59 -9.16 -50.89
N GLY F 35 37.94 -10.14 -51.68
CA GLY F 35 37.82 -10.01 -53.10
C GLY F 35 39.15 -9.68 -53.71
N LEU F 36 39.81 -10.71 -54.21
CA LEU F 36 41.12 -10.55 -54.81
C LEU F 36 41.13 -11.00 -56.25
N LEU F 37 40.55 -12.18 -56.51
CA LEU F 37 40.37 -12.69 -57.86
C LEU F 37 39.61 -11.71 -58.72
N GLU F 38 38.58 -11.12 -58.14
CA GLU F 38 37.74 -10.13 -58.80
C GLU F 38 38.56 -8.90 -59.17
N LYS F 39 39.33 -8.39 -58.21
CA LYS F 39 40.13 -7.21 -58.43
C LYS F 39 41.28 -7.48 -59.38
N LEU F 40 41.64 -8.73 -59.57
CA LEU F 40 42.60 -9.03 -60.61
C LEU F 40 41.97 -8.97 -61.99
N LYS F 41 40.76 -9.52 -62.14
CA LYS F 41 40.25 -9.84 -63.47
C LYS F 41 39.85 -8.64 -64.31
N GLU F 42 39.92 -7.42 -63.80
CA GLU F 42 39.63 -6.28 -64.67
C GLU F 42 40.78 -6.05 -65.65
N GLN F 43 41.96 -5.80 -65.12
CA GLN F 43 43.13 -5.89 -65.98
C GLN F 43 43.38 -7.35 -66.35
N GLU F 44 44.12 -7.55 -67.43
CA GLU F 44 44.11 -8.82 -68.16
C GLU F 44 44.85 -9.89 -67.38
N CYS F 45 44.20 -10.36 -66.33
CA CYS F 45 44.78 -11.34 -65.41
C CYS F 45 44.13 -12.69 -65.67
N ASP F 46 44.90 -13.61 -66.24
CA ASP F 46 44.46 -15.00 -66.38
C ASP F 46 44.51 -15.61 -64.99
N VAL F 47 43.43 -15.41 -64.25
CA VAL F 47 43.33 -15.87 -62.89
C VAL F 47 42.87 -17.31 -62.93
N LYS F 48 43.61 -18.18 -62.27
CA LYS F 48 43.13 -19.54 -62.02
C LYS F 48 43.45 -19.87 -60.57
N ASP F 49 42.40 -19.96 -59.77
CA ASP F 49 42.55 -20.47 -58.43
C ASP F 49 42.89 -21.96 -58.51
N TYR F 50 43.57 -22.43 -57.48
CA TYR F 50 43.81 -23.84 -57.31
C TYR F 50 43.32 -24.29 -55.94
N GLY F 51 42.56 -23.44 -55.27
CA GLY F 51 41.92 -23.79 -54.02
C GLY F 51 42.90 -23.77 -52.85
N ASP F 52 42.32 -23.76 -51.66
CA ASP F 52 43.13 -23.90 -50.46
C ASP F 52 43.59 -25.35 -50.35
N LEU F 53 44.80 -25.54 -49.89
CA LEU F 53 45.30 -26.90 -49.80
C LEU F 53 44.72 -27.61 -48.60
N PRO F 54 44.28 -28.84 -48.74
CA PRO F 54 43.81 -29.61 -47.57
C PRO F 54 44.99 -30.07 -46.72
N PHE F 55 45.42 -29.17 -45.83
CA PHE F 55 46.50 -29.52 -44.92
C PHE F 55 45.99 -30.48 -43.86
N ALA F 56 46.75 -31.53 -43.62
CA ALA F 56 46.34 -32.58 -42.70
C ALA F 56 46.58 -32.12 -41.26
N ASP F 57 46.38 -33.05 -40.32
CA ASP F 57 46.59 -32.76 -38.91
C ASP F 57 47.26 -33.99 -38.31
N ILE F 58 48.58 -33.92 -38.14
CA ILE F 58 49.30 -34.95 -37.40
C ILE F 58 49.05 -34.66 -35.93
N PRO F 59 48.41 -35.57 -35.19
CA PRO F 59 48.13 -35.26 -33.78
C PRO F 59 49.35 -35.36 -32.90
N ASN F 60 50.22 -36.33 -33.15
CA ASN F 60 51.42 -36.52 -32.32
C ASN F 60 52.57 -35.73 -32.92
N ASP F 61 52.38 -34.41 -32.99
CA ASP F 61 53.39 -33.51 -33.51
C ASP F 61 54.41 -33.26 -32.40
N SER F 62 55.23 -34.27 -32.18
CA SER F 62 56.24 -34.21 -31.13
C SER F 62 57.35 -33.26 -31.57
N PRO F 63 57.64 -32.23 -30.81
CA PRO F 63 58.57 -31.22 -31.29
C PRO F 63 60.01 -31.68 -31.28
N PHE F 64 60.87 -30.82 -31.78
CA PHE F 64 62.29 -30.90 -31.53
C PHE F 64 62.53 -30.19 -30.19
N GLN F 65 63.79 -29.90 -29.85
CA GLN F 65 64.15 -29.24 -28.61
C GLN F 65 63.49 -27.87 -28.50
N ILE F 66 63.86 -26.95 -29.38
CA ILE F 66 63.24 -25.64 -29.36
C ILE F 66 62.22 -25.62 -30.49
N VAL F 67 62.56 -26.29 -31.59
CA VAL F 67 61.73 -26.29 -32.79
C VAL F 67 60.42 -26.99 -32.50
N LYS F 68 59.33 -26.24 -32.56
CA LYS F 68 58.01 -26.73 -32.22
C LYS F 68 57.22 -27.02 -33.48
N ASN F 69 56.40 -28.07 -33.40
CA ASN F 69 55.56 -28.54 -34.49
C ASN F 69 56.26 -28.78 -35.83
N PRO F 70 57.26 -29.65 -35.88
CA PRO F 70 58.07 -29.71 -37.10
C PRO F 70 57.42 -30.49 -38.23
N ARG F 71 56.72 -31.58 -37.90
CA ARG F 71 56.30 -32.52 -38.93
C ARG F 71 55.10 -32.00 -39.69
N SER F 72 54.18 -31.31 -39.00
CA SER F 72 53.04 -30.73 -39.67
C SER F 72 53.48 -29.64 -40.63
N VAL F 73 54.48 -28.86 -40.24
CA VAL F 73 55.03 -27.84 -41.11
C VAL F 73 55.74 -28.47 -42.29
N GLY F 74 56.46 -29.58 -42.06
CA GLY F 74 57.16 -30.24 -43.15
C GLY F 74 56.23 -30.83 -44.17
N LYS F 75 55.18 -31.50 -43.70
CA LYS F 75 54.16 -32.04 -44.58
C LYS F 75 53.43 -30.93 -45.32
N ALA F 76 53.17 -29.82 -44.64
CA ALA F 76 52.48 -28.70 -45.25
C ALA F 76 53.29 -28.09 -46.38
N SER F 77 54.55 -27.81 -46.12
CA SER F 77 55.37 -27.22 -47.16
C SER F 77 55.71 -28.21 -48.25
N GLU F 78 55.67 -29.51 -47.98
CA GLU F 78 55.87 -30.48 -49.04
C GLU F 78 54.69 -30.49 -50.00
N GLN F 79 53.48 -30.54 -49.44
CA GLN F 79 52.26 -30.41 -50.24
C GLN F 79 52.23 -29.11 -51.01
N LEU F 80 52.69 -28.03 -50.38
CA LEU F 80 52.72 -26.73 -51.04
C LEU F 80 53.75 -26.71 -52.14
N ALA F 81 54.91 -27.30 -51.93
CA ALA F 81 55.95 -27.31 -52.94
C ALA F 81 55.51 -28.08 -54.17
N GLY F 82 54.81 -29.20 -53.95
CA GLY F 82 54.20 -29.92 -55.05
C GLY F 82 53.20 -29.09 -55.84
N LYS F 83 52.31 -28.40 -55.12
CA LYS F 83 51.28 -27.63 -55.81
C LYS F 83 51.86 -26.41 -56.53
N VAL F 84 52.87 -25.77 -55.94
CA VAL F 84 53.46 -24.58 -56.55
C VAL F 84 54.26 -24.96 -57.79
N ALA F 85 55.05 -26.04 -57.70
CA ALA F 85 55.74 -26.52 -58.88
C ALA F 85 54.76 -26.96 -59.96
N GLU F 86 53.63 -27.52 -59.54
CA GLU F 86 52.58 -27.91 -60.49
C GLU F 86 52.02 -26.71 -61.23
N VAL F 87 51.78 -25.61 -60.53
CA VAL F 87 51.18 -24.48 -61.23
C VAL F 87 52.24 -23.64 -61.93
N LYS F 88 53.52 -23.82 -61.62
CA LYS F 88 54.54 -23.24 -62.45
C LYS F 88 54.78 -24.06 -63.70
N LYS F 89 54.41 -25.34 -63.68
CA LYS F 89 54.37 -26.11 -64.91
C LYS F 89 53.33 -25.55 -65.87
N ASN F 90 52.28 -24.95 -65.33
CA ASN F 90 51.32 -24.22 -66.16
C ASN F 90 51.87 -22.91 -66.67
N GLY F 91 53.08 -22.52 -66.28
CA GLY F 91 53.65 -21.28 -66.74
C GLY F 91 53.03 -20.05 -66.12
N ARG F 92 52.29 -20.21 -65.04
CA ARG F 92 51.66 -19.07 -64.41
C ARG F 92 52.62 -18.43 -63.42
N ILE F 93 52.13 -17.43 -62.71
CA ILE F 93 52.85 -16.81 -61.62
C ILE F 93 52.22 -17.30 -60.34
N SER F 94 53.01 -17.98 -59.52
CA SER F 94 52.49 -18.69 -58.37
C SER F 94 52.20 -17.70 -57.26
N LEU F 95 51.03 -17.08 -57.31
CA LEU F 95 50.57 -16.28 -56.20
C LEU F 95 50.16 -17.21 -55.08
N VAL F 96 50.89 -17.17 -53.98
CA VAL F 96 50.61 -17.98 -52.81
C VAL F 96 50.28 -17.04 -51.68
N LEU F 97 49.26 -17.37 -50.92
CA LEU F 97 49.00 -16.59 -49.72
C LEU F 97 48.65 -17.53 -48.58
N GLY F 98 49.10 -17.19 -47.38
CA GLY F 98 48.94 -18.07 -46.24
C GLY F 98 48.23 -17.40 -45.09
N GLY F 99 48.55 -17.79 -43.85
CA GLY F 99 49.57 -18.78 -43.57
C GLY F 99 50.67 -18.14 -42.75
N ASP F 100 51.91 -18.62 -42.89
CA ASP F 100 53.04 -17.91 -42.33
C ASP F 100 54.26 -18.14 -43.20
N HIS F 101 55.40 -17.68 -42.70
CA HIS F 101 56.64 -17.78 -43.45
C HIS F 101 57.14 -19.20 -43.58
N SER F 102 56.66 -20.12 -42.75
CA SER F 102 57.10 -21.49 -42.83
C SER F 102 56.72 -22.14 -44.15
N LEU F 103 55.63 -21.67 -44.74
CA LEU F 103 55.21 -22.18 -46.03
C LEU F 103 56.05 -21.65 -47.17
N ALA F 104 56.79 -20.57 -46.95
CA ALA F 104 57.66 -20.05 -47.99
C ALA F 104 58.80 -21.00 -48.31
N ILE F 105 59.11 -21.93 -47.40
CA ILE F 105 60.02 -23.03 -47.68
C ILE F 105 59.56 -23.79 -48.92
N GLY F 106 58.35 -24.35 -48.85
CA GLY F 106 57.81 -25.07 -49.98
C GLY F 106 57.53 -24.17 -51.17
N SER F 107 57.15 -22.91 -50.90
CA SER F 107 56.84 -21.98 -51.98
C SER F 107 58.06 -21.68 -52.83
N ILE F 108 59.22 -21.53 -52.21
CA ILE F 108 60.41 -21.30 -53.00
C ILE F 108 61.01 -22.63 -53.45
N SER F 109 60.71 -23.73 -52.75
CA SER F 109 61.28 -25.01 -53.12
C SER F 109 60.67 -25.52 -54.43
N GLY F 110 59.34 -25.53 -54.51
CA GLY F 110 58.70 -25.94 -55.74
C GLY F 110 58.95 -24.98 -56.88
N HIS F 111 59.13 -23.70 -56.56
CA HIS F 111 59.50 -22.72 -57.57
C HIS F 111 60.89 -23.00 -58.11
N ALA F 112 61.80 -23.37 -57.23
CA ALA F 112 63.16 -23.69 -57.63
C ALA F 112 63.24 -25.01 -58.36
N ARG F 113 62.28 -25.90 -58.12
CA ARG F 113 62.20 -27.11 -58.92
C ARG F 113 62.01 -26.78 -60.38
N VAL F 114 61.13 -25.84 -60.67
CA VAL F 114 60.92 -25.41 -62.05
C VAL F 114 62.00 -24.44 -62.49
N HIS F 115 62.28 -23.43 -61.68
CA HIS F 115 63.26 -22.42 -62.04
C HIS F 115 64.39 -22.39 -61.03
N PRO F 116 65.51 -23.04 -61.32
CA PRO F 116 66.61 -23.10 -60.34
C PRO F 116 67.34 -21.79 -60.17
N ASP F 117 67.22 -20.84 -61.09
CA ASP F 117 68.03 -19.64 -61.06
C ASP F 117 67.29 -18.45 -60.47
N LEU F 118 66.43 -18.67 -59.49
CA LEU F 118 65.60 -17.56 -59.06
C LEU F 118 66.35 -16.66 -58.09
N GLY F 119 65.70 -15.56 -57.74
CA GLY F 119 66.18 -14.70 -56.68
C GLY F 119 65.03 -14.34 -55.77
N VAL F 120 65.34 -14.20 -54.49
CA VAL F 120 64.34 -13.96 -53.47
C VAL F 120 64.49 -12.54 -52.97
N ILE F 121 63.40 -11.79 -53.00
CA ILE F 121 63.34 -10.53 -52.27
C ILE F 121 62.46 -10.80 -51.06
N TRP F 122 63.08 -11.00 -49.91
CA TRP F 122 62.34 -11.36 -48.70
C TRP F 122 62.01 -10.09 -47.96
N VAL F 123 60.78 -9.62 -48.12
CA VAL F 123 60.34 -8.40 -47.47
C VAL F 123 59.65 -8.77 -46.17
N ASP F 124 60.26 -8.38 -45.04
CA ASP F 124 59.81 -8.76 -43.72
C ASP F 124 60.50 -7.85 -42.72
N ALA F 125 59.85 -7.66 -41.58
CA ALA F 125 60.53 -6.99 -40.47
C ALA F 125 61.64 -7.86 -39.90
N HIS F 126 61.56 -9.16 -40.09
CA HIS F 126 62.51 -10.10 -39.56
C HIS F 126 63.30 -10.73 -40.68
N THR F 127 64.47 -11.27 -40.34
CA THR F 127 65.25 -11.95 -41.35
C THR F 127 64.76 -13.36 -41.57
N ASP F 128 64.17 -13.96 -40.53
CA ASP F 128 63.68 -15.33 -40.54
C ASP F 128 64.76 -16.33 -40.91
N ILE F 129 66.00 -16.05 -40.51
CA ILE F 129 67.12 -16.88 -40.88
C ILE F 129 67.60 -17.69 -39.67
N ASN F 130 66.74 -17.87 -38.67
CA ASN F 130 67.05 -18.73 -37.53
C ASN F 130 67.33 -20.15 -37.99
N THR F 131 68.49 -20.65 -37.63
CA THR F 131 68.69 -22.06 -37.75
C THR F 131 67.99 -22.74 -36.58
N PRO F 132 67.73 -24.05 -36.67
CA PRO F 132 67.23 -24.78 -35.50
C PRO F 132 68.17 -24.74 -34.31
N LEU F 133 69.46 -24.53 -34.53
CA LEU F 133 70.34 -24.31 -33.40
C LEU F 133 70.15 -22.90 -32.84
N THR F 134 70.08 -21.90 -33.70
CA THR F 134 70.14 -20.52 -33.27
C THR F 134 68.79 -19.93 -32.90
N THR F 135 67.72 -20.71 -32.96
CA THR F 135 66.45 -20.13 -32.58
C THR F 135 66.31 -20.06 -31.06
N THR F 136 65.35 -19.29 -30.63
CA THR F 136 64.92 -19.22 -29.24
C THR F 136 63.47 -19.58 -29.07
N SER F 137 62.61 -19.18 -29.99
CA SER F 137 61.23 -19.61 -29.95
C SER F 137 61.09 -21.01 -30.50
N GLY F 138 61.78 -21.30 -31.60
CA GLY F 138 61.55 -22.51 -32.34
C GLY F 138 60.30 -22.50 -33.18
N ASN F 139 59.64 -21.36 -33.30
CA ASN F 139 58.51 -21.23 -34.20
C ASN F 139 59.04 -21.13 -35.62
N LEU F 140 58.49 -21.96 -36.51
CA LEU F 140 59.16 -22.18 -37.79
C LEU F 140 58.98 -21.05 -38.77
N HIS F 141 58.04 -20.14 -38.53
CA HIS F 141 57.99 -18.93 -39.34
C HIS F 141 59.20 -18.05 -39.11
N GLY F 142 59.87 -18.21 -37.98
CA GLY F 142 61.19 -17.67 -37.84
C GLY F 142 62.27 -18.46 -38.52
N GLN F 143 61.96 -19.66 -39.03
CA GLN F 143 63.05 -20.37 -39.69
C GLN F 143 62.87 -20.81 -41.15
N PRO F 144 62.32 -20.03 -42.11
CA PRO F 144 62.29 -20.59 -43.46
C PRO F 144 63.60 -20.50 -44.20
N VAL F 145 64.36 -19.43 -43.98
CA VAL F 145 65.45 -19.08 -44.87
C VAL F 145 66.60 -20.06 -44.73
N SER F 146 66.81 -20.56 -43.51
CA SER F 146 67.93 -21.44 -43.21
C SER F 146 67.86 -22.76 -43.95
N PHE F 147 66.68 -23.20 -44.33
CA PHE F 147 66.57 -24.44 -45.10
C PHE F 147 66.85 -24.24 -46.57
N LEU F 148 66.81 -23.00 -47.06
CA LEU F 148 66.94 -22.77 -48.49
C LEU F 148 68.33 -22.32 -48.88
N LEU F 149 69.10 -21.78 -47.95
CA LEU F 149 70.45 -21.36 -48.26
C LEU F 149 71.35 -22.58 -48.37
N LYS F 150 72.07 -22.66 -49.48
CA LYS F 150 73.01 -23.75 -49.66
C LYS F 150 74.21 -23.60 -48.75
N GLU F 151 74.52 -22.37 -48.33
CA GLU F 151 75.67 -22.11 -47.48
C GLU F 151 75.44 -22.57 -46.05
N LEU F 152 74.20 -22.84 -45.67
CA LEU F 152 73.91 -23.38 -44.36
C LEU F 152 73.76 -24.89 -44.37
N LYS F 153 74.14 -25.54 -45.47
CA LYS F 153 74.17 -26.99 -45.49
C LYS F 153 75.24 -27.47 -44.53
N GLY F 154 74.89 -28.45 -43.69
CA GLY F 154 75.69 -28.83 -42.57
C GLY F 154 75.35 -28.08 -41.30
N LYS F 155 74.90 -26.84 -41.42
CA LYS F 155 74.41 -26.10 -40.27
C LYS F 155 72.97 -26.41 -39.96
N ILE F 156 72.31 -27.24 -40.76
CA ILE F 156 70.90 -27.55 -40.59
C ILE F 156 70.78 -28.98 -40.10
N PRO F 157 70.30 -29.20 -38.88
CA PRO F 157 69.98 -30.57 -38.45
C PRO F 157 68.79 -31.11 -39.22
N ASP F 158 68.74 -32.43 -39.33
CA ASP F 158 67.68 -33.09 -40.07
C ASP F 158 66.42 -33.06 -39.23
N VAL F 159 65.65 -32.00 -39.42
CA VAL F 159 64.41 -31.82 -38.67
C VAL F 159 63.36 -32.77 -39.22
N PRO F 160 62.64 -33.50 -38.37
CA PRO F 160 61.65 -34.49 -38.86
C PRO F 160 60.51 -33.83 -39.63
N GLY F 161 60.35 -34.25 -40.87
CA GLY F 161 59.38 -33.70 -41.78
C GLY F 161 59.99 -32.94 -42.93
N PHE F 162 61.30 -32.66 -42.88
CA PHE F 162 61.95 -31.85 -43.88
C PHE F 162 62.99 -32.62 -44.66
N SER F 163 62.77 -33.92 -44.82
CA SER F 163 63.66 -34.75 -45.61
C SER F 163 63.61 -34.37 -47.08
N TRP F 164 62.44 -34.01 -47.58
CA TRP F 164 62.29 -33.60 -48.97
C TRP F 164 62.97 -32.26 -49.26
N VAL F 165 63.32 -31.50 -48.23
CA VAL F 165 63.84 -30.16 -48.43
C VAL F 165 65.26 -30.23 -48.93
N THR F 166 65.54 -29.48 -49.99
CA THR F 166 66.87 -29.26 -50.48
C THR F 166 67.12 -27.76 -50.52
N PRO F 167 68.25 -27.27 -50.02
CA PRO F 167 68.57 -25.85 -50.17
C PRO F 167 68.78 -25.49 -51.64
N CYS F 168 68.27 -24.32 -52.01
CA CYS F 168 68.02 -24.07 -53.42
C CYS F 168 68.68 -22.79 -53.93
N ILE F 169 68.83 -21.79 -53.08
CA ILE F 169 69.44 -20.55 -53.51
C ILE F 169 70.78 -20.39 -52.83
N SER F 170 71.58 -19.50 -53.40
CA SER F 170 72.82 -19.08 -52.79
C SER F 170 72.60 -17.83 -51.96
N ALA F 171 73.59 -17.51 -51.13
CA ALA F 171 73.46 -16.37 -50.25
C ALA F 171 73.56 -15.05 -50.99
N LYS F 172 74.15 -15.05 -52.18
CA LYS F 172 74.30 -13.82 -52.95
C LYS F 172 73.12 -13.58 -53.89
N ASP F 173 72.07 -14.36 -53.79
CA ASP F 173 70.92 -14.20 -54.67
C ASP F 173 69.68 -13.76 -53.93
N ILE F 174 69.75 -13.57 -52.63
CA ILE F 174 68.60 -13.18 -51.82
C ILE F 174 68.85 -11.77 -51.31
N VAL F 175 67.78 -10.97 -51.26
CA VAL F 175 67.86 -9.59 -50.83
C VAL F 175 66.80 -9.37 -49.77
N TYR F 176 67.20 -8.82 -48.63
CA TYR F 176 66.25 -8.39 -47.64
C TYR F 176 65.97 -6.91 -47.79
N ILE F 177 64.70 -6.55 -47.62
CA ILE F 177 64.27 -5.17 -47.59
C ILE F 177 63.40 -4.98 -46.37
N GLY F 178 63.80 -4.06 -45.50
CA GLY F 178 62.98 -3.67 -44.39
C GLY F 178 63.25 -4.37 -43.08
N LEU F 179 64.49 -4.72 -42.81
CA LEU F 179 64.80 -5.39 -41.56
C LEU F 179 64.79 -4.39 -40.42
N ARG F 180 64.00 -4.66 -39.39
CA ARG F 180 64.05 -3.81 -38.21
C ARG F 180 63.90 -4.59 -36.91
N ASP F 181 63.88 -5.92 -36.96
CA ASP F 181 63.82 -6.73 -35.75
C ASP F 181 64.63 -7.99 -36.02
N VAL F 182 65.87 -7.99 -35.57
CA VAL F 182 66.83 -9.03 -35.94
C VAL F 182 67.42 -9.60 -34.67
N ASP F 183 67.45 -10.93 -34.57
CA ASP F 183 68.11 -11.60 -33.47
C ASP F 183 69.63 -11.38 -33.52
N PRO F 184 70.32 -11.60 -32.39
CA PRO F 184 71.78 -11.66 -32.46
C PRO F 184 72.29 -12.77 -33.35
N GLY F 185 71.68 -13.95 -33.28
CA GLY F 185 72.07 -15.02 -34.18
C GLY F 185 71.79 -14.68 -35.63
N GLU F 186 70.64 -14.05 -35.88
CA GLU F 186 70.27 -13.68 -37.23
C GLU F 186 71.21 -12.62 -37.78
N HIS F 187 71.57 -11.63 -36.97
CA HIS F 187 72.50 -10.62 -37.43
C HIS F 187 73.88 -11.21 -37.64
N TYR F 188 74.25 -12.19 -36.82
CA TYR F 188 75.53 -12.84 -36.99
C TYR F 188 75.60 -13.63 -38.28
N ILE F 189 74.53 -14.36 -38.60
CA ILE F 189 74.53 -15.14 -39.83
C ILE F 189 74.45 -14.22 -41.04
N LEU F 190 73.68 -13.14 -40.91
CA LEU F 190 73.52 -12.19 -42.00
C LEU F 190 74.82 -11.49 -42.33
N LYS F 191 75.58 -11.10 -41.31
CA LYS F 191 76.91 -10.59 -41.56
C LYS F 191 77.86 -11.70 -41.97
N THR F 192 77.61 -12.93 -41.54
CA THR F 192 78.53 -14.02 -41.83
C THR F 192 78.44 -14.43 -43.29
N LEU F 193 77.23 -14.59 -43.80
CA LEU F 193 77.09 -15.04 -45.18
C LEU F 193 77.28 -13.92 -46.17
N GLY F 194 77.34 -12.66 -45.73
CA GLY F 194 77.45 -11.57 -46.67
C GLY F 194 76.21 -11.38 -47.51
N ILE F 195 75.04 -11.74 -46.97
CA ILE F 195 73.80 -11.57 -47.69
C ILE F 195 73.48 -10.10 -47.83
N LYS F 196 73.24 -9.65 -49.05
CA LYS F 196 72.87 -8.27 -49.27
C LYS F 196 71.50 -8.01 -48.66
N TYR F 197 71.44 -7.01 -47.80
CA TYR F 197 70.20 -6.63 -47.16
C TYR F 197 70.06 -5.12 -47.20
N PHE F 198 68.83 -4.66 -47.27
CA PHE F 198 68.52 -3.26 -47.15
C PHE F 198 67.61 -3.12 -45.94
N SER F 199 68.22 -2.96 -44.77
CA SER F 199 67.42 -2.71 -43.59
C SER F 199 66.92 -1.27 -43.61
N MET F 200 66.11 -0.93 -42.61
CA MET F 200 65.49 0.38 -42.52
C MET F 200 66.50 1.51 -42.42
N THR F 201 67.69 1.22 -41.90
CA THR F 201 68.80 2.15 -41.96
C THR F 201 69.13 2.54 -43.39
N GLU F 202 69.33 1.56 -44.25
CA GLU F 202 69.70 1.85 -45.63
C GLU F 202 68.55 2.46 -46.40
N VAL F 203 67.32 2.11 -46.03
CA VAL F 203 66.17 2.71 -46.70
C VAL F 203 66.07 4.18 -46.34
N ASP F 204 66.24 4.50 -45.05
CA ASP F 204 66.24 5.89 -44.62
C ASP F 204 67.43 6.65 -45.20
N ARG F 205 68.53 5.96 -45.46
CA ARG F 205 69.65 6.60 -46.11
C ARG F 205 69.34 6.92 -47.56
N LEU F 206 68.87 5.94 -48.30
CA LEU F 206 68.90 6.04 -49.75
C LEU F 206 67.63 6.56 -50.36
N GLY F 207 66.48 6.33 -49.73
CA GLY F 207 65.24 6.53 -50.46
C GLY F 207 64.88 5.25 -51.18
N ILE F 208 63.58 4.93 -51.20
CA ILE F 208 63.14 3.65 -51.70
C ILE F 208 63.39 3.50 -53.19
N GLY F 209 63.47 4.61 -53.93
CA GLY F 209 63.83 4.53 -55.33
C GLY F 209 65.23 4.03 -55.53
N LYS F 210 66.17 4.59 -54.78
CA LYS F 210 67.55 4.16 -54.84
C LYS F 210 67.69 2.73 -54.33
N VAL F 211 66.90 2.36 -53.32
CA VAL F 211 66.97 1.02 -52.76
C VAL F 211 66.51 -0.01 -53.77
N MET F 212 65.37 0.24 -54.42
CA MET F 212 64.88 -0.68 -55.45
C MET F 212 65.81 -0.75 -56.63
N GLU F 213 66.42 0.38 -57.00
CA GLU F 213 67.36 0.38 -58.11
C GLU F 213 68.59 -0.46 -57.80
N GLU F 214 69.14 -0.30 -56.59
CA GLU F 214 70.29 -1.10 -56.20
C GLU F 214 69.91 -2.57 -56.04
N THR F 215 68.67 -2.85 -55.66
CA THR F 215 68.22 -4.22 -55.53
C THR F 215 68.17 -4.91 -56.87
N LEU F 216 67.56 -4.25 -57.84
CA LEU F 216 67.43 -4.85 -59.16
C LEU F 216 68.76 -4.87 -59.88
N SER F 217 69.66 -3.94 -59.56
CA SER F 217 71.01 -4.04 -60.08
C SER F 217 71.78 -5.17 -59.44
N TYR F 218 71.51 -5.45 -58.17
CA TYR F 218 72.21 -6.54 -57.49
C TYR F 218 71.73 -7.89 -57.98
N LEU F 219 70.46 -7.99 -58.33
CA LEU F 219 69.94 -9.28 -58.76
C LEU F 219 70.03 -9.46 -60.27
N LEU F 220 69.38 -8.56 -61.02
CA LEU F 220 69.25 -8.71 -62.45
C LEU F 220 70.36 -8.02 -63.22
N GLY F 221 71.30 -7.36 -62.54
CA GLY F 221 72.38 -6.69 -63.22
C GLY F 221 73.35 -7.63 -63.91
N ARG F 222 73.39 -8.88 -63.48
CA ARG F 222 74.17 -9.89 -64.17
C ARG F 222 73.37 -10.63 -65.23
N LYS F 223 72.12 -10.98 -64.93
CA LYS F 223 71.39 -11.90 -65.77
C LYS F 223 69.91 -11.79 -65.46
N LYS F 224 69.09 -11.79 -66.50
CA LYS F 224 67.64 -11.82 -66.34
C LYS F 224 67.23 -13.16 -65.76
N ARG F 225 66.55 -13.13 -64.63
CA ARG F 225 66.19 -14.36 -63.94
C ARG F 225 64.89 -14.16 -63.19
N PRO F 226 64.10 -15.21 -63.04
CA PRO F 226 62.76 -15.07 -62.44
C PRO F 226 62.84 -14.68 -60.98
N ILE F 227 62.29 -13.53 -60.66
CA ILE F 227 62.36 -12.99 -59.31
C ILE F 227 61.16 -13.50 -58.52
N HIS F 228 61.43 -14.06 -57.36
CA HIS F 228 60.37 -14.52 -56.46
C HIS F 228 60.29 -13.55 -55.30
N LEU F 229 59.41 -12.57 -55.41
CA LEU F 229 59.12 -11.71 -54.28
C LEU F 229 58.33 -12.49 -53.25
N SER F 230 58.79 -12.48 -52.02
CA SER F 230 58.01 -12.98 -50.90
C SER F 230 57.90 -11.90 -49.85
N PHE F 231 56.75 -11.79 -49.24
CA PHE F 231 56.36 -10.53 -48.62
C PHE F 231 55.67 -10.80 -47.30
N ASP F 232 56.23 -10.27 -46.22
CA ASP F 232 55.50 -10.21 -44.97
C ASP F 232 54.71 -8.93 -44.95
N VAL F 233 53.56 -9.01 -44.29
CA VAL F 233 52.75 -7.83 -44.09
C VAL F 233 53.16 -7.07 -42.85
N ASP F 234 54.02 -7.64 -42.00
CA ASP F 234 54.47 -6.84 -40.87
C ASP F 234 55.65 -5.97 -41.23
N GLY F 235 56.24 -6.18 -42.41
CA GLY F 235 57.35 -5.36 -42.83
C GLY F 235 56.94 -3.93 -43.07
N LEU F 236 55.68 -3.72 -43.44
CA LEU F 236 55.10 -2.40 -43.42
C LEU F 236 54.96 -1.91 -42.00
N ASP F 237 54.86 -0.60 -41.85
CA ASP F 237 54.64 -0.04 -40.55
C ASP F 237 53.24 -0.42 -40.06
N PRO F 238 53.09 -0.83 -38.80
CA PRO F 238 51.81 -1.38 -38.34
C PRO F 238 50.68 -0.38 -38.24
N SER F 239 50.94 0.91 -38.45
CA SER F 239 49.87 1.85 -38.71
C SER F 239 49.04 1.40 -39.89
N PHE F 240 49.68 0.95 -40.96
CA PHE F 240 48.94 0.49 -42.11
C PHE F 240 48.49 -0.96 -41.95
N THR F 241 49.30 -1.81 -41.33
CA THR F 241 48.94 -3.21 -41.13
C THR F 241 48.99 -3.53 -39.64
N PRO F 242 47.95 -3.23 -38.90
CA PRO F 242 47.94 -3.64 -37.49
C PRO F 242 47.65 -5.12 -37.31
N ALA F 243 46.82 -5.71 -38.16
CA ALA F 243 46.31 -7.06 -37.92
C ALA F 243 47.29 -8.10 -38.47
N THR F 244 48.45 -8.18 -37.81
CA THR F 244 49.45 -9.15 -38.19
C THR F 244 50.22 -9.59 -36.95
N GLY F 245 51.04 -10.63 -37.13
CA GLY F 245 51.51 -11.40 -36.00
C GLY F 245 52.54 -10.68 -35.15
N THR F 246 53.57 -10.12 -35.78
CA THR F 246 54.64 -9.42 -35.08
C THR F 246 54.69 -8.00 -35.57
N PRO F 247 53.84 -7.11 -35.07
CA PRO F 247 53.92 -5.70 -35.47
C PRO F 247 55.14 -5.04 -34.84
N VAL F 248 56.01 -4.51 -35.68
CA VAL F 248 57.21 -3.82 -35.24
C VAL F 248 57.17 -2.41 -35.78
N VAL F 249 57.16 -1.44 -34.87
CA VAL F 249 56.97 -0.05 -35.26
C VAL F 249 58.17 0.47 -36.04
N GLY F 250 57.97 1.58 -36.72
CA GLY F 250 59.02 2.15 -37.55
C GLY F 250 59.26 1.33 -38.80
N GLY F 251 58.21 0.79 -39.40
CA GLY F 251 58.33 0.01 -40.60
C GLY F 251 58.18 0.83 -41.86
N LEU F 252 58.07 0.13 -42.97
CA LEU F 252 57.91 0.78 -44.25
C LEU F 252 56.54 1.41 -44.36
N THR F 253 56.46 2.49 -45.11
CA THR F 253 55.17 3.10 -45.32
C THR F 253 54.45 2.38 -46.45
N TYR F 254 53.16 2.70 -46.55
CA TYR F 254 52.31 2.16 -47.60
C TYR F 254 52.80 2.56 -48.98
N ARG F 255 53.20 3.83 -49.12
CA ARG F 255 53.69 4.37 -50.39
C ARG F 255 54.93 3.63 -50.85
N GLU F 256 55.83 3.33 -49.92
CA GLU F 256 57.09 2.71 -50.27
C GLU F 256 56.89 1.28 -50.72
N GLY F 257 56.01 0.55 -50.04
CA GLY F 257 55.72 -0.80 -50.45
C GLY F 257 55.06 -0.86 -51.81
N LEU F 258 54.14 0.09 -52.06
CA LEU F 258 53.55 0.20 -53.40
C LEU F 258 54.61 0.47 -54.45
N TYR F 259 55.60 1.29 -54.11
CA TYR F 259 56.68 1.56 -55.05
C TYR F 259 57.50 0.32 -55.35
N ILE F 260 57.80 -0.45 -54.29
CA ILE F 260 58.53 -1.71 -54.43
C ILE F 260 57.83 -2.62 -55.41
N THR F 261 56.53 -2.81 -55.20
CA THR F 261 55.77 -3.72 -56.04
C THR F 261 55.67 -3.21 -57.48
N GLU F 262 55.54 -1.89 -57.66
CA GLU F 262 55.45 -1.35 -59.01
C GLU F 262 56.75 -1.52 -59.76
N GLU F 263 57.89 -1.36 -59.08
CA GLU F 263 59.16 -1.57 -59.73
C GLU F 263 59.34 -3.03 -60.10
N ILE F 264 58.93 -3.93 -59.21
CA ILE F 264 59.09 -5.35 -59.49
C ILE F 264 58.19 -5.78 -60.62
N TYR F 265 57.01 -5.16 -60.75
CA TYR F 265 56.19 -5.42 -61.92
C TYR F 265 56.87 -4.92 -63.19
N LYS F 266 57.47 -3.73 -63.13
CA LYS F 266 58.08 -3.19 -64.32
C LYS F 266 59.36 -3.89 -64.72
N THR F 267 59.93 -4.70 -63.83
CA THR F 267 60.93 -5.67 -64.29
C THR F 267 60.30 -6.62 -65.29
N GLY F 268 59.12 -7.13 -64.98
CA GLY F 268 58.52 -8.16 -65.79
C GLY F 268 59.05 -9.54 -65.52
N LEU F 269 59.94 -9.70 -64.55
CA LEU F 269 60.48 -11.01 -64.21
C LEU F 269 59.93 -11.53 -62.90
N LEU F 270 58.77 -11.05 -62.50
CA LEU F 270 58.11 -11.61 -61.33
C LEU F 270 57.62 -13.00 -61.65
N SER F 271 57.84 -13.93 -60.74
CA SER F 271 57.54 -15.32 -61.05
C SER F 271 56.70 -15.96 -59.97
N GLY F 272 56.85 -15.52 -58.73
CA GLY F 272 56.05 -16.08 -57.67
C GLY F 272 55.95 -15.14 -56.49
N LEU F 273 54.73 -14.88 -56.05
CA LEU F 273 54.46 -13.89 -55.02
C LEU F 273 53.87 -14.57 -53.80
N ASP F 274 54.38 -14.23 -52.62
CA ASP F 274 53.96 -14.86 -51.38
C ASP F 274 53.53 -13.78 -50.39
N ILE F 275 52.33 -13.95 -49.82
CA ILE F 275 51.77 -13.00 -48.86
C ILE F 275 51.47 -13.78 -47.60
N MET F 276 52.13 -13.44 -46.51
CA MET F 276 52.00 -14.25 -45.31
C MET F 276 51.55 -13.40 -44.13
N GLU F 277 51.39 -14.07 -42.99
CA GLU F 277 51.28 -13.49 -41.66
C GLU F 277 50.04 -12.60 -41.48
N VAL F 278 49.04 -12.75 -42.34
CA VAL F 278 47.82 -11.97 -42.18
C VAL F 278 46.97 -12.63 -41.11
N ASN F 279 46.86 -11.98 -39.95
CA ASN F 279 45.99 -12.52 -38.92
C ASN F 279 44.83 -11.58 -38.70
N PRO F 280 43.62 -11.97 -39.11
CA PRO F 280 42.45 -11.17 -38.79
C PRO F 280 42.04 -11.25 -37.34
N SER F 281 42.54 -12.21 -36.58
CA SER F 281 42.19 -12.26 -35.18
C SER F 281 42.96 -11.25 -34.35
N LEU F 282 43.90 -10.52 -34.94
CA LEU F 282 44.68 -9.54 -34.20
C LEU F 282 44.19 -8.13 -34.41
N GLY F 283 43.14 -7.93 -35.18
CA GLY F 283 42.55 -6.61 -35.31
C GLY F 283 41.76 -6.30 -34.05
N LYS F 284 42.09 -5.19 -33.41
CA LYS F 284 41.34 -4.79 -32.22
C LYS F 284 39.93 -4.37 -32.61
N THR F 285 39.78 -3.76 -33.77
CA THR F 285 38.50 -3.61 -34.40
C THR F 285 38.55 -4.34 -35.73
N PRO F 286 37.42 -4.75 -36.28
CA PRO F 286 37.41 -5.27 -37.64
C PRO F 286 37.82 -4.25 -38.69
N GLU F 287 37.71 -2.97 -38.36
CA GLU F 287 38.27 -1.93 -39.22
C GLU F 287 39.77 -2.07 -39.36
N GLU F 288 40.46 -2.49 -38.30
CA GLU F 288 41.90 -2.71 -38.39
C GLU F 288 42.23 -3.84 -39.35
N VAL F 289 41.43 -4.91 -39.28
CA VAL F 289 41.55 -6.02 -40.22
C VAL F 289 41.32 -5.53 -41.63
N THR F 290 40.31 -4.67 -41.79
CA THR F 290 39.99 -4.11 -43.09
C THR F 290 41.14 -3.29 -43.64
N ARG F 291 41.80 -2.52 -42.77
CA ARG F 291 42.98 -1.76 -43.20
C ARG F 291 44.11 -2.68 -43.63
N THR F 292 44.40 -3.71 -42.83
CA THR F 292 45.49 -4.63 -43.14
C THR F 292 45.22 -5.36 -44.46
N VAL F 293 43.98 -5.78 -44.66
CA VAL F 293 43.67 -6.59 -45.82
C VAL F 293 43.63 -5.73 -47.07
N ASN F 294 43.04 -4.53 -46.99
CA ASN F 294 43.04 -3.65 -48.15
C ASN F 294 44.44 -3.22 -48.52
N THR F 295 45.32 -3.06 -47.51
CA THR F 295 46.72 -2.79 -47.77
C THR F 295 47.37 -3.93 -48.53
N ALA F 296 47.16 -5.16 -48.06
CA ALA F 296 47.81 -6.32 -48.69
C ALA F 296 47.28 -6.56 -50.09
N VAL F 297 45.99 -6.34 -50.28
CA VAL F 297 45.37 -6.51 -51.58
C VAL F 297 45.88 -5.46 -52.55
N ALA F 298 46.07 -4.23 -52.08
CA ALA F 298 46.61 -3.19 -52.93
C ALA F 298 48.06 -3.48 -53.31
N ILE F 299 48.81 -4.06 -52.37
CA ILE F 299 50.17 -4.52 -52.66
C ILE F 299 50.16 -5.57 -53.76
N THR F 300 49.27 -6.55 -53.64
CA THR F 300 49.22 -7.63 -54.60
C THR F 300 48.78 -7.14 -55.97
N LEU F 301 47.78 -6.27 -56.01
CA LEU F 301 47.32 -5.70 -57.27
C LEU F 301 48.40 -4.87 -57.93
N ALA F 302 49.17 -4.12 -57.12
CA ALA F 302 50.29 -3.39 -57.68
C ALA F 302 51.40 -4.30 -58.13
N CYS F 303 51.44 -5.55 -57.67
CA CYS F 303 52.36 -6.49 -58.29
C CYS F 303 51.92 -6.95 -59.67
N PHE F 304 50.72 -6.61 -60.12
CA PHE F 304 50.23 -7.14 -61.37
C PHE F 304 49.65 -6.04 -62.24
N GLY F 305 50.40 -4.97 -62.41
CA GLY F 305 50.07 -3.96 -63.37
C GLY F 305 49.32 -2.77 -62.83
N LEU F 306 48.67 -2.91 -61.68
CA LEU F 306 47.90 -1.80 -61.15
C LEU F 306 48.85 -0.73 -60.65
N ALA F 307 49.16 0.23 -61.51
CA ALA F 307 50.00 1.33 -61.13
C ALA F 307 49.17 2.43 -60.50
N ARG F 308 49.80 3.17 -59.59
CA ARG F 308 49.15 4.34 -59.03
C ARG F 308 48.98 5.43 -60.07
N GLU F 309 49.80 5.44 -61.12
CA GLU F 309 49.53 6.34 -62.22
C GLU F 309 48.36 5.87 -63.05
N GLY F 310 47.92 4.63 -62.90
CA GLY F 310 46.77 4.12 -63.60
C GLY F 310 47.15 3.28 -64.79
N ASN F 311 46.14 2.63 -65.36
CA ASN F 311 46.32 1.75 -66.49
C ASN F 311 45.28 2.06 -67.53
N HIS F 312 45.47 1.51 -68.72
CA HIS F 312 44.45 1.60 -69.75
C HIS F 312 44.58 0.38 -70.65
N LYS F 313 43.47 -0.14 -71.06
CA LYS F 313 43.56 -1.19 -72.05
C LYS F 313 43.88 -0.58 -73.40
N PRO F 314 44.76 -1.18 -74.17
CA PRO F 314 45.36 -0.50 -75.32
C PRO F 314 44.43 -0.40 -76.53
N ILE F 315 43.32 0.31 -76.35
CA ILE F 315 42.47 0.74 -77.45
C ILE F 315 42.24 2.23 -77.27
N ASP F 316 41.83 2.89 -78.36
CA ASP F 316 41.54 4.32 -78.31
C ASP F 316 40.28 4.54 -77.48
N TYR F 317 40.42 5.31 -76.41
CA TYR F 317 39.26 5.68 -75.60
C TYR F 317 38.58 6.93 -76.10
N LEU F 318 39.08 7.53 -77.18
CA LEU F 318 38.42 8.69 -77.78
C LEU F 318 37.51 8.25 -78.92
N ASN F 319 36.55 7.42 -78.57
CA ASN F 319 35.59 6.89 -79.53
C ASN F 319 34.19 6.88 -78.95
N ALA G 3 54.61 43.28 -51.21
CA ALA G 3 55.59 43.13 -52.27
C ALA G 3 54.90 42.74 -53.56
N LYS G 4 55.70 42.28 -54.54
CA LYS G 4 55.15 41.68 -55.74
C LYS G 4 54.39 40.42 -55.39
N SER G 5 55.09 39.46 -54.82
CA SER G 5 54.41 38.34 -54.18
C SER G 5 53.81 38.83 -52.87
N ARG G 6 53.01 37.94 -52.28
CA ARG G 6 52.08 38.21 -51.16
C ARG G 6 51.37 39.55 -51.30
N THR G 7 50.73 39.70 -52.46
CA THR G 7 49.76 40.75 -52.72
C THR G 7 48.52 40.02 -53.23
N ILE G 8 47.51 39.87 -52.39
CA ILE G 8 46.55 38.80 -52.54
C ILE G 8 45.18 39.40 -52.82
N GLY G 9 44.53 38.90 -53.86
CA GLY G 9 43.10 38.95 -53.90
C GLY G 9 42.51 37.64 -53.40
N ILE G 10 41.64 37.70 -52.40
CA ILE G 10 40.96 36.50 -51.93
C ILE G 10 39.57 36.45 -52.53
N ILE G 11 39.25 35.36 -53.20
CA ILE G 11 37.94 35.15 -53.78
C ILE G 11 37.40 33.83 -53.26
N GLY G 12 36.33 33.89 -52.51
CA GLY G 12 35.63 32.67 -52.16
C GLY G 12 34.69 32.25 -53.27
N ALA G 13 34.30 30.97 -53.25
CA ALA G 13 33.34 30.45 -54.21
C ALA G 13 32.55 29.33 -53.57
N PRO G 14 31.48 29.66 -52.87
CA PRO G 14 30.68 28.63 -52.18
C PRO G 14 29.81 27.88 -53.17
N PHE G 15 30.38 26.85 -53.78
CA PHE G 15 29.73 26.17 -54.89
C PHE G 15 29.86 24.67 -54.73
N SER G 16 28.82 23.94 -55.13
CA SER G 16 28.85 22.49 -54.99
C SER G 16 28.28 21.72 -56.15
N LYS G 17 27.73 22.36 -57.17
CA LYS G 17 26.92 21.62 -58.12
C LYS G 17 27.74 20.84 -59.14
N GLY G 18 29.06 20.93 -59.10
CA GLY G 18 29.85 20.07 -59.96
C GLY G 18 30.09 18.69 -59.39
N GLN G 19 29.63 18.45 -58.18
CA GLN G 19 29.90 17.22 -57.45
C GLN G 19 28.63 16.80 -56.71
N PRO G 20 28.52 15.54 -56.31
CA PRO G 20 27.28 15.13 -55.62
C PRO G 20 27.19 15.57 -54.17
N ARG G 21 28.23 15.40 -53.37
CA ARG G 21 28.08 15.50 -51.91
C ARG G 21 27.93 16.95 -51.50
N GLY G 22 26.73 17.34 -51.09
CA GLY G 22 26.50 18.72 -50.68
C GLY G 22 27.26 19.04 -49.41
N GLY G 23 27.94 20.18 -49.40
CA GLY G 23 28.72 20.56 -48.25
C GLY G 23 29.99 21.31 -48.58
N VAL G 24 30.49 21.20 -49.82
CA VAL G 24 31.66 21.99 -50.20
C VAL G 24 31.32 23.43 -50.49
N GLU G 25 30.04 23.81 -50.44
CA GLU G 25 29.69 25.21 -50.36
C GLU G 25 30.22 25.84 -49.09
N GLU G 26 30.37 25.07 -48.02
CA GLU G 26 31.02 25.57 -46.82
C GLU G 26 32.53 25.38 -46.90
N GLY G 27 33.10 25.84 -48.00
CA GLY G 27 34.52 26.07 -48.11
C GLY G 27 34.88 27.47 -47.68
N PRO G 28 34.33 28.49 -48.36
CA PRO G 28 34.61 29.88 -47.95
C PRO G 28 34.19 30.23 -46.56
N THR G 29 33.03 29.73 -46.12
CA THR G 29 32.56 29.96 -44.77
C THR G 29 33.56 29.47 -43.74
N VAL G 30 34.08 28.27 -43.96
CA VAL G 30 34.96 27.67 -42.98
C VAL G 30 36.36 28.27 -43.06
N LEU G 31 36.89 28.43 -44.26
CA LEU G 31 38.22 28.97 -44.41
C LEU G 31 38.31 30.43 -44.01
N ARG G 32 37.20 31.17 -44.05
CA ARG G 32 37.28 32.48 -43.46
C ARG G 32 37.04 32.44 -41.96
N LYS G 33 36.13 31.58 -41.48
CA LYS G 33 35.86 31.57 -40.05
C LYS G 33 36.98 30.92 -39.26
N ALA G 34 37.81 30.08 -39.90
CA ALA G 34 38.99 29.60 -39.22
C ALA G 34 40.03 30.68 -39.09
N GLY G 35 39.99 31.66 -39.97
CA GLY G 35 40.92 32.76 -39.89
C GLY G 35 42.02 32.56 -40.89
N LEU G 36 41.87 33.17 -42.04
CA LEU G 36 42.89 33.07 -43.08
C LEU G 36 43.42 34.44 -43.46
N LEU G 37 42.53 35.40 -43.66
CA LEU G 37 42.90 36.79 -43.89
C LEU G 37 43.78 37.31 -42.78
N GLU G 38 43.43 36.97 -41.55
CA GLU G 38 44.17 37.39 -40.38
C GLU G 38 45.56 36.79 -40.37
N LYS G 39 45.64 35.48 -40.62
CA LYS G 39 46.92 34.80 -40.62
C LYS G 39 47.78 35.21 -41.79
N LEU G 40 47.20 35.80 -42.82
CA LEU G 40 48.02 36.39 -43.85
C LEU G 40 48.64 37.70 -43.39
N LYS G 41 47.86 38.55 -42.71
CA LYS G 41 48.21 39.95 -42.57
C LYS G 41 49.38 40.22 -41.63
N GLU G 42 49.98 39.22 -41.00
CA GLU G 42 51.14 39.52 -40.16
C GLU G 42 52.37 39.75 -41.02
N GLN G 43 52.74 38.75 -41.79
CA GLN G 43 53.68 39.01 -42.87
C GLN G 43 53.00 39.88 -43.91
N GLU G 44 53.82 40.59 -44.69
CA GLU G 44 53.39 41.79 -45.41
C GLU G 44 52.49 41.40 -46.58
N CYS G 45 51.26 41.06 -46.24
CA CYS G 45 50.29 40.57 -47.20
C CYS G 45 49.25 41.65 -47.45
N ASP G 46 49.26 42.23 -48.64
CA ASP G 46 48.23 43.17 -49.05
C ASP G 46 46.97 42.37 -49.33
N VAL G 47 46.26 42.05 -48.26
CA VAL G 47 45.09 41.20 -48.34
C VAL G 47 43.92 42.07 -48.76
N LYS G 48 43.25 41.69 -49.83
CA LYS G 48 42.00 42.31 -50.20
C LYS G 48 41.03 41.20 -50.56
N ASP G 49 40.03 41.02 -49.71
CA ASP G 49 38.94 40.13 -50.06
C ASP G 49 38.12 40.75 -51.18
N TYR G 50 37.46 39.89 -51.93
CA TYR G 50 36.49 40.32 -52.92
C TYR G 50 35.17 39.63 -52.70
N GLY G 51 35.01 38.98 -51.55
CA GLY G 51 33.75 38.40 -51.15
C GLY G 51 33.48 37.09 -51.86
N ASP G 52 32.51 36.37 -51.33
CA ASP G 52 32.03 35.19 -52.02
C ASP G 52 31.17 35.62 -53.19
N LEU G 53 31.27 34.89 -54.28
CA LEU G 53 30.50 35.29 -55.46
C LEU G 53 29.05 34.87 -55.29
N PRO G 54 28.11 35.71 -55.64
CA PRO G 54 26.69 35.33 -55.60
C PRO G 54 26.36 34.42 -56.78
N PHE G 55 26.62 33.14 -56.59
CA PHE G 55 26.28 32.17 -57.62
C PHE G 55 24.78 31.94 -57.66
N ALA G 56 24.23 31.98 -58.86
CA ALA G 56 22.79 31.90 -59.05
C ALA G 56 22.34 30.45 -58.91
N ASP G 57 21.06 30.20 -59.17
CA ASP G 57 20.50 28.86 -59.11
C ASP G 57 19.59 28.70 -60.32
N ILE G 58 20.10 28.08 -61.37
CA ILE G 58 19.26 27.73 -62.50
C ILE G 58 18.46 26.50 -62.07
N PRO G 59 17.13 26.59 -62.02
CA PRO G 59 16.35 25.44 -61.54
C PRO G 59 16.29 24.31 -62.55
N ASN G 60 16.12 24.63 -63.83
CA ASN G 60 16.02 23.60 -64.87
C ASN G 60 17.40 23.27 -65.42
N ASP G 61 18.25 22.80 -64.51
CA ASP G 61 19.61 22.40 -64.86
C ASP G 61 19.54 21.02 -65.51
N SER G 62 19.08 21.01 -66.75
CA SER G 62 18.92 19.78 -67.48
C SER G 62 20.28 19.26 -67.89
N PRO G 63 20.63 18.04 -67.54
CA PRO G 63 22.00 17.57 -67.79
C PRO G 63 22.25 17.27 -69.25
N PHE G 64 23.50 16.93 -69.52
CA PHE G 64 23.87 16.23 -70.74
C PHE G 64 23.66 14.74 -70.45
N GLN G 65 24.20 13.86 -71.30
CA GLN G 65 24.04 12.42 -71.14
C GLN G 65 24.63 11.93 -69.83
N ILE G 66 25.93 12.04 -69.67
CA ILE G 66 26.56 11.64 -68.42
C ILE G 66 26.82 12.92 -67.64
N VAL G 67 27.15 13.98 -68.37
CA VAL G 67 27.54 15.25 -67.76
C VAL G 67 26.34 15.86 -67.05
N LYS G 68 26.42 15.94 -65.74
CA LYS G 68 25.33 16.44 -64.92
C LYS G 68 25.58 17.88 -64.53
N ASN G 69 24.48 18.62 -64.40
CA ASN G 69 24.49 20.03 -64.01
C ASN G 69 25.41 20.95 -64.81
N PRO G 70 25.25 21.03 -66.13
CA PRO G 70 26.26 21.75 -66.90
C PRO G 70 26.15 23.26 -66.84
N ARG G 71 24.92 23.77 -66.83
CA ARG G 71 24.74 25.19 -67.05
C ARG G 71 25.04 26.00 -65.81
N SER G 72 24.69 25.47 -64.65
CA SER G 72 25.02 26.15 -63.39
C SER G 72 26.53 26.22 -63.20
N VAL G 73 27.22 25.15 -63.57
CA VAL G 73 28.67 25.14 -63.49
C VAL G 73 29.27 26.12 -64.49
N GLY G 74 28.70 26.18 -65.69
CA GLY G 74 29.22 27.09 -66.69
C GLY G 74 29.03 28.54 -66.33
N LYS G 75 27.86 28.88 -65.81
CA LYS G 75 27.59 30.23 -65.33
C LYS G 75 28.49 30.57 -64.15
N ALA G 76 28.72 29.58 -63.26
CA ALA G 76 29.55 29.79 -62.10
C ALA G 76 30.98 30.09 -62.50
N SER G 77 31.54 29.29 -63.40
CA SER G 77 32.92 29.51 -63.80
C SER G 77 33.05 30.75 -64.67
N GLU G 78 31.98 31.17 -65.35
CA GLU G 78 32.05 32.41 -66.11
C GLU G 78 32.13 33.61 -65.19
N GLN G 79 31.25 33.64 -64.19
CA GLN G 79 31.30 34.67 -63.16
C GLN G 79 32.65 34.67 -62.45
N LEU G 80 33.19 33.48 -62.20
CA LEU G 80 34.48 33.37 -61.53
C LEU G 80 35.60 33.86 -62.43
N ALA G 81 35.54 33.55 -63.72
CA ALA G 81 36.58 33.98 -64.64
C ALA G 81 36.60 35.49 -64.77
N GLY G 82 35.42 36.11 -64.79
CA GLY G 82 35.35 37.56 -64.78
C GLY G 82 35.94 38.16 -63.53
N LYS G 83 35.63 37.59 -62.36
CA LYS G 83 36.14 38.15 -61.12
C LYS G 83 37.64 37.94 -60.96
N VAL G 84 38.14 36.79 -61.42
CA VAL G 84 39.56 36.49 -61.27
C VAL G 84 40.38 37.35 -62.22
N ALA G 85 39.93 37.50 -63.46
CA ALA G 85 40.61 38.41 -64.37
C ALA G 85 40.55 39.84 -63.86
N GLU G 86 39.44 40.20 -63.20
CA GLU G 86 39.31 41.52 -62.61
C GLU G 86 40.34 41.74 -61.52
N VAL G 87 40.57 40.75 -60.66
CA VAL G 87 41.51 40.99 -59.59
C VAL G 87 42.95 40.77 -60.05
N LYS G 88 43.16 40.13 -61.19
CA LYS G 88 44.49 40.14 -61.76
C LYS G 88 44.78 41.44 -62.49
N LYS G 89 43.73 42.16 -62.89
CA LYS G 89 43.93 43.53 -63.36
C LYS G 89 44.44 44.42 -62.24
N ASN G 90 44.08 44.11 -61.01
CA ASN G 90 44.67 44.78 -59.85
C ASN G 90 46.10 44.35 -59.58
N GLY G 91 46.65 43.41 -60.36
CA GLY G 91 48.01 42.99 -60.16
C GLY G 91 48.23 42.18 -58.91
N ARG G 92 47.17 41.61 -58.35
CA ARG G 92 47.32 40.82 -57.15
C ARG G 92 47.57 39.37 -57.52
N ILE G 93 47.56 38.50 -56.53
CA ILE G 93 47.63 37.06 -56.72
C ILE G 93 46.26 36.50 -56.42
N SER G 94 45.65 35.89 -57.42
CA SER G 94 44.26 35.46 -57.33
C SER G 94 44.17 34.22 -56.46
N LEU G 95 44.10 34.43 -55.16
CA LEU G 95 43.77 33.32 -54.27
C LEU G 95 42.29 33.05 -54.40
N VAL G 96 41.96 31.90 -54.95
CA VAL G 96 40.58 31.47 -55.06
C VAL G 96 40.43 30.25 -54.17
N LEU G 97 39.31 30.16 -53.49
CA LEU G 97 39.03 28.93 -52.78
C LEU G 97 37.56 28.60 -52.95
N GLY G 98 37.25 27.32 -53.04
CA GLY G 98 35.90 26.89 -53.32
C GLY G 98 35.39 25.90 -52.30
N GLY G 99 34.51 24.98 -52.70
CA GLY G 99 34.08 24.85 -54.09
C GLY G 99 34.49 23.48 -54.60
N ASP G 100 34.78 23.37 -55.89
CA ASP G 100 35.39 22.17 -56.41
C ASP G 100 36.24 22.52 -57.62
N HIS G 101 36.73 21.47 -58.27
CA HIS G 101 37.62 21.65 -59.40
C HIS G 101 36.93 22.21 -60.63
N SER G 102 35.60 22.19 -60.67
CA SER G 102 34.89 22.74 -61.81
C SER G 102 35.10 24.25 -61.91
N LEU G 103 35.32 24.90 -60.79
CA LEU G 103 35.58 26.32 -60.77
C LEU G 103 36.98 26.65 -61.25
N ALA G 104 37.88 25.68 -61.25
CA ALA G 104 39.23 25.94 -61.74
C ALA G 104 39.26 26.22 -63.23
N ILE G 105 38.21 25.81 -63.96
CA ILE G 105 38.00 26.23 -65.34
C ILE G 105 38.03 27.74 -65.44
N GLY G 106 37.11 28.39 -64.74
CA GLY G 106 37.07 29.85 -64.77
C GLY G 106 38.28 30.47 -64.12
N SER G 107 38.83 29.82 -63.08
CA SER G 107 39.99 30.35 -62.38
C SER G 107 41.20 30.44 -63.28
N ILE G 108 41.42 29.43 -64.10
CA ILE G 108 42.55 29.49 -65.01
C ILE G 108 42.17 30.24 -66.28
N SER G 109 40.88 30.31 -66.62
CA SER G 109 40.46 31.01 -67.81
C SER G 109 40.66 32.50 -67.67
N GLY G 110 40.16 33.08 -66.56
CA GLY G 110 40.34 34.49 -66.32
C GLY G 110 41.79 34.85 -66.06
N HIS G 111 42.55 33.92 -65.49
CA HIS G 111 43.97 34.14 -65.29
C HIS G 111 44.69 34.17 -66.63
N ALA G 112 44.29 33.31 -67.55
CA ALA G 112 44.89 33.27 -68.86
C ALA G 112 44.46 34.42 -69.73
N ARG G 113 43.30 35.01 -69.42
CA ARG G 113 42.91 36.26 -70.06
C ARG G 113 43.96 37.33 -69.82
N VAL G 114 44.39 37.48 -68.58
CA VAL G 114 45.42 38.45 -68.27
C VAL G 114 46.79 37.92 -68.63
N HIS G 115 47.10 36.70 -68.25
CA HIS G 115 48.43 36.13 -68.49
C HIS G 115 48.33 34.89 -69.36
N PRO G 116 48.52 35.02 -70.67
CA PRO G 116 48.33 33.86 -71.54
C PRO G 116 49.44 32.82 -71.44
N ASP G 117 50.58 33.16 -70.84
CA ASP G 117 51.73 32.27 -70.83
C ASP G 117 51.88 31.55 -69.50
N LEU G 118 50.79 31.20 -68.85
CA LEU G 118 50.94 30.66 -67.51
C LEU G 118 51.30 29.19 -67.54
N GLY G 119 51.54 28.65 -66.36
CA GLY G 119 51.73 27.22 -66.19
C GLY G 119 50.92 26.74 -65.03
N VAL G 120 50.33 25.56 -65.19
CA VAL G 120 49.45 24.99 -64.19
C VAL G 120 50.19 23.86 -63.50
N ILE G 121 50.24 23.91 -62.18
CA ILE G 121 50.65 22.76 -61.39
C ILE G 121 49.39 22.25 -60.72
N TRP G 122 48.82 21.19 -61.27
CA TRP G 122 47.53 20.69 -60.81
C TRP G 122 47.78 19.60 -59.79
N VAL G 123 47.83 19.97 -58.52
CA VAL G 123 48.06 19.02 -57.45
C VAL G 123 46.71 18.44 -57.03
N ASP G 124 46.55 17.14 -57.20
CA ASP G 124 45.30 16.45 -56.99
C ASP G 124 45.60 14.96 -56.97
N ALA G 125 44.75 14.21 -56.27
CA ALA G 125 44.84 12.76 -56.35
C ALA G 125 44.37 12.26 -57.71
N HIS G 126 43.59 13.06 -58.41
CA HIS G 126 43.03 12.68 -59.69
C HIS G 126 43.56 13.59 -60.78
N THR G 127 43.43 13.15 -62.03
CA THR G 127 43.91 13.98 -63.11
C THR G 127 42.89 15.02 -63.50
N ASP G 128 41.60 14.69 -63.31
CA ASP G 128 40.47 15.52 -63.68
C ASP G 128 40.47 15.88 -65.16
N ILE G 129 40.96 14.99 -65.99
CA ILE G 129 41.09 15.26 -67.40
C ILE G 129 40.01 14.52 -68.20
N ASN G 130 38.94 14.12 -67.53
CA ASN G 130 37.80 13.49 -68.20
C ASN G 130 37.21 14.43 -69.24
N THR G 131 37.12 13.96 -70.45
CA THR G 131 36.31 14.65 -71.42
C THR G 131 34.86 14.30 -71.14
N PRO G 132 33.91 15.09 -71.66
CA PRO G 132 32.50 14.67 -71.59
C PRO G 132 32.22 13.35 -72.25
N LEU G 133 33.01 12.95 -73.25
CA LEU G 133 32.87 11.61 -73.78
C LEU G 133 33.41 10.56 -72.83
N THR G 134 34.57 10.82 -72.24
CA THR G 134 35.29 9.80 -71.49
C THR G 134 34.93 9.76 -70.01
N THR G 135 33.97 10.56 -69.57
CA THR G 135 33.61 10.45 -68.17
C THR G 135 32.71 9.25 -67.95
N THR G 136 32.56 8.90 -66.68
CA THR G 136 31.62 7.90 -66.22
C THR G 136 30.63 8.47 -65.22
N SER G 137 31.07 9.36 -64.36
CA SER G 137 30.16 10.02 -63.44
C SER G 137 29.48 11.20 -64.11
N GLY G 138 30.23 11.97 -64.89
CA GLY G 138 29.76 13.22 -65.41
C GLY G 138 29.79 14.35 -64.41
N ASN G 139 30.32 14.12 -63.22
CA ASN G 139 30.52 15.19 -62.26
C ASN G 139 31.66 16.07 -62.73
N LEU G 140 31.40 17.37 -62.83
CA LEU G 140 32.30 18.23 -63.58
C LEU G 140 33.60 18.55 -62.86
N HIS G 141 33.69 18.27 -61.56
CA HIS G 141 34.97 18.38 -60.89
C HIS G 141 35.94 17.32 -61.38
N GLY G 142 35.43 16.24 -61.95
CA GLY G 142 36.27 15.39 -62.75
C GLY G 142 36.58 15.91 -64.14
N GLN G 143 35.94 17.00 -64.55
CA GLN G 143 36.29 17.47 -65.89
C GLN G 143 36.80 18.90 -66.08
N PRO G 144 37.69 19.50 -65.27
CA PRO G 144 38.11 20.85 -65.65
C PRO G 144 39.16 20.89 -66.74
N VAL G 145 40.09 19.94 -66.72
CA VAL G 145 41.32 20.09 -67.49
C VAL G 145 41.05 19.95 -68.98
N SER G 146 40.05 19.15 -69.33
CA SER G 146 39.69 18.90 -70.72
C SER G 146 39.24 20.15 -71.44
N PHE G 147 38.71 21.14 -70.73
CA PHE G 147 38.28 22.36 -71.38
C PHE G 147 39.42 23.34 -71.59
N LEU G 148 40.51 23.20 -70.86
CA LEU G 148 41.59 24.18 -70.94
C LEU G 148 42.69 23.75 -71.88
N LEU G 149 42.77 22.47 -72.19
CA LEU G 149 43.80 21.99 -73.10
C LEU G 149 43.44 22.31 -74.53
N LYS G 150 44.36 22.98 -75.22
CA LYS G 150 44.15 23.28 -76.63
C LYS G 150 44.21 22.01 -77.48
N GLU G 151 44.91 20.99 -76.99
CA GLU G 151 45.06 19.76 -77.76
C GLU G 151 43.79 18.92 -77.75
N LEU G 152 42.87 19.19 -76.84
CA LEU G 152 41.60 18.51 -76.84
C LEU G 152 40.52 19.30 -77.56
N LYS G 153 40.90 20.33 -78.29
CA LYS G 153 39.94 21.03 -79.13
C LYS G 153 39.47 20.10 -80.24
N GLY G 154 38.15 20.06 -80.43
CA GLY G 154 37.53 19.06 -81.26
C GLY G 154 37.12 17.82 -80.49
N LYS G 155 37.87 17.47 -79.44
CA LYS G 155 37.47 16.38 -78.57
C LYS G 155 36.45 16.83 -77.53
N ILE G 156 36.14 18.10 -77.45
CA ILE G 156 35.24 18.64 -76.45
C ILE G 156 33.91 18.97 -77.13
N PRO G 157 32.83 18.28 -76.79
CA PRO G 157 31.51 18.70 -77.26
C PRO G 157 31.10 20.01 -76.62
N ASP G 158 30.23 20.73 -77.33
CA ASP G 158 29.79 22.04 -76.86
C ASP G 158 28.78 21.84 -75.75
N VAL G 159 29.30 21.78 -74.54
CA VAL G 159 28.46 21.57 -73.36
C VAL G 159 27.71 22.87 -73.06
N PRO G 160 26.40 22.81 -72.83
CA PRO G 160 25.62 24.05 -72.59
C PRO G 160 26.05 24.75 -71.31
N GLY G 161 26.43 26.02 -71.47
CA GLY G 161 26.96 26.81 -70.40
C GLY G 161 28.44 27.13 -70.55
N PHE G 162 29.12 26.45 -71.46
CA PHE G 162 30.56 26.61 -71.61
C PHE G 162 30.93 27.20 -72.95
N SER G 163 30.05 28.04 -73.49
CA SER G 163 30.33 28.72 -74.75
C SER G 163 31.45 29.73 -74.60
N TRP G 164 31.51 30.43 -73.46
CA TRP G 164 32.57 31.39 -73.19
C TRP G 164 33.93 30.73 -73.01
N VAL G 165 33.97 29.42 -72.81
CA VAL G 165 35.22 28.74 -72.49
C VAL G 165 36.09 28.64 -73.73
N THR G 166 37.34 29.04 -73.59
CA THR G 166 38.35 28.84 -74.60
C THR G 166 39.50 28.06 -73.98
N PRO G 167 40.01 27.01 -74.62
CA PRO G 167 41.20 26.34 -74.10
C PRO G 167 42.41 27.27 -74.17
N CYS G 168 43.23 27.19 -73.13
CA CYS G 168 44.14 28.29 -72.86
C CYS G 168 45.60 27.85 -72.73
N ILE G 169 45.83 26.64 -72.24
CA ILE G 169 47.19 26.16 -72.07
C ILE G 169 47.48 25.04 -73.05
N SER G 170 48.76 24.78 -73.23
CA SER G 170 49.21 23.63 -74.00
C SER G 170 49.40 22.45 -73.08
N ALA G 171 49.54 21.27 -73.68
CA ALA G 171 49.73 20.07 -72.91
C ALA G 171 51.10 20.03 -72.25
N LYS G 172 52.09 20.67 -72.85
CA LYS G 172 53.44 20.65 -72.33
C LYS G 172 53.69 21.69 -71.25
N ASP G 173 52.65 22.39 -70.81
CA ASP G 173 52.81 23.44 -69.83
C ASP G 173 52.14 23.14 -68.51
N ILE G 174 51.50 21.99 -68.38
CA ILE G 174 50.80 21.61 -67.16
C ILE G 174 51.54 20.44 -66.54
N VAL G 175 51.64 20.46 -65.22
CA VAL G 175 52.36 19.44 -64.49
C VAL G 175 51.45 18.88 -63.41
N TYR G 176 51.26 17.58 -63.40
CA TYR G 176 50.57 16.92 -62.31
C TYR G 176 51.56 16.46 -61.26
N ILE G 177 51.17 16.62 -60.00
CA ILE G 177 51.94 16.10 -58.88
C ILE G 177 50.97 15.36 -57.97
N GLY G 178 51.23 14.09 -57.75
CA GLY G 178 50.48 13.31 -56.79
C GLY G 178 49.32 12.53 -57.35
N LEU G 179 49.44 12.01 -58.56
CA LEU G 179 48.35 11.21 -59.11
C LEU G 179 48.37 9.84 -58.47
N ARG G 180 47.23 9.43 -57.91
CA ARG G 180 47.15 8.08 -57.39
C ARG G 180 45.79 7.44 -57.61
N ASP G 181 44.90 8.09 -58.36
CA ASP G 181 43.60 7.49 -58.70
C ASP G 181 43.24 8.03 -60.07
N VAL G 182 43.47 7.22 -61.09
CA VAL G 182 43.38 7.67 -62.48
C VAL G 182 42.46 6.72 -63.22
N ASP G 183 41.47 7.28 -63.91
CA ASP G 183 40.60 6.49 -64.76
C ASP G 183 41.38 5.95 -65.97
N PRO G 184 40.90 4.87 -66.59
CA PRO G 184 41.55 4.40 -67.81
C PRO G 184 41.53 5.40 -68.94
N GLY G 185 40.41 6.12 -69.11
CA GLY G 185 40.38 7.21 -70.07
C GLY G 185 41.36 8.31 -69.71
N GLU G 186 41.46 8.62 -68.43
CA GLU G 186 42.38 9.65 -67.97
C GLU G 186 43.83 9.24 -68.21
N HIS G 187 44.16 7.98 -67.92
CA HIS G 187 45.52 7.54 -68.16
C HIS G 187 45.81 7.45 -69.63
N TYR G 188 44.80 7.14 -70.44
CA TYR G 188 45.01 7.08 -71.88
C TYR G 188 45.27 8.46 -72.45
N ILE G 189 44.52 9.47 -72.01
CA ILE G 189 44.74 10.82 -72.51
C ILE G 189 46.06 11.36 -71.99
N LEU G 190 46.39 11.03 -70.74
CA LEU G 190 47.62 11.51 -70.12
C LEU G 190 48.84 10.94 -70.83
N LYS G 191 48.78 9.67 -71.22
CA LYS G 191 49.84 9.15 -72.06
C LYS G 191 49.74 9.66 -73.49
N THR G 192 48.54 10.01 -73.92
CA THR G 192 48.35 10.42 -75.31
C THR G 192 48.94 11.79 -75.55
N LEU G 193 48.64 12.74 -74.68
CA LEU G 193 49.12 14.09 -74.89
C LEU G 193 50.56 14.29 -74.47
N GLY G 194 51.16 13.32 -73.79
CA GLY G 194 52.51 13.48 -73.30
C GLY G 194 52.60 14.52 -72.21
N ILE G 195 51.53 14.70 -71.44
CA ILE G 195 51.53 15.66 -70.35
C ILE G 195 52.47 15.18 -69.25
N LYS G 196 53.42 16.03 -68.90
CA LYS G 196 54.38 15.68 -67.86
C LYS G 196 53.66 15.58 -66.53
N TYR G 197 53.73 14.43 -65.91
CA TYR G 197 53.10 14.21 -64.63
C TYR G 197 54.11 13.63 -63.68
N PHE G 198 53.87 13.83 -62.40
CA PHE G 198 54.65 13.20 -61.34
C PHE G 198 53.65 12.51 -60.44
N SER G 199 53.31 11.27 -60.76
CA SER G 199 52.46 10.50 -59.89
C SER G 199 53.25 10.06 -58.67
N MET G 200 52.55 9.43 -57.74
CA MET G 200 53.15 8.99 -56.48
C MET G 200 54.27 7.99 -56.68
N THR G 201 54.25 7.26 -57.79
CA THR G 201 55.38 6.44 -58.20
C THR G 201 56.65 7.26 -58.35
N GLU G 202 56.57 8.34 -59.13
CA GLU G 202 57.75 9.16 -59.38
C GLU G 202 58.17 9.91 -58.12
N VAL G 203 57.21 10.25 -57.27
CA VAL G 203 57.53 10.94 -56.03
C VAL G 203 58.28 10.00 -55.10
N ASP G 204 57.80 8.76 -54.98
CA ASP G 204 58.49 7.77 -54.17
C ASP G 204 59.84 7.42 -54.76
N ARG G 205 59.99 7.52 -56.07
CA ARG G 205 61.29 7.31 -56.68
C ARG G 205 62.25 8.43 -56.34
N LEU G 206 61.83 9.66 -56.55
CA LEU G 206 62.78 10.76 -56.62
C LEU G 206 62.97 11.49 -55.31
N GLY G 207 61.95 11.53 -54.45
CA GLY G 207 62.02 12.47 -53.36
C GLY G 207 61.43 13.79 -53.81
N ILE G 208 60.69 14.44 -52.91
CA ILE G 208 59.92 15.61 -53.28
C ILE G 208 60.81 16.79 -53.64
N GLY G 209 62.05 16.82 -53.13
CA GLY G 209 63.00 17.84 -53.55
C GLY G 209 63.35 17.71 -55.02
N LYS G 210 63.66 16.50 -55.44
CA LYS G 210 63.97 16.23 -56.83
C LYS G 210 62.74 16.45 -57.72
N VAL G 211 61.56 16.12 -57.20
CA VAL G 211 60.34 16.27 -57.99
C VAL G 211 60.05 17.75 -58.23
N MET G 212 60.13 18.57 -57.19
CA MET G 212 59.92 19.99 -57.34
C MET G 212 60.98 20.63 -58.21
N GLU G 213 62.22 20.16 -58.11
CA GLU G 213 63.29 20.69 -58.94
C GLU G 213 63.05 20.39 -60.41
N GLU G 214 62.65 19.15 -60.72
CA GLU G 214 62.35 18.79 -62.10
C GLU G 214 61.12 19.51 -62.61
N THR G 215 60.16 19.78 -61.72
CA THR G 215 58.96 20.50 -62.12
C THR G 215 59.28 21.92 -62.52
N LEU G 216 60.06 22.60 -61.69
CA LEU G 216 60.39 23.99 -61.99
C LEU G 216 61.38 24.08 -63.14
N SER G 217 62.20 23.06 -63.34
CA SER G 217 63.02 23.02 -64.54
C SER G 217 62.18 22.77 -65.78
N TYR G 218 61.11 21.98 -65.64
CA TYR G 218 60.27 21.69 -66.78
C TYR G 218 59.43 22.88 -67.18
N LEU G 219 59.04 23.70 -66.21
CA LEU G 219 58.20 24.85 -66.52
C LEU G 219 59.02 26.10 -66.77
N LEU G 220 59.81 26.50 -65.79
CA LEU G 220 60.51 27.77 -65.83
C LEU G 220 61.90 27.66 -66.42
N GLY G 221 62.36 26.45 -66.75
CA GLY G 221 63.68 26.29 -67.30
C GLY G 221 63.85 26.89 -68.67
N ARG G 222 62.77 27.08 -69.40
CA ARG G 222 62.79 27.81 -70.65
C ARG G 222 62.62 29.30 -70.44
N LYS G 223 61.69 29.71 -69.57
CA LYS G 223 61.26 31.09 -69.54
C LYS G 223 60.55 31.36 -68.22
N LYS G 224 60.81 32.52 -67.64
CA LYS G 224 60.09 32.96 -66.45
C LYS G 224 58.66 33.28 -66.83
N ARG G 225 57.71 32.59 -66.22
CA ARG G 225 56.31 32.74 -66.56
C ARG G 225 55.48 32.56 -65.31
N PRO G 226 54.33 33.24 -65.22
CA PRO G 226 53.54 33.20 -63.98
C PRO G 226 52.93 31.83 -63.75
N ILE G 227 53.23 31.25 -62.61
CA ILE G 227 52.81 29.89 -62.30
C ILE G 227 51.50 29.93 -61.55
N HIS G 228 50.52 29.19 -62.04
CA HIS G 228 49.24 29.08 -61.38
C HIS G 228 49.17 27.71 -60.70
N LEU G 229 49.56 27.68 -59.44
CA LEU G 229 49.35 26.47 -58.65
C LEU G 229 47.87 26.31 -58.35
N SER G 230 47.31 25.18 -58.70
CA SER G 230 45.97 24.83 -58.27
C SER G 230 46.03 23.51 -57.53
N PHE G 231 45.28 23.43 -56.43
CA PHE G 231 45.59 22.47 -55.39
C PHE G 231 44.33 21.79 -54.91
N ASP G 232 44.30 20.47 -54.97
CA ASP G 232 43.27 19.73 -54.27
C ASP G 232 43.79 19.37 -52.90
N VAL G 233 42.86 19.32 -51.96
CA VAL G 233 43.20 18.86 -50.62
C VAL G 233 43.09 17.35 -50.49
N ASP G 234 42.57 16.66 -51.49
CA ASP G 234 42.62 15.21 -51.37
C ASP G 234 43.93 14.66 -51.91
N GLY G 235 44.73 15.49 -52.56
CA GLY G 235 46.03 15.04 -53.04
C GLY G 235 46.97 14.71 -51.91
N LEU G 236 46.78 15.36 -50.77
CA LEU G 236 47.44 14.94 -49.55
C LEU G 236 46.87 13.61 -49.07
N ASP G 237 47.62 12.96 -48.22
CA ASP G 237 47.13 11.71 -47.66
C ASP G 237 45.98 12.01 -46.70
N PRO G 238 44.91 11.22 -46.74
CA PRO G 238 43.70 11.56 -45.97
C PRO G 238 43.85 11.46 -44.46
N SER G 239 44.96 10.90 -43.97
CA SER G 239 45.30 11.05 -42.56
C SER G 239 45.38 12.51 -42.17
N PHE G 240 46.01 13.32 -43.01
CA PHE G 240 46.06 14.75 -42.70
C PHE G 240 44.78 15.47 -43.10
N THR G 241 44.18 15.10 -44.23
CA THR G 241 42.96 15.74 -44.71
C THR G 241 41.87 14.70 -44.87
N PRO G 242 41.16 14.37 -43.82
CA PRO G 242 40.02 13.46 -43.98
C PRO G 242 38.79 14.15 -44.57
N ALA G 243 38.59 15.43 -44.25
CA ALA G 243 37.33 16.10 -44.56
C ALA G 243 37.33 16.64 -45.99
N THR G 244 37.40 15.72 -46.94
CA THR G 244 37.34 16.09 -48.34
C THR G 244 36.62 15.01 -49.13
N GLY G 245 36.36 15.33 -50.40
CA GLY G 245 35.36 14.59 -51.16
C GLY G 245 35.78 13.19 -51.52
N THR G 246 36.98 13.05 -52.10
CA THR G 246 37.49 11.75 -52.55
C THR G 246 38.79 11.46 -51.83
N PRO G 247 38.76 11.00 -50.58
CA PRO G 247 40.01 10.60 -49.92
C PRO G 247 40.56 9.33 -50.54
N VAL G 248 41.80 9.40 -51.00
CA VAL G 248 42.48 8.26 -51.58
C VAL G 248 43.75 8.05 -50.79
N VAL G 249 43.88 6.85 -50.20
CA VAL G 249 44.99 6.60 -49.29
C VAL G 249 46.31 6.51 -50.05
N GLY G 250 47.39 6.60 -49.29
CA GLY G 250 48.71 6.62 -49.91
C GLY G 250 49.01 7.92 -50.61
N GLY G 251 48.59 9.03 -50.05
CA GLY G 251 48.78 10.32 -50.65
C GLY G 251 50.03 11.02 -50.15
N LEU G 252 50.15 12.29 -50.52
CA LEU G 252 51.29 13.08 -50.12
C LEU G 252 51.22 13.39 -48.63
N THR G 253 52.38 13.34 -47.99
CA THR G 253 52.40 13.72 -46.60
C THR G 253 52.35 15.23 -46.46
N TYR G 254 52.04 15.67 -45.25
CA TYR G 254 51.93 17.07 -44.93
C TYR G 254 53.23 17.82 -45.16
N ARG G 255 54.35 17.19 -44.79
CA ARG G 255 55.67 17.77 -44.98
C ARG G 255 55.97 18.01 -46.44
N GLU G 256 55.59 17.05 -47.30
CA GLU G 256 55.89 17.16 -48.71
C GLU G 256 55.10 18.27 -49.35
N GLY G 257 53.83 18.42 -48.96
CA GLY G 257 53.02 19.50 -49.49
C GLY G 257 53.53 20.86 -49.07
N LEU G 258 53.96 20.97 -47.80
CA LEU G 258 54.58 22.20 -47.34
C LEU G 258 55.84 22.51 -48.12
N TYR G 259 56.61 21.49 -48.46
CA TYR G 259 57.81 21.69 -49.26
C TYR G 259 57.47 22.20 -50.65
N ILE G 260 56.43 21.62 -51.27
CA ILE G 260 55.96 22.04 -52.59
C ILE G 260 55.63 23.53 -52.58
N THR G 261 54.85 23.93 -51.59
CA THR G 261 54.42 25.32 -51.50
C THR G 261 55.59 26.25 -51.24
N GLU G 262 56.55 25.83 -50.40
CA GLU G 262 57.70 26.68 -50.11
C GLU G 262 58.58 26.87 -51.33
N GLU G 263 58.75 25.83 -52.12
CA GLU G 263 59.54 25.97 -53.34
C GLU G 263 58.84 26.87 -54.34
N ILE G 264 57.52 26.73 -54.46
CA ILE G 264 56.78 27.58 -55.39
C ILE G 264 56.81 29.03 -54.94
N TYR G 265 56.81 29.28 -53.63
CA TYR G 265 57.01 30.65 -53.18
C TYR G 265 58.39 31.15 -53.53
N LYS G 266 59.40 30.32 -53.36
CA LYS G 266 60.77 30.77 -53.61
C LYS G 266 61.06 30.94 -55.08
N THR G 267 60.21 30.42 -55.96
CA THR G 267 60.24 30.90 -57.34
C THR G 267 59.93 32.38 -57.39
N GLY G 268 58.89 32.79 -56.68
CA GLY G 268 58.40 34.13 -56.79
C GLY G 268 57.53 34.40 -58.00
N LEU G 269 57.22 33.37 -58.78
CA LEU G 269 56.36 33.53 -59.94
C LEU G 269 54.98 32.97 -59.71
N LEU G 270 54.60 32.80 -58.46
CA LEU G 270 53.26 32.36 -58.13
C LEU G 270 52.28 33.46 -58.49
N SER G 271 51.21 33.10 -59.18
CA SER G 271 50.32 34.12 -59.70
C SER G 271 48.88 33.89 -59.33
N GLY G 272 48.49 32.64 -59.18
CA GLY G 272 47.13 32.35 -58.78
C GLY G 272 47.01 31.02 -58.09
N LEU G 273 46.39 31.01 -56.92
CA LEU G 273 46.33 29.83 -56.08
C LEU G 273 44.88 29.40 -55.89
N ASP G 274 44.62 28.11 -56.06
CA ASP G 274 43.26 27.58 -55.95
C ASP G 274 43.25 26.45 -54.94
N ILE G 275 42.29 26.51 -54.02
CA ILE G 275 42.12 25.49 -52.99
C ILE G 275 40.70 24.96 -53.12
N MET G 276 40.56 23.68 -53.37
CA MET G 276 39.24 23.15 -53.65
C MET G 276 38.91 21.97 -52.74
N GLU G 277 37.70 21.46 -52.92
CA GLU G 277 37.25 20.15 -52.42
C GLU G 277 37.24 20.06 -50.90
N VAL G 278 37.24 21.19 -50.20
CA VAL G 278 37.17 21.16 -48.74
C VAL G 278 35.72 20.92 -48.35
N ASN G 279 35.44 19.77 -47.77
CA ASN G 279 34.08 19.52 -47.31
C ASN G 279 34.08 19.32 -45.81
N PRO G 280 33.58 20.29 -45.05
CA PRO G 280 33.42 20.09 -43.61
C PRO G 280 32.33 19.10 -43.26
N SER G 281 31.43 18.77 -44.18
CA SER G 281 30.41 17.79 -43.86
C SER G 281 30.92 16.37 -43.92
N LEU G 282 32.18 16.16 -44.29
CA LEU G 282 32.74 14.83 -44.35
C LEU G 282 33.64 14.52 -43.17
N GLY G 283 33.77 15.44 -42.22
CA GLY G 283 34.50 15.12 -41.01
C GLY G 283 33.63 14.29 -40.10
N LYS G 284 34.14 13.11 -39.72
CA LYS G 284 33.38 12.26 -38.81
C LYS G 284 33.30 12.88 -37.44
N THR G 285 34.35 13.56 -37.03
CA THR G 285 34.30 14.49 -35.91
C THR G 285 34.62 15.87 -36.45
N PRO G 286 34.19 16.92 -35.76
CA PRO G 286 34.66 18.26 -36.13
C PRO G 286 36.14 18.46 -35.96
N GLU G 287 36.80 17.64 -35.15
CA GLU G 287 38.25 17.64 -35.07
C GLU G 287 38.87 17.25 -36.40
N GLU G 288 38.23 16.35 -37.15
CA GLU G 288 38.73 15.99 -38.47
C GLU G 288 38.67 17.17 -39.41
N VAL G 289 37.57 17.93 -39.34
CA VAL G 289 37.45 19.15 -40.11
C VAL G 289 38.51 20.13 -39.70
N THR G 290 38.78 20.21 -38.40
CA THR G 290 39.81 21.10 -37.88
C THR G 290 41.18 20.74 -38.43
N ARG G 291 41.48 19.44 -38.50
CA ARG G 291 42.74 18.99 -39.08
C ARG G 291 42.83 19.35 -40.56
N THR G 292 41.75 19.10 -41.31
CA THR G 292 41.77 19.38 -42.74
C THR G 292 41.94 20.87 -43.01
N VAL G 293 41.25 21.69 -42.25
CA VAL G 293 41.28 23.12 -42.48
C VAL G 293 42.60 23.72 -42.05
N ASN G 294 43.14 23.29 -40.90
CA ASN G 294 44.45 23.77 -40.47
C ASN G 294 45.53 23.35 -41.45
N THR G 295 45.40 22.15 -42.02
CA THR G 295 46.30 21.70 -43.07
C THR G 295 46.25 22.63 -44.26
N ALA G 296 45.06 22.90 -44.77
CA ALA G 296 44.92 23.69 -45.98
C ALA G 296 45.36 25.12 -45.76
N VAL G 297 45.08 25.66 -44.57
CA VAL G 297 45.49 27.01 -44.24
C VAL G 297 47.00 27.09 -44.13
N ALA G 298 47.64 26.06 -43.58
CA ALA G 298 49.09 26.07 -43.51
C ALA G 298 49.71 25.95 -44.89
N ILE G 299 49.06 25.20 -45.77
CA ILE G 299 49.48 25.13 -47.17
C ILE G 299 49.42 26.50 -47.82
N THR G 300 48.32 27.22 -47.60
CA THR G 300 48.14 28.52 -48.22
C THR G 300 49.12 29.54 -47.66
N LEU G 301 49.34 29.52 -46.34
CA LEU G 301 50.28 30.44 -45.73
C LEU G 301 51.70 30.17 -46.20
N ALA G 302 52.04 28.89 -46.35
CA ALA G 302 53.35 28.56 -46.90
C ALA G 302 53.46 28.93 -48.37
N CYS G 303 52.33 29.11 -49.07
CA CYS G 303 52.45 29.70 -50.39
C CYS G 303 52.76 31.19 -50.37
N PHE G 304 52.78 31.83 -49.21
CA PHE G 304 53.00 33.26 -49.16
C PHE G 304 54.05 33.60 -48.12
N GLY G 305 55.17 32.90 -48.18
CA GLY G 305 56.33 33.27 -47.43
C GLY G 305 56.47 32.62 -46.08
N LEU G 306 55.41 32.01 -45.56
CA LEU G 306 55.51 31.39 -44.26
C LEU G 306 56.35 30.13 -44.39
N ALA G 307 57.64 30.28 -44.16
CA ALA G 307 58.54 29.15 -44.22
C ALA G 307 58.57 28.43 -42.88
N ARG G 308 58.77 27.11 -42.95
CA ARG G 308 58.97 26.35 -41.73
C ARG G 308 60.26 26.73 -41.03
N GLU G 309 61.24 27.24 -41.75
CA GLU G 309 62.39 27.83 -41.09
C GLU G 309 62.05 29.16 -40.46
N GLY G 310 60.93 29.77 -40.81
CA GLY G 310 60.48 31.00 -40.19
C GLY G 310 60.83 32.22 -41.03
N ASN G 311 60.30 33.35 -40.59
CA ASN G 311 60.46 34.60 -41.30
C ASN G 311 60.85 35.67 -40.29
N HIS G 312 61.30 36.80 -40.81
CA HIS G 312 61.55 37.96 -39.97
C HIS G 312 61.32 39.21 -40.80
N LYS G 313 60.80 40.21 -40.16
CA LYS G 313 60.70 41.46 -40.89
C LYS G 313 62.07 42.14 -40.90
N PRO G 314 62.48 42.70 -42.02
CA PRO G 314 63.90 43.09 -42.21
C PRO G 314 64.29 44.35 -41.44
N ILE G 315 64.21 44.27 -40.11
CA ILE G 315 64.80 45.26 -39.22
C ILE G 315 65.60 44.50 -38.18
N ASP G 316 66.54 45.20 -37.54
CA ASP G 316 67.36 44.60 -36.50
C ASP G 316 66.50 44.29 -35.28
N TYR G 317 66.44 43.03 -34.93
CA TYR G 317 65.73 42.62 -33.72
C TYR G 317 66.62 42.65 -32.49
N LEU G 318 67.87 43.06 -32.64
CA LEU G 318 68.74 43.26 -31.48
C LEU G 318 68.73 44.72 -31.05
N ASN G 319 67.54 45.18 -30.70
CA ASN G 319 67.34 46.56 -30.25
C ASN G 319 66.40 46.60 -29.06
N ALA H 3 -58.76 -44.18 45.41
CA ALA H 3 -60.04 -44.01 46.08
C ALA H 3 -61.17 -43.94 45.05
N LYS H 4 -62.37 -43.55 45.52
CA LYS H 4 -63.48 -43.31 44.62
C LYS H 4 -63.20 -42.11 43.72
N SER H 5 -62.94 -40.96 44.33
CA SER H 5 -62.33 -39.85 43.62
C SER H 5 -60.85 -40.13 43.45
N ARG H 6 -60.18 -39.21 42.72
CA ARG H 6 -58.81 -39.34 42.20
C ARG H 6 -58.51 -40.74 41.65
N THR H 7 -59.45 -41.23 40.84
CA THR H 7 -59.24 -42.37 39.97
C THR H 7 -59.43 -41.80 38.57
N ILE H 8 -58.34 -41.57 37.85
CA ILE H 8 -58.32 -40.64 36.72
C ILE H 8 -58.09 -41.42 35.44
N GLY H 9 -58.95 -41.17 34.46
CA GLY H 9 -58.68 -41.56 33.09
C GLY H 9 -58.28 -40.36 32.27
N ILE H 10 -57.01 -40.29 31.88
CA ILE H 10 -56.48 -39.09 31.23
C ILE H 10 -56.67 -39.21 29.73
N ILE H 11 -57.29 -38.19 29.13
CA ILE H 11 -57.52 -38.14 27.69
C ILE H 11 -56.96 -36.82 27.17
N GLY H 12 -55.95 -36.90 26.31
CA GLY H 12 -55.53 -35.75 25.56
C GLY H 12 -56.22 -35.68 24.20
N ALA H 13 -56.41 -34.45 23.71
CA ALA H 13 -57.08 -34.24 22.43
C ALA H 13 -56.38 -33.14 21.65
N PRO H 14 -55.36 -33.49 20.86
CA PRO H 14 -54.63 -32.48 20.06
C PRO H 14 -55.44 -31.99 18.86
N PHE H 15 -56.29 -31.01 19.10
CA PHE H 15 -57.27 -30.56 18.12
C PHE H 15 -57.34 -29.05 18.07
N SER H 16 -57.50 -28.49 16.86
CA SER H 16 -57.54 -27.04 16.68
C SER H 16 -58.56 -26.53 15.68
N LYS H 17 -59.35 -27.38 15.03
CA LYS H 17 -60.10 -26.94 13.87
C LYS H 17 -61.39 -26.19 14.22
N GLY H 18 -61.77 -26.12 15.48
CA GLY H 18 -62.90 -25.28 15.84
C GLY H 18 -62.56 -23.84 16.08
N GLN H 19 -61.31 -23.45 15.83
CA GLN H 19 -60.79 -22.12 16.10
C GLN H 19 -59.75 -21.79 15.03
N PRO H 20 -59.51 -20.49 14.77
CA PRO H 20 -58.55 -20.14 13.71
C PRO H 20 -57.09 -20.35 14.08
N ARG H 21 -56.67 -19.94 15.27
CA ARG H 21 -55.24 -19.80 15.59
C ARG H 21 -54.62 -21.17 15.86
N GLY H 22 -53.88 -21.69 14.89
CA GLY H 22 -53.27 -23.00 15.04
C GLY H 22 -52.19 -23.00 16.10
N GLY H 23 -52.20 -24.01 16.97
CA GLY H 23 -51.29 -24.07 18.08
C GLY H 23 -51.85 -24.72 19.33
N VAL H 24 -53.18 -24.84 19.44
CA VAL H 24 -53.77 -25.60 20.54
C VAL H 24 -53.77 -27.09 20.28
N GLU H 25 -53.21 -27.54 19.15
CA GLU H 25 -52.90 -28.95 18.99
C GLU H 25 -51.79 -29.38 19.94
N GLU H 26 -50.92 -28.44 20.33
CA GLU H 26 -49.92 -28.72 21.35
C GLU H 26 -50.44 -28.36 22.73
N GLY H 27 -51.64 -28.83 23.01
CA GLY H 27 -52.11 -29.00 24.36
C GLY H 27 -51.59 -30.27 24.96
N PRO H 28 -51.95 -31.44 24.39
CA PRO H 28 -51.45 -32.71 24.95
C PRO H 28 -49.95 -32.90 24.84
N THR H 29 -49.30 -32.27 23.86
CA THR H 29 -47.84 -32.34 23.79
C THR H 29 -47.21 -31.59 24.96
N VAL H 30 -47.70 -30.38 25.22
CA VAL H 30 -47.08 -29.55 26.24
C VAL H 30 -47.52 -29.97 27.65
N LEU H 31 -48.80 -30.36 27.80
CA LEU H 31 -49.28 -30.74 29.12
C LEU H 31 -48.71 -32.07 29.60
N ARG H 32 -48.16 -32.89 28.71
CA ARG H 32 -47.55 -34.13 29.15
C ARG H 32 -46.04 -34.02 29.29
N LYS H 33 -45.39 -33.16 28.48
CA LYS H 33 -43.96 -32.94 28.66
C LYS H 33 -43.66 -32.14 29.91
N ALA H 34 -44.62 -31.36 30.41
CA ALA H 34 -44.43 -30.64 31.65
C ALA H 34 -44.52 -31.54 32.86
N GLY H 35 -45.23 -32.67 32.72
CA GLY H 35 -45.40 -33.58 33.81
C GLY H 35 -46.74 -33.38 34.46
N LEU H 36 -47.71 -34.18 34.06
CA LEU H 36 -49.03 -34.14 34.64
C LEU H 36 -49.38 -35.43 35.35
N LEU H 37 -49.25 -36.56 34.64
CA LEU H 37 -49.34 -37.89 35.24
C LEU H 37 -48.37 -38.05 36.41
N GLU H 38 -47.17 -37.51 36.24
CA GLU H 38 -46.11 -37.61 37.24
C GLU H 38 -46.49 -36.87 38.52
N LYS H 39 -47.11 -35.70 38.38
CA LYS H 39 -47.53 -34.93 39.54
C LYS H 39 -48.81 -35.49 40.17
N LEU H 40 -49.48 -36.42 39.50
CA LEU H 40 -50.67 -37.03 40.09
C LEU H 40 -50.31 -38.20 40.98
N LYS H 41 -49.32 -38.99 40.60
CA LYS H 41 -49.10 -40.31 41.17
C LYS H 41 -48.48 -40.29 42.58
N GLU H 42 -48.21 -39.13 43.17
CA GLU H 42 -47.74 -39.11 44.55
C GLU H 42 -48.89 -39.34 45.51
N GLN H 43 -49.90 -38.49 45.46
CA GLN H 43 -51.17 -38.77 46.11
C GLN H 43 -51.89 -39.89 45.36
N GLU H 44 -52.88 -40.48 46.02
CA GLU H 44 -53.39 -41.81 45.67
C GLU H 44 -54.23 -41.76 44.39
N CYS H 45 -53.55 -41.52 43.28
CA CYS H 45 -54.19 -41.31 41.99
C CYS H 45 -54.01 -42.54 41.11
N ASP H 46 -55.11 -43.24 40.84
CA ASP H 46 -55.11 -44.31 39.84
C ASP H 46 -55.07 -43.63 38.47
N VAL H 47 -53.86 -43.51 37.95
CA VAL H 47 -53.61 -42.77 36.71
C VAL H 47 -53.51 -43.75 35.57
N LYS H 48 -54.35 -43.57 34.54
CA LYS H 48 -54.29 -44.36 33.33
C LYS H 48 -54.46 -43.43 32.14
N ASP H 49 -53.36 -43.16 31.44
CA ASP H 49 -53.45 -42.48 30.16
C ASP H 49 -54.11 -43.41 29.14
N TYR H 50 -54.83 -42.81 28.20
CA TYR H 50 -55.42 -43.54 27.09
C TYR H 50 -54.87 -43.07 25.76
N GLY H 51 -53.78 -42.30 25.78
CA GLY H 51 -53.15 -41.83 24.57
C GLY H 51 -53.92 -40.69 23.92
N ASP H 52 -53.25 -40.00 23.01
CA ASP H 52 -53.92 -38.97 22.23
C ASP H 52 -54.79 -39.62 21.17
N LEU H 53 -55.98 -39.05 20.96
CA LEU H 53 -56.90 -39.61 19.99
C LEU H 53 -56.40 -39.31 18.57
N PRO H 54 -56.35 -40.30 17.70
CA PRO H 54 -55.97 -40.05 16.30
C PRO H 54 -57.11 -39.37 15.54
N PHE H 55 -57.19 -38.06 15.68
CA PHE H 55 -58.21 -37.29 15.00
C PHE H 55 -57.92 -37.22 13.50
N ALA H 56 -58.96 -37.41 12.70
CA ALA H 56 -58.83 -37.49 11.25
C ALA H 56 -58.71 -36.08 10.67
N ASP H 57 -58.46 -36.01 9.37
CA ASP H 57 -58.39 -34.74 8.64
C ASP H 57 -59.28 -34.90 7.42
N ILE H 58 -60.49 -34.33 7.48
CA ILE H 58 -61.39 -34.30 6.34
C ILE H 58 -60.93 -33.15 5.45
N PRO H 59 -60.45 -33.42 4.24
CA PRO H 59 -59.90 -32.33 3.42
C PRO H 59 -60.98 -31.44 2.82
N ASN H 60 -62.14 -32.00 2.50
CA ASN H 60 -63.25 -31.21 1.97
C ASN H 60 -64.19 -30.81 3.10
N ASP H 61 -63.64 -30.02 4.02
CA ASP H 61 -64.37 -29.53 5.19
C ASP H 61 -65.11 -28.26 4.79
N SER H 62 -66.22 -28.46 4.08
CA SER H 62 -67.01 -27.34 3.58
C SER H 62 -67.82 -26.73 4.72
N PRO H 63 -67.70 -25.42 4.96
CA PRO H 63 -68.39 -24.81 6.10
C PRO H 63 -69.88 -24.62 5.92
N PHE H 64 -70.50 -24.07 6.96
CA PHE H 64 -71.85 -23.53 6.95
C PHE H 64 -71.73 -22.07 6.48
N GLN H 65 -72.78 -21.26 6.62
CA GLN H 65 -72.73 -19.85 6.27
C GLN H 65 -71.70 -19.11 7.11
N ILE H 66 -71.87 -19.13 8.43
CA ILE H 66 -70.95 -18.47 9.35
C ILE H 66 -70.12 -19.53 10.06
N VAL H 67 -70.76 -20.66 10.38
CA VAL H 67 -70.10 -21.74 11.11
C VAL H 67 -69.05 -22.40 10.21
N LYS H 68 -67.80 -22.34 10.64
CA LYS H 68 -66.69 -22.84 9.85
C LYS H 68 -66.20 -24.18 10.39
N ASN H 69 -65.79 -25.05 9.47
CA ASN H 69 -65.30 -26.40 9.74
C ASN H 69 -66.26 -27.26 10.56
N PRO H 70 -67.41 -27.66 10.00
CA PRO H 70 -68.41 -28.36 10.81
C PRO H 70 -68.16 -29.85 10.99
N ARG H 71 -67.60 -30.50 9.96
CA ARG H 71 -67.59 -31.95 9.94
C ARG H 71 -66.37 -32.53 10.64
N SER H 72 -65.22 -31.86 10.54
CA SER H 72 -64.03 -32.33 11.23
C SER H 72 -64.18 -32.17 12.73
N VAL H 73 -64.94 -31.17 13.17
CA VAL H 73 -65.24 -31.02 14.58
C VAL H 73 -66.24 -32.08 15.02
N GLY H 74 -67.27 -32.32 14.21
CA GLY H 74 -68.29 -33.30 14.56
C GLY H 74 -67.76 -34.72 14.58
N LYS H 75 -66.74 -35.01 13.75
CA LYS H 75 -66.05 -36.28 13.84
C LYS H 75 -65.15 -36.33 15.06
N ALA H 76 -64.56 -35.19 15.43
CA ALA H 76 -63.63 -35.15 16.56
C ALA H 76 -64.37 -35.32 17.88
N SER H 77 -65.51 -34.66 18.03
CA SER H 77 -66.28 -34.80 19.26
C SER H 77 -66.97 -36.14 19.35
N GLU H 78 -67.26 -36.77 18.20
CA GLU H 78 -67.85 -38.10 18.22
C GLU H 78 -66.81 -39.15 18.64
N GLN H 79 -65.57 -38.99 18.15
CA GLN H 79 -64.48 -39.88 18.56
C GLN H 79 -64.15 -39.68 20.03
N LEU H 80 -64.28 -38.45 20.52
CA LEU H 80 -64.06 -38.20 21.94
C LEU H 80 -65.18 -38.78 22.79
N ALA H 81 -66.43 -38.63 22.35
CA ALA H 81 -67.58 -39.05 23.15
C ALA H 81 -67.62 -40.56 23.33
N GLY H 82 -67.20 -41.31 22.31
CA GLY H 82 -67.03 -42.74 22.49
C GLY H 82 -65.89 -43.05 23.46
N LYS H 83 -64.81 -42.27 23.40
CA LYS H 83 -63.69 -42.50 24.28
C LYS H 83 -64.00 -42.02 25.70
N VAL H 84 -64.76 -40.93 25.81
CA VAL H 84 -65.20 -40.46 27.13
C VAL H 84 -66.15 -41.45 27.78
N ALA H 85 -67.10 -41.97 27.00
CA ALA H 85 -68.02 -42.98 27.54
C ALA H 85 -67.31 -44.29 27.85
N GLU H 86 -66.21 -44.57 27.14
CA GLU H 86 -65.45 -45.80 27.40
C GLU H 86 -64.75 -45.74 28.75
N VAL H 87 -64.11 -44.62 29.06
CA VAL H 87 -63.33 -44.55 30.29
C VAL H 87 -64.20 -44.29 31.50
N LYS H 88 -65.45 -43.86 31.31
CA LYS H 88 -66.41 -43.79 32.41
C LYS H 88 -67.06 -45.14 32.67
N LYS H 89 -66.97 -46.08 31.73
CA LYS H 89 -67.33 -47.46 32.01
C LYS H 89 -66.27 -48.12 32.90
N ASN H 90 -65.06 -47.59 32.90
CA ASN H 90 -64.00 -48.04 33.79
C ASN H 90 -64.16 -47.54 35.21
N GLY H 91 -65.13 -46.67 35.48
CA GLY H 91 -65.31 -46.13 36.82
C GLY H 91 -64.33 -45.06 37.21
N ARG H 92 -63.64 -44.47 36.25
CA ARG H 92 -62.62 -43.48 36.53
C ARG H 92 -63.23 -42.07 36.50
N ILE H 93 -62.37 -41.07 36.53
CA ILE H 93 -62.76 -39.67 36.34
C ILE H 93 -62.17 -39.22 35.01
N SER H 94 -63.04 -38.78 34.10
CA SER H 94 -62.68 -38.51 32.71
C SER H 94 -61.93 -37.19 32.64
N LEU H 95 -60.60 -37.27 32.68
CA LEU H 95 -59.77 -36.08 32.50
C LEU H 95 -59.55 -35.87 31.01
N VAL H 96 -60.23 -34.89 30.44
CA VAL H 96 -60.11 -34.55 29.04
C VAL H 96 -59.37 -33.22 28.93
N LEU H 97 -58.31 -33.21 28.13
CA LEU H 97 -57.58 -31.98 27.88
C LEU H 97 -57.37 -31.83 26.38
N GLY H 98 -57.46 -30.60 25.90
CA GLY H 98 -57.27 -30.33 24.49
C GLY H 98 -56.32 -29.18 24.23
N GLY H 99 -56.57 -28.37 23.20
CA GLY H 99 -57.76 -28.48 22.37
C GLY H 99 -58.60 -27.21 22.50
N ASP H 100 -59.89 -27.31 22.21
CA ASP H 100 -60.77 -26.16 22.38
C ASP H 100 -62.13 -26.62 22.89
N HIS H 101 -63.04 -25.65 23.06
CA HIS H 101 -64.35 -25.93 23.64
C HIS H 101 -65.23 -26.74 22.72
N SER H 102 -64.91 -26.83 21.43
CA SER H 102 -65.69 -27.64 20.50
C SER H 102 -65.64 -29.13 20.83
N LEU H 103 -64.60 -29.55 21.54
CA LEU H 103 -64.50 -30.90 22.06
C LEU H 103 -65.37 -31.14 23.28
N ALA H 104 -65.80 -30.07 23.96
CA ALA H 104 -66.63 -30.24 25.16
C ALA H 104 -68.05 -30.67 24.84
N ILE H 105 -68.44 -30.68 23.56
CA ILE H 105 -69.68 -31.33 23.16
C ILE H 105 -69.61 -32.81 23.48
N GLY H 106 -68.61 -33.49 22.90
CA GLY H 106 -68.48 -34.93 23.11
C GLY H 106 -67.97 -35.29 24.48
N SER H 107 -67.23 -34.38 25.13
CA SER H 107 -66.74 -34.64 26.48
C SER H 107 -67.89 -34.68 27.48
N ILE H 108 -68.95 -33.92 27.25
CA ILE H 108 -70.13 -33.98 28.10
C ILE H 108 -71.11 -35.03 27.61
N SER H 109 -71.18 -35.26 26.29
CA SER H 109 -72.13 -36.22 25.73
C SER H 109 -71.79 -37.65 26.15
N GLY H 110 -70.53 -38.06 25.96
CA GLY H 110 -70.11 -39.38 26.39
C GLY H 110 -70.13 -39.55 27.89
N HIS H 111 -69.93 -38.45 28.63
CA HIS H 111 -70.15 -38.47 30.08
C HIS H 111 -71.62 -38.69 30.39
N ALA H 112 -72.50 -38.03 29.64
CA ALA H 112 -73.94 -38.20 29.83
C ALA H 112 -74.44 -39.53 29.30
N ARG H 113 -73.66 -40.22 28.47
CA ARG H 113 -73.99 -41.59 28.09
C ARG H 113 -73.91 -42.51 29.31
N VAL H 114 -73.01 -42.22 30.23
CA VAL H 114 -72.86 -43.01 31.44
C VAL H 114 -73.66 -42.41 32.59
N HIS H 115 -73.63 -41.09 32.75
CA HIS H 115 -74.34 -40.41 33.83
C HIS H 115 -75.26 -39.34 33.26
N PRO H 116 -76.54 -39.63 33.05
CA PRO H 116 -77.44 -38.64 32.44
C PRO H 116 -77.83 -37.49 33.36
N ASP H 117 -77.59 -37.61 34.68
CA ASP H 117 -78.01 -36.59 35.64
C ASP H 117 -76.84 -35.72 36.09
N LEU H 118 -75.93 -35.39 35.20
CA LEU H 118 -74.73 -34.68 35.61
C LEU H 118 -74.99 -33.19 35.76
N GLY H 119 -73.97 -32.46 36.18
CA GLY H 119 -74.03 -31.02 36.24
C GLY H 119 -72.74 -30.42 35.72
N VAL H 120 -72.89 -29.42 34.85
CA VAL H 120 -71.76 -28.75 34.21
C VAL H 120 -71.52 -27.45 34.95
N ILE H 121 -70.30 -27.26 35.43
CA ILE H 121 -69.83 -25.95 35.85
C ILE H 121 -68.91 -25.46 34.76
N TRP H 122 -69.41 -24.53 33.96
CA TRP H 122 -68.68 -24.01 32.80
C TRP H 122 -67.90 -22.79 33.25
N VAL H 123 -66.61 -22.99 33.55
CA VAL H 123 -65.74 -21.90 33.96
C VAL H 123 -64.99 -21.42 32.74
N ASP H 124 -65.19 -20.15 32.41
CA ASP H 124 -64.76 -19.54 31.15
C ASP H 124 -65.03 -18.06 31.25
N ALA H 125 -64.26 -17.28 30.49
CA ALA H 125 -64.59 -15.87 30.31
C ALA H 125 -65.84 -15.70 29.47
N HIS H 126 -66.13 -16.66 28.59
CA HIS H 126 -67.23 -16.61 27.66
C HIS H 126 -68.32 -17.59 28.07
N THR H 127 -69.55 -17.34 27.61
CA THR H 127 -70.61 -18.30 27.84
C THR H 127 -70.53 -19.46 26.85
N ASP H 128 -70.09 -19.16 25.63
CA ASP H 128 -70.05 -20.10 24.50
C ASP H 128 -71.41 -20.71 24.21
N ILE H 129 -72.47 -19.94 24.42
CA ILE H 129 -73.84 -20.40 24.20
C ILE H 129 -74.33 -19.97 22.81
N ASN H 130 -73.38 -19.68 21.90
CA ASN H 130 -73.71 -19.34 20.52
C ASN H 130 -74.43 -20.47 19.81
N THR H 131 -75.58 -20.15 19.22
CA THR H 131 -76.22 -21.03 18.27
C THR H 131 -75.57 -20.85 16.90
N PRO H 132 -75.81 -21.76 15.95
CA PRO H 132 -75.43 -21.47 14.56
C PRO H 132 -76.13 -20.24 13.96
N LEU H 133 -77.28 -19.84 14.50
CA LEU H 133 -77.97 -18.66 13.98
C LEU H 133 -77.41 -17.37 14.57
N THR H 134 -77.20 -17.32 15.88
CA THR H 134 -76.81 -16.10 16.57
C THR H 134 -75.31 -15.90 16.67
N THR H 135 -74.51 -16.72 16.00
CA THR H 135 -73.07 -16.54 16.03
C THR H 135 -72.66 -15.43 15.08
N THR H 136 -71.45 -14.92 15.30
CA THR H 136 -70.83 -13.93 14.43
C THR H 136 -69.56 -14.43 13.77
N SER H 137 -68.75 -15.21 14.50
CA SER H 137 -67.55 -15.79 13.91
C SER H 137 -67.83 -17.19 13.39
N GLY H 138 -68.68 -17.95 14.07
CA GLY H 138 -68.97 -19.32 13.70
C GLY H 138 -67.94 -20.33 14.15
N ASN H 139 -66.92 -19.90 14.89
CA ASN H 139 -65.91 -20.82 15.38
C ASN H 139 -66.48 -21.68 16.50
N LEU H 140 -66.20 -22.98 16.45
CA LEU H 140 -66.97 -23.94 17.21
C LEU H 140 -66.52 -24.10 18.65
N HIS H 141 -65.42 -23.47 19.05
CA HIS H 141 -65.18 -23.26 20.46
C HIS H 141 -66.19 -22.27 21.05
N GLY H 142 -66.76 -21.41 20.22
CA GLY H 142 -67.88 -20.61 20.64
C GLY H 142 -69.20 -21.35 20.68
N GLN H 143 -69.29 -22.54 20.08
CA GLN H 143 -70.56 -23.25 20.11
C GLN H 143 -70.55 -24.66 20.72
N PRO H 144 -70.13 -24.90 22.00
CA PRO H 144 -70.43 -26.20 22.60
C PRO H 144 -71.77 -26.27 23.34
N VAL H 145 -72.21 -25.15 23.89
CA VAL H 145 -73.30 -25.18 24.86
C VAL H 145 -74.64 -25.37 24.16
N SER H 146 -74.77 -24.83 22.95
CA SER H 146 -76.04 -24.84 22.23
C SER H 146 -76.46 -26.24 21.79
N PHE H 147 -75.53 -27.17 21.65
CA PHE H 147 -75.87 -28.52 21.23
C PHE H 147 -76.29 -29.41 22.39
N LEU H 148 -75.93 -29.04 23.62
CA LEU H 148 -76.16 -29.89 24.78
C LEU H 148 -77.36 -29.47 25.61
N LEU H 149 -77.81 -28.22 25.49
CA LEU H 149 -79.01 -27.79 26.19
C LEU H 149 -80.25 -28.35 25.51
N LYS H 150 -81.08 -29.02 26.30
CA LYS H 150 -82.32 -29.59 25.78
C LYS H 150 -83.32 -28.50 25.41
N GLU H 151 -83.20 -27.34 26.04
CA GLU H 151 -84.13 -26.24 25.78
C GLU H 151 -83.85 -25.56 24.45
N LEU H 152 -82.67 -25.76 23.87
CA LEU H 152 -82.34 -25.20 22.57
C LEU H 152 -82.62 -26.17 21.44
N LYS H 153 -83.32 -27.26 21.70
CA LYS H 153 -83.75 -28.16 20.64
C LYS H 153 -84.78 -27.47 19.76
N GLY H 154 -84.59 -27.54 18.45
CA GLY H 154 -85.36 -26.77 17.50
C GLY H 154 -84.70 -25.47 17.11
N LYS H 155 -83.98 -24.83 18.04
CA LYS H 155 -83.18 -23.66 17.73
C LYS H 155 -81.84 -24.01 17.10
N ILE H 156 -81.52 -25.30 17.00
CA ILE H 156 -80.25 -25.76 16.45
C ILE H 156 -80.52 -26.33 15.07
N PRO H 157 -79.99 -25.73 14.01
CA PRO H 157 -80.05 -26.37 12.69
C PRO H 157 -79.16 -27.60 12.64
N ASP H 158 -79.49 -28.50 11.72
CA ASP H 158 -78.78 -29.77 11.58
C ASP H 158 -77.44 -29.51 10.93
N VAL H 159 -76.43 -29.29 11.76
CA VAL H 159 -75.07 -29.04 11.28
C VAL H 159 -74.44 -30.36 10.85
N PRO H 160 -73.81 -30.44 9.67
CA PRO H 160 -73.21 -31.70 9.22
C PRO H 160 -72.02 -32.10 10.09
N GLY H 161 -72.06 -33.34 10.57
CA GLY H 161 -71.09 -33.86 11.51
C GLY H 161 -71.65 -34.07 12.90
N PHE H 162 -72.76 -33.44 13.23
CA PHE H 162 -73.34 -33.46 14.56
C PHE H 162 -74.71 -34.14 14.61
N SER H 163 -74.95 -35.09 13.70
CA SER H 163 -76.20 -35.83 13.72
C SER H 163 -76.25 -36.77 14.92
N TRP H 164 -75.09 -37.22 15.40
CA TRP H 164 -75.02 -38.05 16.60
C TRP H 164 -75.32 -37.29 17.88
N VAL H 165 -75.33 -35.95 17.84
CA VAL H 165 -75.44 -35.16 19.05
C VAL H 165 -76.87 -35.18 19.56
N THR H 166 -77.04 -35.56 20.82
CA THR H 166 -78.28 -35.44 21.55
C THR H 166 -78.07 -34.45 22.68
N PRO H 167 -78.94 -33.44 22.84
CA PRO H 167 -78.82 -32.52 23.98
C PRO H 167 -79.13 -33.24 25.28
N CYS H 168 -78.25 -33.04 26.26
CA CYS H 168 -78.22 -33.93 27.42
C CYS H 168 -78.50 -33.22 28.73
N ILE H 169 -78.26 -31.92 28.79
CA ILE H 169 -78.44 -31.16 30.02
C ILE H 169 -79.58 -30.16 29.86
N SER H 170 -80.17 -29.80 30.99
CA SER H 170 -81.19 -28.78 31.04
C SER H 170 -80.55 -27.41 31.28
N ALA H 171 -81.39 -26.38 31.32
CA ALA H 171 -80.90 -25.03 31.59
C ALA H 171 -80.70 -24.77 33.06
N LYS H 172 -81.31 -25.58 33.93
CA LYS H 172 -81.19 -25.42 35.37
C LYS H 172 -80.11 -26.31 35.99
N ASP H 173 -79.29 -26.96 35.17
CA ASP H 173 -78.26 -27.86 35.67
C ASP H 173 -76.84 -27.38 35.33
N ILE H 174 -76.71 -26.37 34.48
CA ILE H 174 -75.40 -25.85 34.10
C ILE H 174 -75.18 -24.52 34.82
N VAL H 175 -73.96 -24.32 35.29
CA VAL H 175 -73.58 -23.13 36.05
C VAL H 175 -72.38 -22.49 35.36
N TYR H 176 -72.48 -21.18 35.10
CA TYR H 176 -71.35 -20.41 34.61
C TYR H 176 -70.64 -19.74 35.78
N ILE H 177 -69.31 -19.74 35.73
CA ILE H 177 -68.50 -18.98 36.67
C ILE H 177 -67.42 -18.27 35.89
N GLY H 178 -67.40 -16.94 35.96
CA GLY H 178 -66.32 -16.15 35.42
C GLY H 178 -66.62 -15.37 34.17
N LEU H 179 -67.87 -14.96 33.95
CA LEU H 179 -68.26 -14.38 32.67
C LEU H 179 -67.88 -12.91 32.62
N ARG H 180 -67.06 -12.53 31.63
CA ARG H 180 -66.73 -11.12 31.42
C ARG H 180 -66.67 -10.74 29.95
N ASP H 181 -66.98 -11.65 29.02
CA ASP H 181 -66.96 -11.34 27.59
C ASP H 181 -68.14 -12.09 26.97
N VAL H 182 -69.27 -11.41 26.82
CA VAL H 182 -70.53 -12.03 26.44
C VAL H 182 -71.14 -11.24 25.29
N ASP H 183 -71.56 -11.95 24.23
CA ASP H 183 -72.27 -11.36 23.10
C ASP H 183 -73.62 -10.78 23.51
N PRO H 184 -74.21 -9.93 22.66
CA PRO H 184 -75.65 -9.66 22.81
C PRO H 184 -76.50 -10.91 22.63
N GLY H 185 -76.17 -11.73 21.62
CA GLY H 185 -76.92 -12.96 21.42
C GLY H 185 -76.71 -13.96 22.53
N GLU H 186 -75.52 -13.97 23.13
CA GLU H 186 -75.27 -14.87 24.25
C GLU H 186 -75.97 -14.38 25.51
N HIS H 187 -75.96 -13.06 25.76
CA HIS H 187 -76.63 -12.54 26.95
C HIS H 187 -78.14 -12.63 26.83
N TYR H 188 -78.66 -12.64 25.61
CA TYR H 188 -80.10 -12.80 25.44
C TYR H 188 -80.54 -14.22 25.77
N ILE H 189 -79.83 -15.23 25.25
CA ILE H 189 -80.18 -16.62 25.49
C ILE H 189 -79.92 -16.99 26.96
N LEU H 190 -78.90 -16.38 27.56
CA LEU H 190 -78.63 -16.59 28.98
C LEU H 190 -79.74 -16.03 29.85
N LYS H 191 -80.29 -14.87 29.50
CA LYS H 191 -81.43 -14.34 30.23
C LYS H 191 -82.74 -15.00 29.84
N THR H 192 -82.82 -15.58 28.64
CA THR H 192 -84.04 -16.25 28.22
C THR H 192 -84.20 -17.58 28.96
N LEU H 193 -83.15 -18.39 29.00
CA LEU H 193 -83.25 -19.72 29.55
C LEU H 193 -83.25 -19.75 31.07
N GLY H 194 -82.91 -18.65 31.73
CA GLY H 194 -82.86 -18.64 33.18
C GLY H 194 -81.72 -19.44 33.75
N ILE H 195 -80.62 -19.56 33.02
CA ILE H 195 -79.47 -20.32 33.49
C ILE H 195 -78.78 -19.57 34.62
N LYS H 196 -78.55 -20.27 35.73
CA LYS H 196 -77.82 -19.68 36.83
C LYS H 196 -76.36 -19.51 36.44
N TYR H 197 -75.97 -18.26 36.23
CA TYR H 197 -74.59 -17.90 35.88
C TYR H 197 -74.00 -17.10 37.02
N PHE H 198 -72.70 -17.22 37.20
CA PHE H 198 -71.96 -16.36 38.11
C PHE H 198 -70.95 -15.60 37.26
N SER H 199 -71.37 -14.44 36.76
CA SER H 199 -70.44 -13.58 36.05
C SER H 199 -69.50 -12.89 37.04
N MET H 200 -68.58 -12.09 36.52
CA MET H 200 -67.57 -11.44 37.35
C MET H 200 -68.16 -10.40 38.29
N THR H 201 -69.36 -9.91 38.01
CA THR H 201 -70.05 -8.99 38.90
C THR H 201 -70.42 -9.68 40.22
N GLU H 202 -70.99 -10.89 40.12
CA GLU H 202 -71.46 -11.60 41.30
C GLU H 202 -70.30 -12.08 42.17
N VAL H 203 -69.17 -12.44 41.55
CA VAL H 203 -68.00 -12.86 42.31
C VAL H 203 -67.40 -11.67 43.04
N ASP H 204 -67.38 -10.52 42.37
CA ASP H 204 -66.96 -9.30 43.03
C ASP H 204 -68.03 -8.82 44.01
N ARG H 205 -69.27 -9.24 43.84
CA ARG H 205 -70.29 -8.97 44.85
C ARG H 205 -70.10 -9.86 46.06
N LEU H 206 -70.02 -11.17 45.85
CA LEU H 206 -70.15 -12.13 46.93
C LEU H 206 -68.82 -12.62 47.47
N GLY H 207 -67.78 -12.64 46.66
CA GLY H 207 -66.56 -13.31 47.07
C GLY H 207 -66.63 -14.77 46.72
N ILE H 208 -65.51 -15.36 46.30
CA ILE H 208 -65.50 -16.70 45.73
C ILE H 208 -65.88 -17.77 46.74
N GLY H 209 -65.75 -17.49 48.04
CA GLY H 209 -66.25 -18.42 49.04
C GLY H 209 -67.77 -18.48 49.06
N LYS H 210 -68.42 -17.31 48.93
CA LYS H 210 -69.87 -17.27 48.86
C LYS H 210 -70.37 -17.79 47.52
N VAL H 211 -69.58 -17.58 46.46
CA VAL H 211 -70.00 -17.97 45.11
C VAL H 211 -69.99 -19.49 44.97
N MET H 212 -68.90 -20.13 45.40
CA MET H 212 -68.80 -21.59 45.29
C MET H 212 -69.79 -22.30 46.22
N GLU H 213 -70.15 -21.66 47.33
CA GLU H 213 -71.18 -22.22 48.20
C GLU H 213 -72.55 -22.16 47.55
N GLU H 214 -72.87 -21.02 46.92
CA GLU H 214 -74.13 -20.91 46.18
C GLU H 214 -74.13 -21.78 44.93
N THR H 215 -72.95 -22.05 44.37
CA THR H 215 -72.85 -22.90 43.19
C THR H 215 -73.27 -24.33 43.52
N LEU H 216 -72.75 -24.87 44.61
CA LEU H 216 -73.03 -26.25 44.95
C LEU H 216 -74.38 -26.39 45.64
N SER H 217 -74.88 -25.32 46.25
CA SER H 217 -76.24 -25.35 46.79
C SER H 217 -77.27 -25.30 45.68
N TYR H 218 -76.94 -24.67 44.55
CA TYR H 218 -77.84 -24.69 43.40
C TYR H 218 -77.81 -26.06 42.72
N LEU H 219 -76.68 -26.74 42.73
CA LEU H 219 -76.53 -28.00 42.02
C LEU H 219 -76.82 -29.19 42.92
N LEU H 220 -76.06 -29.34 44.01
CA LEU H 220 -76.16 -30.50 44.88
C LEU H 220 -77.11 -30.27 46.04
N GLY H 221 -77.80 -29.13 46.08
CA GLY H 221 -78.78 -28.88 47.13
C GLY H 221 -80.01 -29.73 47.03
N ARG H 222 -80.31 -30.28 45.85
CA ARG H 222 -81.44 -31.18 45.67
C ARG H 222 -81.03 -32.65 45.72
N LYS H 223 -79.95 -33.02 45.05
CA LYS H 223 -79.56 -34.42 44.94
C LYS H 223 -78.07 -34.51 44.68
N LYS H 224 -77.42 -35.49 45.31
CA LYS H 224 -76.03 -35.78 45.04
C LYS H 224 -75.89 -36.36 43.65
N ARG H 225 -75.18 -35.66 42.77
CA ARG H 225 -75.07 -36.03 41.38
C ARG H 225 -73.64 -35.78 40.90
N PRO H 226 -73.17 -36.56 39.93
CA PRO H 226 -71.78 -36.41 39.45
C PRO H 226 -71.59 -35.10 38.70
N ILE H 227 -70.77 -34.22 39.27
CA ILE H 227 -70.53 -32.90 38.70
C ILE H 227 -69.41 -32.99 37.68
N HIS H 228 -69.65 -32.45 36.48
CA HIS H 228 -68.65 -32.38 35.42
C HIS H 228 -68.12 -30.95 35.35
N LEU H 229 -66.97 -30.73 35.94
CA LEU H 229 -66.33 -29.41 35.89
C LEU H 229 -65.65 -29.23 34.54
N SER H 230 -66.01 -28.17 33.83
CA SER H 230 -65.36 -27.83 32.58
C SER H 230 -64.70 -26.47 32.73
N PHE H 231 -63.40 -26.40 32.42
CA PHE H 231 -62.57 -25.27 32.80
C PHE H 231 -61.88 -24.71 31.57
N ASP H 232 -62.05 -23.41 31.34
CA ASP H 232 -61.18 -22.72 30.40
C ASP H 232 -60.09 -21.99 31.16
N VAL H 233 -58.95 -21.83 30.48
CA VAL H 233 -57.80 -21.15 31.06
C VAL H 233 -57.88 -19.64 30.91
N ASP H 234 -58.71 -19.12 30.01
CA ASP H 234 -58.79 -17.66 29.88
C ASP H 234 -59.81 -17.04 30.83
N GLY H 235 -60.57 -17.88 31.55
CA GLY H 235 -61.47 -17.36 32.56
C GLY H 235 -60.74 -16.75 33.72
N LEU H 236 -59.54 -17.26 34.02
CA LEU H 236 -58.62 -16.58 34.92
C LEU H 236 -58.07 -15.32 34.26
N ASP H 237 -57.40 -14.51 35.06
CA ASP H 237 -56.84 -13.28 34.55
C ASP H 237 -55.62 -13.58 33.67
N PRO H 238 -55.43 -12.85 32.56
CA PRO H 238 -54.29 -13.12 31.68
C PRO H 238 -52.93 -12.78 32.26
N SER H 239 -52.86 -12.17 33.44
CA SER H 239 -51.57 -12.07 34.14
C SER H 239 -51.07 -13.46 34.53
N PHE H 240 -51.98 -14.34 34.93
CA PHE H 240 -51.60 -15.70 35.25
C PHE H 240 -51.63 -16.61 34.03
N THR H 241 -52.59 -16.41 33.12
CA THR H 241 -52.72 -17.23 31.91
C THR H 241 -52.69 -16.32 30.68
N PRO H 242 -51.52 -15.90 30.22
CA PRO H 242 -51.47 -15.07 29.00
C PRO H 242 -51.56 -15.88 27.71
N ALA H 243 -50.98 -17.08 27.71
CA ALA H 243 -50.85 -17.87 26.48
C ALA H 243 -52.14 -18.66 26.22
N THR H 244 -53.19 -17.93 25.89
CA THR H 244 -54.50 -18.51 25.67
C THR H 244 -55.19 -17.74 24.55
N GLY H 245 -56.24 -18.37 23.99
CA GLY H 245 -56.76 -17.93 22.71
C GLY H 245 -57.46 -16.58 22.76
N THR H 246 -58.35 -16.40 23.73
CA THR H 246 -59.07 -15.14 23.92
C THR H 246 -58.78 -14.58 25.30
N PRO H 247 -57.65 -13.89 25.47
CA PRO H 247 -57.36 -13.28 26.78
C PRO H 247 -58.20 -12.03 27.00
N VAL H 248 -59.06 -12.08 28.00
CA VAL H 248 -59.87 -10.94 28.40
C VAL H 248 -59.39 -10.53 29.78
N VAL H 249 -58.95 -9.26 29.90
CA VAL H 249 -58.39 -8.81 31.17
C VAL H 249 -59.49 -8.66 32.21
N GLY H 250 -59.06 -8.53 33.47
CA GLY H 250 -60.01 -8.47 34.57
C GLY H 250 -60.64 -9.81 34.88
N GLY H 251 -59.88 -10.89 34.75
CA GLY H 251 -60.37 -12.22 35.03
C GLY H 251 -60.20 -12.61 36.47
N LEU H 252 -60.48 -13.89 36.73
CA LEU H 252 -60.33 -14.43 38.07
C LEU H 252 -58.86 -14.50 38.45
N THR H 253 -58.58 -14.32 39.73
CA THR H 253 -57.21 -14.47 40.17
C THR H 253 -56.86 -15.95 40.27
N TYR H 254 -55.56 -16.20 40.33
CA TYR H 254 -55.04 -17.55 40.54
C TYR H 254 -55.55 -18.14 41.84
N ARG H 255 -55.68 -17.31 42.88
CA ARG H 255 -56.16 -17.76 44.18
C ARG H 255 -57.61 -18.19 44.11
N GLU H 256 -58.43 -17.46 43.36
CA GLU H 256 -59.85 -17.79 43.29
C GLU H 256 -60.08 -19.05 42.47
N GLY H 257 -59.31 -19.23 41.39
CA GLY H 257 -59.46 -20.41 40.56
C GLY H 257 -59.03 -21.68 41.26
N LEU H 258 -58.04 -21.58 42.16
CA LEU H 258 -57.67 -22.72 42.98
C LEU H 258 -58.78 -23.08 43.96
N TYR H 259 -59.36 -22.07 44.61
CA TYR H 259 -60.37 -22.34 45.64
C TYR H 259 -61.65 -22.90 45.04
N ILE H 260 -61.95 -22.54 43.79
CA ILE H 260 -63.02 -23.19 43.04
C ILE H 260 -62.78 -24.69 42.95
N THR H 261 -61.56 -25.06 42.56
CA THR H 261 -61.23 -26.47 42.38
C THR H 261 -61.15 -27.21 43.71
N GLU H 262 -60.78 -26.52 44.79
CA GLU H 262 -60.65 -27.18 46.08
C GLU H 262 -62.01 -27.56 46.66
N GLU H 263 -63.02 -26.72 46.44
CA GLU H 263 -64.35 -27.02 46.97
C GLU H 263 -65.02 -28.14 46.18
N ILE H 264 -64.75 -28.21 44.87
CA ILE H 264 -65.35 -29.23 44.03
C ILE H 264 -64.76 -30.61 44.34
N TYR H 265 -63.48 -30.65 44.72
CA TYR H 265 -62.91 -31.92 45.17
C TYR H 265 -63.51 -32.36 46.50
N LYS H 266 -63.76 -31.40 47.41
CA LYS H 266 -64.30 -31.73 48.71
C LYS H 266 -65.76 -32.14 48.68
N THR H 267 -66.44 -31.93 47.56
CA THR H 267 -67.73 -32.60 47.35
C THR H 267 -67.53 -34.09 47.23
N GLY H 268 -66.45 -34.52 46.57
CA GLY H 268 -66.25 -35.90 46.21
C GLY H 268 -67.06 -36.36 45.02
N LEU H 269 -67.83 -35.47 44.40
CA LEU H 269 -68.70 -35.80 43.27
C LEU H 269 -68.16 -35.27 41.95
N LEU H 270 -66.86 -34.98 41.87
CA LEU H 270 -66.25 -34.64 40.61
C LEU H 270 -66.18 -35.88 39.73
N SER H 271 -66.57 -35.73 38.46
CA SER H 271 -66.73 -36.89 37.61
C SER H 271 -65.97 -36.75 36.30
N GLY H 272 -65.74 -35.52 35.87
CA GLY H 272 -64.98 -35.30 34.66
C GLY H 272 -64.50 -33.88 34.52
N LEU H 273 -63.24 -33.72 34.11
CA LEU H 273 -62.59 -32.41 34.06
C LEU H 273 -62.19 -32.09 32.62
N ASP H 274 -62.45 -30.86 32.20
CA ASP H 274 -62.12 -30.41 30.86
C ASP H 274 -61.20 -29.20 30.92
N ILE H 275 -60.06 -29.31 30.24
CA ILE H 275 -59.06 -28.25 30.20
C ILE H 275 -58.82 -27.93 28.74
N MET H 276 -59.23 -26.73 28.31
CA MET H 276 -59.19 -26.37 26.90
C MET H 276 -58.46 -25.05 26.70
N GLU H 277 -58.34 -24.68 25.41
CA GLU H 277 -57.79 -23.42 24.92
C GLU H 277 -56.35 -23.18 25.35
N VAL H 278 -55.57 -24.25 25.51
CA VAL H 278 -54.17 -24.11 25.90
C VAL H 278 -53.35 -23.93 24.63
N ASN H 279 -52.85 -22.72 24.42
CA ASN H 279 -52.05 -22.45 23.22
C ASN H 279 -50.64 -22.04 23.63
N PRO H 280 -49.65 -22.91 23.42
CA PRO H 280 -48.25 -22.51 23.69
C PRO H 280 -47.65 -21.59 22.64
N SER H 281 -48.35 -21.33 21.54
CA SER H 281 -47.83 -20.38 20.57
C SER H 281 -48.12 -18.94 20.95
N LEU H 282 -49.05 -18.70 21.87
CA LEU H 282 -49.43 -17.35 22.26
C LEU H 282 -48.63 -16.83 23.44
N GLY H 283 -47.60 -17.56 23.88
CA GLY H 283 -46.63 -17.00 24.80
C GLY H 283 -45.65 -16.15 24.02
N LYS H 284 -45.59 -14.85 24.35
CA LYS H 284 -44.63 -13.96 23.73
C LYS H 284 -43.20 -14.38 24.07
N THR H 285 -43.00 -14.86 25.30
CA THR H 285 -41.88 -15.69 25.67
C THR H 285 -42.42 -17.06 26.02
N PRO H 286 -41.59 -18.10 25.97
CA PRO H 286 -42.04 -19.40 26.51
C PRO H 286 -42.19 -19.41 28.02
N GLU H 287 -41.63 -18.41 28.71
CA GLU H 287 -41.93 -18.24 30.13
C GLU H 287 -43.40 -17.94 30.36
N GLU H 288 -44.04 -17.23 29.41
CA GLU H 288 -45.48 -17.02 29.48
C GLU H 288 -46.24 -18.33 29.34
N VAL H 289 -45.72 -19.23 28.49
CA VAL H 289 -46.29 -20.56 28.39
C VAL H 289 -46.07 -21.31 29.70
N THR H 290 -44.87 -21.18 30.27
CA THR H 290 -44.50 -21.84 31.51
C THR H 290 -45.40 -21.42 32.65
N ARG H 291 -45.74 -20.12 32.71
CA ARG H 291 -46.72 -19.66 33.68
C ARG H 291 -48.10 -20.25 33.39
N THR H 292 -48.46 -20.35 32.11
CA THR H 292 -49.79 -20.82 31.74
C THR H 292 -49.96 -22.30 32.05
N VAL H 293 -48.91 -23.08 31.80
CA VAL H 293 -48.99 -24.52 32.03
C VAL H 293 -48.96 -24.83 33.51
N ASN H 294 -48.03 -24.20 34.24
CA ASN H 294 -47.90 -24.47 35.67
C ASN H 294 -49.12 -24.02 36.44
N THR H 295 -49.83 -23.01 35.93
CA THR H 295 -51.16 -22.71 36.44
C THR H 295 -52.10 -23.87 36.20
N ALA H 296 -52.29 -24.24 34.93
CA ALA H 296 -53.35 -25.17 34.55
C ALA H 296 -53.08 -26.57 35.05
N VAL H 297 -51.81 -26.94 35.18
CA VAL H 297 -51.48 -28.19 35.85
C VAL H 297 -51.90 -28.14 37.30
N ALA H 298 -51.59 -27.04 37.98
CA ALA H 298 -51.97 -26.90 39.39
C ALA H 298 -53.48 -26.74 39.54
N ILE H 299 -54.16 -26.25 38.50
CA ILE H 299 -55.61 -26.31 38.47
C ILE H 299 -56.08 -27.76 38.47
N THR H 300 -55.41 -28.61 37.68
CA THR H 300 -55.77 -30.01 37.62
C THR H 300 -55.40 -30.72 38.91
N LEU H 301 -54.28 -30.34 39.52
CA LEU H 301 -53.80 -30.99 40.74
C LEU H 301 -54.75 -30.75 41.91
N ALA H 302 -55.22 -29.52 42.06
CA ALA H 302 -56.14 -29.21 43.14
C ALA H 302 -57.53 -29.81 42.91
N CYS H 303 -57.86 -30.16 41.67
CA CYS H 303 -59.08 -30.91 41.42
C CYS H 303 -59.02 -32.34 41.93
N PHE H 304 -57.84 -32.83 42.32
CA PHE H 304 -57.68 -34.22 42.73
C PHE H 304 -56.84 -34.30 43.98
N GLY H 305 -57.16 -33.47 44.96
CA GLY H 305 -56.65 -33.63 46.30
C GLY H 305 -55.61 -32.63 46.73
N LEU H 306 -54.92 -31.96 45.80
CA LEU H 306 -53.83 -31.08 46.19
C LEU H 306 -54.39 -29.82 46.83
N ALA H 307 -54.48 -29.83 48.15
CA ALA H 307 -54.90 -28.67 48.91
C ALA H 307 -53.71 -27.79 49.23
N ARG H 308 -53.96 -26.48 49.27
CA ARG H 308 -52.93 -25.54 49.69
C ARG H 308 -52.59 -25.69 51.17
N GLU H 309 -53.53 -26.17 51.98
CA GLU H 309 -53.23 -26.44 53.38
C GLU H 309 -52.29 -27.63 53.55
N GLY H 310 -52.17 -28.49 52.55
CA GLY H 310 -51.31 -29.65 52.62
C GLY H 310 -52.11 -30.94 52.63
N ASN H 311 -51.39 -32.04 52.40
CA ASN H 311 -51.97 -33.37 52.35
C ASN H 311 -51.00 -34.36 52.97
N HIS H 312 -51.56 -35.40 53.60
CA HIS H 312 -50.76 -36.43 54.22
C HIS H 312 -51.38 -37.79 53.94
N LYS H 313 -50.53 -38.80 53.77
CA LYS H 313 -51.05 -40.15 53.71
C LYS H 313 -51.40 -40.63 55.13
N PRO H 314 -52.52 -41.31 55.31
CA PRO H 314 -53.06 -41.55 56.67
C PRO H 314 -52.29 -42.63 57.44
N ILE H 315 -51.02 -42.36 57.70
CA ILE H 315 -50.21 -43.15 58.63
C ILE H 315 -49.50 -42.19 59.56
N ASP H 316 -48.96 -42.74 60.64
CA ASP H 316 -48.21 -41.93 61.61
C ASP H 316 -46.86 -41.55 61.02
N TYR H 317 -46.62 -40.25 60.89
CA TYR H 317 -45.34 -39.75 60.41
C TYR H 317 -44.34 -39.51 61.53
N LEU H 318 -44.78 -39.57 62.79
CA LEU H 318 -43.89 -39.37 63.93
C LEU H 318 -43.29 -40.70 64.37
N ASN H 319 -42.55 -41.31 63.45
CA ASN H 319 -41.91 -42.59 63.71
C ASN H 319 -40.47 -42.57 63.21
N GLU I 1 -35.84 -39.88 14.57
CA GLU I 1 -36.08 -39.21 15.83
C GLU I 1 -35.74 -37.73 15.76
N VAL I 2 -35.75 -37.08 16.91
CA VAL I 2 -35.24 -35.73 17.04
C VAL I 2 -33.73 -35.80 17.07
N GLN I 3 -33.09 -35.44 15.96
CA GLN I 3 -31.65 -35.49 15.86
C GLN I 3 -31.13 -34.14 15.41
N LEU I 4 -29.97 -33.77 15.93
CA LEU I 4 -29.45 -32.42 15.74
C LEU I 4 -28.11 -32.43 15.02
N VAL I 5 -27.88 -31.36 14.29
CA VAL I 5 -26.60 -31.10 13.64
C VAL I 5 -26.12 -29.74 14.11
N GLN I 6 -25.03 -29.73 14.86
CA GLN I 6 -24.46 -28.49 15.38
C GLN I 6 -23.22 -28.13 14.59
N SER I 7 -22.96 -26.82 14.51
CA SER I 7 -21.78 -26.31 13.84
C SER I 7 -21.48 -24.92 14.37
N GLY I 8 -20.22 -24.65 14.72
CA GLY I 8 -19.12 -25.59 14.64
C GLY I 8 -17.97 -25.10 15.50
N ALA I 9 -16.84 -25.81 15.47
CA ALA I 9 -15.71 -25.44 16.30
C ALA I 9 -15.06 -24.16 15.78
N GLU I 10 -14.87 -23.19 16.67
CA GLU I 10 -14.39 -21.88 16.28
C GLU I 10 -13.38 -21.37 17.30
N VAL I 11 -12.54 -20.44 16.86
CA VAL I 11 -11.52 -19.81 17.68
C VAL I 11 -11.65 -18.30 17.49
N LYS I 12 -12.05 -17.59 18.54
CA LYS I 12 -12.27 -16.15 18.47
C LYS I 12 -11.59 -15.46 19.64
N LYS I 13 -10.96 -14.33 19.37
CA LYS I 13 -10.29 -13.56 20.41
C LYS I 13 -11.25 -12.58 21.06
N VAL I 18 -20.82 -14.28 17.32
CA VAL I 18 -20.25 -15.52 16.85
C VAL I 18 -21.34 -16.58 16.81
N LYS I 19 -21.85 -16.85 15.61
CA LYS I 19 -23.02 -17.69 15.45
C LYS I 19 -22.68 -19.17 15.64
N VAL I 20 -23.64 -19.91 16.17
CA VAL I 20 -23.54 -21.35 16.37
C VAL I 20 -24.79 -21.99 15.79
N SER I 21 -24.61 -22.94 14.89
CA SER I 21 -25.72 -23.58 14.22
C SER I 21 -26.25 -24.75 15.05
N CYS I 22 -27.55 -25.01 14.89
CA CYS I 22 -28.20 -26.19 15.49
C CYS I 22 -29.33 -26.59 14.56
N LYS I 23 -29.05 -27.55 13.68
CA LYS I 23 -30.01 -27.94 12.65
C LYS I 23 -30.94 -29.02 13.19
N ALA I 24 -32.23 -28.70 13.26
CA ALA I 24 -33.23 -29.69 13.61
C ALA I 24 -33.50 -30.60 12.42
N SER I 25 -33.67 -31.89 12.72
CA SER I 25 -33.78 -32.87 11.65
C SER I 25 -34.52 -34.10 12.16
N GLY I 26 -35.33 -34.69 11.29
CA GLY I 26 -35.94 -35.97 11.54
C GLY I 26 -37.35 -35.96 12.09
N TYR I 27 -37.99 -34.79 12.15
CA TYR I 27 -39.27 -34.66 12.84
C TYR I 27 -39.93 -33.37 12.39
N THR I 28 -41.02 -33.01 13.04
CA THR I 28 -41.77 -31.81 12.70
C THR I 28 -41.32 -30.62 13.55
N PHE I 29 -40.85 -29.57 12.88
CA PHE I 29 -40.40 -28.38 13.59
C PHE I 29 -41.62 -27.61 14.11
N THR I 30 -41.34 -26.60 14.94
CA THR I 30 -42.31 -25.82 15.73
C THR I 30 -43.12 -26.71 16.67
N ASP I 31 -42.52 -27.84 17.06
CA ASP I 31 -43.11 -28.72 18.04
C ASP I 31 -42.31 -28.77 19.32
N TYR I 32 -41.05 -28.34 19.29
CA TYR I 32 -40.17 -28.42 20.44
C TYR I 32 -39.33 -27.17 20.48
N TYR I 33 -38.87 -26.81 21.67
CA TYR I 33 -38.30 -25.51 21.93
C TYR I 33 -36.78 -25.59 21.90
N MET I 34 -36.16 -24.77 21.08
CA MET I 34 -34.71 -24.67 21.05
C MET I 34 -34.19 -24.11 22.36
N ASN I 35 -33.37 -24.91 23.06
CA ASN I 35 -32.92 -24.57 24.40
C ASN I 35 -31.40 -24.68 24.40
N TRP I 36 -30.71 -23.57 24.56
CA TRP I 36 -29.26 -23.60 24.57
C TRP I 36 -28.73 -23.75 25.99
N VAL I 37 -27.60 -24.43 26.10
CA VAL I 37 -26.96 -24.69 27.37
C VAL I 37 -25.48 -24.94 27.09
N ARG I 38 -24.63 -24.40 27.95
CA ARG I 38 -23.20 -24.54 27.78
C ARG I 38 -22.63 -25.40 28.90
N GLN I 39 -21.40 -25.83 28.68
CA GLN I 39 -20.62 -26.50 29.71
C GLN I 39 -19.21 -25.98 29.62
N ALA I 40 -18.76 -25.27 30.65
CA ALA I 40 -17.36 -24.93 30.76
C ALA I 40 -16.54 -26.21 30.91
N PRO I 41 -15.32 -26.23 30.34
CA PRO I 41 -14.54 -27.47 30.35
C PRO I 41 -14.13 -27.90 31.75
N GLY I 42 -14.48 -29.13 32.10
CA GLY I 42 -14.27 -29.62 33.44
C GLY I 42 -15.22 -29.04 34.47
N GLN I 43 -16.37 -28.53 34.05
CA GLN I 43 -17.30 -27.91 34.98
C GLN I 43 -18.71 -28.46 34.84
N GLY I 44 -19.66 -27.83 35.53
CA GLY I 44 -21.05 -28.20 35.42
C GLY I 44 -21.71 -27.61 34.20
N LEU I 45 -23.03 -27.63 34.20
CA LEU I 45 -23.82 -27.21 33.05
C LEU I 45 -24.52 -25.89 33.35
N GLU I 46 -24.38 -24.94 32.44
CA GLU I 46 -24.90 -23.59 32.62
C GLU I 46 -25.98 -23.38 31.57
N TRP I 47 -27.23 -23.31 32.04
CA TRP I 47 -28.37 -23.06 31.17
C TRP I 47 -28.28 -21.66 30.58
N ILE I 48 -28.79 -21.50 29.36
CA ILE I 48 -28.66 -20.21 28.70
C ILE I 48 -30.02 -19.58 28.43
N GLY I 49 -30.84 -20.24 27.61
CA GLY I 49 -32.08 -19.62 27.20
C GLY I 49 -32.96 -20.61 26.47
N VAL I 50 -34.19 -20.15 26.20
CA VAL I 50 -35.21 -20.91 25.49
C VAL I 50 -35.88 -19.96 24.51
N ILE I 51 -35.84 -20.26 23.22
CA ILE I 51 -36.63 -19.51 22.26
C ILE I 51 -37.72 -20.43 21.74
N SER I 52 -38.89 -19.86 21.51
CA SER I 52 -39.94 -20.60 20.84
C SER I 52 -39.64 -20.63 19.35
N PRO I 53 -40.17 -21.61 18.61
CA PRO I 53 -40.09 -21.51 17.15
C PRO I 53 -41.17 -20.63 16.56
N TYR I 54 -42.21 -20.30 17.32
CA TYR I 54 -43.25 -19.42 16.82
C TYR I 54 -42.74 -17.98 16.76
N ASN I 55 -41.91 -17.60 17.71
CA ASN I 55 -41.39 -16.24 17.81
C ASN I 55 -40.15 -16.26 18.69
N GLY I 56 -39.34 -15.22 18.56
CA GLY I 56 -38.14 -15.15 19.35
C GLY I 56 -38.36 -14.73 20.79
N GLY I 57 -39.09 -15.55 21.55
CA GLY I 57 -39.24 -15.29 22.97
C GLY I 57 -37.93 -15.58 23.66
N THR I 58 -37.34 -14.56 24.28
CA THR I 58 -35.95 -14.66 24.67
C THR I 58 -35.74 -15.52 25.90
N THR I 59 -36.31 -15.08 27.04
CA THR I 59 -36.14 -15.59 28.41
C THR I 59 -34.74 -16.15 28.69
N TYR I 60 -33.72 -15.32 28.47
CA TYR I 60 -32.34 -15.73 28.66
C TYR I 60 -32.02 -15.92 30.14
N ASN I 61 -30.80 -16.39 30.38
CA ASN I 61 -30.23 -16.35 31.70
C ASN I 61 -29.97 -14.90 32.09
N GLN I 62 -30.00 -14.64 33.39
CA GLN I 62 -29.64 -13.34 33.94
C GLN I 62 -28.23 -12.96 33.55
N LYS I 63 -27.30 -13.91 33.62
CA LYS I 63 -25.90 -13.63 33.34
C LYS I 63 -25.57 -13.70 31.85
N PHE I 64 -26.43 -14.29 31.03
CA PHE I 64 -26.10 -14.56 29.64
C PHE I 64 -26.85 -13.69 28.67
N LYS I 65 -27.63 -12.72 29.15
CA LYS I 65 -28.45 -11.91 28.26
C LYS I 65 -27.61 -10.95 27.43
N GLY I 66 -26.42 -10.60 27.91
CA GLY I 66 -25.57 -9.69 27.18
C GLY I 66 -24.71 -10.39 26.15
N LYS I 67 -24.00 -11.43 26.58
CA LYS I 67 -23.04 -12.08 25.69
C LYS I 67 -23.76 -12.95 24.66
N ALA I 68 -24.75 -13.72 25.09
CA ALA I 68 -25.41 -14.69 24.23
C ALA I 68 -26.70 -14.10 23.68
N THR I 69 -26.88 -14.25 22.36
CA THR I 69 -28.09 -13.82 21.68
C THR I 69 -28.61 -14.98 20.84
N LEU I 70 -29.79 -15.49 21.20
CA LEU I 70 -30.43 -16.58 20.44
C LEU I 70 -31.30 -15.94 19.37
N THR I 71 -31.25 -16.47 18.17
CA THR I 71 -32.10 -16.05 17.07
C THR I 71 -32.83 -17.26 16.51
N VAL I 72 -33.86 -16.99 15.72
CA VAL I 72 -34.75 -18.00 15.20
C VAL I 72 -34.65 -18.00 13.69
N ASP I 73 -34.72 -19.19 13.10
CA ASP I 73 -34.73 -19.38 11.65
C ASP I 73 -35.84 -20.35 11.28
N LYS I 74 -37.06 -20.05 11.73
CA LYS I 74 -38.19 -20.98 11.74
C LYS I 74 -38.59 -21.51 10.36
N SER I 75 -38.08 -20.94 9.26
CA SER I 75 -38.31 -21.52 7.94
C SER I 75 -37.52 -22.82 7.78
N THR I 76 -36.20 -22.72 7.82
CA THR I 76 -35.33 -23.88 7.72
C THR I 76 -34.84 -24.21 9.11
N SER I 77 -35.16 -25.42 9.59
CA SER I 77 -35.32 -25.75 11.00
C SER I 77 -34.11 -25.53 11.92
N THR I 78 -33.00 -25.00 11.38
CA THR I 78 -31.89 -24.54 12.17
C THR I 78 -32.29 -23.38 13.08
N ALA I 79 -31.48 -23.17 14.11
CA ALA I 79 -31.55 -21.98 14.95
C ALA I 79 -30.14 -21.58 15.30
N TYR I 80 -29.99 -20.34 15.76
CA TYR I 80 -28.65 -19.77 15.95
C TYR I 80 -28.53 -19.09 17.30
N MET I 81 -27.38 -19.30 17.94
CA MET I 81 -27.00 -18.57 19.14
C MET I 81 -25.71 -17.83 18.83
N GLU I 82 -25.71 -16.52 19.02
CA GLU I 82 -24.56 -15.71 18.68
C GLU I 82 -23.91 -15.16 19.94
N LEU I 83 -22.66 -14.75 19.80
CA LEU I 83 -21.81 -14.53 20.96
C LEU I 83 -20.79 -13.46 20.63
N SER I 84 -20.36 -12.73 21.66
CA SER I 84 -19.36 -11.69 21.53
C SER I 84 -18.20 -11.98 22.47
N SER I 85 -17.12 -12.53 21.91
CA SER I 85 -15.87 -12.90 22.62
C SER I 85 -16.09 -13.79 23.84
N THR I 91 -14.80 -20.31 24.96
CA THR I 91 -14.20 -20.66 26.24
C THR I 91 -14.91 -21.86 26.87
N ALA I 92 -15.81 -22.48 26.11
CA ALA I 92 -16.60 -23.60 26.62
C ALA I 92 -17.15 -24.39 25.44
N VAL I 93 -17.84 -25.48 25.77
CA VAL I 93 -18.57 -26.27 24.78
C VAL I 93 -20.05 -25.92 24.93
N TYR I 94 -20.80 -26.10 23.86
CA TYR I 94 -22.17 -25.60 23.78
C TYR I 94 -23.10 -26.68 23.28
N TYR I 95 -24.36 -26.61 23.70
CA TYR I 95 -25.35 -27.63 23.41
C TYR I 95 -26.70 -27.00 23.19
N CYS I 96 -27.47 -27.59 22.28
CA CYS I 96 -28.86 -27.22 22.05
C CYS I 96 -29.73 -28.44 22.30
N VAL I 97 -30.76 -28.27 23.12
CA VAL I 97 -31.63 -29.37 23.54
C VAL I 97 -33.06 -28.92 23.24
N TYR I 98 -33.98 -29.88 23.22
CA TYR I 98 -35.39 -29.57 23.11
C TYR I 98 -36.11 -29.94 24.39
N ASP I 99 -37.45 -29.79 24.38
CA ASP I 99 -38.36 -30.28 25.42
C ASP I 99 -38.00 -29.64 26.77
N LEU I 100 -38.34 -28.34 26.86
CA LEU I 100 -37.77 -27.44 27.86
C LEU I 100 -37.97 -27.89 29.31
N TYR I 101 -39.07 -28.59 29.60
CA TYR I 101 -39.25 -29.13 30.93
C TYR I 101 -38.28 -30.26 31.21
N TYR I 102 -38.08 -31.13 30.24
CA TYR I 102 -37.07 -32.18 30.26
C TYR I 102 -35.72 -31.61 29.84
N PHE I 103 -34.78 -32.47 29.46
CA PHE I 103 -33.76 -32.19 28.43
C PHE I 103 -33.34 -33.53 27.85
N ASP I 104 -33.97 -33.93 26.74
CA ASP I 104 -33.78 -35.27 26.19
C ASP I 104 -33.19 -35.29 24.79
N TYR I 105 -33.07 -34.15 24.13
CA TYR I 105 -32.83 -34.09 22.70
C TYR I 105 -31.57 -33.31 22.46
N TRP I 106 -30.51 -33.73 23.15
CA TRP I 106 -29.22 -33.07 23.14
C TRP I 106 -28.58 -33.08 21.76
N GLY I 107 -27.90 -31.99 21.44
CA GLY I 107 -27.24 -31.85 20.16
C GLY I 107 -25.89 -32.50 20.12
N GLN I 108 -25.03 -31.97 19.26
CA GLN I 108 -23.71 -32.56 19.04
C GLN I 108 -22.74 -32.19 20.15
N GLY I 109 -22.54 -30.91 20.37
CA GLY I 109 -21.44 -30.42 21.18
C GLY I 109 -20.61 -29.48 20.34
N THR I 110 -20.52 -28.22 20.76
CA THR I 110 -19.88 -27.19 19.93
C THR I 110 -18.89 -26.45 20.81
N LEU I 111 -17.61 -26.73 20.64
CA LEU I 111 -16.57 -26.07 21.42
C LEU I 111 -16.19 -24.75 20.76
N VAL I 112 -16.15 -23.70 21.56
CA VAL I 112 -15.69 -22.39 21.14
C VAL I 112 -14.64 -21.95 22.15
N THR I 113 -13.53 -21.42 21.67
CA THR I 113 -12.41 -21.03 22.52
C THR I 113 -12.30 -19.51 22.59
N VAL I 114 -12.20 -18.98 23.80
CA VAL I 114 -11.94 -17.56 24.00
C VAL I 114 -10.60 -17.38 24.69
N SER I 115 -10.14 -17.94 20.92
CA SER I 115 -8.90 -17.61 21.59
C SER I 115 -8.12 -16.57 20.79
N SER I 116 -7.07 -16.04 21.43
CA SER I 116 -6.17 -15.09 20.79
C SER I 116 -4.94 -15.76 20.21
N ALA I 117 -4.77 -17.06 20.42
CA ALA I 117 -3.60 -17.76 19.92
C ALA I 117 -3.71 -18.05 18.43
N SER I 118 -2.57 -18.22 17.80
CA SER I 118 -2.53 -18.55 16.38
C SER I 118 -2.27 -20.05 16.19
N THR I 119 -2.68 -20.56 15.03
CA THR I 119 -2.59 -21.98 14.74
C THR I 119 -1.14 -22.40 14.55
N LYS I 120 -0.66 -23.30 15.40
CA LYS I 120 0.73 -23.73 15.35
C LYS I 120 0.86 -25.23 15.59
N GLY I 121 1.85 -25.81 14.95
CA GLY I 121 2.22 -27.18 15.23
C GLY I 121 3.02 -27.28 16.50
N PRO I 122 3.09 -28.48 17.06
CA PRO I 122 3.76 -28.68 18.34
C PRO I 122 5.27 -28.73 18.16
N SER I 123 5.95 -28.80 19.30
CA SER I 123 7.40 -28.96 19.37
C SER I 123 7.64 -30.07 20.39
N VAL I 124 7.74 -31.30 19.91
CA VAL I 124 7.86 -32.44 20.81
C VAL I 124 9.30 -32.54 21.30
N PHE I 125 9.46 -32.63 22.62
CA PHE I 125 10.78 -32.76 23.24
C PHE I 125 10.79 -34.05 24.04
N PRO I 126 10.84 -35.20 23.39
CA PRO I 126 10.56 -36.47 24.07
C PRO I 126 11.73 -36.96 24.91
N LEU I 127 11.46 -38.04 25.65
CA LEU I 127 12.48 -39.02 25.99
C LEU I 127 11.91 -40.39 25.68
N ALA I 128 12.55 -41.08 24.72
CA ALA I 128 12.29 -42.50 24.47
C ALA I 128 13.57 -43.31 24.64
N PRO I 129 14.03 -43.53 25.87
CA PRO I 129 15.14 -44.46 26.06
C PRO I 129 14.63 -45.88 25.95
N CYS I 130 15.54 -46.81 25.67
CA CYS I 130 15.11 -48.19 25.44
C CYS I 130 15.08 -49.00 26.73
N SER I 131 14.45 -48.42 27.75
CA SER I 131 14.28 -48.97 29.10
C SER I 131 15.60 -49.39 29.73
N ARG I 132 16.66 -48.62 29.42
CA ARG I 132 17.99 -48.85 29.96
C ARG I 132 18.52 -47.57 30.61
N SER I 133 17.66 -46.84 31.32
CA SER I 133 18.04 -45.61 31.99
C SER I 133 19.06 -45.89 33.09
N THR I 134 18.66 -46.57 34.16
CA THR I 134 19.64 -47.07 35.13
C THR I 134 19.59 -48.59 35.26
N SER I 135 18.51 -49.17 35.77
CA SER I 135 18.49 -50.63 35.96
C SER I 135 17.13 -51.28 35.83
N GLU I 136 16.06 -50.53 35.56
CA GLU I 136 14.71 -51.03 35.75
C GLU I 136 14.25 -51.83 34.53
N SER I 137 13.61 -52.98 34.80
CA SER I 137 13.14 -53.88 33.76
C SER I 137 12.07 -53.22 32.90
N THR I 138 10.90 -52.96 33.48
CA THR I 138 9.81 -52.32 32.74
C THR I 138 9.89 -50.83 33.00
N ALA I 139 10.83 -50.16 32.33
CA ALA I 139 10.98 -48.73 32.44
C ALA I 139 10.15 -48.05 31.37
N ALA I 140 9.82 -46.79 31.61
CA ALA I 140 8.90 -46.07 30.75
C ALA I 140 9.63 -45.16 29.78
N LEU I 141 8.85 -44.58 28.87
CA LEU I 141 9.32 -43.58 27.93
C LEU I 141 8.10 -42.77 27.52
N GLY I 142 8.34 -41.54 27.07
CA GLY I 142 7.21 -40.73 26.63
C GLY I 142 7.66 -39.48 25.91
N CYS I 143 6.74 -38.97 25.09
CA CYS I 143 6.96 -37.76 24.33
C CYS I 143 6.34 -36.57 25.04
N LEU I 144 6.87 -35.39 24.76
CA LEU I 144 6.47 -34.16 25.42
C LEU I 144 5.91 -33.24 24.34
N VAL I 145 4.62 -33.40 24.06
CA VAL I 145 3.98 -32.65 22.97
C VAL I 145 3.74 -31.23 23.46
N LYS I 146 4.55 -30.30 22.98
CA LYS I 146 4.63 -28.96 23.55
C LYS I 146 4.33 -27.91 22.50
N ASP I 147 3.56 -26.89 22.89
CA ASP I 147 3.37 -25.63 22.16
C ASP I 147 2.68 -25.84 20.81
N TYR I 148 1.45 -26.31 20.87
CA TYR I 148 0.60 -26.40 19.69
C TYR I 148 -0.70 -25.63 19.90
N PHE I 149 -1.36 -25.30 18.79
CA PHE I 149 -2.65 -24.65 18.80
C PHE I 149 -3.25 -24.85 17.42
N PRO I 150 -4.55 -25.14 17.31
CA PRO I 150 -5.49 -25.38 18.41
C PRO I 150 -5.48 -26.83 18.85
N GLU I 151 -6.56 -27.22 19.51
CA GLU I 151 -6.76 -28.61 19.84
C GLU I 151 -7.13 -29.39 18.58
N PRO I 152 -6.86 -30.69 18.55
CA PRO I 152 -5.99 -31.49 19.42
C PRO I 152 -4.73 -31.91 18.70
N VAL I 153 -3.93 -32.74 19.36
CA VAL I 153 -2.90 -33.52 18.68
C VAL I 153 -3.30 -34.99 18.74
N THR I 154 -2.88 -35.73 17.71
CA THR I 154 -3.15 -37.17 17.62
C THR I 154 -1.82 -37.89 17.61
N VAL I 155 -1.59 -38.70 18.65
CA VAL I 155 -0.30 -39.33 18.90
C VAL I 155 -0.46 -40.84 18.77
N SER I 156 0.40 -41.47 17.98
CA SER I 156 0.40 -42.91 17.83
C SER I 156 1.85 -43.41 17.93
N TRP I 157 2.02 -44.55 18.58
CA TRP I 157 3.34 -45.12 18.80
C TRP I 157 3.68 -46.08 17.67
N ASN I 158 4.69 -45.72 16.87
CA ASN I 158 5.18 -46.47 15.72
C ASN I 158 4.05 -46.75 14.73
N SER I 159 3.41 -45.64 14.31
CA SER I 159 2.17 -45.65 13.51
C SER I 159 1.09 -46.47 14.19
N GLY I 160 0.97 -46.32 15.50
CA GLY I 160 -0.05 -47.02 16.25
C GLY I 160 0.23 -48.47 16.52
N ALA I 161 1.48 -48.91 16.36
CA ALA I 161 1.79 -50.31 16.63
C ALA I 161 1.76 -50.61 18.12
N LEU I 162 2.52 -49.86 18.91
CA LEU I 162 2.54 -50.05 20.35
C LEU I 162 1.28 -49.46 20.95
N THR I 163 0.38 -50.33 21.41
CA THR I 163 -0.90 -49.90 21.96
C THR I 163 -1.02 -50.16 23.45
N SER I 164 -0.31 -51.13 24.00
CA SER I 164 -0.33 -51.39 25.43
C SER I 164 0.57 -50.41 26.15
N GLY I 165 0.15 -50.01 27.35
CA GLY I 165 0.88 -49.02 28.12
C GLY I 165 0.75 -47.60 27.65
N VAL I 166 -0.05 -47.35 26.61
CA VAL I 166 -0.26 -45.99 26.10
C VAL I 166 -1.09 -45.21 27.09
N HIS I 167 -0.54 -44.09 27.56
CA HIS I 167 -1.23 -43.23 28.50
C HIS I 167 -1.17 -41.80 27.97
N THR I 168 -2.18 -41.44 27.18
CA THR I 168 -2.30 -40.10 26.62
C THR I 168 -2.80 -39.16 27.70
N PHE I 169 -2.10 -38.15 27.94
CA PHE I 169 -2.51 -37.21 28.97
C PHE I 169 -3.28 -36.07 28.33
N PRO I 170 -4.26 -35.51 29.03
CA PRO I 170 -5.06 -34.43 28.46
C PRO I 170 -4.26 -33.16 28.24
N ALA I 171 -4.76 -32.33 27.32
CA ALA I 171 -4.04 -31.14 26.92
C ALA I 171 -4.11 -30.08 28.01
N VAL I 172 -3.08 -30.03 28.86
CA VAL I 172 -2.98 -28.97 29.86
C VAL I 172 -2.56 -27.71 29.14
N LEU I 173 -3.30 -26.63 29.38
CA LEU I 173 -3.19 -25.43 28.58
C LEU I 173 -2.19 -24.48 29.23
N GLN I 174 -1.24 -23.99 28.44
CA GLN I 174 -0.27 -23.05 28.94
C GLN I 174 -0.89 -21.69 29.23
N SER I 175 -0.49 -21.11 30.35
CA SER I 175 -0.67 -19.69 30.61
C SER I 175 0.36 -18.83 29.89
N SER I 176 1.21 -19.50 29.11
CA SER I 176 2.28 -18.77 28.40
C SER I 176 1.70 -18.11 27.18
N GLY I 177 1.32 -18.89 26.17
CA GLY I 177 0.85 -18.35 24.92
C GLY I 177 -0.45 -18.97 24.46
N LEU I 178 -1.16 -19.59 25.43
CA LEU I 178 -2.37 -20.39 25.19
C LEU I 178 -2.08 -21.55 24.23
N TYR I 179 -0.88 -22.12 24.35
CA TYR I 179 -0.46 -23.26 23.55
C TYR I 179 -0.46 -24.47 24.46
N SER I 180 -1.49 -25.30 24.36
CA SER I 180 -1.68 -26.37 25.32
C SER I 180 -0.62 -27.45 25.17
N LEU I 181 -0.52 -28.28 26.21
CA LEU I 181 0.55 -29.26 26.33
C LEU I 181 -0.05 -30.63 26.58
N SER I 182 0.40 -31.61 25.82
CA SER I 182 0.03 -32.99 26.11
C SER I 182 1.29 -33.82 26.16
N SER I 183 1.13 -35.07 26.61
CA SER I 183 2.24 -36.00 26.70
C SER I 183 1.66 -37.40 26.69
N VAL I 184 2.22 -38.28 25.85
CA VAL I 184 1.77 -39.66 25.79
C VAL I 184 2.96 -40.53 26.15
N VAL I 185 2.76 -41.47 27.05
CA VAL I 185 3.85 -42.29 27.58
C VAL I 185 3.52 -43.76 27.42
N THR I 186 4.57 -44.58 27.33
CA THR I 186 4.47 -46.03 27.28
C THR I 186 5.55 -46.66 28.15
N VAL I 187 5.29 -47.87 28.59
CA VAL I 187 6.21 -48.62 29.44
C VAL I 187 6.60 -49.91 28.72
N PRO I 188 7.72 -49.92 28.02
CA PRO I 188 8.26 -51.19 27.50
C PRO I 188 9.16 -51.87 28.51
N SER I 189 9.77 -52.99 28.12
CA SER I 189 10.69 -53.71 29.00
C SER I 189 12.14 -53.45 28.60
N SER I 190 13.06 -53.81 29.51
CA SER I 190 14.49 -53.55 29.27
C SER I 190 15.08 -54.48 28.24
N SER I 191 14.45 -55.63 28.00
CA SER I 191 14.89 -56.52 26.92
C SER I 191 14.24 -56.16 25.60
N LEU I 192 14.22 -54.87 25.29
CA LEU I 192 13.70 -54.29 24.06
C LEU I 192 14.62 -53.18 23.58
N GLY I 193 15.94 -53.33 23.85
CA GLY I 193 16.88 -52.26 23.60
C GLY I 193 17.07 -51.94 22.13
N THR I 194 16.90 -52.94 21.28
CA THR I 194 16.93 -52.71 19.83
C THR I 194 15.54 -52.46 19.28
N LYS I 195 14.79 -51.58 19.93
CA LYS I 195 13.46 -51.17 19.47
C LYS I 195 13.28 -49.70 19.76
N THR I 196 13.18 -48.90 18.71
CA THR I 196 12.77 -47.52 18.85
C THR I 196 11.25 -47.43 18.88
N TYR I 197 10.74 -46.39 19.53
CA TYR I 197 9.32 -46.19 19.69
C TYR I 197 8.99 -44.76 19.29
N THR I 198 8.30 -44.61 18.16
CA THR I 198 8.09 -43.29 17.58
C THR I 198 6.66 -42.87 17.85
N CYS I 199 6.50 -41.90 18.75
CA CYS I 199 5.23 -41.19 18.85
C CYS I 199 5.03 -40.41 17.56
N ASN I 200 3.85 -40.53 16.97
CA ASN I 200 3.59 -39.94 15.68
C ASN I 200 2.54 -38.86 15.91
N VAL I 201 3.01 -37.67 16.28
CA VAL I 201 2.16 -36.56 16.67
C VAL I 201 1.69 -35.88 15.41
N ASP I 202 0.38 -35.86 15.18
CA ASP I 202 -0.18 -35.30 13.95
C ASP I 202 -1.20 -34.23 14.32
N HIS I 203 -0.74 -32.99 14.49
CA HIS I 203 -1.60 -31.86 14.77
C HIS I 203 -2.21 -31.42 13.45
N LYS I 204 -3.41 -31.92 13.17
CA LYS I 204 -4.03 -31.73 11.87
C LYS I 204 -4.56 -30.32 11.57
N PRO I 205 -5.11 -29.53 12.51
CA PRO I 205 -5.47 -28.15 12.12
C PRO I 205 -4.28 -27.24 11.80
N SER I 206 -3.05 -27.61 12.16
CA SER I 206 -1.88 -26.97 11.59
C SER I 206 -1.19 -27.85 10.57
N ASN I 207 -1.67 -29.08 10.37
CA ASN I 207 -1.16 -30.04 9.38
C ASN I 207 0.32 -30.35 9.58
N THR I 208 0.69 -30.57 10.83
CA THR I 208 2.06 -30.86 11.21
C THR I 208 2.16 -32.28 11.73
N LYS I 209 3.17 -33.02 11.27
CA LYS I 209 3.32 -34.43 11.59
C LYS I 209 4.71 -34.65 12.19
N VAL I 210 4.76 -35.02 13.46
CA VAL I 210 6.00 -35.07 14.22
C VAL I 210 6.28 -36.52 14.62
N ASP I 211 7.50 -36.98 14.33
CA ASP I 211 7.95 -38.32 14.65
C ASP I 211 9.27 -38.23 15.42
N LYS I 212 9.41 -39.03 16.48
CA LYS I 212 10.50 -38.82 17.43
C LYS I 212 11.10 -40.14 17.89
N ARG I 213 12.24 -40.02 18.57
CA ARG I 213 12.94 -41.04 19.35
C ARG I 213 14.12 -40.33 20.04
N VAL I 214 14.70 -41.00 21.03
CA VAL I 214 15.79 -40.45 21.84
C VAL I 214 16.83 -41.54 22.09
N GLU I 215 18.11 -41.18 21.96
CA GLU I 215 19.23 -42.10 22.17
C GLU I 215 19.97 -41.79 23.47
N SER I 216 20.99 -42.58 23.77
CA SER I 216 21.79 -42.44 24.97
C SER I 216 22.88 -41.39 24.76
N LYS I 217 23.84 -41.35 25.69
CA LYS I 217 24.86 -40.29 25.72
C LYS I 217 26.25 -40.90 25.97
N TYR I 218 26.59 -41.94 25.19
CA TYR I 218 27.82 -42.75 25.32
C TYR I 218 27.98 -43.29 26.75
N GLY I 219 27.05 -44.15 27.15
CA GLY I 219 27.10 -44.74 28.46
C GLY I 219 28.14 -45.84 28.58
N PRO I 220 28.11 -46.58 29.69
CA PRO I 220 29.08 -47.64 29.93
C PRO I 220 28.83 -48.89 29.09
N GLU J 1 -50.98 21.20 8.53
CA GLU J 1 -51.38 19.96 9.17
C GLU J 1 -50.19 19.19 9.70
N VAL J 2 -50.44 17.95 10.12
CA VAL J 2 -49.37 17.04 10.46
C VAL J 2 -48.80 16.50 9.16
N GLN J 3 -47.62 16.98 8.79
CA GLN J 3 -46.97 16.56 7.56
C GLN J 3 -45.56 16.09 7.87
N LEU J 4 -45.12 15.08 7.14
CA LEU J 4 -43.88 14.39 7.45
C LEU J 4 -42.90 14.49 6.31
N VAL J 5 -41.62 14.48 6.68
CA VAL J 5 -40.52 14.41 5.74
C VAL J 5 -39.67 13.21 6.13
N GLN J 6 -39.64 12.21 5.25
CA GLN J 6 -38.87 11.01 5.51
C GLN J 6 -37.62 11.00 4.64
N SER J 7 -36.58 10.36 5.15
CA SER J 7 -35.33 10.22 4.42
C SER J 7 -34.58 9.02 4.98
N GLY J 8 -34.05 8.16 4.11
CA GLY J 8 -34.18 8.27 2.66
C GLY J 8 -33.87 6.93 2.02
N ALA J 9 -33.86 6.89 0.69
CA ALA J 9 -33.61 5.63 -0.01
C ALA J 9 -32.16 5.21 0.14
N GLU J 10 -31.95 3.97 0.56
CA GLU J 10 -30.62 3.48 0.88
C GLU J 10 -30.46 2.06 0.38
N VAL J 11 -29.19 1.66 0.18
CA VAL J 11 -28.82 0.33 -0.28
C VAL J 11 -27.74 -0.19 0.66
N LYS J 12 -28.05 -1.22 1.44
CA LYS J 12 -27.14 -1.77 2.42
C LYS J 12 -27.08 -3.29 2.30
N LYS J 13 -25.87 -3.83 2.39
CA LYS J 13 -25.68 -5.28 2.30
C LYS J 13 -25.82 -5.92 3.68
N VAL J 18 -28.82 1.36 10.51
CA VAL J 18 -29.14 2.12 9.30
C VAL J 18 -30.31 3.05 9.62
N LYS J 19 -29.98 4.33 9.85
CA LYS J 19 -30.96 5.29 10.34
C LYS J 19 -31.93 5.71 9.24
N VAL J 20 -33.17 5.98 9.65
CA VAL J 20 -34.22 6.48 8.77
C VAL J 20 -34.84 7.70 9.41
N SER J 21 -34.87 8.81 8.70
CA SER J 21 -35.38 10.05 9.24
C SER J 21 -36.89 10.13 9.06
N CYS J 22 -37.54 10.87 9.97
CA CYS J 22 -38.96 11.18 9.89
C CYS J 22 -39.17 12.52 10.57
N LYS J 23 -39.18 13.58 9.75
CA LYS J 23 -39.23 14.94 10.28
C LYS J 23 -40.68 15.36 10.48
N ALA J 24 -41.06 15.63 11.73
CA ALA J 24 -42.37 16.18 12.02
C ALA J 24 -42.39 17.66 11.68
N SER J 25 -43.51 18.10 11.12
CA SER J 25 -43.59 19.46 10.59
C SER J 25 -45.05 19.90 10.55
N GLY J 26 -45.27 21.18 10.86
CA GLY J 26 -46.55 21.81 10.66
C GLY J 26 -47.47 21.87 11.86
N TYR J 27 -47.00 21.51 13.05
CA TYR J 27 -47.86 21.35 14.20
C TYR J 27 -46.99 21.33 15.46
N THR J 28 -47.61 21.03 16.59
CA THR J 28 -46.91 21.01 17.87
C THR J 28 -46.41 19.60 18.19
N PHE J 29 -45.11 19.46 18.36
CA PHE J 29 -44.52 18.17 18.69
C PHE J 29 -44.82 17.83 20.15
N THR J 30 -44.52 16.58 20.52
CA THR J 30 -44.88 15.94 21.80
C THR J 30 -46.38 15.90 22.00
N ASP J 31 -47.14 15.89 20.90
CA ASP J 31 -48.57 15.75 20.93
C ASP J 31 -49.02 14.45 20.29
N TYR J 32 -48.18 13.82 19.49
CA TYR J 32 -48.54 12.62 18.78
C TYR J 32 -47.35 11.67 18.77
N TYR J 33 -47.63 10.39 18.64
CA TYR J 33 -46.66 9.36 18.91
C TYR J 33 -46.05 8.87 17.60
N MET J 34 -44.73 8.91 17.52
CA MET J 34 -44.03 8.35 16.37
C MET J 34 -44.21 6.84 16.30
N ASN J 35 -44.82 6.38 15.21
CA ASN J 35 -45.20 4.98 15.08
C ASN J 35 -44.63 4.48 13.76
N TRP J 36 -43.67 3.57 13.82
CA TRP J 36 -43.08 3.06 12.61
C TRP J 36 -43.81 1.79 12.15
N VAL J 37 -43.85 1.63 10.83
CA VAL J 37 -44.52 0.49 10.20
C VAL J 37 -43.88 0.30 8.83
N ARG J 38 -43.66 -0.95 8.47
CA ARG J 38 -43.06 -1.27 7.19
C ARG J 38 -44.05 -1.96 6.29
N GLN J 39 -43.69 -2.03 5.02
CA GLN J 39 -44.44 -2.81 4.05
C GLN J 39 -43.42 -3.50 3.17
N ALA J 40 -43.38 -4.83 3.23
CA ALA J 40 -42.60 -5.59 2.27
C ALA J 40 -43.21 -5.40 0.88
N PRO J 41 -42.38 -5.37 -0.16
CA PRO J 41 -42.88 -5.07 -1.51
C PRO J 41 -43.84 -6.14 -2.01
N GLY J 42 -45.03 -5.70 -2.40
CA GLY J 42 -46.07 -6.62 -2.78
C GLY J 42 -46.70 -7.38 -1.64
N GLN J 43 -46.60 -6.87 -0.41
CA GLN J 43 -47.12 -7.57 0.75
C GLN J 43 -48.02 -6.68 1.60
N GLY J 44 -48.41 -7.18 2.76
CA GLY J 44 -49.19 -6.42 3.71
C GLY J 44 -48.32 -5.49 4.53
N LEU J 45 -48.91 -5.00 5.61
CA LEU J 45 -48.28 -3.99 6.46
C LEU J 45 -47.86 -4.61 7.78
N GLU J 46 -46.61 -4.39 8.15
CA GLU J 46 -46.03 -4.97 9.34
C GLU J 46 -45.72 -3.85 10.33
N TRP J 47 -46.48 -3.80 11.41
CA TRP J 47 -46.28 -2.82 12.46
C TRP J 47 -44.93 -3.04 13.14
N ILE J 48 -44.32 -1.96 13.60
CA ILE J 48 -42.98 -2.08 14.18
C ILE J 48 -42.99 -1.67 15.64
N GLY J 49 -43.29 -0.41 15.91
CA GLY J 49 -43.16 0.07 17.27
C GLY J 49 -43.76 1.45 17.43
N VAL J 50 -43.82 1.90 18.68
CA VAL J 50 -44.34 3.20 19.06
C VAL J 50 -43.40 3.76 20.12
N ILE J 51 -42.80 4.92 19.86
CA ILE J 51 -42.07 5.64 20.89
C ILE J 51 -42.84 6.89 21.26
N SER J 52 -42.83 7.22 22.53
CA SER J 52 -43.38 8.49 22.97
C SER J 52 -42.38 9.59 22.64
N PRO J 53 -42.83 10.84 22.49
CA PRO J 53 -41.85 11.94 22.42
C PRO J 53 -41.36 12.38 23.78
N TYR J 54 -42.04 11.98 24.86
CA TYR J 54 -41.58 12.35 26.19
C TYR J 54 -40.35 11.53 26.56
N ASN J 55 -40.30 10.29 26.13
CA ASN J 55 -39.23 9.37 26.47
C ASN J 55 -39.24 8.22 25.47
N GLY J 56 -38.11 7.54 25.37
CA GLY J 56 -38.00 6.43 24.45
C GLY J 56 -38.69 5.16 24.92
N GLY J 57 -40.00 5.21 25.11
CA GLY J 57 -40.74 4.01 25.44
C GLY J 57 -40.79 3.11 24.23
N THR J 58 -40.22 1.92 24.33
CA THR J 58 -39.91 1.15 23.14
C THR J 58 -41.16 0.50 22.53
N THR J 59 -41.77 -0.42 23.30
CA THR J 59 -42.86 -1.34 22.94
C THR J 59 -42.82 -1.80 21.49
N TYR J 60 -41.69 -2.40 21.09
CA TYR J 60 -41.49 -2.84 19.73
C TYR J 60 -42.36 -4.06 19.42
N ASN J 61 -42.32 -4.47 18.16
CA ASN J 61 -42.84 -5.75 17.76
C ASN J 61 -41.96 -6.86 18.37
N GLN J 62 -42.58 -8.00 18.60
CA GLN J 62 -41.87 -9.20 19.05
C GLN J 62 -40.77 -9.59 18.08
N LYS J 63 -41.06 -9.52 16.79
CA LYS J 63 -40.11 -9.93 15.77
C LYS J 63 -39.13 -8.83 15.39
N PHE J 64 -39.41 -7.58 15.73
CA PHE J 64 -38.62 -6.46 15.25
C PHE J 64 -37.77 -5.82 16.33
N LYS J 65 -37.73 -6.38 17.53
CA LYS J 65 -37.00 -5.77 18.62
C LYS J 65 -35.49 -5.85 18.41
N GLY J 66 -35.04 -6.84 17.66
CA GLY J 66 -33.62 -7.01 17.42
C GLY J 66 -33.11 -6.16 16.28
N LYS J 67 -33.77 -6.27 15.13
CA LYS J 67 -33.28 -5.58 13.94
C LYS J 67 -33.56 -4.09 13.99
N ALA J 68 -34.76 -3.70 14.40
CA ALA J 68 -35.19 -2.31 14.38
C ALA J 68 -35.00 -1.68 15.74
N THR J 69 -34.39 -0.49 15.76
CA THR J 69 -34.21 0.29 16.98
C THR J 69 -34.72 1.70 16.71
N LEU J 70 -35.78 2.08 17.43
CA LEU J 70 -36.35 3.45 17.32
C LEU J 70 -35.65 4.30 18.34
N THR J 71 -35.26 5.50 17.96
CA THR J 71 -34.69 6.49 18.85
C THR J 71 -35.49 7.79 18.75
N VAL J 72 -35.26 8.66 19.72
CA VAL J 72 -36.03 9.89 19.88
C VAL J 72 -35.07 11.07 19.72
N ASP J 73 -35.55 12.12 19.09
CA ASP J 73 -34.83 13.38 18.94
C ASP J 73 -35.74 14.54 19.29
N LYS J 74 -36.33 14.48 20.49
CA LYS J 74 -37.45 15.33 20.90
C LYS J 74 -37.16 16.83 20.87
N SER J 75 -35.89 17.25 20.73
CA SER J 75 -35.60 18.66 20.53
C SER J 75 -36.05 19.13 19.16
N THR J 76 -35.45 18.57 18.11
CA THR J 76 -35.80 18.89 16.74
C THR J 76 -36.65 17.76 16.21
N SER J 77 -37.89 18.06 15.82
CA SER J 77 -39.02 17.14 15.83
C SER J 77 -38.91 15.86 15.00
N THR J 78 -37.75 15.66 14.35
CA THR J 78 -37.43 14.39 13.72
C THR J 78 -37.37 13.25 14.74
N ALA J 79 -37.50 12.03 14.23
CA ALA J 79 -37.21 10.82 14.99
C ALA J 79 -36.55 9.83 14.06
N TYR J 80 -35.91 8.82 14.64
CA TYR J 80 -35.07 7.92 13.87
C TYR J 80 -35.38 6.47 14.20
N MET J 81 -35.40 5.64 13.16
CA MET J 81 -35.45 4.19 13.30
C MET J 81 -34.22 3.61 12.63
N GLU J 82 -33.45 2.85 13.37
CA GLU J 82 -32.20 2.31 12.86
C GLU J 82 -32.30 0.80 12.68
N LEU J 83 -31.40 0.27 11.86
CA LEU J 83 -31.59 -1.07 11.34
C LEU J 83 -30.23 -1.69 11.07
N SER J 84 -30.16 -3.02 11.18
CA SER J 84 -28.94 -3.78 10.92
C SER J 84 -29.22 -4.82 9.84
N SER J 85 -28.80 -4.50 8.61
CA SER J 85 -28.94 -5.34 7.41
C SER J 85 -30.36 -5.82 7.14
N THR J 91 -34.91 -4.07 2.48
CA THR J 91 -35.66 -5.14 1.84
C THR J 91 -37.15 -4.82 1.79
N ALA J 92 -37.51 -3.59 2.16
CA ALA J 92 -38.91 -3.18 2.20
C ALA J 92 -38.98 -1.66 2.17
N VAL J 93 -40.20 -1.15 2.14
CA VAL J 93 -40.46 0.27 2.27
C VAL J 93 -40.95 0.53 3.69
N TYR J 94 -40.75 1.74 4.17
CA TYR J 94 -40.95 2.07 5.58
C TYR J 94 -41.78 3.33 5.71
N TYR J 95 -42.52 3.41 6.82
CA TYR J 95 -43.46 4.48 7.05
C TYR J 95 -43.47 4.86 8.53
N CYS J 96 -43.66 6.14 8.80
CA CYS J 96 -43.86 6.66 10.13
C CYS J 96 -45.22 7.35 10.19
N VAL J 97 -46.03 6.98 11.17
CA VAL J 97 -47.39 7.49 11.30
C VAL J 97 -47.52 8.03 12.72
N TYR J 98 -48.56 8.84 12.95
CA TYR J 98 -48.88 9.29 14.28
C TYR J 98 -50.21 8.71 14.72
N ASP J 99 -50.66 9.12 15.91
CA ASP J 99 -52.02 8.85 16.44
C ASP J 99 -52.23 7.34 16.56
N LEU J 100 -51.54 6.77 17.57
CA LEU J 100 -51.29 5.33 17.65
C LEU J 100 -52.54 4.46 17.62
N TYR J 101 -53.65 4.96 18.17
CA TYR J 101 -54.90 4.22 18.07
C TYR J 101 -55.42 4.18 16.64
N TYR J 102 -55.34 5.31 15.94
CA TYR J 102 -55.64 5.42 14.53
C TYR J 102 -54.43 4.99 13.71
N PHE J 103 -54.38 5.37 12.43
CA PHE J 103 -53.14 5.69 11.71
C PHE J 103 -53.52 6.64 10.58
N ASP J 104 -53.40 7.94 10.82
CA ASP J 104 -53.90 8.95 9.90
C ASP J 104 -52.84 9.86 9.34
N TYR J 105 -51.62 9.81 9.85
CA TYR J 105 -50.62 10.85 9.62
C TYR J 105 -49.40 10.20 9.00
N TRP J 106 -49.65 9.48 7.92
CA TRP J 106 -48.65 8.70 7.22
C TRP J 106 -47.56 9.58 6.63
N GLY J 107 -46.33 9.06 6.65
CA GLY J 107 -45.19 9.78 6.13
C GLY J 107 -45.03 9.63 4.63
N GLN J 108 -43.79 9.75 4.19
CA GLN J 108 -43.50 9.73 2.76
C GLN J 108 -43.50 8.32 2.21
N GLY J 109 -42.67 7.46 2.78
CA GLY J 109 -42.36 6.18 2.17
C GLY J 109 -40.86 6.11 1.97
N THR J 110 -40.21 5.14 2.61
CA THR J 110 -38.76 5.08 2.62
C THR J 110 -38.35 3.66 2.26
N LEU J 111 -37.88 3.47 1.03
CA LEU J 111 -37.47 2.15 0.58
C LEU J 111 -36.01 1.91 0.96
N VAL J 112 -35.76 0.75 1.56
CA VAL J 112 -34.43 0.30 1.88
C VAL J 112 -34.28 -1.10 1.31
N THR J 113 -33.15 -1.38 0.67
CA THR J 113 -32.92 -2.65 -0.01
C THR J 113 -31.89 -3.46 0.75
N VAL J 114 -32.21 -4.72 1.03
CA VAL J 114 -31.24 -5.64 1.61
C VAL J 114 -30.97 -6.77 0.62
N SER J 115 -28.90 -3.65 -0.23
CA SER J 115 -28.55 -4.80 -1.05
C SER J 115 -27.04 -4.95 -1.15
N SER J 116 -26.61 -6.08 -1.69
CA SER J 116 -25.19 -6.34 -1.94
C SER J 116 -24.77 -6.00 -3.36
N ALA J 117 -25.71 -5.62 -4.21
CA ALA J 117 -25.40 -5.32 -5.60
C ALA J 117 -24.75 -3.95 -5.73
N SER J 118 -23.99 -3.76 -6.80
CA SER J 118 -23.36 -2.48 -7.08
C SER J 118 -24.16 -1.72 -8.13
N THR J 119 -23.98 -0.40 -8.13
CA THR J 119 -24.74 0.48 -9.01
C THR J 119 -24.28 0.31 -10.46
N LYS J 120 -25.20 -0.11 -11.32
CA LYS J 120 -24.87 -0.38 -12.71
C LYS J 120 -25.98 0.09 -13.65
N GLY J 121 -25.57 0.52 -14.83
CA GLY J 121 -26.50 0.81 -15.88
C GLY J 121 -26.99 -0.45 -16.55
N PRO J 122 -28.12 -0.34 -17.24
CA PRO J 122 -28.72 -1.51 -17.86
C PRO J 122 -28.02 -1.90 -19.15
N SER J 123 -28.45 -3.03 -19.70
CA SER J 123 -27.99 -3.53 -20.99
C SER J 123 -29.23 -3.91 -21.76
N VAL J 124 -29.75 -2.98 -22.55
CA VAL J 124 -31.00 -3.20 -23.25
C VAL J 124 -30.76 -4.06 -24.48
N PHE J 125 -31.53 -5.14 -24.60
CA PHE J 125 -31.44 -6.04 -25.73
C PHE J 125 -32.78 -6.09 -26.44
N PRO J 126 -33.16 -5.03 -27.15
CA PRO J 126 -34.54 -4.87 -27.59
C PRO J 126 -34.88 -5.73 -28.81
N LEU J 127 -36.16 -5.71 -29.14
CA LEU J 127 -36.60 -5.89 -30.53
C LEU J 127 -37.58 -4.78 -30.85
N ALA J 128 -37.22 -3.92 -31.79
CA ALA J 128 -38.13 -2.94 -32.37
C ALA J 128 -38.24 -3.17 -33.89
N PRO J 129 -38.93 -4.21 -34.34
CA PRO J 129 -39.20 -4.32 -35.77
C PRO J 129 -40.33 -3.37 -36.14
N CYS J 130 -40.39 -3.02 -37.42
CA CYS J 130 -41.38 -2.03 -37.85
C CYS J 130 -42.72 -2.67 -38.22
N SER J 131 -43.20 -3.54 -37.32
CA SER J 131 -44.45 -4.29 -37.43
C SER J 131 -44.54 -5.08 -38.74
N ARG J 132 -43.39 -5.58 -39.20
CA ARG J 132 -43.30 -6.40 -40.40
C ARG J 132 -42.59 -7.71 -40.11
N SER J 133 -42.89 -8.31 -38.95
CA SER J 133 -42.29 -9.58 -38.55
C SER J 133 -42.70 -10.69 -39.50
N THR J 134 -43.97 -11.08 -39.51
CA THR J 134 -44.48 -11.98 -40.55
C THR J 134 -45.60 -11.34 -41.36
N SER J 135 -46.78 -11.08 -40.76
CA SER J 135 -47.87 -10.53 -41.56
C SER J 135 -48.83 -9.62 -40.79
N GLU J 136 -48.61 -9.37 -39.51
CA GLU J 136 -49.64 -8.79 -38.65
C GLU J 136 -49.65 -7.28 -38.77
N SER J 137 -50.86 -6.72 -38.87
CA SER J 137 -51.05 -5.28 -39.03
C SER J 137 -50.55 -4.51 -37.82
N THR J 138 -51.22 -4.68 -36.67
CA THR J 138 -50.81 -4.00 -35.45
C THR J 138 -49.92 -4.94 -34.67
N ALA J 139 -48.66 -5.05 -35.10
CA ALA J 139 -47.69 -5.89 -34.43
C ALA J 139 -46.94 -5.06 -33.40
N ALA J 140 -46.37 -5.74 -32.42
CA ALA J 140 -45.76 -5.05 -31.29
C ALA J 140 -44.25 -4.97 -31.43
N LEU J 141 -43.65 -4.22 -30.50
CA LEU J 141 -42.20 -4.12 -30.36
C LEU J 141 -41.92 -3.74 -28.92
N GLY J 142 -40.71 -4.05 -28.46
CA GLY J 142 -40.39 -3.68 -27.09
C GLY J 142 -38.92 -3.85 -26.79
N CYS J 143 -38.48 -3.11 -25.79
CA CYS J 143 -37.10 -3.16 -25.31
C CYS J 143 -36.99 -4.06 -24.10
N LEU J 144 -35.79 -4.59 -23.90
CA LEU J 144 -35.52 -5.57 -22.87
C LEU J 144 -34.49 -4.94 -21.92
N VAL J 145 -34.98 -4.16 -20.97
CA VAL J 145 -34.10 -3.42 -20.07
C VAL J 145 -33.52 -4.40 -19.05
N LYS J 146 -32.26 -4.75 -19.22
CA LYS J 146 -31.66 -5.88 -18.51
C LYS J 146 -30.45 -5.42 -17.72
N ASP J 147 -30.31 -5.94 -16.50
CA ASP J 147 -29.11 -5.89 -15.67
C ASP J 147 -28.73 -4.46 -15.27
N TYR J 148 -29.62 -3.83 -14.50
CA TYR J 148 -29.33 -2.53 -13.90
C TYR J 148 -29.50 -2.61 -12.39
N PHE J 149 -28.88 -1.64 -11.71
CA PHE J 149 -28.99 -1.49 -10.28
C PHE J 149 -28.57 -0.07 -9.96
N PRO J 150 -29.25 0.63 -9.04
CA PRO J 150 -30.48 0.21 -8.36
C PRO J 150 -31.72 0.54 -9.15
N GLU J 151 -32.84 0.59 -8.45
CA GLU J 151 -34.06 1.06 -9.03
C GLU J 151 -33.99 2.57 -9.22
N PRO J 152 -34.75 3.13 -10.18
CA PRO J 152 -35.44 2.48 -11.30
C PRO J 152 -34.76 2.80 -12.62
N VAL J 153 -35.38 2.40 -13.72
CA VAL J 153 -35.06 2.93 -15.03
C VAL J 153 -36.26 3.73 -15.51
N THR J 154 -35.98 4.74 -16.33
CA THR J 154 -37.01 5.60 -16.90
C THR J 154 -36.94 5.46 -18.42
N VAL J 155 -38.00 4.94 -19.01
CA VAL J 155 -38.03 4.58 -20.43
C VAL J 155 -39.05 5.46 -21.12
N SER J 156 -38.63 6.07 -22.23
CA SER J 156 -39.52 6.88 -23.05
C SER J 156 -39.30 6.53 -24.52
N TRP J 157 -40.39 6.47 -25.27
CA TRP J 157 -40.34 6.10 -26.67
C TRP J 157 -40.18 7.33 -27.54
N ASN J 158 -39.03 7.42 -28.21
CA ASN J 158 -38.65 8.54 -29.08
C ASN J 158 -38.72 9.86 -28.35
N SER J 159 -38.00 9.91 -27.22
CA SER J 159 -38.05 11.00 -26.23
C SER J 159 -39.47 11.25 -25.75
N GLY J 160 -40.21 10.17 -25.52
CA GLY J 160 -41.56 10.27 -25.03
C GLY J 160 -42.59 10.63 -26.07
N ALA J 161 -42.26 10.53 -27.36
CA ALA J 161 -43.24 10.86 -28.39
C ALA J 161 -44.35 9.81 -28.46
N LEU J 162 -43.98 8.55 -28.64
CA LEU J 162 -44.96 7.48 -28.70
C LEU J 162 -45.45 7.18 -27.29
N THR J 163 -46.70 7.55 -27.01
CA THR J 163 -47.30 7.37 -25.69
C THR J 163 -48.41 6.36 -25.67
N SER J 164 -49.09 6.11 -26.79
CA SER J 164 -50.13 5.10 -26.84
C SER J 164 -49.51 3.72 -27.01
N GLY J 165 -50.13 2.73 -26.38
CA GLY J 165 -49.61 1.38 -26.42
C GLY J 165 -48.42 1.13 -25.52
N VAL J 166 -47.98 2.14 -24.77
CA VAL J 166 -46.83 1.97 -23.86
C VAL J 166 -47.24 1.10 -22.69
N HIS J 167 -46.53 -0.01 -22.50
CA HIS J 167 -46.81 -0.92 -21.40
C HIS J 167 -45.50 -1.20 -20.68
N THR J 168 -45.20 -0.36 -19.68
CA THR J 168 -44.01 -0.52 -18.86
C THR J 168 -44.24 -1.65 -17.87
N PHE J 169 -43.39 -2.58 -17.88
CA PHE J 169 -43.54 -3.69 -16.96
C PHE J 169 -42.71 -3.45 -15.72
N PRO J 170 -43.17 -3.93 -14.56
CA PRO J 170 -42.43 -3.68 -13.32
C PRO J 170 -41.10 -4.41 -13.29
N ALA J 171 -40.21 -3.88 -12.46
CA ALA J 171 -38.84 -4.39 -12.39
C ALA J 171 -38.81 -5.74 -11.71
N VAL J 172 -38.84 -6.82 -12.48
CA VAL J 172 -38.68 -8.15 -11.94
C VAL J 172 -37.20 -8.34 -11.61
N LEU J 173 -36.94 -8.77 -10.39
CA LEU J 173 -35.60 -8.75 -9.83
C LEU J 173 -34.92 -10.09 -10.10
N GLN J 174 -33.71 -10.02 -10.65
CA GLN J 174 -32.96 -11.24 -10.92
C GLN J 174 -32.46 -11.88 -9.63
N SER J 175 -32.56 -13.21 -9.59
CA SER J 175 -31.85 -14.02 -8.63
C SER J 175 -30.39 -14.23 -9.04
N SER J 176 -30.02 -13.59 -10.15
CA SER J 176 -28.64 -13.77 -10.67
C SER J 176 -27.70 -12.88 -9.86
N GLY J 177 -27.80 -11.57 -10.04
CA GLY J 177 -26.88 -10.66 -9.39
C GLY J 177 -27.59 -9.52 -8.69
N LEU J 178 -28.88 -9.73 -8.39
CA LEU J 178 -29.81 -8.72 -7.85
C LEU J 178 -29.89 -7.52 -8.78
N TYR J 179 -29.84 -7.77 -10.08
CA TYR J 179 -29.96 -6.75 -11.11
C TYR J 179 -31.32 -6.90 -11.75
N SER J 180 -32.27 -6.04 -11.37
CA SER J 180 -33.65 -6.23 -11.75
C SER J 180 -33.84 -5.98 -13.24
N LEU J 181 -34.98 -6.46 -13.75
CA LEU J 181 -35.26 -6.48 -15.17
C LEU J 181 -36.59 -5.81 -15.43
N SER J 182 -36.62 -4.89 -16.39
CA SER J 182 -37.88 -4.33 -16.84
C SER J 182 -37.95 -4.44 -18.35
N SER J 183 -39.12 -4.15 -18.89
CA SER J 183 -39.34 -4.18 -20.33
C SER J 183 -40.53 -3.29 -20.63
N VAL J 184 -40.39 -2.41 -21.61
CA VAL J 184 -41.47 -1.53 -22.02
C VAL J 184 -41.77 -1.84 -23.47
N VAL J 185 -43.05 -2.04 -23.79
CA VAL J 185 -43.45 -2.47 -25.13
C VAL J 185 -44.49 -1.52 -25.69
N THR J 186 -44.56 -1.45 -27.02
CA THR J 186 -45.55 -0.67 -27.75
C THR J 186 -46.04 -1.46 -28.95
N VAL J 187 -47.23 -1.14 -29.40
CA VAL J 187 -47.86 -1.81 -30.54
C VAL J 187 -48.14 -0.76 -31.61
N PRO J 188 -47.25 -0.60 -32.59
CA PRO J 188 -47.57 0.22 -33.75
C PRO J 188 -48.25 -0.58 -34.84
N SER J 189 -48.51 0.04 -35.99
CA SER J 189 -49.14 -0.66 -37.11
C SER J 189 -48.10 -0.99 -38.19
N SER J 190 -48.49 -1.88 -39.11
CA SER J 190 -47.57 -2.33 -40.15
C SER J 190 -47.35 -1.27 -41.22
N SER J 191 -48.24 -0.30 -41.34
CA SER J 191 -48.02 0.82 -42.25
C SER J 191 -47.26 1.95 -41.56
N LEU J 192 -46.21 1.58 -40.85
CA LEU J 192 -45.30 2.49 -40.15
C LEU J 192 -43.86 2.00 -40.32
N GLY J 193 -43.58 1.39 -41.47
CA GLY J 193 -42.29 0.73 -41.67
C GLY J 193 -41.12 1.68 -41.72
N THR J 194 -41.35 2.92 -42.17
CA THR J 194 -40.32 3.94 -42.13
C THR J 194 -40.42 4.78 -40.86
N LYS J 195 -40.52 4.11 -39.71
CA LYS J 195 -40.54 4.76 -38.41
C LYS J 195 -39.80 3.90 -37.42
N THR J 196 -38.66 4.39 -36.94
CA THR J 196 -37.99 3.77 -35.82
C THR J 196 -38.59 4.25 -34.51
N TYR J 197 -38.49 3.42 -33.49
CA TYR J 197 -39.06 3.72 -32.19
C TYR J 197 -37.99 3.47 -31.14
N THR J 198 -37.51 4.55 -30.52
CA THR J 198 -36.36 4.47 -29.64
C THR J 198 -36.84 4.58 -28.20
N CYS J 199 -36.79 3.45 -27.49
CA CYS J 199 -36.90 3.50 -26.05
C CYS J 199 -35.68 4.23 -25.50
N ASN J 200 -35.93 5.18 -24.61
CA ASN J 200 -34.85 6.04 -24.12
C ASN J 200 -34.72 5.71 -22.64
N VAL J 201 -33.93 4.68 -22.35
CA VAL J 201 -33.77 4.15 -21.00
C VAL J 201 -32.75 5.01 -20.29
N ASP J 202 -33.15 5.65 -19.20
CA ASP J 202 -32.28 6.57 -18.48
C ASP J 202 -32.21 6.14 -17.02
N HIS J 203 -31.28 5.25 -16.71
CA HIS J 203 -31.04 4.80 -15.34
C HIS J 203 -30.21 5.87 -14.66
N LYS J 204 -30.90 6.76 -13.96
CA LYS J 204 -30.26 7.95 -13.39
C LYS J 204 -29.35 7.70 -12.18
N PRO J 205 -29.60 6.78 -11.24
CA PRO J 205 -28.59 6.54 -10.19
C PRO J 205 -27.28 5.95 -10.68
N SER J 206 -27.22 5.38 -11.88
CA SER J 206 -25.95 5.11 -12.52
C SER J 206 -25.63 6.10 -13.64
N ASN J 207 -26.56 7.03 -13.93
CA ASN J 207 -26.40 8.09 -14.92
C ASN J 207 -26.10 7.54 -16.32
N THR J 208 -26.84 6.51 -16.70
CA THR J 208 -26.67 5.84 -17.98
C THR J 208 -27.92 6.06 -18.83
N LYS J 209 -27.70 6.42 -20.09
CA LYS J 209 -28.79 6.77 -21.01
C LYS J 209 -28.70 5.90 -22.24
N VAL J 210 -29.70 5.03 -22.44
CA VAL J 210 -29.66 4.00 -23.47
C VAL J 210 -30.75 4.28 -24.49
N ASP J 211 -30.37 4.29 -25.78
CA ASP J 211 -31.28 4.50 -26.89
C ASP J 211 -31.11 3.36 -27.88
N LYS J 212 -32.22 2.84 -28.40
CA LYS J 212 -32.20 1.59 -29.15
C LYS J 212 -33.11 1.64 -30.36
N ARG J 213 -32.95 0.62 -31.22
CA ARG J 213 -33.80 0.22 -32.33
C ARG J 213 -33.24 -1.08 -32.88
N VAL J 214 -34.04 -1.79 -33.68
CA VAL J 214 -33.67 -3.09 -34.25
C VAL J 214 -34.12 -3.15 -35.70
N GLU J 215 -33.25 -3.68 -36.57
CA GLU J 215 -33.54 -3.81 -38.00
C GLU J 215 -33.78 -5.27 -38.37
N SER J 216 -34.06 -5.50 -39.66
CA SER J 216 -34.34 -6.83 -40.19
C SER J 216 -33.04 -7.55 -40.52
N LYS J 217 -33.15 -8.67 -41.24
CA LYS J 217 -32.02 -9.56 -41.50
C LYS J 217 -32.00 -9.98 -42.99
N TYR J 218 -32.08 -8.97 -43.87
CA TYR J 218 -32.20 -9.14 -45.34
C TYR J 218 -33.34 -10.09 -45.73
N GLY J 219 -34.56 -9.67 -45.40
CA GLY J 219 -35.73 -10.45 -45.72
C GLY J 219 -36.10 -10.41 -47.19
N PRO J 220 -37.29 -10.94 -47.53
CA PRO J 220 -37.74 -10.97 -48.93
C PRO J 220 -38.18 -9.61 -49.44
N GLU K 1 -12.09 2.54 54.75
CA GLU K 1 -13.49 2.76 54.41
C GLU K 1 -13.82 2.27 53.02
N VAL K 2 -15.03 2.60 52.57
CA VAL K 2 -15.41 2.37 51.19
C VAL K 2 -14.76 3.46 50.35
N GLN K 3 -13.72 3.11 49.62
CA GLN K 3 -13.00 4.06 48.80
C GLN K 3 -12.91 3.53 47.38
N LEU K 4 -12.99 4.44 46.42
CA LEU K 4 -13.11 4.06 45.02
C LEU K 4 -11.95 4.58 44.20
N VAL K 5 -11.64 3.83 43.15
CA VAL K 5 -10.66 4.22 42.15
C VAL K 5 -11.35 4.16 40.80
N GLN K 6 -11.52 5.32 40.19
CA GLN K 6 -12.16 5.42 38.89
C GLN K 6 -11.11 5.66 37.81
N SER K 7 -11.42 5.17 36.61
CA SER K 7 -10.55 5.38 35.46
C SER K 7 -11.38 5.22 34.19
N GLY K 8 -11.23 6.14 33.24
CA GLY K 8 -10.36 7.30 33.34
C GLY K 8 -10.77 8.33 32.30
N ALA K 9 -10.01 9.43 32.20
CA ALA K 9 -10.35 10.49 31.28
C ALA K 9 -10.12 10.05 29.84
N GLU K 10 -11.14 10.22 29.00
CA GLU K 10 -11.09 9.70 27.64
C GLU K 10 -11.70 10.72 26.68
N VAL K 11 -11.32 10.61 25.41
CA VAL K 11 -11.81 11.46 24.34
C VAL K 11 -12.25 10.57 23.20
N LYS K 12 -13.56 10.54 22.93
CA LYS K 12 -14.12 9.68 21.90
C LYS K 12 -15.06 10.48 21.01
N LYS K 13 -14.98 10.22 19.71
CA LYS K 13 -15.84 10.90 18.75
C LYS K 13 -17.16 10.14 18.56
N VAL K 18 -17.47 2.30 25.42
CA VAL K 18 -16.37 3.02 26.06
C VAL K 18 -16.41 2.75 27.56
N LYS K 19 -15.53 1.86 28.01
CA LYS K 19 -15.58 1.37 29.38
C LYS K 19 -15.05 2.40 30.36
N VAL K 20 -15.63 2.39 31.56
CA VAL K 20 -15.21 3.25 32.66
C VAL K 20 -15.03 2.37 33.89
N SER K 21 -13.85 2.43 34.49
CA SER K 21 -13.54 1.60 35.64
C SER K 21 -14.02 2.25 36.93
N CYS K 22 -14.33 1.40 37.91
CA CYS K 22 -14.67 1.84 39.27
C CYS K 22 -14.23 0.73 40.22
N LYS K 23 -13.04 0.88 40.77
CA LYS K 23 -12.44 -0.15 41.60
C LYS K 23 -12.88 0.01 43.04
N ALA K 24 -13.60 -0.99 43.55
CA ALA K 24 -13.95 -1.01 44.97
C ALA K 24 -12.74 -1.43 45.80
N SER K 25 -12.57 -0.77 46.94
CA SER K 25 -11.38 -0.96 47.74
C SER K 25 -11.66 -0.61 49.20
N GLY K 26 -11.07 -1.38 50.10
CA GLY K 26 -11.05 -1.06 51.50
C GLY K 26 -12.11 -1.72 52.36
N TYR K 27 -12.85 -2.67 51.82
CA TYR K 27 -14.03 -3.21 52.51
C TYR K 27 -14.39 -4.53 51.84
N THR K 28 -15.54 -5.08 52.23
CA THR K 28 -16.01 -6.36 51.70
C THR K 28 -16.96 -6.13 50.52
N PHE K 29 -16.60 -6.67 49.37
CA PHE K 29 -17.42 -6.53 48.18
C PHE K 29 -18.65 -7.45 48.32
N THR K 30 -19.60 -7.27 47.38
CA THR K 30 -20.95 -7.87 47.40
C THR K 30 -21.74 -7.47 48.63
N ASP K 31 -21.41 -6.31 49.19
CA ASP K 31 -22.14 -5.75 50.31
C ASP K 31 -22.83 -4.46 49.94
N TYR K 32 -22.44 -3.82 48.84
CA TYR K 32 -23.00 -2.55 48.45
C TYR K 32 -23.14 -2.53 46.93
N TYR K 33 -24.06 -1.73 46.46
CA TYR K 33 -24.51 -1.80 45.08
C TYR K 33 -23.82 -0.74 44.24
N MET K 34 -23.19 -1.17 43.16
CA MET K 34 -22.59 -0.23 42.22
C MET K 34 -23.66 0.59 41.53
N ASN K 35 -23.59 1.91 41.72
CA ASN K 35 -24.64 2.80 41.24
C ASN K 35 -23.96 3.90 40.44
N TRP K 36 -24.20 3.94 39.14
CA TRP K 36 -23.60 4.96 38.30
C TRP K 36 -24.50 6.17 38.19
N VAL K 37 -23.86 7.33 38.07
CA VAL K 37 -24.55 8.61 37.96
C VAL K 37 -23.59 9.57 37.26
N ARG K 38 -24.15 10.38 36.37
CA ARG K 38 -23.36 11.33 35.63
C ARG K 38 -23.73 12.75 36.03
N GLN K 39 -22.87 13.68 35.63
CA GLN K 39 -23.16 15.09 35.77
C GLN K 39 -22.67 15.76 34.50
N ALA K 40 -23.60 16.31 33.73
CA ALA K 40 -23.23 17.17 32.62
C ALA K 40 -22.53 18.41 33.17
N PRO K 41 -21.54 18.94 32.44
CA PRO K 41 -20.76 20.07 32.96
C PRO K 41 -21.60 21.33 33.13
N GLY K 42 -21.58 21.86 34.36
CA GLY K 42 -22.42 22.98 34.69
C GLY K 42 -23.88 22.63 34.85
N GLN K 43 -24.21 21.38 35.11
CA GLN K 43 -25.61 20.96 35.20
C GLN K 43 -25.87 20.18 36.48
N GLY K 44 -27.07 19.61 36.58
CA GLY K 44 -27.44 18.78 37.70
C GLY K 44 -26.92 17.37 37.54
N LEU K 45 -27.47 16.47 38.35
CA LEU K 45 -27.01 15.09 38.42
C LEU K 45 -28.04 14.16 37.79
N GLU K 46 -27.57 13.31 36.90
CA GLU K 46 -28.43 12.42 36.14
C GLU K 46 -28.11 10.99 36.56
N TRP K 47 -29.04 10.37 37.27
CA TRP K 47 -28.90 8.98 37.70
C TRP K 47 -28.88 8.06 36.49
N ILE K 48 -28.15 6.95 36.60
CA ILE K 48 -28.01 6.07 35.45
C ILE K 48 -28.59 4.69 35.74
N GLY K 49 -28.02 3.99 36.72
CA GLY K 49 -28.43 2.61 36.94
C GLY K 49 -27.84 2.07 38.22
N VAL K 50 -28.29 0.86 38.56
CA VAL K 50 -27.85 0.13 39.74
C VAL K 50 -27.68 -1.32 39.33
N ILE K 51 -26.48 -1.87 39.46
CA ILE K 51 -26.29 -3.31 39.29
C ILE K 51 -25.98 -3.91 40.65
N SER K 52 -26.49 -5.10 40.88
CA SER K 52 -26.11 -5.85 42.07
C SER K 52 -24.74 -6.46 41.82
N PRO K 53 -23.99 -6.76 42.88
CA PRO K 53 -22.78 -7.57 42.69
C PRO K 53 -23.07 -9.06 42.59
N TYR K 54 -24.26 -9.49 42.98
CA TYR K 54 -24.61 -10.91 42.86
C TYR K 54 -24.86 -11.26 41.41
N ASN K 55 -25.45 -10.35 40.66
CA ASN K 55 -25.82 -10.57 39.27
C ASN K 55 -26.01 -9.23 38.60
N GLY K 56 -25.95 -9.23 37.27
CA GLY K 56 -26.12 -8.00 36.52
C GLY K 56 -27.56 -7.55 36.41
N GLY K 57 -28.20 -7.25 37.53
CA GLY K 57 -29.53 -6.68 37.50
C GLY K 57 -29.46 -5.27 36.99
N THR K 58 -30.09 -5.00 35.85
CA THR K 58 -29.79 -3.78 35.12
C THR K 58 -30.40 -2.55 35.76
N THR K 59 -31.74 -2.50 35.81
CA THR K 59 -32.62 -1.39 36.18
C THR K 59 -32.07 -0.01 35.81
N TYR K 60 -31.76 0.17 34.54
CA TYR K 60 -31.18 1.42 34.05
C TYR K 60 -32.20 2.55 34.09
N ASN K 61 -31.72 3.74 33.76
CA ASN K 61 -32.58 4.86 33.45
C ASN K 61 -33.33 4.56 32.15
N GLN K 62 -34.53 5.14 32.04
CA GLN K 62 -35.31 5.08 30.81
C GLN K 62 -34.53 5.65 29.64
N LYS K 63 -33.85 6.77 29.85
CA LYS K 63 -33.11 7.44 28.78
C LYS K 63 -31.72 6.88 28.56
N PHE K 64 -31.18 6.11 29.51
CA PHE K 64 -29.80 5.69 29.45
C PHE K 64 -29.63 4.21 29.15
N LYS K 65 -30.72 3.50 28.86
CA LYS K 65 -30.62 2.06 28.65
C LYS K 65 -29.92 1.73 27.34
N GLY K 66 -29.96 2.63 26.37
CA GLY K 66 -29.33 2.39 25.10
C GLY K 66 -27.86 2.73 25.09
N LYS K 67 -27.53 3.94 25.52
CA LYS K 67 -26.15 4.41 25.43
C LYS K 67 -25.28 3.76 26.50
N ALA K 68 -25.77 3.69 27.73
CA ALA K 68 -24.98 3.21 28.86
C ALA K 68 -25.27 1.74 29.12
N THR K 69 -24.21 0.94 29.27
CA THR K 69 -24.31 -0.47 29.62
C THR K 69 -23.40 -0.74 30.81
N LEU K 70 -24.02 -1.11 31.94
CA LEU K 70 -23.25 -1.45 33.16
C LEU K 70 -22.97 -2.94 33.10
N THR K 71 -21.76 -3.33 33.43
CA THR K 71 -21.35 -4.72 33.55
C THR K 71 -20.75 -4.96 34.92
N VAL K 72 -20.63 -6.24 35.27
CA VAL K 72 -20.21 -6.66 36.59
C VAL K 72 -18.91 -7.43 36.45
N ASP K 73 -18.01 -7.25 37.41
CA ASP K 73 -16.75 -7.97 37.48
C ASP K 73 -16.55 -8.48 38.90
N LYS K 74 -17.54 -9.21 39.42
CA LYS K 74 -17.68 -9.54 40.84
C LYS K 74 -16.51 -10.33 41.43
N SER K 75 -15.61 -10.86 40.60
CA SER K 75 -14.40 -11.47 41.14
C SER K 75 -13.45 -10.42 41.70
N THR K 76 -12.95 -9.53 40.84
CA THR K 76 -12.07 -8.45 41.25
C THR K 76 -12.91 -7.18 41.30
N SER K 77 -13.00 -6.57 42.48
CA SER K 77 -14.11 -5.73 42.91
C SER K 77 -14.44 -4.50 42.06
N THR K 78 -13.72 -4.30 40.96
CA THR K 78 -14.08 -3.31 39.96
C THR K 78 -15.44 -3.62 39.32
N ALA K 79 -16.03 -2.59 38.73
CA ALA K 79 -17.18 -2.73 37.87
C ALA K 79 -17.03 -1.76 36.71
N TYR K 80 -17.81 -1.98 35.65
CA TYR K 80 -17.61 -1.23 34.42
C TYR K 80 -18.92 -0.72 33.88
N MET K 81 -18.89 0.52 33.38
CA MET K 81 -19.99 1.11 32.64
C MET K 81 -19.46 1.47 31.26
N GLU K 82 -20.11 0.96 30.23
CA GLU K 82 -19.64 1.17 28.87
C GLU K 82 -20.61 2.06 28.10
N LEU K 83 -20.12 2.65 27.02
CA LEU K 83 -20.80 3.77 26.41
C LEU K 83 -20.50 3.79 24.92
N SER K 84 -21.44 4.31 24.14
CA SER K 84 -21.29 4.43 22.70
C SER K 84 -21.48 5.89 22.30
N SER K 85 -20.35 6.58 22.06
CA SER K 85 -20.28 7.99 21.66
C SER K 85 -21.06 8.94 22.56
N THR K 91 -19.04 13.51 27.09
CA THR K 91 -19.72 14.80 27.08
C THR K 91 -20.10 15.23 28.49
N ALA K 92 -19.63 14.49 29.49
CA ALA K 92 -19.95 14.76 30.89
C ALA K 92 -18.92 14.10 31.79
N VAL K 93 -19.08 14.32 33.09
CA VAL K 93 -18.29 13.64 34.09
C VAL K 93 -19.16 12.55 34.71
N TYR K 94 -18.53 11.52 35.24
CA TYR K 94 -19.22 10.31 35.64
C TYR K 94 -18.79 9.90 37.05
N TYR K 95 -19.70 9.25 37.75
CA TYR K 95 -19.51 8.89 39.16
C TYR K 95 -20.12 7.53 39.43
N CYS K 96 -19.48 6.78 40.32
CA CYS K 96 -20.01 5.53 40.84
C CYS K 96 -20.13 5.65 42.35
N VAL K 97 -21.32 5.31 42.88
CA VAL K 97 -21.61 5.48 44.29
C VAL K 97 -22.14 4.12 44.76
N TYR K 98 -22.16 3.93 46.07
CA TYR K 98 -22.77 2.76 46.66
C TYR K 98 -24.00 3.15 47.47
N ASP K 99 -24.61 2.16 48.14
CA ASP K 99 -25.67 2.36 49.12
C ASP K 99 -26.88 3.04 48.47
N LEU K 100 -27.57 2.26 47.63
CA LEU K 100 -28.50 2.77 46.63
C LEU K 100 -29.61 3.66 47.19
N TYR K 101 -30.07 3.39 48.42
CA TYR K 101 -31.06 4.27 49.02
C TYR K 101 -30.45 5.62 49.37
N TYR K 102 -29.23 5.62 49.90
CA TYR K 102 -28.45 6.82 50.14
C TYR K 102 -27.74 7.24 48.86
N PHE K 103 -26.71 8.07 48.97
CA PHE K 103 -25.53 8.06 48.08
C PHE K 103 -24.37 8.66 48.87
N ASP K 104 -23.58 7.81 49.52
CA ASP K 104 -22.55 8.25 50.45
C ASP K 104 -21.14 7.89 50.03
N TYR K 105 -20.96 7.06 49.02
CA TYR K 105 -19.69 6.41 48.75
C TYR K 105 -19.25 6.77 47.35
N TRP K 106 -19.21 8.07 47.11
CA TRP K 106 -18.91 8.64 45.80
C TRP K 106 -17.50 8.30 45.36
N GLY K 107 -17.34 8.09 44.06
CA GLY K 107 -16.06 7.76 43.49
C GLY K 107 -15.21 8.98 43.19
N GLN K 108 -14.33 8.83 42.21
CA GLN K 108 -13.38 9.89 41.90
C GLN K 108 -14.04 11.00 41.08
N GLY K 109 -14.61 10.65 39.95
CA GLY K 109 -14.99 11.63 38.94
C GLY K 109 -14.28 11.29 37.65
N THR K 110 -15.04 10.99 36.61
CA THR K 110 -14.47 10.48 35.36
C THR K 110 -15.06 11.29 34.22
N LEU K 111 -14.28 12.21 33.67
CA LEU K 111 -14.73 13.05 32.57
C LEU K 111 -14.51 12.32 31.26
N VAL K 112 -15.55 12.29 30.43
CA VAL K 112 -15.48 11.76 29.07
C VAL K 112 -16.04 12.84 28.16
N THR K 113 -15.37 13.07 27.03
CA THR K 113 -15.75 14.14 26.11
C THR K 113 -16.31 13.53 24.83
N VAL K 114 -17.48 14.03 24.41
CA VAL K 114 -18.05 13.64 23.12
C VAL K 114 -18.12 14.86 22.23
N SER K 115 -14.60 13.34 22.20
CA SER K 115 -14.75 14.41 21.23
C SER K 115 -14.15 14.01 19.88
N SER K 116 -14.43 14.83 18.88
CA SER K 116 -13.87 14.63 17.54
C SER K 116 -12.61 15.47 17.31
N ALA K 117 -12.24 16.32 18.27
CA ALA K 117 -11.09 17.18 18.11
C ALA K 117 -9.79 16.40 18.33
N SER K 118 -8.71 16.91 17.75
CA SER K 118 -7.40 16.30 17.91
C SER K 118 -6.59 17.09 18.95
N THR K 119 -5.61 16.40 19.53
CA THR K 119 -4.81 16.96 20.61
C THR K 119 -3.88 18.04 20.07
N LYS K 120 -4.05 19.28 20.56
CA LYS K 120 -3.27 20.41 20.07
C LYS K 120 -2.87 21.33 21.21
N GLY K 121 -1.70 21.93 21.06
CA GLY K 121 -1.28 22.98 21.94
C GLY K 121 -1.95 24.29 21.61
N PRO K 122 -1.94 25.20 22.58
CA PRO K 122 -2.65 26.46 22.40
C PRO K 122 -1.85 27.44 21.54
N SER K 123 -2.48 28.56 21.25
CA SER K 123 -1.87 29.67 20.52
C SER K 123 -2.21 30.92 21.31
N VAL K 124 -1.31 31.31 22.22
CA VAL K 124 -1.58 32.43 23.11
C VAL K 124 -1.35 33.74 22.36
N PHE K 125 -2.35 34.62 22.40
CA PHE K 125 -2.26 35.92 21.75
C PHE K 125 -2.44 36.99 22.82
N PRO K 126 -1.46 37.21 23.69
CA PRO K 126 -1.67 37.99 24.90
C PRO K 126 -1.68 39.48 24.65
N LEU K 127 -2.03 40.22 25.71
CA LEU K 127 -1.51 41.57 25.91
C LEU K 127 -0.98 41.66 27.33
N ALA K 128 0.32 41.88 27.46
CA ALA K 128 0.95 42.22 28.73
C ALA K 128 1.65 43.58 28.62
N PRO K 129 0.90 44.69 28.59
CA PRO K 129 1.55 45.99 28.68
C PRO K 129 1.95 46.24 30.14
N CYS K 130 2.92 47.14 30.32
CA CYS K 130 3.42 47.37 31.67
C CYS K 130 2.65 48.46 32.40
N SER K 131 1.31 48.32 32.37
CA SER K 131 0.33 49.21 32.99
C SER K 131 0.52 50.67 32.56
N ARG K 132 0.94 50.86 31.31
CA ARG K 132 1.12 52.17 30.72
C ARG K 132 0.36 52.30 29.42
N SER K 133 -0.87 51.77 29.39
CA SER K 133 -1.73 51.82 28.21
C SER K 133 -2.10 53.26 27.87
N THR K 134 -2.91 53.90 28.73
CA THR K 134 -3.12 55.34 28.60
C THR K 134 -2.67 56.10 29.85
N SER K 135 -3.34 55.92 31.00
CA SER K 135 -2.97 56.70 32.17
C SER K 135 -3.20 56.01 33.50
N GLU K 136 -3.70 54.77 33.52
CA GLU K 136 -4.25 54.18 34.74
C GLU K 136 -3.14 53.57 35.58
N SER K 137 -3.21 53.82 36.90
CA SER K 137 -2.21 53.34 37.85
C SER K 137 -2.18 51.82 37.92
N THR K 138 -3.26 51.22 38.43
CA THR K 138 -3.34 49.76 38.53
C THR K 138 -4.07 49.26 37.29
N ALA K 139 -3.36 49.21 36.17
CA ALA K 139 -3.92 48.71 34.93
C ALA K 139 -3.63 47.22 34.83
N ALA K 140 -4.44 46.53 34.02
CA ALA K 140 -4.38 45.08 33.95
C ALA K 140 -3.60 44.62 32.73
N LEU K 141 -3.38 43.30 32.69
CA LEU K 141 -2.78 42.62 31.56
C LEU K 141 -3.24 41.18 31.60
N GLY K 142 -3.23 40.52 30.45
CA GLY K 142 -3.64 39.13 30.45
C GLY K 142 -3.31 38.44 29.15
N CYS K 143 -3.21 37.12 29.24
CA CYS K 143 -2.93 36.27 28.09
C CYS K 143 -4.22 35.68 27.55
N LEU K 144 -4.19 35.33 26.27
CA LEU K 144 -5.36 34.86 25.54
C LEU K 144 -5.05 33.43 25.09
N VAL K 145 -5.29 32.46 25.97
CA VAL K 145 -4.93 31.08 25.70
C VAL K 145 -5.96 30.52 24.73
N LYS K 146 -5.57 30.36 23.47
CA LYS K 146 -6.50 30.10 22.39
C LYS K 146 -6.14 28.81 21.66
N ASP K 147 -7.17 28.03 21.34
CA ASP K 147 -7.11 26.90 20.40
C ASP K 147 -6.20 25.77 20.90
N TYR K 148 -6.60 25.18 22.01
CA TYR K 148 -5.95 23.99 22.53
C TYR K 148 -6.95 22.85 22.69
N PHE K 149 -6.42 21.63 22.76
CA PHE K 149 -7.22 20.44 23.00
C PHE K 149 -6.26 19.35 23.45
N PRO K 150 -6.61 18.55 24.46
CA PRO K 150 -7.82 18.63 25.26
C PRO K 150 -7.65 19.57 26.44
N GLU K 151 -8.51 19.39 27.42
CA GLU K 151 -8.36 20.07 28.68
C GLU K 151 -7.18 19.49 29.45
N PRO K 152 -6.56 20.27 30.35
CA PRO K 152 -6.63 21.72 30.50
C PRO K 152 -5.34 22.39 30.07
N VAL K 153 -5.24 23.69 30.30
CA VAL K 153 -3.96 24.39 30.27
C VAL K 153 -3.64 24.82 31.69
N THR K 154 -2.34 24.90 31.98
CA THR K 154 -1.85 25.34 33.27
C THR K 154 -1.01 26.59 33.06
N VAL K 155 -1.47 27.70 33.63
CA VAL K 155 -0.90 29.01 33.38
C VAL K 155 -0.32 29.54 34.68
N SER K 156 0.93 29.99 34.63
CA SER K 156 1.60 30.59 35.78
C SER K 156 2.30 31.86 35.32
N TRP K 157 2.25 32.88 36.17
CA TRP K 157 2.84 34.18 35.84
C TRP K 157 4.28 34.23 36.37
N ASN K 158 5.22 34.32 35.43
CA ASN K 158 6.66 34.36 35.68
C ASN K 158 7.11 33.16 36.51
N SER K 159 6.78 31.98 36.00
CA SER K 159 6.93 30.69 36.69
C SER K 159 6.21 30.70 38.04
N GLY K 160 5.02 31.29 38.05
CA GLY K 160 4.22 31.33 39.26
C GLY K 160 4.65 32.37 40.28
N ALA K 161 5.47 33.34 39.87
CA ALA K 161 5.90 34.36 40.82
C ALA K 161 4.76 35.31 41.16
N LEU K 162 4.15 35.91 40.15
CA LEU K 162 3.02 36.83 40.37
C LEU K 162 1.80 36.00 40.68
N THR K 163 1.35 36.05 41.92
CA THR K 163 0.20 35.29 42.38
C THR K 163 -1.00 36.15 42.75
N SER K 164 -0.79 37.41 43.13
CA SER K 164 -1.90 38.30 43.42
C SER K 164 -2.48 38.87 42.13
N GLY K 165 -3.79 39.06 42.13
CA GLY K 165 -4.49 39.52 40.94
C GLY K 165 -4.67 38.49 39.86
N VAL K 166 -4.24 37.25 40.09
CA VAL K 166 -4.40 36.19 39.09
C VAL K 166 -5.87 35.81 39.00
N HIS K 167 -6.44 35.92 37.80
CA HIS K 167 -7.83 35.55 37.58
C HIS K 167 -7.89 34.63 36.37
N THR K 168 -7.78 33.34 36.64
CA THR K 168 -7.87 32.32 35.60
C THR K 168 -9.32 32.13 35.21
N PHE K 169 -9.60 32.26 33.99
CA PHE K 169 -10.96 32.11 33.54
C PHE K 169 -11.17 30.69 33.04
N PRO K 170 -12.38 30.16 33.21
CA PRO K 170 -12.64 28.77 32.80
C PRO K 170 -12.59 28.61 31.29
N ALA K 171 -12.34 27.37 30.88
CA ALA K 171 -12.15 27.06 29.47
C ALA K 171 -13.46 27.13 28.72
N VAL K 172 -13.75 28.28 28.12
CA VAL K 172 -14.93 28.41 27.27
C VAL K 172 -14.62 27.70 25.96
N LEU K 173 -15.53 26.83 25.55
CA LEU K 173 -15.28 25.89 24.47
C LEU K 173 -15.74 26.48 23.16
N GLN K 174 -14.86 26.47 22.16
CA GLN K 174 -15.21 26.97 20.85
C GLN K 174 -16.20 26.06 20.14
N SER K 175 -17.18 26.69 19.49
CA SER K 175 -18.00 26.04 18.49
C SER K 175 -17.29 25.95 17.14
N SER K 176 -16.04 26.40 17.13
CA SER K 176 -15.27 26.41 15.87
C SER K 176 -14.73 25.00 15.62
N GLY K 177 -13.77 24.56 16.42
CA GLY K 177 -13.14 23.28 16.20
C GLY K 177 -13.08 22.44 17.45
N LEU K 178 -13.94 22.77 18.41
CA LEU K 178 -13.97 22.19 19.77
C LEU K 178 -12.62 22.40 20.47
N TYR K 179 -12.01 23.55 20.22
CA TYR K 179 -10.75 23.93 20.84
C TYR K 179 -11.05 25.01 21.86
N SER K 180 -11.10 24.64 23.14
CA SER K 180 -11.58 25.54 24.16
C SER K 180 -10.61 26.70 24.39
N LEU K 181 -11.12 27.74 25.04
CA LEU K 181 -10.42 28.99 25.20
C LEU K 181 -10.37 29.37 26.67
N SER K 182 -9.19 29.72 27.16
CA SER K 182 -9.08 30.28 28.48
C SER K 182 -8.28 31.57 28.41
N SER K 183 -8.26 32.28 29.52
CA SER K 183 -7.52 33.53 29.62
C SER K 183 -7.24 33.79 31.08
N VAL K 184 -6.00 34.12 31.41
CA VAL K 184 -5.62 34.42 32.79
C VAL K 184 -5.10 35.85 32.78
N VAL K 185 -5.58 36.66 33.72
CA VAL K 185 -5.27 38.08 33.75
C VAL K 185 -4.73 38.46 35.13
N THR K 186 -3.92 39.52 35.14
CA THR K 186 -3.37 40.10 36.37
C THR K 186 -3.41 41.62 36.27
N VAL K 187 -3.44 42.26 37.43
CA VAL K 187 -3.48 43.72 37.53
C VAL K 187 -2.24 44.19 38.29
N PRO K 188 -1.19 44.58 37.58
CA PRO K 188 -0.07 45.24 38.26
C PRO K 188 -0.28 46.75 38.32
N SER K 189 0.72 47.47 38.84
CA SER K 189 0.64 48.93 38.91
C SER K 189 1.49 49.58 37.82
N SER K 190 1.26 50.88 37.61
CA SER K 190 1.96 51.60 36.55
C SER K 190 3.42 51.88 36.89
N SER K 191 3.76 51.85 38.17
CA SER K 191 5.17 51.98 38.56
C SER K 191 5.86 50.62 38.59
N LEU K 192 5.63 49.84 37.54
CA LEU K 192 6.22 48.52 37.32
C LEU K 192 6.60 48.36 35.86
N GLY K 193 6.98 49.48 35.22
CA GLY K 193 7.19 49.47 33.78
C GLY K 193 8.37 48.65 33.33
N THR K 194 9.38 48.51 34.19
CA THR K 194 10.51 47.63 33.90
C THR K 194 10.29 46.25 34.51
N LYS K 195 9.10 45.68 34.27
CA LYS K 195 8.78 44.33 34.72
C LYS K 195 7.91 43.67 33.67
N THR K 196 8.45 42.64 33.02
CA THR K 196 7.65 41.79 32.16
C THR K 196 6.96 40.72 33.00
N TYR K 197 5.82 40.26 32.50
CA TYR K 197 5.02 39.27 33.21
C TYR K 197 4.68 38.16 32.23
N THR K 198 5.27 36.98 32.45
CA THR K 198 5.18 35.89 31.50
C THR K 198 4.20 34.86 32.02
N CYS K 199 3.03 34.80 31.39
CA CYS K 199 2.15 33.65 31.58
C CYS K 199 2.85 32.43 31.01
N ASN K 200 2.88 31.36 31.78
CA ASN K 200 3.62 30.17 31.38
C ASN K 200 2.60 29.08 31.16
N VAL K 201 2.05 29.05 29.94
CA VAL K 201 0.96 28.16 29.59
C VAL K 201 1.56 26.80 29.24
N ASP K 202 1.18 25.77 30.00
CA ASP K 202 1.76 24.45 29.81
C ASP K 202 0.63 23.45 29.58
N HIS K 203 0.23 23.28 28.33
CA HIS K 203 -0.79 22.31 27.95
C HIS K 203 -0.10 20.95 27.88
N LYS K 204 -0.19 20.21 28.98
CA LYS K 204 0.55 18.98 29.13
C LYS K 204 0.07 17.78 28.31
N PRO K 205 -1.23 17.56 28.05
CA PRO K 205 -1.59 16.44 27.13
C PRO K 205 -1.15 16.65 25.68
N SER K 206 -0.81 17.86 25.27
CA SER K 206 -0.07 18.05 24.02
C SER K 206 1.40 18.37 24.25
N ASN K 207 1.81 18.51 25.52
CA ASN K 207 3.20 18.75 25.94
C ASN K 207 3.77 20.03 25.32
N THR K 208 2.97 21.07 25.34
CA THR K 208 3.34 22.36 24.77
C THR K 208 3.48 23.39 25.89
N LYS K 209 4.55 24.17 25.85
CA LYS K 209 4.88 25.12 26.90
C LYS K 209 5.04 26.50 26.28
N VAL K 210 4.15 27.43 26.63
CA VAL K 210 4.06 28.72 25.97
C VAL K 210 4.39 29.82 26.99
N ASP K 211 5.31 30.71 26.61
CA ASP K 211 5.72 31.83 27.44
C ASP K 211 5.60 33.11 26.62
N LYS K 212 5.08 34.17 27.23
CA LYS K 212 4.68 35.35 26.48
C LYS K 212 5.04 36.64 27.20
N ARG K 213 4.90 37.74 26.46
CA ARG K 213 4.93 39.14 26.89
C ARG K 213 4.60 39.99 25.67
N VAL K 214 4.26 41.26 25.91
CA VAL K 214 3.85 42.19 24.86
C VAL K 214 4.48 43.56 25.13
N GLU K 215 5.00 44.19 24.08
CA GLU K 215 5.63 45.51 24.16
C GLU K 215 4.74 46.59 23.54
N SER K 216 5.23 47.84 23.59
CA SER K 216 4.50 48.98 23.06
C SER K 216 4.76 49.12 21.55
N LYS K 217 4.37 50.27 21.00
CA LYS K 217 4.40 50.49 19.55
C LYS K 217 4.99 51.87 19.23
N TYR K 218 6.17 52.14 19.80
CA TYR K 218 6.87 53.45 19.75
C TYR K 218 5.97 54.61 20.15
N GLY K 219 5.54 54.59 21.41
CA GLY K 219 4.70 55.64 21.93
C GLY K 219 5.44 56.94 22.20
N PRO K 220 4.78 57.89 22.87
CA PRO K 220 5.38 59.19 23.15
C PRO K 220 6.43 59.13 24.27
N ALA L 3 -46.11 6.10 73.22
CA ALA L 3 -47.26 5.54 73.90
C ALA L 3 -46.94 4.17 74.47
N LYS L 4 -47.98 3.44 74.88
CA LYS L 4 -47.83 2.05 75.30
C LYS L 4 -47.39 1.18 74.13
N SER L 5 -48.20 1.16 73.07
CA SER L 5 -47.75 0.65 71.79
C SER L 5 -46.87 1.70 71.12
N ARG L 6 -46.33 1.34 69.96
CA ARG L 6 -45.26 2.03 69.22
C ARG L 6 -44.17 2.58 70.14
N THR L 7 -43.73 1.71 71.05
CA THR L 7 -42.50 1.91 71.82
C THR L 7 -41.61 0.75 71.39
N ILE L 8 -40.65 1.00 70.51
CA ILE L 8 -40.04 -0.05 69.70
C ILE L 8 -38.60 -0.23 70.14
N GLY L 9 -38.23 -1.48 70.41
CA GLY L 9 -36.84 -1.84 70.51
C GLY L 9 -36.41 -2.60 69.27
N ILE L 10 -35.57 -1.99 68.45
CA ILE L 10 -35.22 -2.55 67.15
C ILE L 10 -34.00 -3.47 67.28
N ILE L 11 -34.14 -4.70 66.83
CA ILE L 11 -33.08 -5.69 66.85
C ILE L 11 -32.90 -6.22 65.43
N GLY L 12 -31.73 -5.97 64.84
CA GLY L 12 -31.35 -6.66 63.64
C GLY L 12 -30.55 -7.92 63.92
N ALA L 13 -30.62 -8.88 63.01
CA ALA L 13 -29.91 -10.14 63.19
C ALA L 13 -29.36 -10.61 61.84
N PRO L 14 -28.14 -10.20 61.49
CA PRO L 14 -27.54 -10.63 60.20
C PRO L 14 -27.06 -12.08 60.24
N PHE L 15 -28.00 -12.99 59.98
CA PHE L 15 -27.76 -14.42 60.16
C PHE L 15 -28.29 -15.21 58.96
N SER L 16 -27.55 -16.25 58.56
CA SER L 16 -27.93 -17.05 57.39
C SER L 16 -27.72 -18.55 57.53
N LYS L 17 -27.23 -19.05 58.65
CA LYS L 17 -26.74 -20.43 58.69
C LYS L 17 -27.84 -21.47 58.87
N GLY L 18 -29.09 -21.06 59.07
CA GLY L 18 -30.17 -22.04 59.10
C GLY L 18 -30.74 -22.36 57.74
N GLN L 19 -30.14 -21.83 56.68
CA GLN L 19 -30.62 -21.94 55.31
C GLN L 19 -29.42 -21.99 54.38
N PRO L 20 -29.56 -22.57 53.18
CA PRO L 20 -28.41 -22.67 52.28
C PRO L 20 -28.02 -21.35 51.61
N ARG L 21 -28.98 -20.59 51.08
CA ARG L 21 -28.69 -19.50 50.15
C ARG L 21 -28.15 -18.29 50.89
N GLY L 22 -26.83 -18.09 50.82
CA GLY L 22 -26.21 -16.98 51.52
C GLY L 22 -26.63 -15.64 50.94
N GLY L 23 -27.00 -14.71 51.82
CA GLY L 23 -27.51 -13.43 51.39
C GLY L 23 -28.57 -12.81 52.29
N VAL L 24 -29.15 -13.60 53.20
CA VAL L 24 -30.05 -13.03 54.20
C VAL L 24 -29.31 -12.46 55.39
N GLU L 25 -27.97 -12.47 55.37
CA GLU L 25 -27.21 -11.66 56.31
C GLU L 25 -27.37 -10.17 56.01
N GLU L 26 -27.68 -9.83 54.77
CA GLU L 26 -28.01 -8.45 54.43
C GLU L 26 -29.51 -8.21 54.52
N GLY L 27 -30.08 -8.66 55.62
CA GLY L 27 -31.33 -8.17 56.11
C GLY L 27 -31.13 -6.86 56.84
N PRO L 28 -30.40 -6.89 57.97
CA PRO L 28 -30.17 -5.63 58.71
C PRO L 28 -29.37 -4.59 57.97
N THR L 29 -28.53 -4.99 57.02
CA THR L 29 -27.83 -4.01 56.20
C THR L 29 -28.81 -3.29 55.29
N VAL L 30 -29.67 -4.03 54.60
CA VAL L 30 -30.56 -3.43 53.62
C VAL L 30 -31.76 -2.76 54.31
N LEU L 31 -32.28 -3.37 55.38
CA LEU L 31 -33.44 -2.79 56.05
C LEU L 31 -33.12 -1.50 56.80
N ARG L 32 -31.86 -1.26 57.13
CA ARG L 32 -31.51 -0.01 57.79
C ARG L 32 -31.04 1.06 56.82
N LYS L 33 -30.39 0.68 55.71
CA LYS L 33 -30.04 1.67 54.69
C LYS L 33 -31.28 2.17 53.97
N ALA L 34 -32.34 1.37 53.89
CA ALA L 34 -33.57 1.82 53.25
C ALA L 34 -34.33 2.81 54.11
N GLY L 35 -34.11 2.78 55.41
CA GLY L 35 -34.76 3.71 56.29
C GLY L 35 -35.94 3.07 56.97
N LEU L 36 -35.72 2.59 58.18
CA LEU L 36 -36.80 2.03 58.98
C LEU L 36 -37.05 2.83 60.23
N LEU L 37 -36.00 3.07 61.03
CA LEU L 37 -36.02 3.98 62.16
C LEU L 37 -36.51 5.36 61.76
N GLU L 38 -36.07 5.81 60.58
CA GLU L 38 -36.42 7.13 60.06
C GLU L 38 -37.91 7.23 59.77
N LYS L 39 -38.48 6.17 59.19
CA LYS L 39 -39.90 6.16 58.90
C LYS L 39 -40.75 5.90 60.14
N LEU L 40 -40.14 5.52 61.25
CA LEU L 40 -40.90 5.34 62.48
C LEU L 40 -41.06 6.65 63.24
N LYS L 41 -40.02 7.48 63.26
CA LYS L 41 -39.93 8.59 64.20
C LYS L 41 -40.83 9.78 63.86
N GLU L 42 -41.62 9.73 62.79
CA GLU L 42 -42.59 10.80 62.55
C GLU L 42 -43.78 10.67 63.50
N GLN L 43 -44.47 9.53 63.43
CA GLN L 43 -45.44 9.19 64.45
C GLN L 43 -44.72 8.80 65.73
N GLU L 44 -45.49 8.76 66.82
CA GLU L 44 -44.94 8.83 68.18
C GLU L 44 -44.26 7.53 68.58
N CYS L 45 -43.13 7.25 67.92
CA CYS L 45 -42.40 5.99 68.07
C CYS L 45 -41.15 6.21 68.91
N ASP L 46 -41.14 5.65 70.12
CA ASP L 46 -39.93 5.59 70.94
C ASP L 46 -39.03 4.53 70.30
N VAL L 47 -38.09 5.01 69.49
CA VAL L 47 -37.24 4.15 68.69
C VAL L 47 -35.88 4.04 69.34
N LYS L 48 -35.48 2.82 69.66
CA LYS L 48 -34.15 2.54 70.19
C LYS L 48 -33.59 1.34 69.47
N ASP L 49 -32.64 1.57 68.57
CA ASP L 49 -31.86 0.49 68.00
C ASP L 49 -30.94 -0.08 69.08
N TYR L 50 -30.69 -1.38 69.00
CA TYR L 50 -29.75 -2.04 69.89
C TYR L 50 -28.57 -2.60 69.13
N GLY L 51 -28.39 -2.22 67.87
CA GLY L 51 -27.29 -2.68 67.06
C GLY L 51 -27.49 -4.10 66.58
N ASP L 52 -26.68 -4.47 65.59
CA ASP L 52 -26.69 -5.86 65.11
C ASP L 52 -25.97 -6.75 66.11
N LEU L 53 -26.51 -7.95 66.33
CA LEU L 53 -25.89 -8.87 67.26
C LEU L 53 -24.62 -9.45 66.67
N PRO L 54 -23.51 -9.42 67.39
CA PRO L 54 -22.28 -10.06 66.90
C PRO L 54 -22.36 -11.58 67.00
N PHE L 55 -22.98 -12.18 65.99
CA PHE L 55 -23.11 -13.63 65.95
C PHE L 55 -21.78 -14.29 65.66
N ALA L 56 -21.47 -15.34 66.40
CA ALA L 56 -20.18 -16.01 66.30
C ALA L 56 -20.18 -16.93 65.08
N ASP L 57 -19.00 -17.48 64.77
CA ASP L 57 -18.83 -18.45 63.69
C ASP L 57 -18.15 -19.67 64.30
N ILE L 58 -18.92 -20.72 64.54
CA ILE L 58 -18.36 -21.99 64.99
C ILE L 58 -17.84 -22.72 63.76
N PRO L 59 -16.53 -22.94 63.64
CA PRO L 59 -16.00 -23.53 62.41
C PRO L 59 -16.29 -25.01 62.29
N ASN L 60 -16.31 -25.74 63.41
CA ASN L 60 -16.62 -27.16 63.40
C ASN L 60 -18.10 -27.39 63.67
N ASP L 61 -18.92 -26.87 62.77
CA ASP L 61 -20.38 -26.94 62.87
C ASP L 61 -20.82 -28.28 62.27
N SER L 62 -20.63 -29.33 63.05
CA SER L 62 -20.96 -30.68 62.60
C SER L 62 -22.47 -30.88 62.64
N PRO L 63 -23.10 -31.28 61.54
CA PRO L 63 -24.56 -31.40 61.52
C PRO L 63 -25.11 -32.62 62.24
N PHE L 64 -26.44 -32.74 62.21
CA PHE L 64 -27.18 -33.93 62.57
C PHE L 64 -27.26 -34.79 61.30
N GLN L 65 -28.11 -35.82 61.29
CA GLN L 65 -28.29 -36.65 60.10
C GLN L 65 -28.83 -35.84 58.94
N ILE L 66 -29.98 -35.21 59.12
CA ILE L 66 -30.60 -34.37 58.09
C ILE L 66 -30.45 -32.91 58.48
N VAL L 67 -30.59 -32.63 59.78
CA VAL L 67 -30.53 -31.27 60.30
C VAL L 67 -29.11 -30.73 60.18
N LYS L 68 -28.96 -29.66 59.41
CA LYS L 68 -27.65 -29.08 59.13
C LYS L 68 -27.41 -27.83 59.95
N ASN L 69 -26.15 -27.66 60.37
CA ASN L 69 -25.68 -26.54 61.17
C ASN L 69 -26.45 -26.33 62.47
N PRO L 70 -26.34 -27.24 63.44
CA PRO L 70 -27.19 -27.15 64.64
C PRO L 70 -26.69 -26.16 65.68
N ARG L 71 -25.37 -26.04 65.83
CA ARG L 71 -24.82 -25.35 66.98
C ARG L 71 -24.68 -23.85 66.76
N SER L 72 -24.35 -23.45 65.53
CA SER L 72 -24.26 -22.03 65.22
C SER L 72 -25.63 -21.37 65.26
N VAL L 73 -26.67 -22.13 64.93
CA VAL L 73 -28.03 -21.63 65.07
C VAL L 73 -28.44 -21.58 66.53
N GLY L 74 -28.11 -22.62 67.30
CA GLY L 74 -28.48 -22.65 68.71
C GLY L 74 -27.75 -21.61 69.52
N LYS L 75 -26.54 -21.24 69.10
CA LYS L 75 -25.86 -20.11 69.71
C LYS L 75 -26.49 -18.80 69.27
N ALA L 76 -26.96 -18.73 68.02
CA ALA L 76 -27.52 -17.50 67.49
C ALA L 76 -28.87 -17.18 68.13
N SER L 77 -29.71 -18.20 68.29
CA SER L 77 -31.02 -17.97 68.91
C SER L 77 -30.88 -17.74 70.41
N GLU L 78 -29.83 -18.28 71.04
CA GLU L 78 -29.60 -18.03 72.45
C GLU L 78 -29.14 -16.59 72.68
N GLN L 79 -28.26 -16.09 71.79
CA GLN L 79 -27.83 -14.70 71.86
C GLN L 79 -28.98 -13.75 71.58
N LEU L 80 -29.90 -14.16 70.71
CA LEU L 80 -31.08 -13.35 70.44
C LEU L 80 -32.04 -13.37 71.63
N ALA L 81 -32.26 -14.54 72.24
CA ALA L 81 -33.24 -14.69 73.30
C ALA L 81 -32.85 -13.90 74.55
N GLY L 82 -31.55 -13.81 74.83
CA GLY L 82 -31.11 -12.92 75.88
C GLY L 82 -31.33 -11.46 75.50
N LYS L 83 -31.11 -11.12 74.23
CA LYS L 83 -31.30 -9.75 73.78
C LYS L 83 -32.78 -9.41 73.66
N VAL L 84 -33.60 -10.39 73.26
CA VAL L 84 -35.04 -10.17 73.19
C VAL L 84 -35.62 -9.99 74.60
N ALA L 85 -35.21 -10.83 75.55
CA ALA L 85 -35.67 -10.68 76.93
C ALA L 85 -35.13 -9.42 77.57
N GLU L 86 -33.98 -8.92 77.11
CA GLU L 86 -33.42 -7.68 77.66
C GLU L 86 -34.27 -6.48 77.27
N VAL L 87 -34.67 -6.40 76.00
CA VAL L 87 -35.39 -5.21 75.55
C VAL L 87 -36.86 -5.27 75.91
N LYS L 88 -37.37 -6.43 76.30
CA LYS L 88 -38.72 -6.50 76.88
C LYS L 88 -38.72 -6.18 78.35
N LYS L 89 -37.55 -6.19 79.00
CA LYS L 89 -37.44 -5.62 80.34
C LYS L 89 -37.48 -4.11 80.29
N ASN L 90 -37.16 -3.52 79.14
CA ASN L 90 -37.29 -2.09 78.93
C ASN L 90 -38.73 -1.66 78.67
N GLY L 91 -39.67 -2.60 78.54
CA GLY L 91 -41.05 -2.25 78.31
C GLY L 91 -41.37 -1.87 76.88
N ARG L 92 -40.49 -2.20 75.94
CA ARG L 92 -40.66 -1.80 74.55
C ARG L 92 -41.40 -2.89 73.78
N ILE L 93 -41.42 -2.77 72.46
CA ILE L 93 -41.93 -3.78 71.55
C ILE L 93 -40.75 -4.34 70.79
N SER L 94 -40.52 -5.65 70.91
CA SER L 94 -39.31 -6.29 70.41
C SER L 94 -39.40 -6.45 68.90
N LEU L 95 -38.82 -5.49 68.18
CA LEU L 95 -38.75 -5.56 66.72
C LEU L 95 -37.51 -6.33 66.33
N VAL L 96 -37.69 -7.58 65.92
CA VAL L 96 -36.60 -8.45 65.50
C VAL L 96 -36.67 -8.62 64.00
N LEU L 97 -35.55 -8.36 63.34
CA LEU L 97 -35.48 -8.56 61.89
C LEU L 97 -34.21 -9.32 61.58
N GLY L 98 -34.28 -10.23 60.61
CA GLY L 98 -33.14 -11.01 60.22
C GLY L 98 -32.92 -11.04 58.72
N GLY L 99 -32.44 -12.16 58.18
CA GLY L 99 -32.23 -13.39 58.93
C GLY L 99 -33.14 -14.49 58.43
N ASP L 100 -33.45 -15.47 59.27
CA ASP L 100 -34.37 -16.53 58.87
C ASP L 100 -35.20 -16.95 60.08
N HIS L 101 -36.07 -17.93 59.85
CA HIS L 101 -37.02 -18.38 60.87
C HIS L 101 -36.33 -19.12 62.02
N SER L 102 -35.08 -19.56 61.83
CA SER L 102 -34.37 -20.24 62.90
C SER L 102 -34.09 -19.31 64.08
N LEU L 103 -34.08 -18.00 63.84
CA LEU L 103 -33.96 -17.01 64.90
C LEU L 103 -35.26 -16.84 65.66
N ALA L 104 -36.40 -17.24 65.10
CA ALA L 104 -37.68 -17.06 65.78
C ALA L 104 -37.88 -18.03 66.94
N ILE L 105 -36.97 -19.00 67.11
CA ILE L 105 -36.92 -19.78 68.36
C ILE L 105 -36.61 -18.85 69.52
N GLY L 106 -35.47 -18.16 69.44
CA GLY L 106 -35.07 -17.28 70.53
C GLY L 106 -35.87 -15.99 70.59
N SER L 107 -36.42 -15.56 69.45
CA SER L 107 -37.23 -14.35 69.43
C SER L 107 -38.53 -14.55 70.20
N ILE L 108 -39.07 -15.77 70.19
CA ILE L 108 -40.26 -16.07 70.97
C ILE L 108 -39.90 -16.52 72.39
N SER L 109 -38.76 -17.20 72.55
CA SER L 109 -38.35 -17.71 73.86
C SER L 109 -38.03 -16.57 74.83
N GLY L 110 -37.19 -15.62 74.41
CA GLY L 110 -36.88 -14.47 75.24
C GLY L 110 -38.08 -13.56 75.45
N HIS L 111 -39.00 -13.53 74.48
CA HIS L 111 -40.28 -12.88 74.69
C HIS L 111 -41.10 -13.61 75.74
N ALA L 112 -41.09 -14.94 75.71
CA ALA L 112 -41.80 -15.74 76.70
C ALA L 112 -41.11 -15.75 78.05
N ARG L 113 -39.83 -15.36 78.10
CA ARG L 113 -39.16 -15.15 79.39
C ARG L 113 -39.80 -13.98 80.14
N VAL L 114 -40.28 -12.99 79.40
CA VAL L 114 -40.94 -11.84 80.01
C VAL L 114 -42.44 -12.02 80.05
N HIS L 115 -43.04 -12.53 78.98
CA HIS L 115 -44.49 -12.75 78.92
C HIS L 115 -44.79 -14.20 78.56
N PRO L 116 -45.04 -15.06 79.55
CA PRO L 116 -45.26 -16.47 79.25
C PRO L 116 -46.62 -16.78 78.62
N ASP L 117 -47.55 -15.83 78.63
CA ASP L 117 -48.89 -16.07 78.10
C ASP L 117 -49.11 -15.43 76.73
N LEU L 118 -48.10 -15.44 75.88
CA LEU L 118 -48.18 -14.73 74.62
C LEU L 118 -48.96 -15.54 73.59
N GLY L 119 -49.13 -14.94 72.40
CA GLY L 119 -49.73 -15.64 71.28
C GLY L 119 -48.99 -15.33 70.01
N VAL L 120 -48.68 -16.39 69.25
CA VAL L 120 -47.92 -16.29 68.02
C VAL L 120 -48.89 -16.32 66.85
N ILE L 121 -48.83 -15.31 66.01
CA ILE L 121 -49.47 -15.36 64.71
C ILE L 121 -48.34 -15.59 63.70
N TRP L 122 -48.23 -16.81 63.22
CA TRP L 122 -47.15 -17.20 62.32
C TRP L 122 -47.62 -16.99 60.90
N VAL L 123 -47.25 -15.85 60.32
CA VAL L 123 -47.62 -15.53 58.94
C VAL L 123 -46.47 -15.91 58.04
N ASP L 124 -46.72 -16.83 57.12
CA ASP L 124 -45.72 -17.52 56.33
C ASP L 124 -46.45 -18.35 55.30
N ALA L 125 -45.77 -18.61 54.18
CA ALA L 125 -46.27 -19.60 53.23
C ALA L 125 -46.16 -21.01 53.79
N HIS L 126 -45.23 -21.23 54.71
CA HIS L 126 -44.93 -22.53 55.27
C HIS L 126 -45.37 -22.59 56.72
N THR L 127 -45.61 -23.81 57.22
CA THR L 127 -45.90 -23.96 58.63
C THR L 127 -44.64 -23.90 59.47
N ASP L 128 -43.53 -24.43 58.92
CA ASP L 128 -42.24 -24.58 59.59
C ASP L 128 -42.35 -25.39 60.88
N ILE L 129 -43.26 -26.36 60.90
CA ILE L 129 -43.49 -27.20 62.06
C ILE L 129 -42.70 -28.51 61.94
N ASN L 130 -41.65 -28.50 61.10
CA ASN L 130 -40.76 -29.65 60.95
C ASN L 130 -40.06 -30.00 62.26
N THR L 131 -40.18 -31.26 62.66
CA THR L 131 -39.34 -31.82 63.70
C THR L 131 -38.00 -32.21 63.10
N PRO L 132 -36.99 -32.47 63.93
CA PRO L 132 -35.77 -33.12 63.40
C PRO L 132 -36.01 -34.51 62.81
N LEU L 133 -37.08 -35.19 63.19
CA LEU L 133 -37.36 -36.51 62.64
C LEU L 133 -38.08 -36.42 61.30
N THR L 134 -39.10 -35.57 61.20
CA THR L 134 -39.96 -35.51 60.01
C THR L 134 -39.46 -34.53 58.95
N THR L 135 -38.27 -33.96 59.13
CA THR L 135 -37.76 -33.05 58.12
C THR L 135 -37.20 -33.81 56.93
N THR L 136 -37.06 -33.10 55.82
CA THR L 136 -36.43 -33.62 54.61
C THR L 136 -35.17 -32.87 54.24
N SER L 137 -35.15 -31.55 54.41
CA SER L 137 -33.95 -30.77 54.15
C SER L 137 -33.11 -30.59 55.41
N GLY L 138 -33.77 -30.43 56.56
CA GLY L 138 -33.08 -30.18 57.80
C GLY L 138 -32.67 -28.75 58.01
N ASN L 139 -33.03 -27.84 57.11
CA ASN L 139 -32.68 -26.44 57.25
C ASN L 139 -33.53 -25.80 58.34
N LEU L 140 -32.89 -25.04 59.23
CA LEU L 140 -33.50 -24.70 60.50
C LEU L 140 -34.45 -23.51 60.43
N HIS L 141 -34.54 -22.84 59.29
CA HIS L 141 -35.70 -21.98 59.05
C HIS L 141 -36.96 -22.81 58.89
N GLY L 142 -36.83 -24.07 58.48
CA GLY L 142 -37.95 -24.98 58.53
C GLY L 142 -38.27 -25.52 59.91
N GLN L 143 -37.36 -25.36 60.89
CA GLN L 143 -37.68 -25.88 62.22
C GLN L 143 -37.66 -24.87 63.38
N PRO L 144 -38.46 -23.77 63.38
CA PRO L 144 -38.63 -23.04 64.65
C PRO L 144 -39.77 -23.51 65.52
N VAL L 145 -40.83 -24.04 64.91
CA VAL L 145 -42.10 -24.23 65.62
C VAL L 145 -42.02 -25.45 66.52
N SER L 146 -41.24 -26.46 66.12
CA SER L 146 -41.18 -27.72 66.85
C SER L 146 -40.48 -27.59 68.20
N PHE L 147 -39.65 -26.57 68.39
CA PHE L 147 -38.96 -26.38 69.66
C PHE L 147 -39.77 -25.59 70.67
N LEU L 148 -40.80 -24.87 70.22
CA LEU L 148 -41.55 -23.99 71.09
C LEU L 148 -42.90 -24.55 71.51
N LEU L 149 -43.42 -25.53 70.78
CA LEU L 149 -44.67 -26.18 71.17
C LEU L 149 -44.43 -27.12 72.33
N LYS L 150 -45.19 -26.94 73.41
CA LYS L 150 -45.06 -27.82 74.57
C LYS L 150 -45.58 -29.21 74.27
N GLU L 151 -46.49 -29.33 73.30
CA GLU L 151 -47.06 -30.62 72.95
C GLU L 151 -46.08 -31.49 72.16
N LEU L 152 -45.03 -30.90 71.60
CA LEU L 152 -44.01 -31.65 70.89
C LEU L 152 -42.82 -32.02 71.77
N LYS L 153 -42.94 -31.82 73.08
CA LYS L 153 -41.91 -32.28 74.01
C LYS L 153 -41.88 -33.81 74.02
N GLY L 154 -40.68 -34.37 73.88
CA GLY L 154 -40.51 -35.79 73.68
C GLY L 154 -40.39 -36.18 72.22
N LYS L 155 -41.08 -35.46 71.33
CA LYS L 155 -40.91 -35.64 69.89
C LYS L 155 -39.70 -34.89 69.36
N ILE L 156 -38.99 -34.16 70.19
CA ILE L 156 -37.84 -33.37 69.78
C ILE L 156 -36.59 -34.06 70.33
N PRO L 157 -35.71 -34.55 69.47
CA PRO L 157 -34.40 -35.02 69.95
C PRO L 157 -33.55 -33.85 70.42
N ASP L 158 -32.62 -34.16 71.32
CA ASP L 158 -31.75 -33.14 71.91
C ASP L 158 -30.72 -32.71 70.87
N VAL L 159 -31.05 -31.65 70.17
CA VAL L 159 -30.16 -31.11 69.13
C VAL L 159 -29.06 -30.28 69.80
N PRO L 160 -27.80 -30.48 69.44
CA PRO L 160 -26.71 -29.73 70.09
C PRO L 160 -26.76 -28.25 69.74
N GLY L 161 -26.73 -27.42 70.80
CA GLY L 161 -26.91 -25.99 70.69
C GLY L 161 -28.23 -25.51 71.23
N PHE L 162 -29.20 -26.40 71.40
CA PHE L 162 -30.55 -26.04 71.81
C PHE L 162 -30.92 -26.64 73.17
N SER L 163 -29.93 -26.85 74.03
CA SER L 163 -30.20 -27.33 75.38
C SER L 163 -30.91 -26.27 76.22
N TRP L 164 -30.66 -25.00 75.91
CA TRP L 164 -31.32 -23.89 76.60
C TRP L 164 -32.79 -23.76 76.23
N VAL L 165 -33.23 -24.40 75.16
CA VAL L 165 -34.58 -24.18 74.63
C VAL L 165 -35.60 -24.86 75.53
N THR L 166 -36.58 -24.08 75.99
CA THR L 166 -37.75 -24.57 76.66
C THR L 166 -38.97 -24.28 75.80
N PRO L 167 -39.81 -25.27 75.51
CA PRO L 167 -41.04 -24.99 74.75
C PRO L 167 -42.00 -24.14 75.57
N CYS L 168 -42.52 -23.10 74.92
CA CYS L 168 -43.16 -22.02 75.67
C CYS L 168 -44.62 -21.83 75.33
N ILE L 169 -45.03 -22.25 74.15
CA ILE L 169 -46.41 -22.05 73.70
C ILE L 169 -47.12 -23.38 73.57
N SER L 170 -48.43 -23.33 73.70
CA SER L 170 -49.29 -24.49 73.49
C SER L 170 -49.71 -24.54 72.02
N ALA L 171 -50.44 -25.61 71.68
CA ALA L 171 -50.94 -25.77 70.32
C ALA L 171 -52.19 -24.93 70.06
N LYS L 172 -52.87 -24.50 71.11
CA LYS L 172 -54.07 -23.69 70.98
C LYS L 172 -53.81 -22.19 71.08
N ASP L 173 -52.54 -21.78 71.09
CA ASP L 173 -52.19 -20.37 71.22
C ASP L 173 -51.49 -19.82 69.98
N ILE L 174 -51.12 -20.66 69.03
CA ILE L 174 -50.44 -20.21 67.82
C ILE L 174 -51.42 -20.29 66.65
N VAL L 175 -51.37 -19.27 65.79
CA VAL L 175 -52.25 -19.15 64.64
C VAL L 175 -51.41 -19.02 63.39
N TYR L 176 -51.70 -19.84 62.38
CA TYR L 176 -51.09 -19.70 61.07
C TYR L 176 -52.00 -18.88 60.18
N ILE L 177 -51.40 -17.98 59.39
CA ILE L 177 -52.11 -17.25 58.35
C ILE L 177 -51.25 -17.29 57.09
N GLY L 178 -51.78 -17.88 56.03
CA GLY L 178 -51.16 -17.83 54.73
C GLY L 178 -50.53 -19.10 54.22
N LEU L 179 -51.01 -20.27 54.64
CA LEU L 179 -50.32 -21.52 54.33
C LEU L 179 -50.66 -21.97 52.91
N ARG L 180 -49.63 -22.14 52.08
CA ARG L 180 -49.83 -22.68 50.74
C ARG L 180 -48.72 -23.64 50.31
N ASP L 181 -47.76 -23.94 51.18
CA ASP L 181 -46.68 -24.89 50.85
C ASP L 181 -46.39 -25.68 52.12
N VAL L 182 -47.01 -26.85 52.24
CA VAL L 182 -46.99 -27.63 53.47
C VAL L 182 -46.56 -29.06 53.14
N ASP L 183 -45.60 -29.58 53.91
CA ASP L 183 -45.16 -30.96 53.78
C ASP L 183 -46.25 -31.94 54.19
N PRO L 184 -46.12 -33.22 53.80
CA PRO L 184 -46.96 -34.24 54.44
C PRO L 184 -46.72 -34.36 55.94
N GLY L 185 -45.45 -34.33 56.36
CA GLY L 185 -45.15 -34.37 57.78
C GLY L 185 -45.62 -33.13 58.52
N GLU L 186 -45.61 -31.99 57.85
CA GLU L 186 -46.12 -30.76 58.46
C GLU L 186 -47.64 -30.77 58.55
N HIS L 187 -48.31 -31.24 57.50
CA HIS L 187 -49.78 -31.28 57.53
C HIS L 187 -50.28 -32.34 58.49
N TYR L 188 -49.49 -33.38 58.76
CA TYR L 188 -49.91 -34.39 59.73
C TYR L 188 -49.87 -33.84 61.15
N ILE L 189 -48.77 -33.17 61.50
CA ILE L 189 -48.61 -32.62 62.85
C ILE L 189 -49.58 -31.46 63.06
N LEU L 190 -49.87 -30.71 62.00
CA LEU L 190 -50.84 -29.63 62.07
C LEU L 190 -52.25 -30.17 62.32
N LYS L 191 -52.60 -31.30 61.69
CA LYS L 191 -53.90 -31.91 61.97
C LYS L 191 -53.88 -32.73 63.26
N THR L 192 -52.71 -33.16 63.72
CA THR L 192 -52.64 -33.91 64.97
C THR L 192 -52.85 -33.00 66.17
N LEU L 193 -52.15 -31.86 66.19
CA LEU L 193 -52.17 -30.99 67.35
C LEU L 193 -53.41 -30.13 67.45
N GLY L 194 -54.22 -30.06 66.39
CA GLY L 194 -55.40 -29.22 66.42
C GLY L 194 -55.10 -27.74 66.43
N ILE L 195 -53.98 -27.33 65.83
CA ILE L 195 -53.61 -25.92 65.78
C ILE L 195 -54.54 -25.18 64.84
N LYS L 196 -55.11 -24.08 65.30
CA LYS L 196 -55.93 -23.25 64.44
C LYS L 196 -55.05 -22.56 63.41
N TYR L 197 -55.15 -23.00 62.17
CA TYR L 197 -54.41 -22.43 61.06
C TYR L 197 -55.40 -21.76 60.12
N PHE L 198 -54.96 -20.72 59.45
CA PHE L 198 -55.69 -20.12 58.35
C PHE L 198 -54.82 -20.28 57.12
N SER L 199 -55.01 -21.37 56.39
CA SER L 199 -54.34 -21.52 55.11
C SER L 199 -55.01 -20.63 54.07
N MET L 200 -54.48 -20.66 52.84
CA MET L 200 -54.98 -19.82 51.77
C MET L 200 -56.39 -20.19 51.32
N THR L 201 -56.84 -21.41 51.64
CA THR L 201 -58.20 -21.83 51.36
C THR L 201 -59.21 -21.04 52.19
N GLU L 202 -58.93 -20.89 53.49
CA GLU L 202 -59.85 -20.21 54.39
C GLU L 202 -59.93 -18.72 54.13
N VAL L 203 -58.80 -18.12 53.73
CA VAL L 203 -58.80 -16.70 53.40
C VAL L 203 -59.57 -16.47 52.12
N ASP L 204 -59.42 -17.36 51.16
CA ASP L 204 -60.24 -17.31 49.96
C ASP L 204 -61.67 -17.72 50.25
N ARG L 205 -61.89 -18.48 51.34
CA ARG L 205 -63.26 -18.73 51.78
C ARG L 205 -63.87 -17.51 52.44
N LEU L 206 -63.17 -16.94 53.42
CA LEU L 206 -63.78 -15.98 54.32
C LEU L 206 -63.48 -14.53 53.96
N GLY L 207 -62.35 -14.26 53.34
CA GLY L 207 -61.93 -12.88 53.15
C GLY L 207 -61.15 -12.42 54.35
N ILE L 208 -60.14 -11.58 54.12
CA ILE L 208 -59.17 -11.25 55.16
C ILE L 208 -59.79 -10.43 56.30
N GLY L 209 -60.94 -9.78 56.06
CA GLY L 209 -61.65 -9.14 57.16
C GLY L 209 -62.28 -10.14 58.10
N LYS L 210 -62.84 -11.22 57.54
CA LYS L 210 -63.42 -12.27 58.37
C LYS L 210 -62.33 -13.11 59.02
N VAL L 211 -61.20 -13.28 58.34
CA VAL L 211 -60.13 -14.13 58.86
C VAL L 211 -59.43 -13.48 60.05
N MET L 212 -59.10 -12.19 59.93
CA MET L 212 -58.45 -11.49 61.03
C MET L 212 -59.38 -11.31 62.22
N GLU L 213 -60.69 -11.24 61.98
CA GLU L 213 -61.64 -11.20 63.08
C GLU L 213 -61.70 -12.53 63.81
N GLU L 214 -61.70 -13.64 63.06
CA GLU L 214 -61.66 -14.97 63.68
C GLU L 214 -60.32 -15.24 64.33
N THR L 215 -59.25 -14.61 63.83
CA THR L 215 -57.92 -14.78 64.39
C THR L 215 -57.85 -14.24 65.81
N LEU L 216 -58.36 -13.02 66.01
CA LEU L 216 -58.26 -12.38 67.31
C LEU L 216 -59.35 -12.86 68.25
N SER L 217 -60.47 -13.35 67.71
CA SER L 217 -61.49 -13.98 68.56
C SER L 217 -61.01 -15.32 69.07
N TYR L 218 -60.16 -16.01 68.32
CA TYR L 218 -59.57 -17.25 68.81
C TYR L 218 -58.51 -16.98 69.86
N LEU L 219 -57.78 -15.88 69.74
CA LEU L 219 -56.67 -15.58 70.63
C LEU L 219 -57.11 -14.72 71.81
N LEU L 220 -57.63 -13.52 71.53
CA LEU L 220 -57.99 -12.56 72.56
C LEU L 220 -59.44 -12.69 73.00
N GLY L 221 -60.17 -13.67 72.47
CA GLY L 221 -61.55 -13.86 72.89
C GLY L 221 -61.70 -14.38 74.30
N ARG L 222 -60.65 -14.96 74.86
CA ARG L 222 -60.65 -15.43 76.24
C ARG L 222 -60.00 -14.43 77.19
N LYS L 223 -58.85 -13.86 76.81
CA LYS L 223 -58.10 -13.00 77.70
C LYS L 223 -57.22 -12.08 76.87
N LYS L 224 -57.12 -10.83 77.31
CA LYS L 224 -56.19 -9.89 76.70
C LYS L 224 -54.76 -10.30 77.03
N ARG L 225 -53.98 -10.63 76.00
CA ARG L 225 -52.64 -11.15 76.17
C ARG L 225 -51.73 -10.55 75.11
N PRO L 226 -50.43 -10.39 75.41
CA PRO L 226 -49.51 -9.78 74.44
C PRO L 226 -49.28 -10.68 73.24
N ILE L 227 -49.72 -10.21 72.08
CA ILE L 227 -49.63 -10.99 70.85
C ILE L 227 -48.27 -10.76 70.21
N HIS L 228 -47.59 -11.84 69.86
CA HIS L 228 -46.30 -11.77 69.16
C HIS L 228 -46.54 -12.12 67.70
N LEU L 229 -46.60 -11.09 66.85
CA LEU L 229 -46.76 -11.30 65.43
C LEU L 229 -45.41 -11.67 64.81
N SER L 230 -45.36 -12.80 64.13
CA SER L 230 -44.17 -13.21 63.40
C SER L 230 -44.51 -13.32 61.92
N PHE L 231 -43.74 -12.63 61.09
CA PHE L 231 -44.10 -12.37 59.71
C PHE L 231 -42.99 -12.85 58.79
N ASP L 232 -43.33 -13.72 57.85
CA ASP L 232 -42.43 -13.97 56.73
C ASP L 232 -42.87 -13.15 55.54
N VAL L 233 -41.89 -12.81 54.69
CA VAL L 233 -42.14 -12.03 53.50
C VAL L 233 -42.58 -12.89 52.31
N ASP L 234 -42.35 -14.20 52.34
CA ASP L 234 -42.81 -15.01 51.22
C ASP L 234 -44.26 -15.45 51.37
N GLY L 235 -44.87 -15.20 52.52
CA GLY L 235 -46.28 -15.51 52.68
C GLY L 235 -47.17 -14.65 51.81
N LEU L 236 -46.73 -13.42 51.52
CA LEU L 236 -47.36 -12.62 50.49
C LEU L 236 -47.03 -13.18 49.10
N ASP L 237 -47.69 -12.64 48.10
CA ASP L 237 -47.48 -13.15 46.76
C ASP L 237 -46.14 -12.64 46.22
N PRO L 238 -45.39 -13.49 45.49
CA PRO L 238 -44.08 -13.08 44.99
C PRO L 238 -44.10 -11.98 43.93
N SER L 239 -45.27 -11.59 43.42
CA SER L 239 -45.34 -10.38 42.62
C SER L 239 -44.96 -9.16 43.44
N PHE L 240 -45.35 -9.15 44.70
CA PHE L 240 -44.95 -8.06 45.59
C PHE L 240 -43.62 -8.36 46.28
N THR L 241 -43.35 -9.62 46.61
CA THR L 241 -42.11 -10.02 47.29
C THR L 241 -41.40 -11.11 46.52
N PRO L 242 -40.66 -10.76 45.46
CA PRO L 242 -39.92 -11.80 44.72
C PRO L 242 -38.58 -12.16 45.36
N ALA L 243 -37.93 -11.20 45.99
CA ALA L 243 -36.56 -11.38 46.49
C ALA L 243 -36.59 -12.01 47.89
N THR L 244 -37.06 -13.24 47.94
CA THR L 244 -37.17 -13.98 49.19
C THR L 244 -36.83 -15.43 48.91
N GLY L 245 -36.59 -16.17 50.00
CA GLY L 245 -35.92 -17.47 49.90
C GLY L 245 -36.75 -18.54 49.23
N THR L 246 -38.00 -18.70 49.66
CA THR L 246 -38.91 -19.69 49.08
C THR L 246 -40.14 -18.98 48.53
N PRO L 247 -40.06 -18.42 47.32
CA PRO L 247 -41.26 -17.82 46.72
C PRO L 247 -42.22 -18.88 46.24
N VAL L 248 -43.41 -18.89 46.83
CA VAL L 248 -44.50 -19.77 46.40
C VAL L 248 -45.59 -18.87 45.83
N VAL L 249 -45.95 -19.11 44.56
CA VAL L 249 -46.93 -18.24 43.92
C VAL L 249 -48.32 -18.49 44.50
N GLY L 250 -49.22 -17.58 44.20
CA GLY L 250 -50.56 -17.65 44.77
C GLY L 250 -50.60 -17.25 46.22
N GLY L 251 -49.78 -16.29 46.62
CA GLY L 251 -49.73 -15.82 47.99
C GLY L 251 -50.72 -14.71 48.26
N LEU L 252 -50.61 -14.16 49.46
CA LEU L 252 -51.46 -13.07 49.87
C LEU L 252 -51.12 -11.81 49.09
N THR L 253 -52.12 -10.97 48.87
CA THR L 253 -51.84 -9.72 48.20
C THR L 253 -51.25 -8.73 49.17
N TYR L 254 -50.66 -7.68 48.61
CA TYR L 254 -50.12 -6.58 49.39
C TYR L 254 -51.20 -5.92 50.24
N ARG L 255 -52.42 -5.83 49.70
CA ARG L 255 -53.55 -5.23 50.42
C ARG L 255 -53.95 -6.05 51.63
N GLU L 256 -53.95 -7.37 51.49
CA GLU L 256 -54.37 -8.23 52.59
C GLU L 256 -53.32 -8.25 53.70
N GLY L 257 -52.03 -8.24 53.32
CA GLY L 257 -50.98 -8.24 54.31
C GLY L 257 -50.92 -6.95 55.12
N LEU L 258 -51.30 -5.84 54.50
CA LEU L 258 -51.41 -4.59 55.23
C LEU L 258 -52.56 -4.63 56.22
N TYR L 259 -53.71 -5.15 55.80
CA TYR L 259 -54.90 -5.15 56.66
C TYR L 259 -54.72 -6.09 57.85
N ILE L 260 -53.94 -7.16 57.67
CA ILE L 260 -53.53 -8.00 58.80
C ILE L 260 -52.82 -7.18 59.85
N THR L 261 -51.85 -6.38 59.42
CA THR L 261 -51.04 -5.59 60.34
C THR L 261 -51.84 -4.46 60.96
N GLU L 262 -52.84 -3.94 60.24
CA GLU L 262 -53.62 -2.81 60.75
C GLU L 262 -54.54 -3.25 61.89
N GLU L 263 -55.09 -4.45 61.80
CA GLU L 263 -55.98 -4.92 62.85
C GLU L 263 -55.20 -5.30 64.11
N ILE L 264 -53.98 -5.82 63.94
CA ILE L 264 -53.15 -6.21 65.08
C ILE L 264 -52.67 -4.98 65.83
N TYR L 265 -52.44 -3.87 65.13
CA TYR L 265 -52.11 -2.63 65.83
C TYR L 265 -53.31 -2.10 66.61
N LYS L 266 -54.50 -2.21 66.04
CA LYS L 266 -55.71 -1.70 66.69
C LYS L 266 -56.14 -2.54 67.89
N THR L 267 -55.57 -3.74 68.06
CA THR L 267 -55.70 -4.42 69.34
C THR L 267 -54.98 -3.64 70.43
N GLY L 268 -53.82 -3.08 70.10
CA GLY L 268 -52.95 -2.48 71.09
C GLY L 268 -52.14 -3.48 71.88
N LEU L 269 -52.27 -4.78 71.60
CA LEU L 269 -51.58 -5.84 72.32
C LEU L 269 -50.45 -6.45 71.50
N LEU L 270 -49.95 -5.74 70.50
CA LEU L 270 -48.76 -6.17 69.78
C LEU L 270 -47.55 -6.02 70.69
N SER L 271 -46.73 -7.06 70.75
CA SER L 271 -45.67 -7.10 71.74
C SER L 271 -44.30 -7.36 71.11
N GLY L 272 -44.30 -8.03 69.95
CA GLY L 272 -43.05 -8.29 69.28
C GLY L 272 -43.25 -8.69 67.83
N LEU L 273 -42.43 -8.14 66.95
CA LEU L 273 -42.58 -8.34 65.51
C LEU L 273 -41.34 -9.01 64.95
N ASP L 274 -41.54 -10.01 64.09
CA ASP L 274 -40.45 -10.76 63.48
C ASP L 274 -40.55 -10.64 61.97
N ILE L 275 -39.46 -10.19 61.34
CA ILE L 275 -39.38 -10.01 59.90
C ILE L 275 -38.19 -10.81 59.40
N MET L 276 -38.45 -11.89 58.66
CA MET L 276 -37.39 -12.83 58.30
C MET L 276 -37.39 -13.08 56.79
N GLU L 277 -36.40 -13.87 56.36
CA GLU L 277 -36.21 -14.38 55.01
C GLU L 277 -36.06 -13.27 53.97
N VAL L 278 -35.48 -12.14 54.36
CA VAL L 278 -35.26 -11.04 53.43
C VAL L 278 -33.91 -11.26 52.75
N ASN L 279 -33.93 -11.63 51.46
CA ASN L 279 -32.69 -11.85 50.74
C ASN L 279 -32.58 -10.85 49.59
N PRO L 280 -31.68 -9.87 49.67
CA PRO L 280 -31.47 -8.95 48.55
C PRO L 280 -30.66 -9.56 47.41
N SER L 281 -30.09 -10.75 47.57
CA SER L 281 -29.41 -11.37 46.45
C SER L 281 -30.37 -12.07 45.49
N LEU L 282 -31.62 -12.28 45.89
CA LEU L 282 -32.60 -12.97 45.06
C LEU L 282 -33.42 -12.04 44.20
N GLY L 283 -33.08 -10.75 44.17
CA GLY L 283 -33.65 -9.85 43.19
C GLY L 283 -32.92 -10.01 41.88
N LYS L 284 -33.66 -10.38 40.83
CA LYS L 284 -33.08 -10.49 39.49
C LYS L 284 -32.63 -9.12 38.99
N THR L 285 -33.37 -8.09 39.36
CA THR L 285 -32.91 -6.71 39.38
C THR L 285 -32.94 -6.25 40.82
N PRO L 286 -32.16 -5.22 41.17
CA PRO L 286 -32.33 -4.62 42.51
C PRO L 286 -33.65 -3.88 42.67
N GLU L 287 -34.34 -3.58 41.57
CA GLU L 287 -35.71 -3.08 41.64
C GLU L 287 -36.63 -4.11 42.30
N GLU L 288 -36.37 -5.41 42.08
CA GLU L 288 -37.12 -6.45 42.76
C GLU L 288 -36.87 -6.42 44.26
N VAL L 289 -35.64 -6.10 44.65
CA VAL L 289 -35.33 -5.94 46.07
C VAL L 289 -36.03 -4.71 46.61
N THR L 290 -36.03 -3.63 45.83
CA THR L 290 -36.63 -2.36 46.22
C THR L 290 -38.13 -2.51 46.47
N ARG L 291 -38.80 -3.27 45.61
CA ARG L 291 -40.19 -3.63 45.86
C ARG L 291 -40.32 -4.46 47.13
N THR L 292 -39.41 -5.40 47.34
CA THR L 292 -39.50 -6.31 48.47
C THR L 292 -39.28 -5.57 49.78
N VAL L 293 -38.33 -4.64 49.80
CA VAL L 293 -38.03 -3.91 51.03
C VAL L 293 -39.12 -2.91 51.34
N ASN L 294 -39.56 -2.15 50.32
CA ASN L 294 -40.60 -1.15 50.52
C ASN L 294 -41.91 -1.79 50.92
N THR L 295 -42.14 -3.03 50.51
CA THR L 295 -43.23 -3.81 51.08
C THR L 295 -43.01 -4.03 52.57
N ALA L 296 -41.90 -4.69 52.93
CA ALA L 296 -41.72 -5.18 54.29
C ALA L 296 -41.51 -4.05 55.28
N VAL L 297 -40.94 -2.93 54.82
CA VAL L 297 -40.90 -1.73 55.63
C VAL L 297 -42.31 -1.24 55.92
N ALA L 298 -43.14 -1.16 54.87
CA ALA L 298 -44.52 -0.71 55.05
C ALA L 298 -45.34 -1.74 55.81
N ILE L 299 -44.93 -3.01 55.77
CA ILE L 299 -45.49 -4.01 56.69
C ILE L 299 -45.18 -3.63 58.13
N THR L 300 -43.93 -3.21 58.37
CA THR L 300 -43.53 -2.82 59.72
C THR L 300 -44.18 -1.51 60.13
N LEU L 301 -44.37 -0.59 59.17
CA LEU L 301 -44.95 0.71 59.47
C LEU L 301 -46.40 0.60 59.91
N ALA L 302 -47.19 -0.22 59.20
CA ALA L 302 -48.59 -0.39 59.57
C ALA L 302 -48.74 -1.18 60.85
N CYS L 303 -47.72 -1.93 61.26
CA CYS L 303 -47.75 -2.56 62.59
C CYS L 303 -47.63 -1.56 63.72
N PHE L 304 -47.27 -0.31 63.44
CA PHE L 304 -47.02 0.67 64.48
C PHE L 304 -47.68 1.99 64.13
N GLY L 305 -48.92 1.92 63.66
CA GLY L 305 -49.75 3.09 63.56
C GLY L 305 -50.05 3.57 62.16
N LEU L 306 -49.24 3.20 61.17
CA LEU L 306 -49.42 3.76 59.83
C LEU L 306 -50.65 3.14 59.18
N ALA L 307 -51.79 3.82 59.32
CA ALA L 307 -53.00 3.39 58.66
C ALA L 307 -53.08 3.97 57.26
N ARG L 308 -53.70 3.20 56.36
CA ARG L 308 -53.95 3.70 55.02
C ARG L 308 -54.98 4.82 55.00
N GLU L 309 -55.88 4.83 55.98
CA GLU L 309 -56.83 5.94 56.09
C GLU L 309 -56.15 7.24 56.50
N GLY L 310 -54.95 7.18 57.06
CA GLY L 310 -54.23 8.36 57.49
C GLY L 310 -54.10 8.43 59.00
N ASN L 311 -53.21 9.32 59.44
CA ASN L 311 -52.93 9.51 60.85
C ASN L 311 -52.70 10.99 61.11
N HIS L 312 -53.04 11.44 62.31
CA HIS L 312 -52.84 12.83 62.70
C HIS L 312 -52.39 12.89 64.14
N LYS L 313 -51.53 13.87 64.44
CA LYS L 313 -51.21 14.11 65.84
C LYS L 313 -52.35 14.88 66.49
N PRO L 314 -52.73 14.53 67.73
CA PRO L 314 -53.99 15.05 68.31
C PRO L 314 -53.91 16.51 68.76
N ILE L 315 -53.70 17.40 67.79
CA ILE L 315 -53.84 18.84 68.00
C ILE L 315 -54.67 19.38 66.84
N ASP L 316 -55.16 20.60 67.02
CA ASP L 316 -55.93 21.26 65.98
C ASP L 316 -55.01 21.69 64.84
N TYR L 317 -55.25 21.16 63.65
CA TYR L 317 -54.49 21.55 62.47
C TYR L 317 -55.09 22.74 61.74
N LEU L 318 -56.29 23.16 62.11
CA LEU L 318 -56.95 24.31 61.48
C LEU L 318 -56.58 25.60 62.21
N ASN L 319 -55.28 25.88 62.21
CA ASN L 319 -54.74 27.06 62.88
C ASN L 319 -53.73 27.75 61.98
N ALA M 3 -82.04 6.48 26.66
CA ALA M 3 -82.89 6.33 27.82
C ALA M 3 -82.74 7.52 28.75
N LYS M 4 -83.27 7.39 29.98
CA LYS M 4 -83.05 8.40 31.00
C LYS M 4 -81.58 8.46 31.39
N SER M 5 -81.03 7.34 31.84
CA SER M 5 -79.60 7.18 31.92
C SER M 5 -79.04 6.91 30.52
N ARG M 6 -77.71 6.82 30.44
CA ARG M 6 -76.91 6.80 29.20
C ARG M 6 -77.40 7.81 28.16
N THR M 7 -77.66 9.02 28.63
CA THR M 7 -77.84 10.20 27.80
C THR M 7 -76.70 11.12 28.20
N ILE M 8 -75.64 11.19 27.38
CA ILE M 8 -74.34 11.65 27.82
C ILE M 8 -74.02 12.97 27.14
N GLY M 9 -73.65 13.96 27.94
CA GLY M 9 -73.00 15.15 27.42
C GLY M 9 -71.51 15.11 27.73
N ILE M 10 -70.69 14.92 26.70
CA ILE M 10 -69.26 14.70 26.90
C ILE M 10 -68.54 16.04 26.93
N ILE M 11 -67.76 16.26 27.99
CA ILE M 11 -66.94 17.46 28.14
C ILE M 11 -65.50 17.04 28.37
N GLY M 12 -64.62 17.43 27.45
CA GLY M 12 -63.20 17.34 27.71
C GLY M 12 -62.65 18.64 28.25
N ALA M 13 -61.58 18.54 29.05
CA ALA M 13 -60.97 19.72 29.65
C ALA M 13 -59.46 19.57 29.65
N PRO M 14 -58.80 20.02 28.58
CA PRO M 14 -57.32 19.93 28.51
C PRO M 14 -56.62 20.96 29.40
N PHE M 15 -56.45 20.60 30.68
CA PHE M 15 -56.00 21.53 31.69
C PHE M 15 -54.95 20.87 32.58
N SER M 16 -53.91 21.64 32.96
CA SER M 16 -52.82 21.11 33.77
C SER M 16 -52.31 22.04 34.87
N LYS M 17 -52.84 23.24 35.02
CA LYS M 17 -52.17 24.25 35.83
C LYS M 17 -52.40 24.09 37.34
N GLY M 18 -53.25 23.15 37.76
CA GLY M 18 -53.37 22.89 39.17
C GLY M 18 -52.37 21.88 39.71
N GLN M 19 -51.45 21.43 38.86
CA GLN M 19 -50.47 20.40 39.17
C GLN M 19 -49.17 20.72 38.45
N PRO M 20 -48.04 20.20 38.95
CA PRO M 20 -46.76 20.54 38.30
C PRO M 20 -46.52 19.84 36.97
N ARG M 21 -46.77 18.53 36.87
CA ARG M 21 -46.26 17.72 35.76
C ARG M 21 -47.09 17.99 34.51
N GLY M 22 -46.52 18.72 33.56
CA GLY M 22 -47.22 19.01 32.32
C GLY M 22 -47.41 17.76 31.48
N GLY M 23 -48.64 17.55 31.01
CA GLY M 23 -48.97 16.34 30.28
C GLY M 23 -50.37 15.83 30.48
N VAL M 24 -51.09 16.31 31.50
CA VAL M 24 -52.51 15.97 31.63
C VAL M 24 -53.39 16.89 30.79
N GLU M 25 -52.80 17.79 30.00
CA GLU M 25 -53.56 18.47 28.96
C GLU M 25 -53.92 17.51 27.83
N GLU M 26 -53.15 16.44 27.67
CA GLU M 26 -53.51 15.38 26.72
C GLU M 26 -54.33 14.29 27.40
N GLY M 27 -55.33 14.73 28.16
CA GLY M 27 -56.44 13.91 28.53
C GLY M 27 -57.45 13.84 27.41
N PRO M 28 -58.05 14.98 27.04
CA PRO M 28 -59.02 14.96 25.93
C PRO M 28 -58.44 14.58 24.58
N THR M 29 -57.14 14.82 24.37
CA THR M 29 -56.51 14.37 23.13
C THR M 29 -56.44 12.86 23.08
N VAL M 30 -56.00 12.24 24.17
CA VAL M 30 -55.77 10.80 24.15
C VAL M 30 -57.08 10.03 24.37
N LEU M 31 -57.97 10.55 25.22
CA LEU M 31 -59.23 9.85 25.47
C LEU M 31 -60.18 9.89 24.29
N ARG M 32 -60.00 10.82 23.36
CA ARG M 32 -60.84 10.85 22.18
C ARG M 32 -60.21 10.13 20.98
N LYS M 33 -58.88 10.14 20.87
CA LYS M 33 -58.22 9.37 19.81
C LYS M 33 -58.32 7.88 20.05
N ALA M 34 -58.46 7.45 21.30
CA ALA M 34 -58.62 6.04 21.59
C ALA M 34 -59.99 5.53 21.24
N GLY M 35 -60.97 6.41 21.21
CA GLY M 35 -62.32 6.02 20.88
C GLY M 35 -63.14 5.86 22.13
N LEU M 36 -63.87 6.92 22.47
CA LEU M 36 -64.75 6.88 23.63
C LEU M 36 -66.20 7.06 23.22
N LEU M 37 -66.49 8.12 22.47
CA LEU M 37 -67.79 8.32 21.83
C LEU M 37 -68.18 7.12 20.97
N GLU M 38 -67.20 6.56 20.27
CA GLU M 38 -67.42 5.43 19.39
C GLU M 38 -67.83 4.19 20.18
N LYS M 39 -67.19 3.96 21.32
CA LYS M 39 -67.54 2.82 22.14
C LYS M 39 -68.83 3.03 22.93
N LEU M 40 -69.34 4.26 22.96
CA LEU M 40 -70.62 4.50 23.63
C LEU M 40 -71.80 4.20 22.74
N LYS M 41 -71.70 4.54 21.45
CA LYS M 41 -72.87 4.63 20.58
C LYS M 41 -73.43 3.27 20.13
N GLU M 42 -72.87 2.14 20.58
CA GLU M 42 -73.48 0.86 20.25
C GLU M 42 -74.70 0.60 21.13
N GLN M 43 -74.50 0.58 22.44
CA GLN M 43 -75.62 0.64 23.37
C GLN M 43 -76.22 2.04 23.32
N GLU M 44 -77.45 2.16 23.85
CA GLU M 44 -78.36 3.25 23.51
C GLU M 44 -77.92 4.56 24.17
N CYS M 45 -76.79 5.08 23.70
CA CYS M 45 -76.15 6.26 24.29
C CYS M 45 -76.38 7.47 23.42
N ASP M 46 -77.18 8.41 23.93
CA ASP M 46 -77.33 9.72 23.30
C ASP M 46 -76.04 10.49 23.58
N VAL M 47 -75.14 10.45 22.61
CA VAL M 47 -73.80 10.99 22.75
C VAL M 47 -73.73 12.35 22.06
N LYS M 48 -73.39 13.38 22.82
CA LYS M 48 -73.18 14.71 22.27
C LYS M 48 -71.90 15.28 22.86
N ASP M 49 -70.84 15.31 22.05
CA ASP M 49 -69.65 16.05 22.44
C ASP M 49 -69.95 17.54 22.40
N TYR M 50 -69.31 18.27 23.30
CA TYR M 50 -69.40 19.73 23.32
C TYR M 50 -68.06 20.39 23.04
N GLY M 51 -67.09 19.62 22.56
CA GLY M 51 -65.78 20.15 22.25
C GLY M 51 -64.95 20.41 23.49
N ASP M 52 -63.65 20.61 23.26
CA ASP M 52 -62.76 20.97 24.36
C ASP M 52 -62.95 22.45 24.70
N LEU M 53 -62.93 22.76 25.99
CA LEU M 53 -63.12 24.13 26.43
C LEU M 53 -61.87 24.96 26.13
N PRO M 54 -62.02 26.11 25.48
CA PRO M 54 -60.86 26.99 25.24
C PRO M 54 -60.43 27.69 26.52
N PHE M 55 -59.63 26.99 27.33
CA PHE M 55 -59.13 27.56 28.57
C PHE M 55 -58.09 28.62 28.28
N ALA M 56 -58.19 29.74 28.99
CA ALA M 56 -57.31 30.88 28.76
C ALA M 56 -55.97 30.65 29.45
N ASP M 57 -55.02 31.54 29.17
CA ASP M 57 -53.69 31.50 29.79
C ASP M 57 -53.45 32.88 30.39
N ILE M 58 -53.62 33.00 31.71
CA ILE M 58 -53.30 34.22 32.42
C ILE M 58 -51.79 34.23 32.64
N PRO M 59 -51.06 35.16 32.03
CA PRO M 59 -49.59 35.11 32.15
C PRO M 59 -49.08 35.55 33.51
N ASN M 60 -49.76 36.50 34.16
CA ASN M 60 -49.37 36.96 35.48
C ASN M 60 -50.16 36.20 36.56
N ASP M 61 -49.92 34.89 36.58
CA ASP M 61 -50.59 33.99 37.51
C ASP M 61 -49.81 33.98 38.83
N SER M 62 -50.00 35.04 39.59
CA SER M 62 -49.28 35.20 40.85
C SER M 62 -49.87 34.30 41.92
N PRO M 63 -49.08 33.43 42.55
CA PRO M 63 -49.64 32.47 43.51
C PRO M 63 -50.03 33.07 44.86
N PHE M 64 -50.52 32.21 45.72
CA PHE M 64 -50.71 32.44 47.14
C PHE M 64 -49.38 32.08 47.83
N GLN M 65 -49.35 31.97 49.15
CA GLN M 65 -48.13 31.59 49.87
C GLN M 65 -47.69 30.18 49.49
N ILE M 66 -48.57 29.20 49.65
CA ILE M 66 -48.28 27.82 49.29
C ILE M 66 -49.08 27.45 48.05
N VAL M 67 -50.31 27.95 47.97
CA VAL M 67 -51.21 27.63 46.86
C VAL M 67 -50.69 28.29 45.58
N LYS M 68 -50.38 27.48 44.59
CA LYS M 68 -49.81 27.96 43.33
C LYS M 68 -50.87 28.00 42.24
N ASN M 69 -50.73 29.00 41.36
CA ASN M 69 -51.60 29.22 40.21
C ASN M 69 -53.09 29.33 40.57
N PRO M 70 -53.50 30.39 41.29
CA PRO M 70 -54.89 30.43 41.79
C PRO M 70 -55.91 30.89 40.76
N ARG M 71 -55.51 31.80 39.87
CA ARG M 71 -56.49 32.50 39.05
C ARG M 71 -56.78 31.75 37.75
N SER M 72 -55.75 31.10 37.18
CA SER M 72 -55.97 30.32 35.96
C SER M 72 -56.82 29.09 36.25
N VAL M 73 -56.72 28.56 37.47
CA VAL M 73 -57.58 27.46 37.88
C VAL M 73 -58.99 27.97 38.13
N GLY M 74 -59.12 29.10 38.82
CA GLY M 74 -60.43 29.64 39.14
C GLY M 74 -61.18 30.11 37.91
N LYS M 75 -60.46 30.54 36.88
CA LYS M 75 -61.10 30.82 35.60
C LYS M 75 -61.47 29.53 34.88
N ALA M 76 -60.65 28.49 35.05
CA ALA M 76 -60.89 27.22 34.35
C ALA M 76 -62.10 26.50 34.91
N SER M 77 -62.24 26.48 36.24
CA SER M 77 -63.39 25.82 36.84
C SER M 77 -64.66 26.65 36.67
N GLU M 78 -64.53 27.97 36.53
CA GLU M 78 -65.69 28.81 36.24
C GLU M 78 -66.19 28.58 34.82
N GLN M 79 -65.27 28.42 33.87
CA GLN M 79 -65.65 28.12 32.50
C GLN M 79 -66.25 26.72 32.40
N LEU M 80 -65.77 25.80 33.24
CA LEU M 80 -66.34 24.46 33.26
C LEU M 80 -67.72 24.45 33.90
N ALA M 81 -67.90 25.20 34.99
CA ALA M 81 -69.15 25.16 35.74
C ALA M 81 -70.30 25.75 34.95
N GLY M 82 -70.04 26.78 34.13
CA GLY M 82 -71.04 27.24 33.20
C GLY M 82 -71.35 26.21 32.14
N LYS M 83 -70.31 25.50 31.68
CA LYS M 83 -70.51 24.47 30.65
C LYS M 83 -71.15 23.23 31.25
N VAL M 84 -70.81 22.90 32.50
CA VAL M 84 -71.45 21.77 33.19
C VAL M 84 -72.92 22.07 33.45
N ALA M 85 -73.23 23.28 33.92
CA ALA M 85 -74.63 23.64 34.15
C ALA M 85 -75.40 23.76 32.84
N GLU M 86 -74.72 24.07 31.74
CA GLU M 86 -75.38 24.17 30.45
C GLU M 86 -75.85 22.81 29.95
N VAL M 87 -74.98 21.80 30.06
CA VAL M 87 -75.33 20.49 29.51
C VAL M 87 -76.24 19.71 30.44
N LYS M 88 -76.36 20.12 31.71
CA LYS M 88 -77.37 19.56 32.59
C LYS M 88 -78.71 20.23 32.41
N LYS M 89 -78.76 21.39 31.76
CA LYS M 89 -80.02 21.94 31.30
C LYS M 89 -80.55 21.17 30.09
N ASN M 90 -79.68 20.46 29.39
CA ASN M 90 -80.07 19.58 28.30
C ASN M 90 -80.65 18.25 28.79
N GLY M 91 -80.59 17.98 30.10
CA GLY M 91 -81.11 16.73 30.62
C GLY M 91 -80.20 15.55 30.43
N ARG M 92 -78.93 15.78 30.11
CA ARG M 92 -77.99 14.71 29.83
C ARG M 92 -77.27 14.30 31.11
N ILE M 93 -76.23 13.48 30.96
CA ILE M 93 -75.34 13.11 32.04
C ILE M 93 -73.99 13.76 31.75
N SER M 94 -73.52 14.60 32.67
CA SER M 94 -72.36 15.45 32.44
C SER M 94 -71.08 14.61 32.55
N LEU M 95 -70.59 14.15 31.41
CA LEU M 95 -69.32 13.44 31.36
C LEU M 95 -68.19 14.43 31.22
N VAL M 96 -67.47 14.66 32.31
CA VAL M 96 -66.35 15.58 32.33
C VAL M 96 -65.06 14.78 32.43
N LEU M 97 -64.12 15.04 31.53
CA LEU M 97 -62.82 14.40 31.59
C LEU M 97 -61.74 15.45 31.42
N GLY M 98 -60.65 15.29 32.15
CA GLY M 98 -59.55 16.23 32.10
C GLY M 98 -58.20 15.56 31.96
N GLY M 99 -57.15 16.12 32.56
CA GLY M 99 -57.26 17.28 33.44
C GLY M 99 -56.81 16.91 34.84
N ASP M 100 -57.28 17.63 35.85
CA ASP M 100 -56.98 17.28 37.23
C ASP M 100 -58.17 17.58 38.12
N HIS M 101 -58.00 17.32 39.42
CA HIS M 101 -59.09 17.45 40.38
C HIS M 101 -59.48 18.90 40.63
N SER M 102 -58.65 19.86 40.23
CA SER M 102 -58.98 21.28 40.39
C SER M 102 -60.18 21.67 39.54
N LEU M 103 -60.44 20.92 38.47
CA LEU M 103 -61.63 21.12 37.66
C LEU M 103 -62.89 20.56 38.32
N ALA M 104 -62.75 19.66 39.31
CA ALA M 104 -63.91 19.08 39.97
C ALA M 104 -64.62 20.05 40.90
N ILE M 105 -64.03 21.22 41.16
CA ILE M 105 -64.76 22.31 41.80
C ILE M 105 -65.93 22.73 40.93
N GLY M 106 -65.63 23.16 39.70
CA GLY M 106 -66.67 23.61 38.80
C GLY M 106 -67.52 22.49 38.25
N SER M 107 -66.96 21.28 38.16
CA SER M 107 -67.73 20.14 37.68
C SER M 107 -68.85 19.75 38.64
N ILE M 108 -68.63 19.97 39.94
CA ILE M 108 -69.68 19.73 40.92
C ILE M 108 -70.54 20.97 41.13
N SER M 109 -69.95 22.16 41.01
CA SER M 109 -70.68 23.41 41.23
C SER M 109 -71.76 23.63 40.18
N GLY M 110 -71.39 23.53 38.90
CA GLY M 110 -72.38 23.65 37.84
C GLY M 110 -73.38 22.52 37.82
N HIS M 111 -72.98 21.33 38.31
CA HIS M 111 -73.94 20.26 38.54
C HIS M 111 -74.89 20.64 39.66
N ALA M 112 -74.38 21.25 40.73
CA ALA M 112 -75.22 21.68 41.83
C ALA M 112 -76.04 22.93 41.50
N ARG M 113 -75.68 23.65 40.43
CA ARG M 113 -76.54 24.70 39.93
C ARG M 113 -77.86 24.15 39.40
N VAL M 114 -77.81 22.93 38.85
CA VAL M 114 -79.01 22.28 38.34
C VAL M 114 -79.62 21.36 39.40
N HIS M 115 -78.79 20.60 40.11
CA HIS M 115 -79.27 19.67 41.13
C HIS M 115 -78.58 19.95 42.47
N PRO M 116 -79.19 20.74 43.35
CA PRO M 116 -78.52 21.08 44.62
C PRO M 116 -78.47 19.95 45.62
N ASP M 117 -79.22 18.86 45.42
CA ASP M 117 -79.26 17.76 46.38
C ASP M 117 -78.45 16.56 45.92
N LEU M 118 -77.30 16.79 45.29
CA LEU M 118 -76.55 15.69 44.73
C LEU M 118 -75.72 14.98 45.78
N GLY M 119 -75.03 13.93 45.35
CA GLY M 119 -74.10 13.23 46.20
C GLY M 119 -72.85 12.88 45.45
N VAL M 120 -71.71 13.15 46.07
CA VAL M 120 -70.40 12.92 45.46
C VAL M 120 -69.83 11.64 46.03
N ILE M 121 -69.48 10.72 45.14
CA ILE M 121 -68.64 9.59 45.51
C ILE M 121 -67.25 9.90 44.96
N TRP M 122 -66.36 10.31 45.86
CA TRP M 122 -65.02 10.73 45.49
C TRP M 122 -64.12 9.51 45.52
N VAL M 123 -63.89 8.91 44.35
CA VAL M 123 -63.03 7.74 44.24
C VAL M 123 -61.64 8.23 43.82
N ASP M 124 -60.66 7.96 44.67
CA ASP M 124 -59.33 8.52 44.59
C ASP M 124 -58.47 7.82 45.64
N ALA M 125 -57.16 7.80 45.40
CA ALA M 125 -56.24 7.40 46.44
C ALA M 125 -56.15 8.44 47.54
N HIS M 126 -56.47 9.68 47.22
CA HIS M 126 -56.32 10.82 48.12
C HIS M 126 -57.67 11.40 48.49
N THR M 127 -57.73 12.07 49.65
CA THR M 127 -58.97 12.74 50.02
C THR M 127 -59.14 14.04 49.26
N ASP M 128 -58.03 14.74 48.99
CA ASP M 128 -57.99 16.07 48.39
C ASP M 128 -58.81 17.09 49.17
N ILE M 129 -58.86 16.92 50.49
CA ILE M 129 -59.62 17.81 51.37
C ILE M 129 -58.70 18.90 51.95
N ASN M 130 -57.57 19.16 51.28
CA ASN M 130 -56.66 20.22 51.67
C ASN M 130 -57.32 21.58 51.60
N THR M 131 -57.24 22.33 52.70
CA THR M 131 -57.56 23.74 52.69
C THR M 131 -56.35 24.52 52.17
N PRO M 132 -56.52 25.80 51.83
CA PRO M 132 -55.33 26.64 51.59
C PRO M 132 -54.44 26.81 52.83
N LEU M 133 -54.97 26.61 54.03
CA LEU M 133 -54.14 26.74 55.23
C LEU M 133 -53.37 25.46 55.53
N THR M 134 -54.02 24.30 55.44
CA THR M 134 -53.42 23.03 55.86
C THR M 134 -52.69 22.31 54.73
N THR M 135 -52.55 22.95 53.57
CA THR M 135 -51.84 22.29 52.48
C THR M 135 -50.33 22.37 52.71
N THR M 136 -49.61 21.52 51.99
CA THR M 136 -48.16 21.52 51.98
C THR M 136 -47.57 21.84 50.62
N SER M 137 -48.19 21.34 49.54
CA SER M 137 -47.73 21.64 48.19
C SER M 137 -48.49 22.83 47.61
N GLY M 138 -49.78 22.96 47.94
CA GLY M 138 -50.60 24.00 47.38
C GLY M 138 -51.12 23.73 45.99
N ASN M 139 -50.85 22.55 45.42
CA ASN M 139 -51.33 22.21 44.10
C ASN M 139 -52.84 21.93 44.16
N LEU M 140 -53.57 22.51 43.21
CA LEU M 140 -55.01 22.64 43.36
C LEU M 140 -55.79 21.40 42.96
N HIS M 141 -55.12 20.38 42.42
CA HIS M 141 -55.74 19.06 42.40
C HIS M 141 -55.83 18.48 43.80
N GLY M 142 -54.98 18.94 44.72
CA GLY M 142 -55.16 18.63 46.12
C GLY M 142 -56.24 19.42 46.82
N GLN M 143 -56.73 20.51 46.21
CA GLN M 143 -57.78 21.27 46.87
C GLN M 143 -59.10 21.44 46.12
N PRO M 144 -59.84 20.37 45.70
CA PRO M 144 -61.23 20.62 45.27
C PRO M 144 -62.27 20.53 46.37
N VAL M 145 -62.01 19.72 47.39
CA VAL M 145 -63.06 19.34 48.33
C VAL M 145 -63.34 20.47 49.30
N SER M 146 -62.32 21.26 49.63
CA SER M 146 -62.44 22.30 50.64
C SER M 146 -63.32 23.47 50.20
N PHE M 147 -63.48 23.67 48.89
CA PHE M 147 -64.31 24.76 48.39
C PHE M 147 -65.79 24.40 48.29
N LEU M 148 -66.11 23.11 48.30
CA LEU M 148 -67.48 22.66 48.07
C LEU M 148 -68.19 22.23 49.34
N LEU M 149 -67.45 21.89 50.39
CA LEU M 149 -68.07 21.55 51.67
C LEU M 149 -68.58 22.81 52.35
N LYS M 150 -69.87 22.81 52.70
CA LYS M 150 -70.46 23.95 53.38
C LYS M 150 -69.94 24.09 54.80
N GLU M 151 -69.47 22.99 55.38
CA GLU M 151 -68.95 23.02 56.74
C GLU M 151 -67.57 23.66 56.82
N LEU M 152 -66.87 23.81 55.70
CA LEU M 152 -65.59 24.48 55.68
C LEU M 152 -65.68 25.95 55.29
N LYS M 153 -66.89 26.50 55.27
CA LYS M 153 -67.04 27.93 55.07
C LYS M 153 -66.50 28.69 56.28
N GLY M 154 -65.68 29.70 56.01
CA GLY M 154 -64.92 30.37 57.03
C GLY M 154 -63.51 29.83 57.21
N LYS M 155 -63.34 28.52 57.01
CA LYS M 155 -62.02 27.92 56.99
C LYS M 155 -61.31 28.10 55.65
N ILE M 156 -61.98 28.69 54.67
CA ILE M 156 -61.43 28.89 53.34
C ILE M 156 -61.09 30.36 53.17
N PRO M 157 -59.83 30.72 52.99
CA PRO M 157 -59.50 32.10 52.62
C PRO M 157 -59.96 32.40 51.20
N ASP M 158 -60.19 33.69 50.94
CA ASP M 158 -60.70 34.14 49.65
C ASP M 158 -59.56 34.06 48.63
N VAL M 159 -59.47 32.92 47.97
CA VAL M 159 -58.43 32.70 46.96
C VAL M 159 -58.83 33.43 45.68
N PRO M 160 -57.93 34.21 45.06
CA PRO M 160 -58.28 34.96 43.86
C PRO M 160 -58.55 34.05 42.67
N GLY M 161 -59.71 34.26 42.04
CA GLY M 161 -60.21 33.41 40.99
C GLY M 161 -61.40 32.57 41.40
N PHE M 162 -61.63 32.41 42.71
CA PHE M 162 -62.68 31.55 43.23
C PHE M 162 -63.75 32.33 43.99
N SER M 163 -63.96 33.58 43.60
CA SER M 163 -65.03 34.37 44.22
C SER M 163 -66.40 33.86 43.81
N TRP M 164 -66.51 33.25 42.63
CA TRP M 164 -67.74 32.66 42.17
C TRP M 164 -68.12 31.39 42.92
N VAL M 165 -67.17 30.79 43.65
CA VAL M 165 -67.40 29.48 44.24
C VAL M 165 -68.32 29.60 45.45
N THR M 166 -69.40 28.83 45.42
CA THR M 166 -70.28 28.64 46.55
C THR M 166 -70.19 27.18 46.98
N PRO M 167 -69.94 26.90 48.27
CA PRO M 167 -69.93 25.51 48.73
C PRO M 167 -71.32 24.90 48.66
N CYS M 168 -71.39 23.70 48.10
CA CYS M 168 -72.66 23.16 47.64
C CYS M 168 -73.07 21.88 48.33
N ILE M 169 -72.10 21.14 48.88
CA ILE M 169 -72.38 19.86 49.49
C ILE M 169 -72.10 19.92 50.99
N SER M 170 -72.81 19.08 51.73
CA SER M 170 -72.57 18.91 53.14
C SER M 170 -71.52 17.82 53.38
N ALA M 171 -71.16 17.63 54.66
CA ALA M 171 -70.18 16.61 55.02
C ALA M 171 -70.80 15.23 55.06
N LYS M 172 -72.12 15.12 55.15
CA LYS M 172 -72.81 13.84 55.20
C LYS M 172 -73.32 13.38 53.84
N ASP M 173 -72.93 14.06 52.76
CA ASP M 173 -73.40 13.72 51.43
C ASP M 173 -72.28 13.25 50.50
N ILE M 174 -71.02 13.38 50.91
CA ILE M 174 -69.88 12.97 50.10
C ILE M 174 -69.30 11.69 50.69
N VAL M 175 -68.92 10.76 49.81
CA VAL M 175 -68.39 9.47 50.20
C VAL M 175 -67.04 9.28 49.53
N TYR M 176 -66.03 8.92 50.32
CA TYR M 176 -64.73 8.53 49.78
C TYR M 176 -64.67 7.03 49.61
N ILE M 177 -64.09 6.59 48.50
CA ILE M 177 -63.79 5.18 48.28
C ILE M 177 -62.37 5.09 47.73
N GLY M 178 -61.49 4.40 48.48
CA GLY M 178 -60.18 4.07 48.00
C GLY M 178 -59.03 4.82 48.63
N LEU M 179 -59.16 5.27 49.87
CA LEU M 179 -58.15 6.15 50.46
C LEU M 179 -56.97 5.34 50.97
N ARG M 180 -55.78 5.65 50.45
CA ARG M 180 -54.56 5.02 50.94
C ARG M 180 -53.37 5.98 51.04
N ASP M 181 -53.57 7.27 50.75
CA ASP M 181 -52.51 8.26 50.86
C ASP M 181 -53.15 9.55 51.38
N VAL M 182 -53.09 9.74 52.69
CA VAL M 182 -53.83 10.81 53.36
C VAL M 182 -52.85 11.60 54.24
N ASP M 183 -52.86 12.93 54.09
CA ASP M 183 -52.06 13.82 54.91
C ASP M 183 -52.53 13.81 56.37
N PRO M 184 -51.71 14.29 57.30
CA PRO M 184 -52.23 14.54 58.65
C PRO M 184 -53.32 15.60 58.69
N GLY M 185 -53.15 16.69 57.95
CA GLY M 185 -54.20 17.70 57.87
C GLY M 185 -55.45 17.19 57.19
N GLU M 186 -55.28 16.27 56.24
CA GLU M 186 -56.44 15.69 55.57
C GLU M 186 -57.17 14.70 56.49
N HIS M 187 -56.41 13.89 57.23
CA HIS M 187 -57.05 12.92 58.13
C HIS M 187 -57.69 13.60 59.32
N TYR M 188 -57.20 14.78 59.71
CA TYR M 188 -57.80 15.51 60.81
C TYR M 188 -59.17 16.07 60.41
N ILE M 189 -59.25 16.71 59.25
CA ILE M 189 -60.50 17.30 58.79
C ILE M 189 -61.50 16.21 58.44
N LEU M 190 -61.01 15.07 57.95
CA LEU M 190 -61.88 13.93 57.66
C LEU M 190 -62.49 13.35 58.94
N LYS M 191 -61.71 13.30 60.02
CA LYS M 191 -62.27 12.85 61.30
C LYS M 191 -63.04 13.96 62.01
N THR M 192 -62.77 15.22 61.68
CA THR M 192 -63.51 16.32 62.30
C THR M 192 -64.91 16.42 61.75
N LEU M 193 -65.05 16.38 60.42
CA LEU M 193 -66.34 16.61 59.79
C LEU M 193 -67.27 15.41 59.84
N GLY M 194 -66.76 14.23 60.21
CA GLY M 194 -67.60 13.04 60.23
C GLY M 194 -68.01 12.55 58.86
N ILE M 195 -67.18 12.81 57.85
CA ILE M 195 -67.50 12.37 56.49
C ILE M 195 -67.34 10.86 56.41
N LYS M 196 -68.38 10.20 55.88
CA LYS M 196 -68.30 8.77 55.66
C LYS M 196 -67.31 8.48 54.53
N TYR M 197 -66.18 7.90 54.89
CA TYR M 197 -65.15 7.52 53.95
C TYR M 197 -65.02 6.02 53.95
N PHE M 198 -64.67 5.46 52.80
CA PHE M 198 -64.28 4.05 52.70
C PHE M 198 -62.83 4.04 52.26
N SER M 199 -61.91 4.03 53.22
CA SER M 199 -60.51 3.85 52.88
C SER M 199 -60.25 2.39 52.52
N MET M 200 -59.00 2.09 52.18
CA MET M 200 -58.62 0.75 51.73
C MET M 200 -58.71 -0.28 52.84
N THR M 201 -58.72 0.16 54.11
CA THR M 201 -58.91 -0.74 55.24
C THR M 201 -60.31 -1.34 55.23
N GLU M 202 -61.33 -0.50 55.02
CA GLU M 202 -62.71 -0.95 55.06
C GLU M 202 -63.06 -1.86 53.89
N VAL M 203 -62.48 -1.59 52.72
CA VAL M 203 -62.72 -2.44 51.56
C VAL M 203 -62.06 -3.79 51.77
N ASP M 204 -60.86 -3.79 52.35
CA ASP M 204 -60.24 -5.05 52.73
C ASP M 204 -60.95 -5.68 53.92
N ARG M 205 -61.67 -4.88 54.71
CA ARG M 205 -62.52 -5.45 55.75
C ARG M 205 -63.76 -6.09 55.16
N LEU M 206 -64.49 -5.32 54.35
CA LEU M 206 -65.84 -5.69 53.97
C LEU M 206 -65.95 -6.38 52.63
N GLY M 207 -65.04 -6.08 51.69
CA GLY M 207 -65.22 -6.53 50.34
C GLY M 207 -66.04 -5.52 49.56
N ILE M 208 -65.73 -5.34 48.28
CA ILE M 208 -66.31 -4.25 47.50
C ILE M 208 -67.82 -4.43 47.27
N GLY M 209 -68.32 -5.66 47.39
CA GLY M 209 -69.76 -5.87 47.35
C GLY M 209 -70.45 -5.30 48.59
N LYS M 210 -69.85 -5.48 49.76
CA LYS M 210 -70.40 -4.92 50.97
C LYS M 210 -70.18 -3.41 51.04
N VAL M 211 -69.06 -2.93 50.47
CA VAL M 211 -68.73 -1.52 50.53
C VAL M 211 -69.66 -0.69 49.67
N MET M 212 -69.89 -1.14 48.42
CA MET M 212 -70.78 -0.42 47.52
C MET M 212 -72.23 -0.47 47.99
N GLU M 213 -72.61 -1.54 48.69
CA GLU M 213 -73.95 -1.59 49.28
C GLU M 213 -74.10 -0.60 50.42
N GLU M 214 -73.07 -0.49 51.28
CA GLU M 214 -73.09 0.50 52.36
C GLU M 214 -72.95 1.91 51.82
N THR M 215 -72.31 2.06 50.65
CA THR M 215 -72.16 3.38 50.04
C THR M 215 -73.52 3.94 49.62
N LEU M 216 -74.31 3.12 48.94
CA LEU M 216 -75.59 3.59 48.42
C LEU M 216 -76.66 3.60 49.51
N SER M 217 -76.50 2.78 50.55
CA SER M 217 -77.41 2.84 51.68
C SER M 217 -77.16 4.09 52.52
N TYR M 218 -75.92 4.58 52.53
CA TYR M 218 -75.64 5.84 53.20
C TYR M 218 -76.16 7.02 52.41
N LEU M 219 -76.14 6.94 51.08
CA LEU M 219 -76.53 8.05 50.24
C LEU M 219 -78.00 8.00 49.86
N LEU M 220 -78.40 6.93 49.19
CA LEU M 220 -79.76 6.81 48.68
C LEU M 220 -80.71 6.11 49.65
N GLY M 221 -80.23 5.79 50.86
CA GLY M 221 -81.08 5.17 51.85
C GLY M 221 -82.15 6.10 52.40
N ARG M 222 -81.95 7.41 52.28
CA ARG M 222 -82.94 8.39 52.72
C ARG M 222 -83.81 8.90 51.58
N LYS M 223 -83.21 9.19 50.42
CA LYS M 223 -83.94 9.80 49.32
C LYS M 223 -83.21 9.50 48.01
N LYS M 224 -83.99 9.22 46.97
CA LYS M 224 -83.43 9.07 45.63
C LYS M 224 -82.95 10.43 45.14
N ARG M 225 -81.65 10.55 44.89
CA ARG M 225 -81.03 11.80 44.53
C ARG M 225 -79.98 11.57 43.46
N PRO M 226 -79.73 12.55 42.59
CA PRO M 226 -78.75 12.36 41.50
C PRO M 226 -77.33 12.27 42.04
N ILE M 227 -76.73 11.10 41.88
CA ILE M 227 -75.38 10.83 42.38
C ILE M 227 -74.37 11.31 41.35
N HIS M 228 -73.40 12.10 41.80
CA HIS M 228 -72.30 12.56 40.94
C HIS M 228 -71.05 11.76 41.29
N LEU M 229 -70.76 10.76 40.47
CA LEU M 229 -69.55 9.98 40.66
C LEU M 229 -68.34 10.74 40.14
N SER M 230 -67.34 10.92 40.99
CA SER M 230 -66.08 11.52 40.58
C SER M 230 -64.96 10.53 40.80
N PHE M 231 -64.18 10.29 39.75
CA PHE M 231 -63.28 9.14 39.70
C PHE M 231 -61.87 9.62 39.37
N ASP M 232 -60.91 9.26 40.23
CA ASP M 232 -59.52 9.37 39.86
C ASP M 232 -59.01 8.02 39.38
N VAL M 233 -58.03 8.07 38.48
CA VAL M 233 -57.44 6.86 37.93
C VAL M 233 -56.32 6.29 38.81
N ASP M 234 -55.80 7.07 39.77
CA ASP M 234 -54.76 6.52 40.63
C ASP M 234 -55.33 5.82 41.86
N GLY M 235 -56.63 5.92 42.08
CA GLY M 235 -57.26 5.19 43.16
C GLY M 235 -57.22 3.69 42.94
N LEU M 236 -57.24 3.26 41.69
CA LEU M 236 -56.93 1.88 41.34
C LEU M 236 -55.45 1.61 41.54
N ASP M 237 -55.08 0.34 41.46
CA ASP M 237 -53.70 -0.03 41.67
C ASP M 237 -52.85 0.38 40.46
N PRO M 238 -51.63 0.86 40.67
CA PRO M 238 -50.79 1.31 39.54
C PRO M 238 -50.33 0.21 38.60
N SER M 239 -50.53 -1.07 38.94
CA SER M 239 -50.32 -2.13 37.97
C SER M 239 -51.29 -2.01 36.82
N PHE M 240 -52.53 -1.60 37.09
CA PHE M 240 -53.49 -1.36 36.03
C PHE M 240 -53.40 0.06 35.50
N THR M 241 -53.14 1.05 36.35
CA THR M 241 -53.05 2.45 35.95
C THR M 241 -51.69 3.03 36.36
N PRO M 242 -50.63 2.79 35.59
CA PRO M 242 -49.33 3.38 35.94
C PRO M 242 -49.17 4.83 35.50
N ALA M 243 -49.76 5.19 34.35
CA ALA M 243 -49.52 6.49 33.73
C ALA M 243 -50.47 7.53 34.33
N THR M 244 -50.23 7.82 35.60
CA THR M 244 -51.06 8.78 36.34
C THR M 244 -50.15 9.55 37.29
N GLY M 245 -50.68 10.66 37.81
CA GLY M 245 -49.84 11.66 38.47
C GLY M 245 -49.25 11.20 39.78
N THR M 246 -50.08 10.65 40.67
CA THR M 246 -49.64 10.14 41.97
C THR M 246 -50.00 8.67 42.10
N PRO M 247 -49.21 7.76 41.51
CA PRO M 247 -49.46 6.34 41.74
C PRO M 247 -49.03 5.93 43.15
N VAL M 248 -50.00 5.47 43.92
CA VAL M 248 -49.75 4.90 45.24
C VAL M 248 -50.05 3.41 45.14
N VAL M 249 -49.07 2.58 45.48
CA VAL M 249 -49.26 1.14 45.33
C VAL M 249 -50.23 0.61 46.37
N GLY M 250 -50.71 -0.60 46.14
CA GLY M 250 -51.73 -1.17 47.00
C GLY M 250 -53.10 -0.56 46.78
N GLY M 251 -53.43 -0.22 45.54
CA GLY M 251 -54.71 0.37 45.22
C GLY M 251 -55.77 -0.66 44.92
N LEU M 252 -56.91 -0.17 44.46
CA LEU M 252 -58.01 -1.04 44.10
C LEU M 252 -57.66 -1.84 42.85
N THR M 253 -58.19 -3.06 42.79
CA THR M 253 -57.97 -3.83 41.59
C THR M 253 -58.88 -3.35 40.48
N TYR M 254 -58.55 -3.76 39.26
CA TYR M 254 -59.36 -3.47 38.10
C TYR M 254 -60.76 -4.05 38.25
N ARG M 255 -60.86 -5.23 38.88
CA ARG M 255 -62.15 -5.88 39.08
C ARG M 255 -63.03 -5.09 40.05
N GLU M 256 -62.44 -4.55 41.11
CA GLU M 256 -63.22 -3.81 42.09
C GLU M 256 -63.69 -2.48 41.53
N GLY M 257 -62.84 -1.82 40.74
CA GLY M 257 -63.22 -0.54 40.16
C GLY M 257 -64.33 -0.67 39.13
N LEU M 258 -64.37 -1.80 38.43
CA LEU M 258 -65.49 -2.06 37.53
C LEU M 258 -66.78 -2.27 38.30
N TYR M 259 -66.73 -3.05 39.38
CA TYR M 259 -67.93 -3.38 40.13
C TYR M 259 -68.51 -2.16 40.83
N ILE M 260 -67.64 -1.21 41.21
CA ILE M 260 -68.11 0.09 41.72
C ILE M 260 -68.97 0.77 40.67
N THR M 261 -68.48 0.81 39.43
CA THR M 261 -69.20 1.50 38.36
C THR M 261 -70.47 0.75 37.96
N GLU M 262 -70.47 -0.58 38.10
CA GLU M 262 -71.63 -1.36 37.69
C GLU M 262 -72.81 -1.15 38.64
N GLU M 263 -72.53 -1.00 39.93
CA GLU M 263 -73.60 -0.80 40.89
C GLU M 263 -74.19 0.60 40.79
N ILE M 264 -73.35 1.59 40.45
CA ILE M 264 -73.82 2.96 40.34
C ILE M 264 -74.69 3.14 39.11
N TYR M 265 -74.41 2.39 38.03
CA TYR M 265 -75.30 2.42 36.88
C TYR M 265 -76.64 1.77 37.20
N LYS M 266 -76.62 0.70 37.98
CA LYS M 266 -77.86 -0.01 38.31
C LYS M 266 -78.74 0.74 39.30
N THR M 267 -78.21 1.80 39.94
CA THR M 267 -79.09 2.74 40.62
C THR M 267 -79.96 3.47 39.63
N GLY M 268 -79.40 3.81 38.46
CA GLY M 268 -80.07 4.67 37.52
C GLY M 268 -80.02 6.14 37.88
N LEU M 269 -79.37 6.50 38.99
CA LEU M 269 -79.29 7.88 39.46
C LEU M 269 -77.91 8.49 39.24
N LEU M 270 -77.13 7.94 38.32
CA LEU M 270 -75.88 8.57 37.93
C LEU M 270 -76.18 9.84 37.14
N SER M 271 -75.52 10.93 37.49
CA SER M 271 -75.87 12.22 36.93
C SER M 271 -74.68 12.93 36.31
N GLY M 272 -73.48 12.62 36.79
CA GLY M 272 -72.29 13.22 36.23
C GLY M 272 -71.03 12.48 36.60
N LEU M 273 -70.13 12.30 35.63
CA LEU M 273 -68.94 11.49 35.81
C LEU M 273 -67.70 12.33 35.58
N ASP M 274 -66.71 12.18 36.45
CA ASP M 274 -65.48 12.94 36.38
C ASP M 274 -64.30 11.98 36.27
N ILE M 275 -63.47 12.17 35.24
CA ILE M 275 -62.31 11.33 34.98
C ILE M 275 -61.10 12.25 34.90
N MET M 276 -60.22 12.17 35.89
CA MET M 276 -59.13 13.12 35.99
C MET M 276 -57.78 12.40 36.13
N GLU M 277 -56.72 13.21 36.15
CA GLU M 277 -55.32 12.82 36.37
C GLU M 277 -54.82 11.81 35.33
N VAL M 278 -55.31 11.90 34.10
CA VAL M 278 -54.86 11.02 33.03
C VAL M 278 -53.65 11.67 32.38
N ASN M 279 -52.47 11.11 32.63
CA ASN M 279 -51.25 11.66 32.04
C ASN M 279 -50.61 10.63 31.11
N PRO M 280 -50.66 10.85 29.80
CA PRO M 280 -49.96 9.94 28.87
C PRO M 280 -48.46 10.14 28.83
N SER M 281 -47.92 11.16 29.47
CA SER M 281 -46.48 11.31 29.53
C SER M 281 -45.83 10.44 30.60
N LEU M 282 -46.62 9.94 31.56
CA LEU M 282 -46.09 9.14 32.65
C LEU M 282 -46.08 7.65 32.36
N GLY M 283 -46.37 7.26 31.11
CA GLY M 283 -46.12 5.89 30.69
C GLY M 283 -44.66 5.75 30.31
N LYS M 284 -43.97 4.83 31.00
CA LYS M 284 -42.57 4.55 30.67
C LYS M 284 -42.45 3.94 29.29
N THR M 285 -43.44 3.16 28.89
CA THR M 285 -43.74 2.83 27.51
C THR M 285 -45.12 3.37 27.18
N PRO M 286 -45.43 3.59 25.91
CA PRO M 286 -46.82 3.93 25.56
C PRO M 286 -47.79 2.78 25.76
N GLU M 287 -47.29 1.55 25.89
CA GLU M 287 -48.15 0.44 26.30
C GLU M 287 -48.69 0.64 27.71
N GLU M 288 -47.92 1.31 28.58
CA GLU M 288 -48.43 1.67 29.90
C GLU M 288 -49.56 2.67 29.79
N VAL M 289 -49.47 3.59 28.83
CA VAL M 289 -50.56 4.51 28.55
C VAL M 289 -51.75 3.74 28.00
N THR M 290 -51.47 2.77 27.13
CA THR M 290 -52.52 1.96 26.50
C THR M 290 -53.31 1.18 27.54
N ARG M 291 -52.61 0.63 28.53
CA ARG M 291 -53.29 -0.01 29.65
C ARG M 291 -54.12 0.99 30.44
N THR M 292 -53.57 2.18 30.66
CA THR M 292 -54.24 3.19 31.49
C THR M 292 -55.50 3.69 30.80
N VAL M 293 -55.43 3.92 29.50
CA VAL M 293 -56.59 4.43 28.78
C VAL M 293 -57.66 3.36 28.64
N ASN M 294 -57.26 2.14 28.27
CA ASN M 294 -58.22 1.05 28.11
C ASN M 294 -58.88 0.68 29.42
N THR M 295 -58.18 0.91 30.54
CA THR M 295 -58.84 0.85 31.83
C THR M 295 -59.91 1.92 31.94
N ALA M 296 -59.52 3.19 31.83
CA ALA M 296 -60.39 4.31 32.17
C ALA M 296 -61.53 4.46 31.18
N VAL M 297 -61.31 4.06 29.93
CA VAL M 297 -62.41 3.98 28.98
C VAL M 297 -63.41 2.94 29.44
N ALA M 298 -62.92 1.76 29.83
CA ALA M 298 -63.82 0.71 30.30
C ALA M 298 -64.44 1.06 31.66
N ILE M 299 -63.77 1.92 32.42
CA ILE M 299 -64.41 2.50 33.61
C ILE M 299 -65.59 3.36 33.18
N THR M 300 -65.42 4.13 32.11
CA THR M 300 -66.49 4.99 31.63
C THR M 300 -67.61 4.15 31.00
N LEU M 301 -67.23 3.07 30.30
CA LEU M 301 -68.20 2.24 29.61
C LEU M 301 -69.13 1.54 30.58
N ALA M 302 -68.58 0.99 31.66
CA ALA M 302 -69.41 0.32 32.65
C ALA M 302 -70.27 1.29 33.45
N CYS M 303 -69.91 2.58 33.48
CA CYS M 303 -70.78 3.58 34.07
C CYS M 303 -72.04 3.82 33.25
N PHE M 304 -72.10 3.34 32.01
CA PHE M 304 -73.22 3.60 31.14
C PHE M 304 -73.67 2.32 30.45
N GLY M 305 -73.79 1.26 31.22
CA GLY M 305 -74.48 0.08 30.78
C GLY M 305 -73.61 -1.13 30.51
N LEU M 306 -72.32 -0.96 30.28
CA LEU M 306 -71.49 -2.09 29.87
C LEU M 306 -71.24 -3.00 31.07
N ALA M 307 -72.08 -4.02 31.19
CA ALA M 307 -71.91 -5.03 32.22
C ALA M 307 -70.98 -6.13 31.73
N ARG M 308 -70.21 -6.68 32.67
CA ARG M 308 -69.37 -7.84 32.35
C ARG M 308 -70.20 -9.07 32.05
N GLU M 309 -71.41 -9.17 32.62
CA GLU M 309 -72.31 -10.27 32.28
C GLU M 309 -72.83 -10.18 30.86
N GLY M 310 -72.78 -9.01 30.23
CA GLY M 310 -73.25 -8.82 28.87
C GLY M 310 -74.48 -7.93 28.83
N ASN M 311 -74.79 -7.50 27.61
CA ASN M 311 -75.91 -6.60 27.36
C ASN M 311 -76.56 -6.98 26.03
N HIS M 312 -77.88 -6.83 25.96
CA HIS M 312 -78.61 -7.13 24.74
C HIS M 312 -79.64 -6.04 24.49
N LYS M 313 -79.87 -5.73 23.21
CA LYS M 313 -80.99 -4.85 22.89
C LYS M 313 -82.29 -5.64 22.97
N PRO M 314 -83.35 -5.06 23.53
CA PRO M 314 -84.55 -5.85 23.90
C PRO M 314 -85.42 -6.25 22.70
N ILE M 315 -84.84 -7.04 21.79
CA ILE M 315 -85.59 -7.70 20.74
C ILE M 315 -85.18 -9.17 20.73
N ASP M 316 -85.96 -9.98 20.04
CA ASP M 316 -85.67 -11.41 19.91
C ASP M 316 -84.49 -11.60 18.97
N TYR M 317 -83.42 -12.19 19.48
CA TYR M 317 -82.25 -12.50 18.67
C TYR M 317 -82.33 -13.87 18.03
N LEU M 318 -83.28 -14.71 18.44
CA LEU M 318 -83.44 -16.05 17.86
C LEU M 318 -84.37 -15.99 16.65
N ASN M 319 -83.93 -15.24 15.65
CA ASN M 319 -84.68 -15.06 14.43
C ASN M 319 -83.77 -15.20 13.21
N GLU N 1 45.07 21.71 -24.73
CA GLU N 1 45.53 21.94 -23.36
C GLU N 1 46.70 22.90 -23.31
N ILE N 2 46.46 24.15 -23.69
CA ILE N 2 47.45 25.21 -23.55
C ILE N 2 46.91 26.19 -22.52
N VAL N 3 47.66 26.37 -21.43
CA VAL N 3 47.20 27.22 -20.34
C VAL N 3 47.37 28.68 -20.75
N LEU N 4 46.27 29.42 -20.73
CA LEU N 4 46.26 30.84 -21.03
C LEU N 4 46.40 31.60 -19.72
N THR N 5 47.48 32.37 -19.60
CA THR N 5 47.74 33.12 -18.39
C THR N 5 47.34 34.58 -18.59
N GLN N 6 46.39 35.03 -17.79
CA GLN N 6 45.96 36.42 -17.77
C GLN N 6 46.65 37.09 -16.59
N SER N 7 47.73 37.81 -16.87
CA SER N 7 48.62 38.31 -15.83
C SER N 7 47.99 39.39 -14.97
N PRO N 8 47.15 40.30 -15.47
CA PRO N 8 46.27 41.01 -14.53
C PRO N 8 45.14 40.07 -14.11
N ALA N 9 45.14 39.68 -12.83
CA ALA N 9 44.03 38.87 -12.33
C ALA N 9 42.76 39.68 -12.25
N THR N 10 42.76 40.72 -11.42
CA THR N 10 41.74 41.75 -11.44
C THR N 10 42.44 43.10 -11.54
N LEU N 11 41.67 44.13 -11.86
CA LEU N 11 42.26 45.44 -12.07
C LEU N 11 41.19 46.50 -11.82
N SER N 12 41.61 47.60 -11.21
CA SER N 12 40.72 48.75 -11.00
C SER N 12 41.34 49.96 -11.69
N LEU N 13 40.55 50.64 -12.50
CA LEU N 13 41.07 51.78 -13.23
C LEU N 13 39.95 52.79 -13.42
N SER N 14 40.33 54.05 -13.50
CA SER N 14 39.37 55.14 -13.58
C SER N 14 38.74 55.21 -14.96
N PRO N 15 37.63 55.92 -15.12
CA PRO N 15 37.21 56.31 -16.47
C PRO N 15 38.25 57.24 -17.08
N GLY N 16 38.97 56.76 -18.10
CA GLY N 16 40.15 57.48 -18.51
C GLY N 16 40.99 56.85 -19.59
N GLU N 17 42.28 56.70 -19.30
CA GLU N 17 43.28 56.35 -20.32
C GLU N 17 43.28 54.87 -20.68
N ARG N 18 44.34 54.45 -21.37
CA ARG N 18 44.47 53.09 -21.87
C ARG N 18 44.56 52.08 -20.73
N ALA N 19 44.00 50.90 -20.98
CA ALA N 19 43.88 49.82 -20.01
C ALA N 19 44.30 48.49 -20.62
N THR N 20 45.51 48.49 -21.18
CA THR N 20 46.03 47.35 -21.92
C THR N 20 46.17 46.11 -21.04
N LEU N 21 45.60 45.01 -21.50
CA LEU N 21 45.62 43.75 -20.78
C LEU N 21 46.56 42.77 -21.47
N SER N 22 46.65 41.55 -20.95
CA SER N 22 47.58 40.56 -21.49
C SER N 22 47.05 39.16 -21.24
N CYS N 23 47.01 38.37 -22.30
CA CYS N 23 46.80 36.92 -22.19
C CYS N 23 48.04 36.26 -22.76
N ARG N 24 48.92 35.80 -21.88
CA ARG N 24 50.14 35.15 -22.30
C ARG N 24 49.91 33.64 -22.32
N ALA N 25 50.18 33.03 -23.47
CA ALA N 25 49.89 31.63 -23.68
C ALA N 25 51.01 30.76 -23.09
N SER N 26 50.80 29.45 -23.13
CA SER N 26 51.84 28.52 -22.77
C SER N 26 52.69 28.08 -23.96
N GLN N 27 52.17 28.21 -25.17
CA GLN N 27 52.92 27.85 -26.37
C GLN N 27 52.87 28.97 -27.37
N ARG N 28 53.39 28.74 -28.58
CA ARG N 28 53.28 29.69 -29.66
C ARG N 28 52.04 29.33 -30.45
N ILE N 29 50.90 29.89 -30.03
CA ILE N 29 49.66 29.59 -30.76
C ILE N 29 49.61 30.39 -32.07
N SER N 30 50.43 31.43 -32.19
CA SER N 30 50.64 32.21 -33.42
C SER N 30 49.33 32.84 -33.90
N ASN N 31 48.89 33.80 -33.10
CA ASN N 31 47.83 34.76 -33.43
C ASN N 31 46.47 34.08 -33.54
N ASP N 32 46.19 33.18 -32.61
CA ASP N 32 45.03 32.30 -32.69
C ASP N 32 44.26 32.27 -31.37
N LEU N 33 44.00 33.43 -30.79
CA LEU N 33 43.02 33.50 -29.71
C LEU N 33 42.05 34.63 -29.95
N HIS N 34 41.15 34.82 -28.98
CA HIS N 34 40.02 35.72 -29.10
C HIS N 34 39.92 36.53 -27.81
N TRP N 35 38.91 37.39 -27.73
CA TRP N 35 38.74 38.25 -26.56
C TRP N 35 37.25 38.44 -26.28
N TYR N 36 36.90 38.48 -25.00
CA TYR N 36 35.51 38.35 -24.59
C TYR N 36 35.17 39.41 -23.54
N GLN N 37 33.88 39.70 -23.47
CA GLN N 37 33.37 40.83 -22.69
C GLN N 37 32.17 40.35 -21.87
N GLN N 38 32.38 39.32 -21.07
CA GLN N 38 31.29 38.83 -20.22
C GLN N 38 30.97 39.88 -19.17
N LYS N 39 29.88 40.61 -19.41
CA LYS N 39 29.34 41.52 -18.43
C LYS N 39 28.67 40.73 -17.31
N PRO N 40 28.51 41.33 -16.13
CA PRO N 40 27.87 40.59 -15.02
C PRO N 40 26.42 40.25 -15.31
N GLY N 41 26.05 39.00 -15.02
CA GLY N 41 24.73 38.51 -15.33
C GLY N 41 24.47 38.34 -16.80
N GLN N 42 25.51 38.23 -17.62
CA GLN N 42 25.36 38.20 -19.07
C GLN N 42 26.13 37.04 -19.66
N ALA N 43 25.70 36.62 -20.84
CA ALA N 43 26.53 35.77 -21.67
C ALA N 43 27.73 36.57 -22.16
N PRO N 44 28.86 35.92 -22.38
CA PRO N 44 30.04 36.62 -22.90
C PRO N 44 29.84 37.15 -24.30
N ARG N 45 30.62 38.18 -24.62
CA ARG N 45 30.52 38.87 -25.90
C ARG N 45 31.89 38.95 -26.53
N LEU N 46 32.03 38.37 -27.71
CA LEU N 46 33.30 38.31 -28.41
C LEU N 46 33.71 39.67 -28.93
N LEU N 47 35.02 39.95 -28.85
CA LEU N 47 35.57 41.25 -29.16
C LEU N 47 36.51 41.24 -30.36
N ILE N 48 37.34 40.21 -30.47
CA ILE N 48 38.48 40.19 -31.38
C ILE N 48 38.55 38.86 -32.11
N LYS N 49 38.78 38.90 -33.42
CA LYS N 49 38.98 37.68 -34.19
C LYS N 49 40.31 37.01 -33.84
N TYR N 50 41.42 37.63 -34.23
CA TYR N 50 42.73 37.02 -34.04
C TYR N 50 43.72 38.14 -33.78
N ALA N 51 43.85 38.52 -32.51
CA ALA N 51 44.65 39.65 -32.00
C ALA N 51 44.34 40.97 -32.69
N SER N 52 43.20 41.10 -33.36
CA SER N 52 42.82 42.26 -34.18
C SER N 52 41.38 42.07 -34.63
N GLN N 53 40.90 43.05 -35.39
CA GLN N 53 39.74 42.96 -36.28
C GLN N 53 38.42 42.86 -35.52
N SER N 54 38.26 43.67 -34.47
CA SER N 54 37.11 44.56 -34.28
C SER N 54 35.77 44.06 -34.80
N ILE N 55 35.28 42.94 -34.27
CA ILE N 55 34.16 42.22 -34.86
C ILE N 55 32.83 42.97 -34.81
N SER N 56 32.30 43.29 -35.99
CA SER N 56 30.91 43.71 -36.21
C SER N 56 30.58 44.98 -35.43
N GLY N 57 31.41 46.00 -35.63
CA GLY N 57 31.17 47.29 -35.03
C GLY N 57 31.34 47.36 -33.53
N ILE N 58 32.11 46.46 -32.94
CA ILE N 58 32.46 46.64 -31.52
C ILE N 58 33.39 47.83 -31.41
N PRO N 59 33.00 48.90 -30.67
CA PRO N 59 33.05 50.25 -31.25
C PRO N 59 34.39 50.82 -31.71
N SER N 60 35.29 51.14 -30.81
CA SER N 60 36.44 51.93 -31.25
C SER N 60 37.74 51.65 -30.50
N ARG N 61 37.78 50.74 -29.55
CA ARG N 61 38.81 50.83 -28.52
C ARG N 61 39.38 49.48 -28.14
N PHE N 62 39.19 48.45 -28.96
CA PHE N 62 39.53 47.11 -28.57
C PHE N 62 40.59 46.53 -29.50
N SER N 63 41.66 47.28 -29.73
CA SER N 63 42.75 46.76 -30.53
C SER N 63 43.60 45.79 -29.72
N GLY N 64 44.17 44.81 -30.41
CA GLY N 64 45.03 43.84 -29.77
C GLY N 64 46.39 43.77 -30.41
N SER N 65 47.23 42.82 -29.98
CA SER N 65 48.53 42.62 -30.59
C SER N 65 48.92 41.16 -30.45
N GLY N 66 49.63 40.66 -31.45
CA GLY N 66 49.95 39.25 -31.49
C GLY N 66 51.42 38.92 -31.50
N SER N 67 51.79 37.83 -32.19
CA SER N 67 53.18 37.52 -32.57
C SER N 67 54.16 37.34 -31.42
N GLY N 68 54.13 36.21 -30.71
CA GLY N 68 53.31 35.06 -31.03
C GLY N 68 52.88 34.24 -29.83
N THR N 69 53.17 34.74 -28.64
CA THR N 69 52.64 34.18 -27.40
C THR N 69 52.07 35.27 -26.49
N ASP N 70 52.73 36.42 -26.41
CA ASP N 70 52.26 37.53 -25.56
C ASP N 70 51.15 38.26 -26.28
N PHE N 71 49.92 37.90 -25.96
CA PHE N 71 48.75 38.40 -26.67
C PHE N 71 48.01 39.38 -25.78
N THR N 72 47.84 40.59 -26.28
CA THR N 72 47.36 41.70 -25.48
C THR N 72 45.99 42.15 -25.93
N LEU N 73 45.29 42.84 -25.03
CA LEU N 73 44.05 43.53 -25.33
C LEU N 73 44.18 44.95 -24.81
N THR N 74 44.26 45.91 -25.72
CA THR N 74 44.32 47.31 -25.34
C THR N 74 42.91 47.86 -25.21
N ILE N 75 42.67 48.65 -24.16
CA ILE N 75 41.41 49.36 -24.07
C ILE N 75 41.75 50.84 -24.19
N SER N 76 41.78 51.35 -25.42
CA SER N 76 42.39 52.64 -25.68
C SER N 76 41.54 53.83 -25.26
N SER N 77 40.23 53.64 -25.18
CA SER N 77 39.27 54.73 -25.02
C SER N 77 38.29 54.39 -23.92
N LEU N 78 38.84 54.13 -22.72
CA LEU N 78 38.42 53.17 -21.70
C LEU N 78 36.92 52.89 -21.61
N GLU N 79 36.07 53.94 -21.64
CA GLU N 79 34.61 53.83 -21.75
C GLU N 79 34.04 53.03 -20.59
N PRO N 80 33.86 53.65 -19.41
CA PRO N 80 33.69 52.89 -18.16
C PRO N 80 32.48 51.96 -18.06
N GLU N 81 31.61 51.90 -19.08
CA GLU N 81 30.66 50.82 -19.18
C GLU N 81 31.32 49.48 -19.48
N ASP N 82 32.58 49.49 -19.93
CA ASP N 82 33.28 48.29 -20.35
C ASP N 82 33.84 47.49 -19.19
N PHE N 83 33.55 47.88 -17.95
CA PHE N 83 34.05 47.17 -16.80
C PHE N 83 33.35 45.82 -16.71
N ALA N 84 34.03 44.78 -17.20
CA ALA N 84 33.45 43.45 -17.27
C ALA N 84 34.57 42.43 -17.15
N VAL N 85 34.17 41.19 -16.85
CA VAL N 85 35.12 40.12 -16.63
C VAL N 85 35.59 39.66 -18.00
N TYR N 86 36.81 40.02 -18.38
CA TYR N 86 37.24 39.69 -19.73
C TYR N 86 37.84 38.31 -19.78
N TYR N 87 37.84 37.73 -20.97
CA TYR N 87 38.38 36.40 -21.18
C TYR N 87 39.08 36.32 -22.52
N CYS N 88 40.23 35.66 -22.51
CA CYS N 88 40.89 35.24 -23.74
C CYS N 88 40.64 33.76 -23.94
N GLN N 89 40.60 33.33 -25.19
CA GLN N 89 40.34 31.94 -25.51
C GLN N 89 41.07 31.56 -26.79
N GLN N 90 41.94 30.56 -26.70
CA GLN N 90 42.62 30.02 -27.86
C GLN N 90 41.65 29.36 -28.83
N SER N 91 42.12 29.20 -30.05
CA SER N 91 41.36 28.51 -31.08
C SER N 91 42.04 27.24 -31.55
N ASN N 92 43.28 27.34 -32.03
CA ASN N 92 43.86 26.28 -32.84
C ASN N 92 44.78 25.39 -32.00
N SER N 93 44.14 24.73 -31.02
CA SER N 93 44.65 23.58 -30.31
C SER N 93 43.51 23.00 -29.50
N TRP N 94 43.55 21.76 -29.30
CA TRP N 94 42.51 21.12 -28.53
C TRP N 94 42.99 20.81 -27.12
N PRO N 95 42.10 20.78 -26.13
CA PRO N 95 40.75 21.35 -26.20
C PRO N 95 40.64 22.78 -25.65
N ARG N 96 40.53 23.75 -26.56
CA ARG N 96 39.85 25.05 -26.44
C ARG N 96 39.83 25.72 -25.07
N THR N 97 41.01 25.97 -24.51
CA THR N 97 41.06 26.56 -23.18
C THR N 97 40.69 28.03 -23.22
N PHE N 98 40.12 28.48 -22.11
CA PHE N 98 39.79 29.88 -21.90
C PHE N 98 40.86 30.54 -21.05
N GLY N 99 40.62 31.80 -20.72
CA GLY N 99 41.44 32.51 -19.76
C GLY N 99 40.96 32.26 -18.35
N GLY N 100 41.15 33.25 -17.49
CA GLY N 100 40.72 33.12 -16.12
C GLY N 100 39.77 34.20 -15.66
N GLY N 101 39.80 35.35 -16.33
CA GLY N 101 39.02 36.46 -15.80
C GLY N 101 39.98 37.60 -15.56
N THR N 102 39.64 38.76 -16.11
CA THR N 102 40.49 39.93 -16.07
C THR N 102 39.60 41.12 -15.69
N LYS N 103 38.96 41.00 -14.53
CA LYS N 103 37.97 41.95 -14.02
C LYS N 103 38.50 43.37 -13.98
N LEU N 104 37.90 44.23 -14.79
CA LEU N 104 38.19 45.66 -14.76
C LEU N 104 37.22 46.33 -13.80
N GLU N 105 37.76 47.09 -12.86
CA GLU N 105 36.96 47.76 -11.85
C GLU N 105 37.19 49.25 -11.91
N ILE N 106 36.40 49.98 -11.14
CA ILE N 106 36.51 51.42 -11.07
C ILE N 106 37.62 51.75 -10.08
N LYS N 107 38.49 52.69 -10.43
CA LYS N 107 39.46 53.16 -9.47
C LYS N 107 38.78 54.10 -8.49
N ARG N 108 37.90 57.14 -8.30
CA ARG N 108 37.65 57.57 -6.93
C ARG N 108 38.76 57.14 -5.97
N THR N 109 38.46 57.23 -4.67
CA THR N 109 39.46 57.07 -3.62
C THR N 109 39.07 55.96 -2.66
N VAL N 110 40.00 55.69 -1.74
CA VAL N 110 39.76 54.75 -0.66
C VAL N 110 38.80 55.36 0.35
N ALA N 111 37.70 54.66 0.62
CA ALA N 111 36.66 55.14 1.51
C ALA N 111 36.51 54.20 2.69
N ALA N 112 36.15 54.76 3.84
CA ALA N 112 35.95 53.96 5.03
C ALA N 112 34.56 53.32 5.02
N PRO N 113 34.42 52.09 5.50
CA PRO N 113 33.09 51.50 5.61
C PRO N 113 32.32 52.05 6.78
N SER N 114 31.09 52.46 6.52
CA SER N 114 30.14 52.76 7.59
C SER N 114 29.68 51.44 8.16
N VAL N 115 30.16 51.10 9.35
CA VAL N 115 30.05 49.76 9.90
C VAL N 115 28.80 49.70 10.77
N PHE N 116 27.97 48.68 10.54
CA PHE N 116 26.73 48.52 11.29
C PHE N 116 26.55 47.08 11.69
N ILE N 117 26.67 46.80 12.98
CA ILE N 117 26.48 45.44 13.47
C ILE N 117 25.01 45.29 13.84
N PHE N 118 24.51 44.06 13.74
CA PHE N 118 23.15 43.79 14.09
C PHE N 118 23.07 42.56 14.98
N PRO N 119 22.44 42.66 16.14
CA PRO N 119 22.09 41.47 16.93
C PRO N 119 21.23 40.51 16.16
N PRO N 120 21.32 39.22 16.48
CA PRO N 120 20.28 38.28 16.03
C PRO N 120 18.95 38.65 16.65
N SER N 121 17.90 38.50 15.86
CA SER N 121 16.58 38.90 16.31
C SER N 121 16.07 37.97 17.39
N ASP N 122 15.12 38.48 18.18
CA ASP N 122 14.40 37.64 19.12
C ASP N 122 13.58 36.58 18.39
N GLU N 123 13.12 36.91 17.19
CA GLU N 123 12.53 35.92 16.29
C GLU N 123 13.52 34.81 15.97
N GLN N 124 14.80 35.15 15.77
CA GLN N 124 15.80 34.12 15.56
C GLN N 124 16.11 33.41 16.86
N LEU N 125 16.02 34.12 17.99
CA LEU N 125 16.08 33.47 19.28
C LEU N 125 14.84 32.64 19.57
N LYS N 126 13.74 32.93 18.87
CA LYS N 126 12.59 32.04 18.82
C LYS N 126 12.71 30.99 17.72
N SER N 127 13.90 30.83 17.14
CA SER N 127 14.17 29.75 16.21
C SER N 127 15.23 28.79 16.70
N GLY N 128 16.06 29.18 17.66
CA GLY N 128 17.12 28.33 18.16
C GLY N 128 18.48 28.58 17.55
N THR N 129 18.61 29.59 16.70
CA THR N 129 19.88 29.99 16.12
C THR N 129 20.13 31.46 16.43
N ALA N 130 21.29 31.94 15.96
CA ALA N 130 21.69 33.32 16.20
C ALA N 130 22.71 33.71 15.15
N SER N 131 22.36 34.66 14.29
CA SER N 131 23.25 35.11 13.22
C SER N 131 23.54 36.58 13.43
N VAL N 132 24.80 36.91 13.71
CA VAL N 132 25.21 38.28 13.97
C VAL N 132 25.71 38.86 12.65
N VAL N 133 25.06 39.94 12.20
CA VAL N 133 25.38 40.56 10.92
C VAL N 133 26.02 41.91 11.19
N CYS N 134 27.25 42.07 10.71
CA CYS N 134 28.02 43.30 10.84
C CYS N 134 28.22 43.89 9.45
N LEU N 135 27.61 45.05 9.20
CA LEU N 135 27.74 45.66 7.89
C LEU N 135 29.09 46.31 7.70
N LEU N 136 29.51 46.36 6.45
CA LEU N 136 30.51 47.30 5.97
C LEU N 136 29.85 47.92 4.76
N ASN N 137 29.71 49.23 4.72
CA ASN N 137 28.91 49.86 3.69
C ASN N 137 29.65 51.08 3.14
N ASN N 138 29.63 51.20 1.82
CA ASN N 138 30.05 52.38 1.07
C ASN N 138 31.53 52.70 1.32
N PHE N 139 32.35 51.77 0.84
CA PHE N 139 33.78 51.80 1.06
C PHE N 139 34.48 51.41 -0.23
N TYR N 140 35.80 51.52 -0.21
CA TYR N 140 36.64 51.17 -1.33
C TYR N 140 38.05 50.92 -0.84
N PRO N 141 38.73 49.86 -1.29
CA PRO N 141 38.30 48.79 -2.18
C PRO N 141 37.65 47.64 -1.45
N ARG N 142 37.64 46.46 -2.08
CA ARG N 142 37.14 45.25 -1.45
C ARG N 142 38.04 44.73 -0.33
N GLU N 143 39.24 45.28 -0.19
CA GLU N 143 40.26 44.75 0.71
C GLU N 143 39.87 45.05 2.14
N ALA N 144 39.17 44.11 2.78
CA ALA N 144 38.66 44.34 4.12
C ALA N 144 38.80 43.06 4.93
N LYS N 145 38.84 43.24 6.25
CA LYS N 145 38.91 42.12 7.19
C LYS N 145 37.84 42.30 8.25
N VAL N 146 37.03 41.27 8.44
CA VAL N 146 36.05 41.24 9.51
C VAL N 146 36.53 40.22 10.54
N GLN N 147 36.71 40.66 11.77
CA GLN N 147 37.14 39.80 12.85
C GLN N 147 36.10 39.82 13.94
N TRP N 148 35.61 38.63 14.28
CA TRP N 148 34.53 38.48 15.26
C TRP N 148 35.10 38.27 16.64
N LYS N 149 34.58 39.01 17.61
CA LYS N 149 34.99 38.89 18.99
C LYS N 149 33.76 38.65 19.86
N VAL N 150 33.73 37.50 20.52
CA VAL N 150 32.57 37.01 21.24
C VAL N 150 32.97 36.97 22.71
N ASP N 151 32.56 38.00 23.46
CA ASP N 151 33.25 38.44 24.68
C ASP N 151 34.75 38.50 24.46
N ASN N 152 35.14 39.22 23.39
CA ASN N 152 36.52 39.41 22.96
C ASN N 152 37.24 38.09 22.67
N ALA N 153 36.60 37.20 21.92
CA ALA N 153 37.19 35.94 21.51
C ALA N 153 37.19 35.86 19.99
N LEU N 154 38.38 35.82 19.40
CA LEU N 154 38.53 35.78 17.95
C LEU N 154 38.03 34.44 17.42
N GLN N 155 36.85 34.44 16.83
CA GLN N 155 36.23 33.23 16.32
C GLN N 155 36.22 33.24 14.80
N SER N 156 35.96 32.05 14.25
CA SER N 156 35.92 31.85 12.80
C SER N 156 35.14 30.57 12.53
N GLY N 157 34.75 30.39 11.26
CA GLY N 157 33.99 29.22 10.88
C GLY N 157 32.51 29.30 11.14
N ASN N 158 32.06 30.32 11.88
CA ASN N 158 30.64 30.54 12.12
C ASN N 158 30.10 31.71 11.31
N SER N 159 30.91 32.26 10.41
CA SER N 159 30.59 33.49 9.72
C SER N 159 30.61 33.27 8.21
N GLN N 160 29.58 33.76 7.55
CA GLN N 160 29.52 33.78 6.09
C GLN N 160 29.47 35.23 5.63
N GLU N 161 30.19 35.52 4.55
CA GLU N 161 30.38 36.88 4.08
C GLU N 161 29.76 37.07 2.70
N SER N 162 29.48 38.32 2.36
CA SER N 162 28.78 38.65 1.13
C SER N 162 29.26 39.98 0.59
N VAL N 163 29.77 39.96 -0.65
CA VAL N 163 30.40 41.12 -1.27
C VAL N 163 29.44 41.68 -2.31
N THR N 164 29.20 42.99 -2.27
CA THR N 164 28.50 43.58 -3.40
C THR N 164 29.45 43.80 -4.57
N GLU N 165 28.86 43.89 -5.75
CA GLU N 165 29.59 44.38 -6.90
C GLU N 165 29.78 45.88 -6.77
N GLN N 166 30.66 46.43 -7.60
CA GLN N 166 31.00 47.83 -7.47
C GLN N 166 29.87 48.67 -8.07
N ASP N 167 29.43 49.67 -7.32
CA ASP N 167 28.23 50.40 -7.67
C ASP N 167 28.48 51.29 -8.89
N SER N 168 27.43 51.45 -9.69
CA SER N 168 27.52 52.41 -10.78
C SER N 168 27.47 53.84 -10.25
N LYS N 169 26.81 54.04 -9.10
CA LYS N 169 26.59 55.38 -8.59
C LYS N 169 27.86 55.97 -7.98
N ASP N 170 28.36 55.36 -6.92
CA ASP N 170 29.45 55.92 -6.14
C ASP N 170 30.68 55.02 -6.12
N SER N 171 30.66 53.93 -6.89
CA SER N 171 31.80 53.03 -7.10
C SER N 171 32.26 52.36 -5.82
N THR N 172 31.34 52.11 -4.91
CA THR N 172 31.66 51.61 -3.60
C THR N 172 31.42 50.10 -3.52
N TYR N 173 31.59 49.57 -2.32
CA TYR N 173 31.25 48.19 -2.03
C TYR N 173 30.44 48.14 -0.75
N SER N 174 29.86 46.98 -0.49
CA SER N 174 29.08 46.79 0.72
C SER N 174 29.21 45.36 1.20
N LEU N 175 29.81 45.18 2.37
CA LEU N 175 30.07 43.87 2.95
C LEU N 175 29.22 43.62 4.18
N SER N 176 28.99 42.35 4.45
CA SER N 176 28.45 41.90 5.72
C SER N 176 28.96 40.49 5.98
N SER N 177 29.38 40.26 7.22
CA SER N 177 29.70 38.92 7.69
C SER N 177 28.57 38.48 8.61
N THR N 178 28.12 37.24 8.43
CA THR N 178 26.95 36.72 9.13
C THR N 178 27.44 35.69 10.14
N LEU N 179 27.79 36.15 11.34
CA LEU N 179 28.30 35.26 12.37
C LEU N 179 27.16 34.43 12.90
N THR N 180 26.95 33.26 12.31
CA THR N 180 25.84 32.39 12.65
C THR N 180 26.25 31.44 13.76
N LEU N 181 25.65 31.60 14.92
CA LEU N 181 25.90 30.75 16.08
C LEU N 181 24.65 29.96 16.39
N SER N 182 24.78 29.04 17.34
CA SER N 182 23.62 28.42 17.94
C SER N 182 23.00 29.38 18.96
N LYS N 183 21.83 28.99 19.47
CA LYS N 183 21.22 29.78 20.53
C LYS N 183 22.00 29.67 21.83
N ALA N 184 22.59 28.51 22.09
CA ALA N 184 23.27 28.27 23.36
C ALA N 184 24.56 29.09 23.48
N ASP N 185 25.42 29.01 22.47
CA ASP N 185 26.66 29.78 22.47
C ASP N 185 26.41 31.28 22.37
N TYR N 186 25.28 31.68 21.79
CA TYR N 186 24.85 33.07 21.85
C TYR N 186 24.60 33.51 23.29
N GLU N 187 23.86 32.70 24.05
CA GLU N 187 23.53 33.06 25.42
C GLU N 187 24.72 32.98 26.35
N LYS N 188 25.80 32.33 25.95
CA LYS N 188 27.00 32.26 26.79
C LYS N 188 27.74 33.58 26.88
N HIS N 189 27.51 34.50 25.95
CA HIS N 189 28.33 35.69 25.86
C HIS N 189 27.46 36.90 25.56
N LYS N 190 28.02 38.08 25.81
CA LYS N 190 27.35 39.33 25.46
C LYS N 190 28.15 40.18 24.48
N VAL N 191 29.42 40.45 24.77
CA VAL N 191 30.22 41.41 24.01
C VAL N 191 30.49 40.83 22.63
N TYR N 192 29.82 41.35 21.62
CA TYR N 192 29.88 40.81 20.27
C TYR N 192 30.50 41.87 19.39
N ALA N 193 31.83 41.88 19.34
CA ALA N 193 32.59 42.90 18.64
C ALA N 193 32.95 42.44 17.23
N CYS N 194 32.85 43.38 16.30
CA CYS N 194 33.14 43.16 14.89
C CYS N 194 34.35 44.03 14.53
N GLU N 195 35.54 43.46 14.66
CA GLU N 195 36.74 44.20 14.32
C GLU N 195 36.87 44.30 12.81
N VAL N 196 36.83 45.53 12.31
CA VAL N 196 36.80 45.80 10.88
C VAL N 196 38.11 46.44 10.49
N THR N 197 38.92 45.72 9.73
CA THR N 197 40.19 46.22 9.24
C THR N 197 40.04 46.52 7.76
N HIS N 198 40.03 47.81 7.42
CA HIS N 198 39.89 48.25 6.04
C HIS N 198 40.79 49.46 5.84
N GLN N 199 41.17 49.70 4.58
CA GLN N 199 42.13 50.75 4.27
C GLN N 199 41.56 52.14 4.53
N GLY N 200 40.25 52.32 4.39
CA GLY N 200 39.63 53.59 4.74
C GLY N 200 39.61 53.86 6.23
N LEU N 201 39.76 52.83 7.05
CA LEU N 201 39.80 52.97 8.50
C LEU N 201 41.25 53.07 8.94
N SER N 202 41.58 54.12 9.69
CA SER N 202 42.93 54.25 10.22
C SER N 202 43.21 53.21 11.30
N SER N 203 42.21 52.87 12.09
CA SER N 203 42.30 51.85 13.12
C SER N 203 41.37 50.70 12.79
N PRO N 204 41.65 49.48 13.24
CA PRO N 204 40.67 48.41 13.09
C PRO N 204 39.48 48.63 14.01
N VAL N 205 38.37 49.05 13.43
CA VAL N 205 37.22 49.48 14.22
C VAL N 205 36.45 48.26 14.67
N THR N 206 36.31 48.11 15.98
CA THR N 206 35.55 47.02 16.58
C THR N 206 34.14 47.51 16.87
N LYS N 207 33.18 47.09 16.06
CA LYS N 207 31.79 47.46 16.25
C LYS N 207 31.16 46.40 17.15
N SER N 208 30.78 46.80 18.36
CA SER N 208 30.41 45.85 19.39
C SER N 208 29.01 46.15 19.92
N PHE N 209 28.41 45.12 20.51
CA PHE N 209 27.18 45.28 21.25
C PHE N 209 27.15 44.20 22.34
N ASN N 210 26.15 44.28 23.19
CA ASN N 210 25.93 43.29 24.23
C ASN N 210 24.67 42.51 23.97
N ARG N 211 24.62 41.29 24.50
CA ARG N 211 23.42 40.48 24.36
C ARG N 211 22.32 41.02 25.26
N GLY N 212 21.15 41.28 24.67
CA GLY N 212 20.07 41.90 25.41
C GLY N 212 20.25 43.37 25.67
N GLU N 213 21.08 44.05 24.88
CA GLU N 213 21.36 45.46 25.10
C GLU N 213 20.28 46.35 24.50
N CYS N 214 20.13 46.32 23.17
CA CYS N 214 19.18 47.18 22.48
C CYS N 214 17.76 46.65 22.56
N GLU O 1 31.29 6.54 -45.61
CA GLU O 1 30.27 7.52 -45.97
C GLU O 1 30.36 7.90 -47.43
N ILE O 2 30.08 6.96 -48.32
CA ILE O 2 29.97 7.23 -49.75
C ILE O 2 28.53 6.97 -50.14
N VAL O 3 27.87 8.00 -50.65
CA VAL O 3 26.46 7.91 -50.99
C VAL O 3 26.31 7.12 -52.29
N LEU O 4 25.56 6.03 -52.22
CA LEU O 4 25.26 5.20 -53.37
C LEU O 4 23.95 5.68 -53.98
N THR O 5 24.00 6.13 -55.23
CA THR O 5 22.82 6.65 -55.91
C THR O 5 22.28 5.59 -56.84
N GLN O 6 21.05 5.17 -56.58
CA GLN O 6 20.32 4.24 -57.44
C GLN O 6 19.38 5.07 -58.30
N SER O 7 19.79 5.32 -59.54
CA SER O 7 19.11 6.28 -60.41
C SER O 7 17.72 5.82 -60.84
N PRO O 8 17.43 4.54 -61.10
CA PRO O 8 16.02 4.14 -61.07
C PRO O 8 15.57 4.04 -59.63
N ALA O 9 14.66 4.92 -59.22
CA ALA O 9 14.10 4.84 -57.88
C ALA O 9 13.19 3.62 -57.77
N THR O 10 12.11 3.60 -58.55
CA THR O 10 11.30 2.41 -58.76
C THR O 10 11.16 2.21 -60.26
N LEU O 11 10.71 1.03 -60.66
CA LEU O 11 10.64 0.71 -62.07
C LEU O 11 9.59 -0.37 -62.25
N SER O 12 8.83 -0.27 -63.35
CA SER O 12 7.86 -1.28 -63.73
C SER O 12 8.22 -1.80 -65.11
N LEU O 13 8.30 -3.12 -65.24
CA LEU O 13 8.69 -3.69 -66.52
C LEU O 13 8.00 -5.04 -66.67
N SER O 14 7.74 -5.42 -67.91
CA SER O 14 6.99 -6.61 -68.21
C SER O 14 7.85 -7.85 -67.98
N PRO O 15 7.24 -9.03 -67.90
CA PRO O 15 8.04 -10.26 -68.06
C PRO O 15 8.62 -10.31 -69.45
N GLY O 16 9.93 -10.16 -69.58
CA GLY O 16 10.49 -9.91 -70.89
C GLY O 16 11.98 -9.65 -70.96
N GLU O 17 12.34 -8.54 -71.59
CA GLU O 17 13.72 -8.26 -71.98
C GLU O 17 14.58 -7.78 -70.81
N ARG O 18 15.75 -7.24 -71.16
CA ARG O 18 16.73 -6.80 -70.18
C ARG O 18 16.22 -5.64 -69.34
N ALA O 19 16.65 -5.62 -68.08
CA ALA O 19 16.20 -4.65 -67.07
C ALA O 19 17.39 -4.09 -66.32
N THR O 20 18.35 -3.56 -67.07
CA THR O 20 19.63 -3.10 -66.51
C THR O 20 19.42 -1.93 -65.54
N LEU O 21 19.99 -2.07 -64.36
CA LEU O 21 19.87 -1.08 -63.31
C LEU O 21 21.21 -0.36 -63.14
N SER O 22 21.28 0.55 -62.17
CA SER O 22 22.49 1.34 -61.97
C SER O 22 22.60 1.77 -60.53
N CYS O 23 23.75 1.52 -59.93
CA CYS O 23 24.13 2.10 -58.65
C CYS O 23 25.37 2.94 -58.89
N ARG O 24 25.18 4.25 -58.99
CA ARG O 24 26.29 5.17 -59.22
C ARG O 24 26.78 5.69 -57.88
N ALA O 25 28.07 5.51 -57.63
CA ALA O 25 28.67 5.85 -56.36
C ALA O 25 28.96 7.34 -56.28
N SER O 26 29.41 7.79 -55.11
CA SER O 26 29.90 9.15 -54.96
C SER O 26 31.40 9.25 -55.19
N GLN O 27 32.14 8.17 -55.07
CA GLN O 27 33.58 8.17 -55.30
C GLN O 27 33.96 7.05 -56.25
N ARG O 28 35.25 6.85 -56.46
CA ARG O 28 35.75 5.72 -57.23
C ARG O 28 36.01 4.60 -56.24
N ILE O 29 34.99 3.78 -55.99
CA ILE O 29 35.19 2.67 -55.07
C ILE O 29 35.94 1.54 -55.76
N SER O 30 35.99 1.55 -57.09
CA SER O 30 36.79 0.64 -57.93
C SER O 30 36.41 -0.82 -57.69
N ASN O 31 35.18 -1.13 -58.14
CA ASN O 31 34.66 -2.48 -58.30
C ASN O 31 34.44 -3.16 -56.95
N ASP O 32 33.90 -2.40 -56.00
CA ASP O 32 33.81 -2.85 -54.62
C ASP O 32 32.43 -2.62 -54.04
N LEU O 33 31.38 -3.01 -54.77
CA LEU O 33 30.06 -3.11 -54.17
C LEU O 33 29.42 -4.45 -54.51
N HIS O 34 28.18 -4.60 -54.06
CA HIS O 34 27.48 -5.86 -54.12
C HIS O 34 26.05 -5.58 -54.61
N TRP O 35 25.24 -6.63 -54.70
CA TRP O 35 23.88 -6.50 -55.20
C TRP O 35 22.95 -7.44 -54.46
N TYR O 36 21.74 -6.98 -54.18
CA TYR O 36 20.87 -7.65 -53.23
C TYR O 36 19.46 -7.79 -53.79
N GLN O 37 18.74 -8.78 -53.27
CA GLN O 37 17.47 -9.21 -53.81
C GLN O 37 16.48 -9.35 -52.65
N GLN O 38 16.28 -8.28 -51.89
CA GLN O 38 15.32 -8.33 -50.80
C GLN O 38 13.92 -8.45 -51.38
N LYS O 39 13.38 -9.66 -51.33
CA LYS O 39 12.00 -9.92 -51.68
C LYS O 39 11.10 -9.37 -50.56
N PRO O 40 9.83 -9.11 -50.86
CA PRO O 40 8.93 -8.58 -49.82
C PRO O 40 8.69 -9.59 -48.70
N GLY O 41 8.77 -9.09 -47.47
CA GLY O 41 8.67 -9.95 -46.30
C GLY O 41 9.84 -10.88 -46.11
N GLN O 42 10.98 -10.57 -46.71
CA GLN O 42 12.13 -11.47 -46.69
C GLN O 42 13.39 -10.73 -46.26
N ALA O 43 14.34 -11.50 -45.75
CA ALA O 43 15.69 -10.99 -45.61
C ALA O 43 16.29 -10.81 -47.00
N PRO O 44 17.20 -9.85 -47.17
CA PRO O 44 17.85 -9.66 -48.47
C PRO O 44 18.72 -10.83 -48.88
N ARG O 45 18.92 -10.95 -50.18
CA ARG O 45 19.67 -12.05 -50.75
C ARG O 45 20.73 -11.51 -51.69
N LEU O 46 21.99 -11.81 -51.38
CA LEU O 46 23.11 -11.29 -52.14
C LEU O 46 23.20 -11.93 -53.51
N LEU O 47 23.57 -11.11 -54.50
CA LEU O 47 23.56 -11.52 -55.91
C LEU O 47 24.94 -11.53 -56.53
N ILE O 48 25.78 -10.55 -56.20
CA ILE O 48 27.01 -10.27 -56.94
C ILE O 48 28.14 -10.00 -55.96
N LYS O 49 29.31 -10.61 -56.22
CA LYS O 49 30.49 -10.33 -55.43
C LYS O 49 31.01 -8.92 -55.64
N TYR O 50 31.56 -8.67 -56.83
CA TYR O 50 32.18 -7.36 -57.10
C TYR O 50 31.95 -7.06 -58.58
N ALA O 51 30.81 -6.44 -58.87
CA ALA O 51 30.30 -6.13 -60.21
C ALA O 51 30.23 -7.34 -61.14
N SER O 52 30.26 -8.55 -60.61
CA SER O 52 30.34 -9.80 -61.36
C SER O 52 30.18 -10.97 -60.39
N GLN O 53 30.24 -12.17 -60.95
CA GLN O 53 30.52 -13.43 -60.24
C GLN O 53 29.39 -13.87 -59.31
N SER O 54 28.15 -13.77 -59.80
CA SER O 54 27.17 -14.85 -59.81
C SER O 54 27.23 -15.83 -58.66
N ILE O 55 27.02 -15.36 -57.43
CA ILE O 55 27.31 -16.13 -56.22
C ILE O 55 26.43 -17.35 -56.03
N SER O 56 27.07 -18.53 -56.05
CA SER O 56 26.51 -19.80 -55.58
C SER O 56 25.24 -20.18 -56.35
N GLY O 57 25.37 -20.19 -57.67
CA GLY O 57 24.28 -20.62 -58.51
C GLY O 57 23.09 -19.70 -58.57
N ILE O 58 23.26 -18.42 -58.26
CA ILE O 58 22.16 -17.47 -58.51
C ILE O 58 22.00 -17.32 -60.03
N PRO O 59 20.82 -17.67 -60.59
CA PRO O 59 20.81 -18.58 -61.75
C PRO O 59 21.53 -18.19 -63.03
N SER O 60 21.04 -17.20 -63.77
CA SER O 60 21.59 -17.02 -65.11
C SER O 60 21.61 -15.59 -65.61
N ARG O 61 21.20 -14.61 -64.83
CA ARG O 61 20.74 -13.38 -65.44
C ARG O 61 21.18 -12.13 -64.68
N PHE O 62 22.16 -12.26 -63.81
CA PHE O 62 22.50 -11.18 -62.90
C PHE O 62 23.92 -10.70 -63.14
N SER O 63 24.28 -10.45 -64.39
CA SER O 63 25.59 -9.90 -64.69
C SER O 63 25.63 -8.41 -64.34
N GLY O 64 26.82 -7.95 -63.96
CA GLY O 64 27.02 -6.55 -63.64
C GLY O 64 28.15 -5.94 -64.45
N SER O 65 28.49 -4.69 -64.15
CA SER O 65 29.62 -4.04 -64.81
C SER O 65 30.22 -3.02 -63.87
N GLY O 66 31.53 -2.86 -63.96
CA GLY O 66 32.23 -2.02 -63.01
C GLY O 66 32.98 -0.84 -63.63
N SER O 67 34.12 -0.48 -63.04
CA SER O 67 35.13 0.40 -63.63
C SER O 67 34.65 1.80 -64.00
N GLY O 68 34.48 2.70 -63.03
CA GLY O 68 34.84 2.50 -61.63
C GLY O 68 33.98 3.25 -60.64
N THR O 69 32.94 3.89 -61.13
CA THR O 69 31.90 4.47 -60.29
C THR O 69 30.51 4.08 -60.75
N ASP O 70 30.26 4.05 -62.06
CA ASP O 70 28.97 3.69 -62.62
C ASP O 70 28.81 2.19 -62.58
N PHE O 71 28.17 1.69 -61.55
CA PHE O 71 28.07 0.25 -61.30
C PHE O 71 26.66 -0.21 -61.58
N THR O 72 26.54 -1.17 -62.48
CA THR O 72 25.26 -1.57 -63.03
C THR O 72 24.89 -2.98 -62.59
N LEU O 73 23.60 -3.25 -62.67
CA LEU O 73 23.06 -4.60 -62.51
C LEU O 73 22.14 -4.88 -63.69
N THR O 74 22.56 -5.78 -64.57
CA THR O 74 21.75 -6.18 -65.70
C THR O 74 20.84 -7.32 -65.29
N ILE O 75 19.58 -7.26 -65.71
CA ILE O 75 18.70 -8.40 -65.53
C ILE O 75 18.38 -8.93 -66.92
N SER O 76 19.22 -9.84 -67.42
CA SER O 76 19.20 -10.15 -68.85
C SER O 76 18.04 -11.05 -69.25
N SER O 77 17.50 -11.82 -68.31
CA SER O 77 16.57 -12.91 -68.62
C SER O 77 15.36 -12.79 -67.68
N LEU O 78 14.71 -11.63 -67.72
CA LEU O 78 14.05 -10.91 -66.62
C LEU O 78 13.47 -11.75 -65.50
N GLU O 79 12.73 -12.84 -65.83
CA GLU O 79 12.25 -13.85 -64.89
C GLU O 79 11.36 -13.23 -63.82
N PRO O 80 10.09 -12.97 -64.14
CA PRO O 80 9.26 -12.03 -63.34
C PRO O 80 9.03 -12.39 -61.88
N GLU O 81 9.53 -13.52 -61.38
CA GLU O 81 9.63 -13.73 -59.94
C GLU O 81 10.67 -12.83 -59.30
N ASP O 82 11.56 -12.22 -60.08
CA ASP O 82 12.65 -11.41 -59.56
C ASP O 82 12.24 -10.01 -59.18
N PHE O 83 10.94 -9.70 -59.23
CA PHE O 83 10.47 -8.37 -58.88
C PHE O 83 10.61 -8.19 -57.38
N ALA O 84 11.70 -7.52 -56.99
CA ALA O 84 12.02 -7.34 -55.59
C ALA O 84 12.78 -6.03 -55.42
N VAL O 85 12.84 -5.56 -54.18
CA VAL O 85 13.46 -4.28 -53.87
C VAL O 85 14.96 -4.52 -53.87
N TYR O 86 15.64 -4.06 -54.92
CA TYR O 86 17.05 -4.37 -55.00
C TYR O 86 17.87 -3.33 -54.25
N TYR O 87 19.08 -3.75 -53.87
CA TYR O 87 19.98 -2.87 -53.14
C TYR O 87 21.41 -3.10 -53.59
N CYS O 88 22.14 -2.01 -53.74
CA CYS O 88 23.58 -2.04 -53.89
C CYS O 88 24.21 -1.65 -52.56
N GLN O 89 25.39 -2.17 -52.29
CA GLN O 89 26.08 -1.88 -51.03
C GLN O 89 27.57 -1.92 -51.25
N GLN O 90 28.25 -0.81 -50.96
CA GLN O 90 29.69 -0.74 -51.02
C GLN O 90 30.34 -1.64 -49.97
N SER O 91 31.62 -1.94 -50.21
CA SER O 91 32.40 -2.72 -49.27
C SER O 91 33.56 -1.92 -48.70
N ASN O 92 34.43 -1.39 -49.54
CA ASN O 92 35.75 -0.94 -49.10
C ASN O 92 35.77 0.56 -48.88
N SER O 93 34.96 0.98 -47.91
CA SER O 93 35.01 2.27 -47.24
C SER O 93 34.09 2.20 -46.03
N TRP O 94 34.41 2.91 -45.07
CA TRP O 94 33.59 2.93 -43.87
C TRP O 94 32.74 4.19 -43.81
N PRO O 95 31.56 4.15 -43.19
CA PRO O 95 30.85 2.92 -42.86
C PRO O 95 29.80 2.48 -43.89
N ARG O 96 30.14 1.46 -44.67
CA ARG O 96 29.26 0.45 -45.28
C ARG O 96 27.87 0.90 -45.73
N THR O 97 27.79 1.90 -46.58
CA THR O 97 26.50 2.41 -47.00
C THR O 97 25.81 1.46 -47.96
N PHE O 98 24.49 1.48 -47.90
CA PHE O 98 23.65 0.72 -48.82
C PHE O 98 23.14 1.62 -49.92
N GLY O 99 22.29 1.06 -50.76
CA GLY O 99 21.57 1.83 -51.75
C GLY O 99 20.30 2.41 -51.17
N GLY O 100 19.28 2.55 -52.02
CA GLY O 100 18.03 3.10 -51.56
C GLY O 100 16.84 2.19 -51.83
N GLY O 101 16.97 1.31 -52.81
CA GLY O 101 15.79 0.55 -53.20
C GLY O 101 15.56 0.82 -54.67
N THR O 102 15.42 -0.26 -55.43
CA THR O 102 15.30 -0.20 -56.88
C THR O 102 14.16 -1.14 -57.27
N LYS O 103 12.99 -0.88 -56.71
CA LYS O 103 11.79 -1.71 -56.85
C LYS O 103 11.44 -1.98 -58.31
N LEU O 104 11.53 -3.25 -58.69
CA LEU O 104 11.08 -3.69 -60.00
C LEU O 104 9.63 -4.13 -59.88
N GLU O 105 8.79 -3.59 -60.76
CA GLU O 105 7.38 -3.88 -60.75
C GLU O 105 6.95 -4.45 -62.09
N ILE O 106 5.70 -4.89 -62.15
CA ILE O 106 5.15 -5.44 -63.36
C ILE O 106 4.65 -4.29 -64.22
N LYS O 107 4.96 -4.32 -65.50
CA LYS O 107 4.38 -3.33 -66.40
C LYS O 107 2.94 -3.69 -66.68
N ARG O 108 1.26 -5.59 -68.58
CA ARG O 108 -0.13 -5.20 -68.68
C ARG O 108 -0.31 -3.70 -68.93
N THR O 109 -1.53 -3.22 -68.73
CA THR O 109 -1.92 -1.88 -69.13
C THR O 109 -2.46 -1.09 -67.95
N VAL O 110 -2.74 0.19 -68.22
CA VAL O 110 -3.37 1.08 -67.25
C VAL O 110 -4.83 0.69 -67.10
N ALA O 111 -5.24 0.40 -65.86
CA ALA O 111 -6.59 -0.03 -65.57
C ALA O 111 -7.27 0.97 -64.64
N ALA O 112 -8.58 1.10 -64.79
CA ALA O 112 -9.35 2.00 -63.94
C ALA O 112 -9.67 1.33 -62.62
N PRO O 113 -9.66 2.08 -61.52
CA PRO O 113 -10.07 1.50 -60.24
C PRO O 113 -11.59 1.38 -60.15
N SER O 114 -12.04 0.19 -59.76
CA SER O 114 -13.42 0.00 -59.37
C SER O 114 -13.59 0.61 -57.99
N VAL O 115 -14.24 1.77 -57.93
CA VAL O 115 -14.24 2.62 -56.74
C VAL O 115 -15.44 2.29 -55.89
N PHE O 116 -15.22 2.05 -54.60
CA PHE O 116 -16.29 1.69 -53.69
C PHE O 116 -16.14 2.47 -52.39
N ILE O 117 -17.05 3.39 -52.15
CA ILE O 117 -17.03 4.16 -50.92
C ILE O 117 -17.89 3.43 -49.90
N PHE O 118 -17.55 3.60 -48.63
CA PHE O 118 -18.30 2.99 -47.57
C PHE O 118 -18.59 4.02 -46.48
N PRO O 119 -19.85 4.17 -46.10
CA PRO O 119 -20.20 4.93 -44.90
C PRO O 119 -19.55 4.35 -43.65
N PRO O 120 -19.29 5.19 -42.65
CA PRO O 120 -18.99 4.66 -41.33
C PRO O 120 -20.19 3.92 -40.79
N SER O 121 -19.93 2.81 -40.09
CA SER O 121 -21.00 1.98 -39.59
C SER O 121 -21.75 2.67 -38.48
N ASP O 122 -22.99 2.23 -38.26
CA ASP O 122 -23.75 2.65 -37.10
C ASP O 122 -23.09 2.17 -35.81
N GLU O 123 -22.41 1.02 -35.88
CA GLU O 123 -21.53 0.57 -34.81
C GLU O 123 -20.43 1.59 -34.53
N GLN O 124 -19.87 2.20 -35.58
CA GLN O 124 -18.89 3.25 -35.35
C GLN O 124 -19.56 4.53 -34.88
N LEU O 125 -20.80 4.75 -35.32
CA LEU O 125 -21.61 5.83 -34.74
C LEU O 125 -22.03 5.51 -33.32
N LYS O 126 -22.02 4.23 -32.94
CA LYS O 126 -22.12 3.82 -31.55
C LYS O 126 -20.77 3.78 -30.86
N SER O 127 -19.73 4.35 -31.48
CA SER O 127 -18.44 4.51 -30.84
C SER O 127 -18.03 5.96 -30.67
N GLY O 128 -18.63 6.89 -31.41
CA GLY O 128 -18.29 8.29 -31.33
C GLY O 128 -17.30 8.75 -32.38
N THR O 129 -16.94 7.90 -33.32
CA THR O 129 -16.08 8.26 -34.44
C THR O 129 -16.78 7.95 -35.75
N ALA O 130 -16.10 8.25 -36.85
CA ALA O 130 -16.66 8.02 -38.18
C ALA O 130 -15.51 7.96 -39.17
N SER O 131 -15.31 6.80 -39.78
CA SER O 131 -14.24 6.59 -40.75
C SER O 131 -14.85 6.23 -42.09
N VAL O 132 -14.67 7.10 -43.06
CA VAL O 132 -15.23 6.89 -44.40
C VAL O 132 -14.17 6.22 -45.24
N VAL O 133 -14.47 5.04 -45.76
CA VAL O 133 -13.52 4.25 -46.53
C VAL O 133 -13.98 4.21 -47.98
N CYS O 134 -13.14 4.72 -48.87
CA CYS O 134 -13.39 4.74 -50.30
C CYS O 134 -12.39 3.83 -50.99
N LEU O 135 -12.87 2.73 -51.58
CA LEU O 135 -11.97 1.80 -52.23
C LEU O 135 -11.50 2.33 -53.57
N LEU O 136 -10.31 1.89 -53.94
CA LEU O 136 -9.86 1.88 -55.33
C LEU O 136 -9.36 0.45 -55.50
N ASN O 137 -9.89 -0.26 -56.48
CA ASN O 137 -9.62 -1.68 -56.58
C ASN O 137 -9.32 -2.05 -58.02
N ASN O 138 -8.28 -2.86 -58.20
CA ASN O 138 -7.94 -3.54 -59.45
C ASN O 138 -7.65 -2.53 -60.57
N PHE O 139 -6.56 -1.79 -60.34
CA PHE O 139 -6.15 -0.71 -61.21
C PHE O 139 -4.64 -0.77 -61.40
N TYR O 140 -4.16 0.10 -62.28
CA TYR O 140 -2.74 0.21 -62.57
C TYR O 140 -2.47 1.57 -63.18
N PRO O 141 -1.41 2.27 -62.76
CA PRO O 141 -0.45 1.97 -61.71
C PRO O 141 -0.89 2.48 -60.36
N ARG O 142 0.08 2.66 -59.45
CA ARG O 142 -0.19 3.23 -58.13
C ARG O 142 -0.55 4.70 -58.18
N GLU O 143 -0.36 5.36 -59.33
CA GLU O 143 -0.48 6.81 -59.44
C GLU O 143 -1.95 7.20 -59.36
N ALA O 144 -2.40 7.52 -58.16
CA ALA O 144 -3.81 7.81 -57.93
C ALA O 144 -3.94 8.96 -56.94
N LYS O 145 -5.07 9.64 -57.01
CA LYS O 145 -5.39 10.73 -56.10
C LYS O 145 -6.78 10.51 -55.53
N VAL O 146 -6.88 10.53 -54.21
CA VAL O 146 -8.17 10.48 -53.52
C VAL O 146 -8.42 11.85 -52.93
N GLN O 147 -9.54 12.46 -53.30
CA GLN O 147 -9.92 13.76 -52.79
C GLN O 147 -11.27 13.65 -52.10
N TRP O 148 -11.31 14.04 -50.84
CA TRP O 148 -12.49 13.92 -50.02
C TRP O 148 -13.32 15.19 -50.10
N LYS O 149 -14.62 15.02 -50.31
CA LYS O 149 -15.54 16.14 -50.36
C LYS O 149 -16.68 15.89 -49.38
N VAL O 150 -16.81 16.77 -48.41
CA VAL O 150 -17.69 16.61 -47.26
C VAL O 150 -18.72 17.72 -47.36
N ASP O 151 -19.90 17.39 -47.89
CA ASP O 151 -20.80 18.33 -48.58
C ASP O 151 -20.00 19.22 -49.53
N ASN O 152 -19.23 18.55 -50.41
CA ASN O 152 -18.38 19.18 -51.42
C ASN O 152 -17.34 20.12 -50.82
N ALA O 153 -16.65 19.67 -49.76
CA ALA O 153 -15.58 20.43 -49.15
C ALA O 153 -14.30 19.61 -49.19
N LEU O 154 -13.30 20.12 -49.90
CA LEU O 154 -12.02 19.43 -50.05
C LEU O 154 -11.28 19.41 -48.71
N GLN O 155 -11.30 18.26 -48.06
CA GLN O 155 -10.67 18.12 -46.76
C GLN O 155 -9.42 17.25 -46.85
N SER O 156 -8.62 17.32 -45.79
CA SER O 156 -7.36 16.58 -45.70
C SER O 156 -6.98 16.48 -44.24
N GLY O 157 -6.03 15.59 -43.95
CA GLY O 157 -5.58 15.39 -42.59
C GLY O 157 -6.45 14.47 -41.75
N ASN O 158 -7.63 14.10 -42.24
CA ASN O 158 -8.50 13.17 -41.57
C ASN O 158 -8.50 11.81 -42.24
N SER O 159 -7.63 11.61 -43.22
CA SER O 159 -7.66 10.42 -44.06
C SER O 159 -6.33 9.70 -44.00
N GLN O 160 -6.39 8.39 -43.82
CA GLN O 160 -5.23 7.53 -43.91
C GLN O 160 -5.42 6.56 -45.07
N GLU O 161 -4.33 6.31 -45.80
CA GLU O 161 -4.39 5.56 -47.03
C GLU O 161 -3.58 4.27 -46.90
N SER O 162 -3.89 3.31 -47.77
CA SER O 162 -3.29 1.98 -47.69
C SER O 162 -3.15 1.40 -49.09
N VAL O 163 -1.91 1.06 -49.46
CA VAL O 163 -1.57 0.61 -50.80
C VAL O 163 -1.32 -0.90 -50.75
N THR O 164 -1.95 -1.64 -51.65
CA THR O 164 -1.55 -3.03 -51.79
C THR O 164 -0.26 -3.13 -52.61
N GLU O 165 0.43 -4.24 -52.41
CA GLU O 165 1.50 -4.60 -53.32
C GLU O 165 0.90 -5.10 -54.63
N GLN O 166 1.74 -5.21 -55.65
CA GLN O 166 1.24 -5.56 -56.96
C GLN O 166 0.96 -7.06 -57.00
N ASP O 167 -0.23 -7.40 -57.49
CA ASP O 167 -0.72 -8.76 -57.38
C ASP O 167 0.05 -9.69 -58.32
N SER O 168 0.21 -10.94 -57.88
CA SER O 168 0.78 -11.93 -58.78
C SER O 168 -0.22 -12.32 -59.85
N LYS O 169 -1.51 -12.23 -59.55
CA LYS O 169 -2.54 -12.71 -60.45
C LYS O 169 -2.73 -11.78 -61.64
N ASP O 170 -3.18 -10.55 -61.38
CA ASP O 170 -3.58 -9.62 -62.43
C ASP O 170 -2.74 -8.36 -62.43
N SER O 171 -1.70 -8.28 -61.59
CA SER O 171 -0.70 -7.22 -61.57
C SER O 171 -1.31 -5.86 -61.23
N THR O 172 -2.36 -5.88 -60.41
CA THR O 172 -3.11 -4.68 -60.12
C THR O 172 -2.71 -4.11 -58.76
N TYR O 173 -3.43 -3.08 -58.35
CA TYR O 173 -3.28 -2.50 -57.02
C TYR O 173 -4.66 -2.32 -56.41
N SER O 174 -4.67 -2.03 -55.12
CA SER O 174 -5.93 -1.81 -54.42
C SER O 174 -5.72 -0.79 -53.32
N LEU O 175 -6.36 0.37 -53.45
CA LEU O 175 -6.24 1.47 -52.53
C LEU O 175 -7.51 1.69 -51.74
N SER O 176 -7.35 2.27 -50.56
CA SER O 176 -8.45 2.82 -49.79
C SER O 176 -7.93 3.97 -48.94
N SER O 177 -8.68 5.06 -48.92
CA SER O 177 -8.43 6.16 -48.02
C SER O 177 -9.48 6.11 -46.92
N THR O 178 -9.05 6.28 -45.68
CA THR O 178 -9.92 6.10 -44.52
C THR O 178 -10.16 7.48 -43.91
N LEU O 179 -11.18 8.17 -44.41
CA LEU O 179 -11.48 9.52 -43.93
C LEU O 179 -12.08 9.42 -42.54
N THR O 180 -11.23 9.49 -41.53
CA THR O 180 -11.64 9.31 -40.15
C THR O 180 -12.03 10.66 -39.55
N LEU O 181 -13.30 10.82 -39.25
CA LEU O 181 -13.82 12.04 -38.64
C LEU O 181 -14.31 11.72 -37.24
N SER O 182 -14.68 12.76 -36.52
CA SER O 182 -15.43 12.59 -35.29
C SER O 182 -16.89 12.29 -35.62
N LYS O 183 -17.65 11.95 -34.58
CA LYS O 183 -19.09 11.76 -34.77
C LYS O 183 -19.80 13.08 -35.06
N ALA O 184 -19.31 14.17 -34.46
CA ALA O 184 -19.99 15.46 -34.58
C ALA O 184 -19.86 16.03 -35.99
N ASP O 185 -18.64 16.08 -36.52
CA ASP O 185 -18.41 16.58 -37.88
C ASP O 185 -19.01 15.67 -38.94
N TYR O 186 -19.16 14.37 -38.62
CA TYR O 186 -19.91 13.46 -39.47
C TYR O 186 -21.36 13.90 -39.58
N GLU O 187 -21.99 14.20 -38.43
CA GLU O 187 -23.41 14.56 -38.43
C GLU O 187 -23.66 15.95 -39.02
N LYS O 188 -22.62 16.77 -39.18
CA LYS O 188 -22.79 18.08 -39.76
C LYS O 188 -23.06 18.04 -41.26
N HIS O 189 -22.73 16.93 -41.92
CA HIS O 189 -22.77 16.89 -43.37
C HIS O 189 -23.35 15.56 -43.84
N LYS O 190 -23.76 15.54 -45.11
CA LYS O 190 -24.24 14.31 -45.72
C LYS O 190 -23.42 13.92 -46.95
N VAL O 191 -23.23 14.83 -47.90
CA VAL O 191 -22.64 14.50 -49.20
C VAL O 191 -21.16 14.19 -48.99
N TYR O 192 -20.80 12.92 -49.07
CA TYR O 192 -19.45 12.45 -48.77
C TYR O 192 -18.87 11.90 -50.05
N ALA O 193 -18.28 12.79 -50.85
CA ALA O 193 -17.78 12.44 -52.16
C ALA O 193 -16.29 12.10 -52.12
N CYS O 194 -15.92 11.09 -52.87
CA CYS O 194 -14.55 10.60 -52.97
C CYS O 194 -14.08 10.83 -54.40
N GLU O 195 -13.48 11.97 -54.65
CA GLU O 195 -12.97 12.28 -55.98
C GLU O 195 -11.71 11.47 -56.24
N VAL O 196 -11.79 10.58 -57.23
CA VAL O 196 -10.72 9.64 -57.52
C VAL O 196 -10.10 10.03 -58.84
N THR O 197 -8.85 10.49 -58.80
CA THR O 197 -8.11 10.86 -60.00
C THR O 197 -7.07 9.80 -60.26
N HIS O 198 -7.28 8.99 -61.30
CA HIS O 198 -6.37 7.92 -61.66
C HIS O 198 -6.29 7.87 -63.18
N GLN O 199 -5.19 7.30 -63.69
CA GLN O 199 -4.92 7.30 -65.12
C GLN O 199 -5.91 6.43 -65.88
N GLY O 200 -6.41 5.37 -65.25
CA GLY O 200 -7.43 4.54 -65.87
C GLY O 200 -8.77 5.23 -65.97
N LEU O 201 -9.00 6.27 -65.19
CA LEU O 201 -10.23 7.04 -65.22
C LEU O 201 -10.02 8.25 -66.13
N SER O 202 -10.92 8.42 -67.10
CA SER O 202 -10.84 9.57 -67.99
C SER O 202 -11.22 10.85 -67.25
N SER O 203 -12.16 10.77 -66.32
CA SER O 203 -12.58 11.88 -65.49
C SER O 203 -12.26 11.57 -64.04
N PRO O 204 -12.04 12.59 -63.21
CA PRO O 204 -11.92 12.33 -61.77
C PRO O 204 -13.26 11.93 -61.17
N VAL O 205 -13.41 10.64 -60.90
CA VAL O 205 -14.70 10.09 -60.49
C VAL O 205 -14.94 10.38 -59.03
N THR O 206 -16.01 11.09 -58.73
CA THR O 206 -16.41 11.40 -57.37
C THR O 206 -17.43 10.38 -56.91
N LYS O 207 -16.99 9.45 -56.06
CA LYS O 207 -17.87 8.45 -55.51
C LYS O 207 -18.48 9.00 -54.22
N SER O 208 -19.78 9.24 -54.24
CA SER O 208 -20.43 9.99 -53.18
C SER O 208 -21.56 9.20 -52.56
N PHE O 209 -21.90 9.58 -51.33
CA PHE O 209 -23.10 9.09 -50.67
C PHE O 209 -23.59 10.16 -49.73
N ASN O 210 -24.74 9.92 -49.12
CA ASN O 210 -25.32 10.82 -48.14
C ASN O 210 -25.33 10.15 -46.77
N ARG O 211 -25.32 10.98 -45.73
CA ARG O 211 -25.40 10.45 -44.37
C ARG O 211 -26.81 9.95 -44.10
N GLY O 212 -26.91 8.71 -43.64
CA GLY O 212 -28.20 8.09 -43.45
C GLY O 212 -28.90 7.68 -44.72
N GLU O 213 -28.15 7.49 -45.81
CA GLU O 213 -28.77 7.15 -47.08
C GLU O 213 -29.05 5.65 -47.20
N CYS O 214 -28.02 4.83 -47.17
CA CYS O 214 -28.16 3.39 -47.36
C CYS O 214 -28.62 2.71 -46.07
N GLU P 1 -33.47 -19.79 39.96
CA GLU P 1 -32.28 -19.74 40.80
C GLU P 1 -32.45 -20.54 42.08
N ILE P 2 -32.58 -21.85 41.95
CA ILE P 2 -32.59 -22.76 43.09
C ILE P 2 -31.34 -23.62 42.99
N VAL P 3 -30.50 -23.54 44.01
CA VAL P 3 -29.23 -24.25 43.99
C VAL P 3 -29.48 -25.72 44.27
N LEU P 4 -29.07 -26.57 43.33
CA LEU P 4 -29.17 -28.02 43.47
C LEU P 4 -27.88 -28.54 44.07
N THR P 5 -27.96 -29.15 45.23
CA THR P 5 -26.80 -29.66 45.93
C THR P 5 -26.70 -31.16 45.72
N GLN P 6 -25.61 -31.59 45.08
CA GLN P 6 -25.30 -33.00 44.88
C GLN P 6 -24.30 -33.38 45.96
N SER P 7 -24.78 -34.02 47.02
CA SER P 7 -23.98 -34.24 48.23
C SER P 7 -22.84 -35.24 48.00
N PRO P 8 -22.98 -36.31 47.22
CA PRO P 8 -21.74 -36.95 46.73
C PRO P 8 -21.14 -36.09 45.62
N ALA P 9 -19.98 -35.50 45.90
CA ALA P 9 -19.29 -34.75 44.86
C ALA P 9 -18.75 -35.68 43.79
N THR P 10 -17.84 -36.57 44.16
CA THR P 10 -17.43 -37.70 43.34
C THR P 10 -17.56 -38.95 44.19
N LEU P 11 -17.52 -40.10 43.53
CA LEU P 11 -17.73 -41.35 44.23
C LEU P 11 -17.06 -42.47 43.44
N SER P 12 -16.46 -43.42 44.16
CA SER P 12 -15.87 -44.59 43.55
C SER P 12 -16.55 -45.82 44.14
N LEU P 13 -17.02 -46.72 43.28
CA LEU P 13 -17.73 -47.89 43.77
C LEU P 13 -17.47 -49.03 42.79
N SER P 14 -17.50 -50.25 43.32
CA SER P 14 -17.16 -51.43 42.56
C SER P 14 -18.29 -51.78 41.60
N PRO P 15 -18.04 -52.64 40.61
CA PRO P 15 -19.17 -53.28 39.92
C PRO P 15 -19.92 -54.17 40.88
N GLY P 16 -21.15 -53.79 41.24
CA GLY P 16 -21.78 -54.43 42.36
C GLY P 16 -23.14 -53.88 42.78
N GLU P 17 -23.25 -53.54 44.06
CA GLU P 17 -24.52 -53.26 44.69
C GLU P 17 -25.05 -51.87 44.38
N ARG P 18 -26.06 -51.44 45.15
CA ARG P 18 -26.74 -50.17 44.93
C ARG P 18 -25.81 -48.99 45.15
N ALA P 19 -26.04 -47.93 44.38
CA ALA P 19 -25.20 -46.74 44.35
C ALA P 19 -26.07 -45.49 44.40
N THR P 20 -26.94 -45.42 45.40
CA THR P 20 -27.94 -44.37 45.53
C THR P 20 -27.29 -42.99 45.70
N LEU P 21 -27.70 -42.05 44.87
CA LEU P 21 -27.17 -40.70 44.89
C LEU P 21 -28.22 -39.75 45.46
N SER P 22 -27.89 -38.46 45.48
CA SER P 22 -28.79 -37.48 46.08
C SER P 22 -28.57 -36.12 45.43
N CYS P 23 -29.67 -35.51 44.98
CA CYS P 23 -29.69 -34.11 44.60
C CYS P 23 -30.65 -33.40 45.53
N ARG P 24 -30.13 -32.71 46.53
CA ARG P 24 -30.96 -31.99 47.48
C ARG P 24 -31.10 -30.55 47.03
N ALA P 25 -32.33 -30.11 46.89
CA ALA P 25 -32.62 -28.80 46.35
C ALA P 25 -32.48 -27.74 47.43
N SER P 26 -32.62 -26.48 47.02
CA SER P 26 -32.68 -25.38 47.98
C SER P 26 -34.11 -25.05 48.40
N GLN P 27 -35.10 -25.42 47.60
CA GLN P 27 -36.50 -25.17 47.95
C GLN P 27 -37.30 -26.45 47.81
N ARG P 28 -38.61 -26.35 47.96
CA ARG P 28 -39.51 -27.48 47.71
C ARG P 28 -39.95 -27.38 46.26
N ILE P 29 -39.17 -28.00 45.37
CA ILE P 29 -39.54 -27.95 43.96
C ILE P 29 -40.67 -28.95 43.69
N SER P 30 -40.89 -29.90 44.60
CA SER P 30 -42.02 -30.84 44.59
C SER P 30 -42.05 -31.68 43.32
N ASN P 31 -41.03 -32.55 43.25
CA ASN P 31 -40.94 -33.66 42.30
C ASN P 31 -40.74 -33.16 40.87
N ASP P 32 -39.89 -32.15 40.72
CA ASP P 32 -39.74 -31.45 39.45
C ASP P 32 -38.28 -31.29 39.06
N LEU P 33 -37.50 -32.37 39.14
CA LEU P 33 -36.19 -32.37 38.50
C LEU P 33 -36.01 -33.63 37.68
N HIS P 34 -34.81 -33.75 37.12
CA HIS P 34 -34.50 -34.79 36.14
C HIS P 34 -33.14 -35.39 36.51
N TRP P 35 -32.67 -36.33 35.69
CA TRP P 35 -31.41 -37.00 35.97
C TRP P 35 -30.70 -37.32 34.66
N TYR P 36 -29.38 -37.18 34.67
CA TYR P 36 -28.61 -37.16 33.44
C TYR P 36 -27.39 -38.06 33.55
N GLN P 37 -26.92 -38.49 32.38
CA GLN P 37 -25.89 -39.52 32.27
C GLN P 37 -24.84 -39.06 31.27
N GLN P 38 -24.26 -37.89 31.52
CA GLN P 38 -23.20 -37.41 30.63
C GLN P 38 -21.98 -38.31 30.76
N LYS P 39 -21.81 -39.18 29.77
CA LYS P 39 -20.62 -39.98 29.65
C LYS P 39 -19.46 -39.10 29.19
N PRO P 40 -18.21 -39.52 29.44
CA PRO P 40 -17.08 -38.69 29.01
C PRO P 40 -16.98 -38.57 27.50
N GLY P 41 -16.75 -37.34 27.04
CA GLY P 41 -16.73 -37.05 25.62
C GLY P 41 -18.08 -37.15 24.95
N GLN P 42 -19.17 -37.06 25.71
CA GLN P 42 -20.50 -37.27 25.20
C GLN P 42 -21.43 -36.15 25.59
N ALA P 43 -22.49 -35.97 24.80
CA ALA P 43 -23.61 -35.17 25.25
C ALA P 43 -24.32 -35.90 26.38
N PRO P 44 -24.93 -35.16 27.31
CA PRO P 44 -25.67 -35.81 28.40
C PRO P 44 -26.88 -36.57 27.93
N ARG P 45 -27.28 -37.54 28.73
CA ARG P 45 -28.38 -38.44 28.41
C ARG P 45 -29.36 -38.47 29.56
N LEU P 46 -30.59 -38.07 29.28
CA LEU P 46 -31.62 -37.97 30.31
C LEU P 46 -32.07 -39.34 30.79
N LEU P 47 -32.33 -39.46 32.08
CA LEU P 47 -32.63 -40.72 32.73
C LEU P 47 -34.02 -40.80 33.32
N ILE P 48 -34.50 -39.70 33.91
CA ILE P 48 -35.69 -39.71 34.76
C ILE P 48 -36.56 -38.50 34.43
N LYS P 49 -37.87 -38.73 34.31
CA LYS P 49 -38.80 -37.64 34.12
C LYS P 49 -38.93 -36.78 35.36
N TYR P 50 -39.55 -37.32 36.41
CA TYR P 50 -39.80 -36.54 37.63
C TYR P 50 -39.70 -37.50 38.80
N ALA P 51 -38.47 -37.64 39.32
CA ALA P 51 -38.09 -38.57 40.38
C ALA P 51 -38.49 -40.03 40.12
N SER P 52 -38.79 -40.38 38.87
CA SER P 52 -39.30 -41.69 38.47
C SER P 52 -39.36 -41.75 36.95
N GLN P 53 -39.83 -42.88 36.45
CA GLN P 53 -40.35 -43.06 35.08
C GLN P 53 -39.28 -43.00 34.01
N SER P 54 -38.14 -43.65 34.26
CA SER P 54 -37.51 -44.61 33.36
C SER P 54 -37.70 -44.35 31.86
N ILE P 55 -37.19 -43.23 31.36
CA ILE P 55 -37.53 -42.74 30.03
C ILE P 55 -37.01 -43.62 28.90
N SER P 56 -37.95 -44.17 28.12
CA SER P 56 -37.72 -44.79 26.81
C SER P 56 -36.72 -45.94 26.89
N GLY P 57 -37.02 -46.88 27.78
CA GLY P 57 -36.22 -48.08 27.91
C GLY P 57 -34.84 -47.89 28.48
N ILE P 58 -34.60 -46.82 29.23
CA ILE P 58 -33.33 -46.73 29.96
C ILE P 58 -33.33 -47.78 31.07
N PRO P 59 -32.39 -48.75 31.05
CA PRO P 59 -32.79 -50.17 31.15
C PRO P 59 -33.54 -50.65 32.39
N SER P 60 -32.90 -50.71 33.54
CA SER P 60 -33.55 -51.42 34.63
C SER P 60 -33.23 -50.89 36.02
N ARG P 61 -32.45 -49.84 36.17
CA ARG P 61 -31.75 -49.65 37.43
C ARG P 61 -31.72 -48.20 37.89
N PHE P 62 -32.57 -47.36 37.33
CA PHE P 62 -32.47 -45.92 37.54
C PHE P 62 -33.72 -45.40 38.22
N SER P 63 -34.14 -46.04 39.29
CA SER P 63 -35.28 -45.55 40.05
C SER P 63 -34.86 -44.35 40.91
N GLY P 64 -35.81 -43.44 41.13
CA GLY P 64 -35.55 -42.29 41.98
C GLY P 64 -36.56 -42.17 43.09
N SER P 65 -36.50 -41.08 43.85
CA SER P 65 -37.47 -40.84 44.91
C SER P 65 -37.63 -39.34 45.10
N GLY P 66 -38.84 -38.93 45.43
CA GLY P 66 -39.14 -37.51 45.50
C GLY P 66 -39.59 -37.02 46.86
N SER P 67 -40.50 -36.03 46.86
CA SER P 67 -41.29 -35.62 48.03
C SER P 67 -40.49 -35.16 49.25
N GLY P 68 -39.94 -33.94 49.24
CA GLY P 68 -40.16 -32.95 48.20
C GLY P 68 -39.00 -32.01 47.97
N THR P 69 -37.89 -32.27 48.65
CA THR P 69 -36.62 -31.60 48.38
C THR P 69 -35.46 -32.57 48.23
N ASP P 70 -35.43 -33.62 49.06
CA ASP P 70 -34.37 -34.61 49.02
C ASP P 70 -34.64 -35.58 47.87
N PHE P 71 -34.04 -35.31 46.72
CA PHE P 71 -34.33 -36.04 45.51
C PHE P 71 -33.15 -36.95 45.18
N THR P 72 -33.43 -38.24 45.07
CA THR P 72 -32.38 -39.25 45.00
C THR P 72 -32.38 -39.91 43.63
N LEU P 73 -31.23 -40.52 43.31
CA LEU P 73 -31.09 -41.40 42.16
C LEU P 73 -30.45 -42.69 42.64
N THR P 74 -31.22 -43.77 42.62
CA THR P 74 -30.71 -45.07 42.99
C THR P 74 -30.13 -45.75 41.76
N ILE P 75 -28.97 -46.38 41.93
CA ILE P 75 -28.43 -47.21 40.87
C ILE P 75 -28.46 -48.64 41.39
N SER P 76 -29.58 -49.33 41.16
CA SER P 76 -29.84 -50.57 41.88
C SER P 76 -29.05 -51.76 41.36
N SER P 77 -28.63 -51.72 40.09
CA SER P 77 -28.08 -52.88 39.39
C SER P 77 -26.79 -52.47 38.70
N LEU P 78 -25.84 -51.97 39.50
CA LEU P 78 -24.87 -50.90 39.21
C LEU P 78 -24.39 -50.78 37.77
N GLU P 79 -24.05 -51.91 37.11
CA GLU P 79 -23.76 -51.99 35.68
C GLU P 79 -22.59 -51.07 35.31
N PRO P 80 -21.35 -51.52 35.56
CA PRO P 80 -20.19 -50.60 35.60
C PRO P 80 -19.87 -49.81 34.33
N GLU P 81 -20.60 -50.01 33.23
CA GLU P 81 -20.56 -49.07 32.13
C GLU P 81 -21.20 -47.73 32.47
N ASP P 82 -21.98 -47.67 33.56
CA ASP P 82 -22.72 -46.48 33.93
C ASP P 82 -21.88 -45.45 34.65
N PHE P 83 -20.58 -45.66 34.75
CA PHE P 83 -19.70 -44.73 35.43
C PHE P 83 -19.59 -43.47 34.58
N ALA P 84 -20.37 -42.45 34.94
CA ALA P 84 -20.44 -41.23 34.17
C ALA P 84 -20.77 -40.07 35.10
N VAL P 85 -20.52 -38.87 34.62
CA VAL P 85 -20.71 -37.67 35.43
C VAL P 85 -22.20 -37.38 35.44
N TYR P 86 -22.86 -37.65 36.56
CA TYR P 86 -24.30 -37.50 36.56
C TYR P 86 -24.69 -36.09 36.91
N TYR P 87 -25.90 -35.71 36.51
CA TYR P 87 -26.40 -34.38 36.77
C TYR P 87 -27.88 -34.44 37.07
N CYS P 88 -28.30 -33.66 38.06
CA CYS P 88 -29.70 -33.37 38.30
C CYS P 88 -29.99 -31.97 37.78
N GLN P 89 -31.24 -31.76 37.36
CA GLN P 89 -31.64 -30.47 36.81
C GLN P 89 -33.10 -30.22 37.11
N GLN P 90 -33.37 -29.12 37.81
CA GLN P 90 -34.74 -28.71 38.08
C GLN P 90 -35.47 -28.32 36.80
N SER P 91 -36.79 -28.31 36.90
CA SER P 91 -37.64 -27.88 35.79
C SER P 91 -38.43 -26.64 36.13
N ASN P 92 -39.23 -26.66 37.20
CA ASN P 92 -40.29 -25.69 37.38
C ASN P 92 -39.86 -24.59 38.34
N SER P 93 -38.84 -23.86 37.89
CA SER P 93 -38.43 -22.55 38.39
C SER P 93 -37.41 -21.98 37.43
N TRP P 94 -37.38 -20.74 37.33
CA TRP P 94 -36.44 -20.09 36.44
C TRP P 94 -35.27 -19.52 37.22
N PRO P 95 -34.08 -19.42 36.62
CA PRO P 95 -33.70 -20.15 35.41
C PRO P 95 -32.96 -21.48 35.66
N ARG P 96 -33.69 -22.59 35.48
CA ARG P 96 -33.22 -23.92 35.05
C ARG P 96 -31.83 -24.36 35.50
N THR P 97 -31.60 -24.38 36.81
CA THR P 97 -30.28 -24.74 37.31
C THR P 97 -30.02 -26.23 37.16
N PHE P 98 -28.76 -26.56 36.98
CA PHE P 98 -28.29 -27.94 36.93
C PHE P 98 -27.70 -28.33 38.27
N GLY P 99 -27.17 -29.54 38.33
CA GLY P 99 -26.40 -29.99 39.47
C GLY P 99 -24.95 -29.58 39.34
N GLY P 100 -24.07 -30.38 39.89
CA GLY P 100 -22.66 -30.09 39.83
C GLY P 100 -21.82 -31.18 39.21
N GLY P 101 -22.32 -32.41 39.23
CA GLY P 101 -21.47 -33.51 38.80
C GLY P 101 -21.37 -34.48 39.95
N THR P 102 -21.65 -35.74 39.65
CA THR P 102 -21.71 -36.80 40.65
C THR P 102 -20.95 -38.00 40.10
N LYS P 103 -19.68 -37.76 39.76
CA LYS P 103 -18.81 -38.72 39.10
C LYS P 103 -18.75 -40.06 39.84
N LEU P 104 -19.24 -41.09 39.18
CA LEU P 104 -19.11 -42.45 39.68
C LEU P 104 -17.84 -43.07 39.11
N GLU P 105 -17.02 -43.60 39.99
CA GLU P 105 -15.75 -44.19 39.60
C GLU P 105 -15.69 -45.64 40.03
N ILE P 106 -14.64 -46.31 39.58
CA ILE P 106 -14.43 -47.71 39.94
C ILE P 106 -13.75 -47.75 41.29
N LYS P 107 -14.22 -48.62 42.16
CA LYS P 107 -13.52 -48.83 43.43
C LYS P 107 -12.29 -49.67 43.17
N ARG P 108 -11.48 -52.72 42.85
CA ARG P 108 -10.06 -52.94 43.04
C ARG P 108 -9.51 -52.25 44.28
N THR P 109 -8.18 -52.16 44.36
CA THR P 109 -7.49 -51.72 45.56
C THR P 109 -6.58 -50.54 45.27
N VAL P 110 -6.01 -50.02 46.36
CA VAL P 110 -5.02 -48.95 46.28
C VAL P 110 -3.73 -49.50 45.71
N ALA P 111 -3.25 -48.89 44.63
CA ALA P 111 -2.04 -49.33 43.95
C ALA P 111 -0.99 -48.23 43.96
N ALA P 112 0.27 -48.64 44.01
CA ALA P 112 1.36 -47.69 44.00
C ALA P 112 1.66 -47.23 42.58
N PRO P 113 2.00 -45.96 42.40
CA PRO P 113 2.42 -45.51 41.07
C PRO P 113 3.83 -45.95 40.73
N SER P 114 3.97 -46.53 39.54
CA SER P 114 5.29 -46.77 38.97
C SER P 114 5.80 -45.42 38.48
N VAL P 115 6.75 -44.85 39.20
CA VAL P 115 7.15 -43.46 39.03
C VAL P 115 8.32 -43.40 38.07
N PHE P 116 8.21 -42.53 37.05
CA PHE P 116 9.26 -42.40 36.06
C PHE P 116 9.51 -40.94 35.76
N ILE P 117 10.67 -40.45 36.17
CA ILE P 117 11.02 -39.06 35.92
C ILE P 117 11.77 -39.02 34.59
N PHE P 118 11.67 -37.89 33.90
CA PHE P 118 12.36 -37.72 32.65
C PHE P 118 13.07 -36.37 32.63
N PRO P 119 14.37 -36.37 32.34
CA PRO P 119 15.08 -35.11 32.04
C PRO P 119 14.46 -34.38 30.86
N PRO P 120 14.58 -33.06 30.85
CA PRO P 120 14.33 -32.32 29.60
C PRO P 120 15.34 -32.73 28.55
N SER P 121 14.87 -32.84 27.31
CA SER P 121 15.72 -33.31 26.23
C SER P 121 16.78 -32.28 25.90
N ASP P 122 17.86 -32.76 25.27
CA ASP P 122 18.86 -31.87 24.71
C ASP P 122 18.26 -31.04 23.57
N GLU P 123 17.28 -31.60 22.86
CA GLU P 123 16.47 -30.85 21.92
C GLU P 123 15.76 -29.69 22.61
N GLN P 124 15.25 -29.92 23.83
CA GLN P 124 14.64 -28.82 24.56
C GLN P 124 15.71 -27.88 25.10
N LEU P 125 16.89 -28.41 25.42
CA LEU P 125 18.03 -27.57 25.71
C LEU P 125 18.54 -26.85 24.48
N LYS P 126 18.22 -27.36 23.28
CA LYS P 126 18.40 -26.63 22.04
C LYS P 126 17.18 -25.76 21.71
N SER P 127 16.29 -25.56 22.67
CA SER P 127 15.19 -24.62 22.52
C SER P 127 15.23 -23.47 23.51
N GLY P 128 15.96 -23.61 24.62
CA GLY P 128 16.04 -22.58 25.63
C GLY P 128 15.10 -22.78 26.79
N THR P 129 14.38 -23.90 26.84
CA THR P 129 13.52 -24.23 27.97
C THR P 129 13.91 -25.59 28.52
N ALA P 130 13.21 -26.01 29.56
CA ALA P 130 13.49 -27.28 30.23
C ALA P 130 12.25 -27.71 30.99
N SER P 131 11.65 -28.82 30.57
CA SER P 131 10.43 -29.33 31.20
C SER P 131 10.74 -30.71 31.75
N VAL P 132 10.68 -30.84 33.08
CA VAL P 132 10.97 -32.10 33.74
C VAL P 132 9.65 -32.83 33.96
N VAL P 133 9.54 -34.02 33.40
CA VAL P 133 8.31 -34.80 33.45
C VAL P 133 8.56 -36.01 34.35
N CYS P 134 7.77 -36.10 35.42
CA CYS P 134 7.82 -37.21 36.36
C CYS P 134 6.52 -37.99 36.28
N LEU P 135 6.59 -39.22 35.82
CA LEU P 135 5.38 -40.03 35.68
C LEU P 135 4.91 -40.54 37.02
N LEU P 136 3.61 -40.74 37.09
CA LEU P 136 2.98 -41.62 38.06
C LEU P 136 2.08 -42.49 37.21
N ASN P 137 2.25 -43.80 37.27
CA ASN P 137 1.57 -44.68 36.33
C ASN P 137 1.00 -45.87 37.07
N ASN P 138 -0.25 -46.21 36.72
CA ASN P 138 -0.94 -47.45 37.11
C ASN P 138 -1.08 -47.54 38.63
N PHE P 139 -1.88 -46.62 39.15
CA PHE P 139 -2.07 -46.46 40.58
C PHE P 139 -3.54 -46.20 40.85
N TYR P 140 -3.88 -46.16 42.12
CA TYR P 140 -5.23 -45.89 42.57
C TYR P 140 -5.19 -45.41 44.01
N PRO P 141 -5.94 -44.37 44.38
CA PRO P 141 -6.80 -43.51 43.56
C PRO P 141 -6.05 -42.34 42.98
N ARG P 142 -6.80 -41.28 42.62
CA ARG P 142 -6.20 -40.04 42.12
C ARG P 142 -5.45 -39.26 43.19
N GLU P 143 -5.61 -39.64 44.46
CA GLU P 143 -5.09 -38.86 45.57
C GLU P 143 -3.58 -38.98 45.63
N ALA P 144 -2.89 -38.04 45.00
CA ALA P 144 -1.44 -38.09 44.89
C ALA P 144 -0.87 -36.70 45.06
N LYS P 145 0.40 -36.65 45.46
CA LYS P 145 1.13 -35.40 45.60
C LYS P 145 2.46 -35.52 44.89
N VAL P 146 2.74 -34.58 44.01
CA VAL P 146 4.04 -34.48 43.35
C VAL P 146 4.76 -33.28 43.92
N GLN P 147 5.93 -33.49 44.49
CA GLN P 147 6.73 -32.42 45.06
C GLN P 147 8.07 -32.38 44.34
N TRP P 148 8.39 -31.23 43.78
CA TRP P 148 9.60 -31.04 42.99
C TRP P 148 10.73 -30.55 43.87
N LYS P 149 11.89 -31.19 43.73
CA LYS P 149 13.08 -30.79 44.47
C LYS P 149 14.21 -30.56 43.50
N VAL P 150 14.72 -29.34 43.47
CA VAL P 150 15.68 -28.86 42.48
C VAL P 150 16.95 -28.54 43.23
N ASP P 151 17.91 -29.48 43.20
CA ASP P 151 18.93 -29.64 44.24
C ASP P 151 18.30 -29.57 45.63
N ASN P 152 17.25 -30.39 45.82
CA ASN P 152 16.48 -30.50 47.06
C ASN P 152 15.85 -29.16 47.47
N ALA P 153 15.20 -28.49 46.52
CA ALA P 153 14.49 -27.25 46.79
C ALA P 153 13.03 -27.42 46.38
N LEU P 154 12.13 -27.34 47.35
CA LEU P 154 10.70 -27.51 47.10
C LEU P 154 10.18 -26.33 46.28
N GLN P 155 9.95 -26.57 45.00
CA GLN P 155 9.48 -25.53 44.09
C GLN P 155 8.04 -25.78 43.68
N SER P 156 7.44 -24.73 43.12
CA SER P 156 6.06 -24.77 42.66
C SER P 156 5.86 -23.65 41.65
N GLY P 157 4.75 -23.71 40.92
CA GLY P 157 4.46 -22.72 39.92
C GLY P 157 5.13 -22.93 38.59
N ASN P 158 6.08 -23.85 38.50
CA ASN P 158 6.75 -24.20 37.26
C ASN P 158 6.26 -25.54 36.71
N SER P 159 5.25 -26.13 37.34
CA SER P 159 4.83 -27.47 37.03
C SER P 159 3.37 -27.50 36.62
N GLN P 160 3.08 -28.20 35.53
CA GLN P 160 1.72 -28.46 35.10
C GLN P 160 1.47 -29.97 35.15
N GLU P 161 0.28 -30.33 35.59
CA GLU P 161 -0.05 -31.72 35.86
C GLU P 161 -1.17 -32.19 34.93
N SER P 162 -1.27 -33.51 34.77
CA SER P 162 -2.20 -34.10 33.82
C SER P 162 -2.69 -35.45 34.35
N VAL P 163 -4.01 -35.56 34.49
CA VAL P 163 -4.65 -36.73 35.11
C VAL P 163 -5.29 -37.55 34.01
N THR P 164 -5.02 -38.85 33.99
CA THR P 164 -5.83 -39.70 33.13
C THR P 164 -7.18 -39.99 33.74
N GLU P 165 -8.13 -40.33 32.89
CA GLU P 165 -9.37 -40.91 33.36
C GLU P 165 -9.11 -42.35 33.81
N GLN P 166 -10.08 -42.91 34.51
CA GLN P 166 -9.88 -44.24 35.07
C GLN P 166 -10.04 -45.28 33.98
N ASP P 167 -9.07 -46.19 33.91
CA ASP P 167 -8.98 -47.10 32.78
C ASP P 167 -10.10 -48.13 32.83
N SER P 168 -10.56 -48.54 31.64
CA SER P 168 -11.49 -49.65 31.58
C SER P 168 -10.80 -50.96 31.90
N LYS P 169 -9.50 -51.06 31.61
CA LYS P 169 -8.79 -52.32 31.73
C LYS P 169 -8.49 -52.65 33.19
N ASP P 170 -7.69 -51.82 33.85
CA ASP P 170 -7.20 -52.13 35.18
C ASP P 170 -7.64 -51.11 36.22
N SER P 171 -8.48 -50.16 35.83
CA SER P 171 -9.13 -49.18 36.73
C SER P 171 -8.12 -48.27 37.41
N THR P 172 -7.02 -47.99 36.72
CA THR P 172 -5.93 -47.24 37.30
C THR P 172 -5.96 -45.78 36.86
N TYR P 173 -4.94 -45.05 37.25
CA TYR P 173 -4.74 -43.69 36.80
C TYR P 173 -3.29 -43.53 36.36
N SER P 174 -3.02 -42.41 35.70
CA SER P 174 -1.68 -42.12 35.24
C SER P 174 -1.44 -40.62 35.27
N LEU P 175 -0.51 -40.20 36.13
CA LEU P 175 -0.19 -38.79 36.33
C LEU P 175 1.19 -38.45 35.81
N SER P 176 1.35 -37.18 35.47
CA SER P 176 2.65 -36.60 35.21
C SER P 176 2.60 -35.12 35.56
N SER P 177 3.63 -34.64 36.24
CA SER P 177 3.82 -33.22 36.47
C SER P 177 4.95 -32.77 35.57
N THR P 178 4.76 -31.63 34.91
CA THR P 178 5.69 -31.15 33.90
C THR P 178 6.39 -29.92 34.46
N LEU P 179 7.49 -30.14 35.18
CA LEU P 179 8.22 -29.05 35.81
C LEU P 179 8.94 -28.27 34.73
N THR P 180 8.29 -27.24 34.21
CA THR P 180 8.83 -26.45 33.10
C THR P 180 9.65 -25.30 33.65
N LEU P 181 10.95 -25.35 33.40
CA LEU P 181 11.87 -24.30 33.82
C LEU P 181 12.43 -23.62 32.59
N SER P 182 13.17 -22.55 32.82
CA SER P 182 14.00 -21.98 31.77
C SER P 182 15.26 -22.82 31.60
N LYS P 183 16.03 -22.49 30.57
CA LYS P 183 17.31 -23.18 30.38
C LYS P 183 18.32 -22.77 31.44
N ALA P 184 18.25 -21.51 31.92
CA ALA P 184 19.24 -21.00 32.85
C ALA P 184 19.09 -21.64 34.23
N ASP P 185 17.88 -21.63 34.78
CA ASP P 185 17.62 -22.24 36.07
C ASP P 185 17.78 -23.75 36.04
N TYR P 186 17.60 -24.37 34.87
CA TYR P 186 17.94 -25.77 34.67
C TYR P 186 19.43 -26.00 34.89
N GLU P 187 20.26 -25.17 34.26
CA GLU P 187 21.71 -25.34 34.36
C GLU P 187 22.26 -24.99 35.72
N LYS P 188 21.48 -24.29 36.56
CA LYS P 188 21.94 -23.95 37.90
C LYS P 188 21.97 -25.14 38.83
N HIS P 189 21.26 -26.22 38.51
CA HIS P 189 21.10 -27.32 39.46
C HIS P 189 21.21 -28.64 38.73
N LYS P 190 21.43 -29.71 39.50
CA LYS P 190 21.44 -31.06 38.97
C LYS P 190 20.39 -31.95 39.59
N VAL P 191 20.33 -32.03 40.93
CA VAL P 191 19.50 -33.01 41.63
C VAL P 191 18.04 -32.62 41.44
N TYR P 192 17.33 -33.37 40.62
CA TYR P 192 15.97 -33.04 40.24
C TYR P 192 15.08 -34.16 40.77
N ALA P 193 14.66 -34.02 42.02
CA ALA P 193 13.90 -35.05 42.70
C ALA P 193 12.41 -34.79 42.61
N CYS P 194 11.66 -35.87 42.42
CA CYS P 194 10.21 -35.86 42.29
C CYS P 194 9.64 -36.62 43.48
N GLU P 195 9.35 -35.91 44.56
CA GLU P 195 8.79 -36.55 45.73
C GLU P 195 7.33 -36.88 45.47
N VAL P 196 7.01 -38.17 45.48
CA VAL P 196 5.69 -38.65 45.11
C VAL P 196 5.03 -39.20 46.36
N THR P 197 3.99 -38.53 46.83
CA THR P 197 3.23 -38.95 47.99
C THR P 197 1.89 -39.50 47.50
N HIS P 198 1.73 -40.81 47.59
CA HIS P 198 0.51 -41.49 47.17
C HIS P 198 0.22 -42.60 48.16
N GLN P 199 -1.05 -43.00 48.23
CA GLN P 199 -1.50 -43.97 49.22
C GLN P 199 -0.92 -45.36 48.96
N GLY P 200 -0.66 -45.70 47.70
CA GLY P 200 0.01 -46.96 47.39
C GLY P 200 1.45 -47.00 47.80
N LEU P 201 2.07 -45.84 48.00
CA LEU P 201 3.45 -45.73 48.44
C LEU P 201 3.47 -45.59 49.96
N SER P 202 4.23 -46.46 50.62
CA SER P 202 4.37 -46.36 52.08
C SER P 202 5.19 -45.14 52.47
N SER P 203 6.18 -44.79 51.67
CA SER P 203 7.00 -43.62 51.88
C SER P 203 6.82 -42.65 50.71
N PRO P 204 7.01 -41.35 50.93
CA PRO P 204 7.02 -40.43 49.78
C PRO P 204 8.26 -40.64 48.93
N VAL P 205 8.07 -41.27 47.78
CA VAL P 205 9.20 -41.69 46.96
C VAL P 205 9.70 -40.50 46.15
N THR P 206 10.97 -40.17 46.33
CA THR P 206 11.61 -39.09 45.61
C THR P 206 12.35 -39.68 44.42
N LYS P 207 11.79 -39.51 43.24
CA LYS P 207 12.42 -40.00 42.02
C LYS P 207 13.32 -38.89 41.49
N SER P 208 14.63 -39.13 41.51
CA SER P 208 15.60 -38.07 41.28
C SER P 208 16.53 -38.44 40.14
N PHE P 209 17.13 -37.41 39.56
CA PHE P 209 18.22 -37.57 38.61
C PHE P 209 19.12 -36.35 38.70
N ASN P 210 20.23 -36.41 37.97
CA ASN P 210 21.16 -35.30 37.90
C ASN P 210 21.16 -34.71 36.50
N ARG P 211 21.53 -33.44 36.40
CA ARG P 211 21.64 -32.80 35.11
C ARG P 211 22.88 -33.32 34.37
N GLY P 212 22.68 -33.78 33.15
CA GLY P 212 23.76 -34.40 32.40
C GLY P 212 24.13 -35.78 32.88
N GLU P 213 23.23 -36.48 33.56
CA GLU P 213 23.54 -37.80 34.10
C GLU P 213 23.37 -38.89 33.04
N CYS P 214 22.15 -39.08 32.55
CA CYS P 214 21.87 -40.16 31.60
C CYS P 214 22.29 -39.79 30.18
N GLU Q 1 -51.51 -9.77 18.83
CA GLU Q 1 -51.48 -10.90 17.90
C GLU Q 1 -52.86 -11.48 17.65
N ILE Q 2 -53.72 -10.70 17.03
CA ILE Q 2 -55.03 -11.17 16.60
C ILE Q 2 -55.03 -11.13 15.08
N VAL Q 3 -55.23 -12.29 14.46
CA VAL Q 3 -55.18 -12.38 13.01
C VAL Q 3 -56.45 -11.81 12.41
N LEU Q 4 -56.30 -10.80 11.56
CA LEU Q 4 -57.42 -10.19 10.87
C LEU Q 4 -57.58 -10.88 9.52
N THR Q 5 -58.73 -11.50 9.32
CA THR Q 5 -59.00 -12.22 8.09
C THR Q 5 -59.87 -11.37 7.16
N GLN Q 6 -59.32 -11.05 6.00
CA GLN Q 6 -60.03 -10.33 4.96
C GLN Q 6 -60.51 -11.37 3.95
N SER Q 7 -61.78 -11.75 4.06
CA SER Q 7 -62.32 -12.88 3.32
C SER Q 7 -62.39 -12.64 1.80
N PRO Q 8 -62.70 -11.45 1.30
CA PRO Q 8 -62.33 -11.20 -0.10
C PRO Q 8 -60.83 -10.94 -0.18
N ALA Q 9 -60.10 -11.85 -0.82
CA ALA Q 9 -58.69 -11.63 -1.02
C ALA Q 9 -58.45 -10.51 -2.02
N THR Q 10 -58.90 -10.72 -3.26
CA THR Q 10 -59.01 -9.67 -4.26
C THR Q 10 -60.43 -9.70 -4.81
N LEU Q 11 -60.80 -8.63 -5.50
CA LEU Q 11 -62.17 -8.53 -5.98
C LEU Q 11 -62.17 -7.61 -7.20
N SER Q 12 -63.00 -7.94 -8.18
CA SER Q 12 -63.20 -7.09 -9.36
C SER Q 12 -64.67 -6.74 -9.43
N LEU Q 13 -64.97 -5.45 -9.57
CA LEU Q 13 -66.36 -5.02 -9.62
C LEU Q 13 -66.45 -3.79 -10.51
N SER Q 14 -67.60 -3.63 -11.13
CA SER Q 14 -67.82 -2.57 -12.10
C SER Q 14 -67.97 -1.23 -11.38
N PRO Q 15 -67.85 -0.11 -12.11
CA PRO Q 15 -68.35 1.15 -11.56
C PRO Q 15 -69.86 1.07 -11.37
N GLY Q 16 -70.32 1.05 -10.13
CA GLY Q 16 -71.70 0.67 -9.90
C GLY Q 16 -72.14 0.56 -8.46
N GLU Q 17 -72.72 -0.59 -8.12
CA GLU Q 17 -73.45 -0.77 -6.87
C GLU Q 17 -72.52 -0.99 -5.68
N ARG Q 18 -73.12 -1.45 -4.57
CA ARG Q 18 -72.40 -1.64 -3.31
C ARG Q 18 -71.34 -2.71 -3.42
N ALA Q 19 -70.25 -2.52 -2.69
CA ALA Q 19 -69.06 -3.37 -2.73
C ALA Q 19 -68.61 -3.70 -1.31
N THR Q 20 -69.53 -4.22 -0.51
CA THR Q 20 -69.30 -4.46 0.91
C THR Q 20 -68.20 -5.49 1.13
N LEU Q 21 -67.23 -5.13 1.97
CA LEU Q 21 -66.09 -5.98 2.27
C LEU Q 21 -66.22 -6.52 3.68
N SER Q 22 -65.22 -7.27 4.13
CA SER Q 22 -65.28 -7.89 5.45
C SER Q 22 -63.88 -8.10 5.99
N CYS Q 23 -63.65 -7.65 7.21
CA CYS Q 23 -62.47 -8.00 7.98
C CYS Q 23 -62.96 -8.74 9.22
N ARG Q 24 -62.86 -10.05 9.20
CA ARG Q 24 -63.28 -10.86 10.32
C ARG Q 24 -62.08 -11.15 11.22
N ALA Q 25 -62.22 -10.80 12.49
CA ALA Q 25 -61.13 -10.88 13.44
C ALA Q 25 -60.97 -12.31 13.95
N SER Q 26 -59.94 -12.54 14.74
CA SER Q 26 -59.78 -13.80 15.44
C SER Q 26 -60.41 -13.79 16.82
N GLN Q 27 -60.61 -12.62 17.41
CA GLN Q 27 -61.23 -12.52 18.73
C GLN Q 27 -62.36 -11.51 18.69
N ARG Q 28 -62.93 -11.20 19.85
CA ARG Q 28 -63.93 -10.14 19.95
C ARG Q 28 -63.19 -8.87 20.31
N ILE Q 29 -62.74 -8.13 19.29
CA ILE Q 29 -62.05 -6.90 19.56
C ILE Q 29 -63.03 -5.79 19.94
N SER Q 30 -64.32 -5.99 19.64
CA SER Q 30 -65.44 -5.13 20.07
C SER Q 30 -65.25 -3.70 19.56
N ASN Q 31 -65.37 -3.59 18.23
CA ASN Q 31 -65.54 -2.34 17.50
C ASN Q 31 -64.26 -1.51 17.55
N ASP Q 32 -63.11 -2.16 17.38
CA ASP Q 32 -61.82 -1.54 17.60
C ASP Q 32 -60.86 -1.83 16.45
N LEU Q 33 -61.32 -1.66 15.21
CA LEU Q 33 -60.39 -1.61 14.09
C LEU Q 33 -60.69 -0.41 13.21
N HIS Q 34 -59.93 -0.33 12.12
CA HIS Q 34 -59.92 0.83 11.25
C HIS Q 34 -59.97 0.34 9.81
N TRP Q 35 -59.94 1.28 8.86
CA TRP Q 35 -60.03 0.93 7.44
C TRP Q 35 -59.17 1.87 6.62
N TYR Q 36 -58.53 1.32 5.59
CA TYR Q 36 -57.45 2.02 4.91
C TYR Q 36 -57.61 1.93 3.40
N GLN Q 37 -57.02 2.91 2.72
CA GLN Q 37 -57.22 3.11 1.30
C GLN Q 37 -55.87 3.32 0.63
N GLN Q 38 -54.97 2.35 0.80
CA GLN Q 38 -53.67 2.46 0.15
C GLN Q 38 -53.85 2.34 -1.36
N LYS Q 39 -53.78 3.49 -2.02
CA LYS Q 39 -53.76 3.54 -3.46
C LYS Q 39 -52.39 3.07 -3.96
N PRO Q 40 -52.30 2.63 -5.21
CA PRO Q 40 -51.00 2.17 -5.73
C PRO Q 40 -49.97 3.29 -5.81
N GLY Q 41 -48.76 2.98 -5.34
CA GLY Q 41 -47.71 3.98 -5.26
C GLY Q 41 -47.95 5.05 -4.21
N GLN Q 42 -48.80 4.78 -3.23
CA GLN Q 42 -49.20 5.78 -2.25
C GLN Q 42 -49.06 5.26 -0.84
N ALA Q 43 -48.91 6.18 0.10
CA ALA Q 43 -49.10 5.85 1.49
C ALA Q 43 -50.57 5.54 1.73
N PRO Q 44 -50.88 4.66 2.69
CA PRO Q 44 -52.28 4.36 2.99
C PRO Q 44 -53.03 5.55 3.56
N ARG Q 45 -54.35 5.50 3.39
CA ARG Q 45 -55.23 6.58 3.80
C ARG Q 45 -56.35 6.02 4.65
N LEU Q 46 -56.44 6.50 5.89
CA LEU Q 46 -57.41 6.00 6.85
C LEU Q 46 -58.82 6.43 6.48
N LEU Q 47 -59.78 5.54 6.68
CA LEU Q 47 -61.16 5.73 6.26
C LEU Q 47 -62.14 5.81 7.42
N ILE Q 48 -61.96 4.97 8.44
CA ILE Q 48 -62.96 4.72 9.46
C ILE Q 48 -62.31 4.73 10.84
N LYS Q 49 -62.95 5.41 11.80
CA LYS Q 49 -62.48 5.36 13.18
C LYS Q 49 -62.69 4.00 13.80
N TYR Q 50 -63.94 3.63 14.06
CA TYR Q 50 -64.24 2.39 14.77
C TYR Q 50 -65.55 1.85 14.20
N ALA Q 51 -65.44 1.08 13.12
CA ALA Q 51 -66.55 0.53 12.33
C ALA Q 51 -67.55 1.58 11.85
N SER Q 52 -67.18 2.85 11.85
CA SER Q 52 -68.06 3.99 11.55
C SER Q 52 -67.20 5.25 11.50
N GLN Q 53 -67.89 6.38 11.24
CA GLN Q 53 -67.41 7.73 11.51
C GLN Q 53 -66.27 8.19 10.61
N SER Q 54 -66.39 7.88 9.31
CA SER Q 54 -66.25 8.85 8.23
C SER Q 54 -65.27 9.99 8.45
N ILE Q 55 -63.99 9.66 8.63
CA ILE Q 55 -62.99 10.62 9.11
C ILE Q 55 -62.70 11.76 8.15
N SER Q 56 -63.01 12.99 8.59
CA SER Q 56 -62.55 14.24 8.00
C SER Q 56 -62.98 14.38 6.54
N GLY Q 57 -64.27 14.22 6.32
CA GLY Q 57 -64.83 14.41 4.99
C GLY Q 57 -64.45 13.36 3.97
N ILE Q 58 -64.07 12.16 4.40
CA ILE Q 58 -63.90 11.09 3.42
C ILE Q 58 -65.29 10.70 2.88
N PRO Q 59 -65.55 10.84 1.57
CA PRO Q 59 -66.74 11.58 1.13
C PRO Q 59 -68.13 11.08 1.54
N SER Q 60 -68.59 9.96 1.01
CA SER Q 60 -70.00 9.65 1.21
C SER Q 60 -70.33 8.18 1.31
N ARG Q 61 -69.37 7.27 1.24
CA ARG Q 61 -69.69 5.92 0.83
C ARG Q 61 -68.95 4.85 1.61
N PHE Q 62 -68.41 5.20 2.76
CA PHE Q 62 -67.51 4.30 3.47
C PHE Q 62 -68.08 3.96 4.84
N SER Q 63 -69.34 3.56 4.89
CA SER Q 63 -69.93 3.12 6.13
C SER Q 63 -69.46 1.71 6.48
N GLY Q 64 -69.36 1.44 7.78
CA GLY Q 64 -68.97 0.12 8.24
C GLY Q 64 -69.98 -0.47 9.19
N SER Q 65 -69.66 -1.63 9.78
CA SER Q 65 -70.54 -2.24 10.77
C SER Q 65 -69.69 -3.05 11.74
N GLY Q 66 -70.11 -3.08 12.99
CA GLY Q 66 -69.32 -3.71 14.02
C GLY Q 66 -69.99 -4.86 14.73
N SER Q 67 -69.69 -5.03 16.03
CA SER Q 67 -70.45 -5.87 16.96
C SER Q 67 -70.52 -7.36 16.60
N GLY Q 68 -69.44 -8.12 16.82
CA GLY Q 68 -68.24 -7.68 17.50
C GLY Q 68 -66.97 -8.36 17.05
N THR Q 69 -67.09 -9.18 16.00
CA THR Q 69 -65.93 -9.74 15.32
C THR Q 69 -66.02 -9.58 13.81
N ASP Q 70 -67.21 -9.75 13.23
CA ASP Q 70 -67.42 -9.62 11.80
C ASP Q 70 -67.52 -8.14 11.45
N PHE Q 71 -66.40 -7.57 11.03
CA PHE Q 71 -66.28 -6.14 10.81
C PHE Q 71 -66.21 -5.87 9.33
N THR Q 72 -67.15 -5.06 8.83
CA THR Q 72 -67.36 -4.89 7.42
C THR Q 72 -66.99 -3.48 6.98
N LEU Q 73 -66.74 -3.35 5.68
CA LEU Q 73 -66.59 -2.05 5.02
C LEU Q 73 -67.49 -2.05 3.80
N THR Q 74 -68.54 -1.24 3.86
CA THR Q 74 -69.44 -1.10 2.72
C THR Q 74 -68.92 0.00 1.80
N ILE Q 75 -68.97 -0.25 0.50
CA ILE Q 75 -68.67 0.80 -0.46
C ILE Q 75 -69.97 1.09 -1.19
N SER Q 76 -70.78 2.00 -0.65
CA SER Q 76 -72.17 2.11 -1.08
C SER Q 76 -72.34 2.82 -2.42
N SER Q 77 -71.38 3.65 -2.80
CA SER Q 77 -71.52 4.57 -3.93
C SER Q 77 -70.28 4.47 -4.82
N LEU Q 78 -70.01 3.25 -5.29
CA LEU Q 78 -68.72 2.62 -5.53
C LEU Q 78 -67.57 3.55 -5.91
N GLU Q 79 -67.80 4.50 -6.86
CA GLU Q 79 -66.87 5.58 -7.21
C GLU Q 79 -65.54 5.02 -7.69
N PRO Q 80 -65.46 4.59 -8.96
CA PRO Q 80 -64.38 3.70 -9.42
C PRO Q 80 -62.95 4.23 -9.29
N GLU Q 81 -62.74 5.47 -8.85
CA GLU Q 81 -61.42 5.88 -8.41
C GLU Q 81 -60.99 5.20 -7.12
N ASP Q 82 -61.91 4.58 -6.40
CA ASP Q 82 -61.63 3.97 -5.10
C ASP Q 82 -61.00 2.60 -5.21
N PHE Q 83 -60.67 2.15 -6.41
CA PHE Q 83 -60.06 0.85 -6.59
C PHE Q 83 -58.64 0.88 -6.03
N ALA Q 84 -58.49 0.39 -4.81
CA ALA Q 84 -57.22 0.46 -4.10
C ALA Q 84 -57.14 -0.73 -3.15
N VAL Q 85 -55.92 -1.01 -2.71
CA VAL Q 85 -55.65 -2.16 -1.86
C VAL Q 85 -56.10 -1.77 -0.45
N TYR Q 86 -57.23 -2.30 -0.01
CA TYR Q 86 -57.73 -1.85 1.27
C TYR Q 86 -57.13 -2.68 2.40
N TYR Q 87 -57.14 -2.10 3.59
CA TYR Q 87 -56.60 -2.77 4.76
C TYR Q 87 -57.45 -2.45 5.97
N CYS Q 88 -57.68 -3.46 6.78
CA CYS Q 88 -58.22 -3.31 8.12
C CYS Q 88 -57.08 -3.44 9.12
N GLN Q 89 -57.21 -2.76 10.25
CA GLN Q 89 -56.16 -2.79 11.27
C GLN Q 89 -56.79 -2.64 12.64
N GLN Q 90 -56.58 -3.62 13.51
CA GLN Q 90 -57.02 -3.54 14.89
C GLN Q 90 -56.31 -2.44 15.65
N SER Q 91 -56.91 -2.05 16.77
CA SER Q 91 -56.31 -1.07 17.66
C SER Q 91 -56.00 -1.65 19.02
N ASN Q 92 -56.99 -2.20 19.71
CA ASN Q 92 -56.89 -2.43 21.14
C ASN Q 92 -56.51 -3.88 21.44
N SER Q 93 -55.32 -4.24 20.96
CA SER Q 93 -54.56 -5.41 21.37
C SER Q 93 -53.16 -5.27 20.80
N TRP Q 94 -52.24 -5.81 21.45
CA TRP Q 94 -50.88 -5.73 20.98
C TRP Q 94 -50.45 -7.06 20.36
N PRO Q 95 -49.53 -7.05 19.40
CA PRO Q 95 -49.14 -5.87 18.62
C PRO Q 95 -49.89 -5.69 17.29
N ARG Q 96 -50.85 -4.75 17.27
CA ARG Q 96 -51.30 -3.95 16.13
C ARG Q 96 -51.29 -4.59 14.75
N THR Q 97 -51.99 -5.71 14.59
CA THR Q 97 -51.97 -6.42 13.33
C THR Q 97 -52.79 -5.67 12.28
N PHE Q 98 -52.37 -5.83 11.03
CA PHE Q 98 -53.10 -5.30 9.89
C PHE Q 98 -53.92 -6.40 9.24
N GLY Q 99 -54.55 -6.06 8.13
CA GLY Q 99 -55.20 -7.03 7.29
C GLY Q 99 -54.24 -7.65 6.31
N GLY Q 100 -54.75 -8.02 5.15
CA GLY Q 100 -53.92 -8.62 4.14
C GLY Q 100 -53.94 -7.90 2.81
N GLY Q 101 -55.01 -7.15 2.55
CA GLY Q 101 -55.14 -6.58 1.21
C GLY Q 101 -56.45 -7.08 0.66
N THR Q 102 -57.25 -6.13 0.17
CA THR Q 102 -58.59 -6.40 -0.31
C THR Q 102 -58.76 -5.66 -1.63
N LYS Q 103 -57.86 -5.97 -2.57
CA LYS Q 103 -57.77 -5.29 -3.87
C LYS Q 103 -59.09 -5.26 -4.62
N LEU Q 104 -59.61 -4.06 -4.80
CA LEU Q 104 -60.79 -3.85 -5.64
C LEU Q 104 -60.33 -3.56 -7.06
N GLU Q 105 -60.87 -4.31 -8.01
CA GLU Q 105 -60.51 -4.17 -9.41
C GLU Q 105 -61.73 -3.84 -10.24
N ILE Q 106 -61.48 -3.54 -11.50
CA ILE Q 106 -62.55 -3.23 -12.43
C ILE Q 106 -63.11 -4.54 -12.96
N LYS Q 107 -64.43 -4.66 -13.01
CA LYS Q 107 -65.02 -5.82 -13.65
C LYS Q 107 -64.93 -5.66 -15.15
N ARG Q 108 -66.49 -4.23 -17.52
CA ARG Q 108 -66.15 -4.78 -18.82
C ARG Q 108 -66.18 -6.30 -18.85
N THR Q 109 -65.61 -6.88 -19.90
CA THR Q 109 -65.73 -8.30 -20.19
C THR Q 109 -64.36 -8.97 -20.29
N VAL Q 110 -64.42 -10.29 -20.44
CA VAL Q 110 -63.22 -11.08 -20.67
C VAL Q 110 -62.71 -10.84 -22.08
N ALA Q 111 -61.45 -10.43 -22.19
CA ALA Q 111 -60.84 -10.10 -23.47
C ALA Q 111 -59.66 -11.02 -23.74
N ALA Q 112 -59.43 -11.32 -25.01
CA ALA Q 112 -58.32 -12.17 -25.39
C ALA Q 112 -57.03 -11.35 -25.45
N PRO Q 113 -55.90 -11.93 -25.05
CA PRO Q 113 -54.63 -11.23 -25.20
C PRO Q 113 -54.15 -11.25 -26.63
N SER Q 114 -53.78 -10.07 -27.12
CA SER Q 114 -53.04 -9.98 -28.38
C SER Q 114 -51.61 -10.40 -28.09
N VAL Q 115 -51.24 -11.60 -28.53
CA VAL Q 115 -50.03 -12.27 -28.11
C VAL Q 115 -48.92 -11.94 -29.08
N PHE Q 116 -47.77 -11.51 -28.56
CA PHE Q 116 -46.64 -11.14 -29.41
C PHE Q 116 -45.36 -11.70 -28.82
N ILE Q 117 -44.78 -12.68 -29.50
CA ILE Q 117 -43.53 -13.26 -29.04
C ILE Q 117 -42.40 -12.49 -29.70
N PHE Q 118 -41.25 -12.44 -29.03
CA PHE Q 118 -40.10 -11.77 -29.56
C PHE Q 118 -38.86 -12.65 -29.40
N PRO Q 119 -38.14 -12.89 -30.49
CA PRO Q 119 -36.82 -13.49 -30.40
C PRO Q 119 -35.87 -12.69 -29.54
N PRO Q 120 -34.90 -13.34 -28.91
CA PRO Q 120 -33.77 -12.61 -28.35
C PRO Q 120 -33.00 -11.93 -29.47
N SER Q 121 -32.53 -10.72 -29.19
CA SER Q 121 -31.84 -9.93 -30.20
C SER Q 121 -30.49 -10.54 -30.53
N ASP Q 122 -30.00 -10.19 -31.72
CA ASP Q 122 -28.63 -10.52 -32.08
C ASP Q 122 -27.64 -9.80 -31.19
N GLU Q 123 -28.01 -8.60 -30.71
CA GLU Q 123 -27.28 -7.93 -29.66
C GLU Q 123 -27.20 -8.77 -28.39
N GLN Q 124 -28.30 -9.45 -28.05
CA GLN Q 124 -28.24 -10.36 -26.90
C GLN Q 124 -27.47 -11.62 -27.25
N LEU Q 125 -27.52 -12.04 -28.51
CA LEU Q 125 -26.64 -13.09 -28.97
C LEU Q 125 -25.20 -12.63 -29.07
N LYS Q 126 -24.97 -11.32 -29.13
CA LYS Q 126 -23.66 -10.73 -28.93
C LYS Q 126 -23.37 -10.44 -27.45
N SER Q 127 -24.18 -10.99 -26.55
CA SER Q 127 -23.92 -10.92 -25.13
C SER Q 127 -23.71 -12.28 -24.48
N GLY Q 128 -24.15 -13.36 -25.13
CA GLY Q 128 -24.02 -14.69 -24.58
C GLY Q 128 -25.24 -15.20 -23.85
N THR Q 129 -26.33 -14.45 -23.86
CA THR Q 129 -27.60 -14.88 -23.28
C THR Q 129 -28.69 -14.81 -24.34
N ALA Q 130 -29.90 -15.20 -23.93
CA ALA Q 130 -31.04 -15.22 -24.84
C ALA Q 130 -32.31 -15.18 -24.02
N SER Q 131 -33.07 -14.10 -24.14
CA SER Q 131 -34.31 -13.92 -23.39
C SER Q 131 -35.46 -13.82 -24.38
N VAL Q 132 -36.36 -14.80 -24.34
CA VAL Q 132 -37.50 -14.83 -25.25
C VAL Q 132 -38.67 -14.19 -24.55
N VAL Q 133 -39.21 -13.13 -25.14
CA VAL Q 133 -40.29 -12.36 -24.54
C VAL Q 133 -41.55 -12.57 -25.37
N CYS Q 134 -42.58 -13.10 -24.72
CA CYS Q 134 -43.88 -13.36 -25.33
C CYS Q 134 -44.91 -12.45 -24.68
N LEU Q 135 -45.44 -11.52 -25.44
CA LEU Q 135 -46.42 -10.60 -24.88
C LEU Q 135 -47.77 -11.25 -24.71
N LEU Q 136 -48.50 -10.75 -23.73
CA LEU Q 136 -49.95 -10.88 -23.65
C LEU Q 136 -50.41 -9.45 -23.43
N ASN Q 137 -51.28 -8.94 -24.29
CA ASN Q 137 -51.60 -7.53 -24.25
C ASN Q 137 -53.10 -7.34 -24.39
N ASN Q 138 -53.64 -6.45 -23.55
CA ASN Q 138 -55.01 -5.93 -23.65
C ASN Q 138 -56.04 -7.05 -23.51
N PHE Q 139 -56.06 -7.62 -22.32
CA PHE Q 139 -56.88 -8.77 -22.00
C PHE Q 139 -57.48 -8.59 -20.63
N TYR Q 140 -58.36 -9.51 -20.26
CA TYR Q 140 -59.01 -9.51 -18.97
C TYR Q 140 -59.53 -10.91 -18.68
N PRO Q 141 -59.35 -11.43 -17.47
CA PRO Q 141 -58.64 -10.89 -16.31
C PRO Q 141 -57.16 -11.24 -16.30
N ARG Q 142 -56.55 -11.19 -15.13
CA ARG Q 142 -55.15 -11.59 -14.96
C ARG Q 142 -54.95 -13.09 -15.12
N GLU Q 143 -56.02 -13.87 -15.14
CA GLU Q 143 -55.94 -15.33 -15.08
C GLU Q 143 -55.42 -15.86 -16.40
N ALA Q 144 -54.11 -16.05 -16.48
CA ALA Q 144 -53.47 -16.46 -17.73
C ALA Q 144 -52.37 -17.46 -17.43
N LYS Q 145 -52.05 -18.26 -18.45
CA LYS Q 145 -50.97 -19.24 -18.36
C LYS Q 145 -50.08 -19.08 -19.57
N VAL Q 146 -48.78 -18.93 -19.31
CA VAL Q 146 -47.77 -18.91 -20.37
C VAL Q 146 -46.98 -20.21 -20.27
N GLN Q 147 -46.97 -20.97 -21.36
CA GLN Q 147 -46.24 -22.23 -21.40
C GLN Q 147 -45.23 -22.16 -22.53
N TRP Q 148 -43.97 -22.38 -22.18
CA TRP Q 148 -42.86 -22.26 -23.11
C TRP Q 148 -42.57 -23.61 -23.75
N LYS Q 149 -42.44 -23.61 -25.08
CA LYS Q 149 -42.11 -24.81 -25.81
C LYS Q 149 -40.89 -24.55 -26.68
N VAL Q 150 -39.83 -25.30 -26.42
CA VAL Q 150 -38.51 -25.07 -27.00
C VAL Q 150 -38.21 -26.29 -27.85
N ASP Q 151 -38.42 -26.16 -29.17
CA ASP Q 151 -38.73 -27.28 -30.07
C ASP Q 151 -39.76 -28.20 -29.44
N ASN Q 152 -40.88 -27.59 -29.01
CA ASN Q 152 -42.02 -28.25 -28.37
C ASN Q 152 -41.62 -28.99 -27.10
N ALA Q 153 -40.86 -28.33 -26.23
CA ALA Q 153 -40.48 -28.87 -24.94
C ALA Q 153 -40.96 -27.93 -23.84
N LEU Q 154 -41.86 -28.44 -23.00
CA LEU Q 154 -42.43 -27.64 -21.91
C LEU Q 154 -41.37 -27.36 -20.87
N GLN Q 155 -40.86 -26.13 -20.86
CA GLN Q 155 -39.80 -25.74 -19.94
C GLN Q 155 -40.33 -24.77 -18.89
N SER Q 156 -39.53 -24.60 -17.84
CA SER Q 156 -39.87 -23.72 -16.73
C SER Q 156 -38.59 -23.38 -16.00
N GLY Q 157 -38.67 -22.37 -15.13
CA GLY Q 157 -37.51 -21.94 -14.38
C GLY Q 157 -36.58 -21.01 -15.11
N ASN Q 158 -36.76 -20.83 -16.42
CA ASN Q 158 -35.98 -19.91 -17.22
C ASN Q 158 -36.76 -18.66 -17.58
N SER Q 159 -37.96 -18.52 -17.04
CA SER Q 159 -38.87 -17.48 -17.44
C SER Q 159 -39.27 -16.62 -16.26
N GLN Q 160 -39.22 -15.30 -16.45
CA GLN Q 160 -39.72 -14.34 -15.48
C GLN Q 160 -40.88 -13.57 -16.09
N GLU Q 161 -41.90 -13.32 -15.29
CA GLU Q 161 -43.15 -12.75 -15.76
C GLU Q 161 -43.39 -11.39 -15.14
N SER Q 162 -44.23 -10.59 -15.79
CA SER Q 162 -44.46 -9.22 -15.38
C SER Q 162 -45.91 -8.82 -15.69
N VAL Q 163 -46.63 -8.41 -14.65
CA VAL Q 163 -48.05 -8.12 -14.74
C VAL Q 163 -48.23 -6.61 -14.70
N THR Q 164 -49.01 -6.07 -15.64
CA THR Q 164 -49.40 -4.68 -15.47
C THR Q 164 -50.54 -4.55 -14.48
N GLU Q 165 -50.66 -3.36 -13.92
CA GLU Q 165 -51.86 -3.02 -13.19
C GLU Q 165 -53.00 -2.78 -14.17
N GLN Q 166 -54.22 -2.73 -13.64
CA GLN Q 166 -55.38 -2.62 -14.51
C GLN Q 166 -55.49 -1.18 -15.01
N ASP Q 167 -55.67 -1.04 -16.32
CA ASP Q 167 -55.58 0.27 -16.94
C ASP Q 167 -56.78 1.13 -16.58
N SER Q 168 -56.55 2.43 -16.48
CA SER Q 168 -57.67 3.35 -16.32
C SER Q 168 -58.46 3.48 -17.60
N LYS Q 169 -57.81 3.28 -18.75
CA LYS Q 169 -58.44 3.53 -20.04
C LYS Q 169 -59.42 2.42 -20.40
N ASP Q 170 -58.91 1.20 -20.58
CA ASP Q 170 -59.70 0.10 -21.10
C ASP Q 170 -59.80 -1.06 -20.13
N SER Q 171 -59.29 -0.90 -18.91
CA SER Q 171 -59.43 -1.85 -17.80
C SER Q 171 -58.78 -3.19 -18.12
N THR Q 172 -57.72 -3.17 -18.90
CA THR Q 172 -57.09 -4.39 -19.37
C THR Q 172 -55.86 -4.71 -18.56
N TYR Q 173 -55.14 -5.76 -19.00
CA TYR Q 173 -53.86 -6.11 -18.43
C TYR Q 173 -52.88 -6.35 -19.56
N SER Q 174 -51.61 -6.45 -19.20
CA SER Q 174 -50.57 -6.71 -20.17
C SER Q 174 -49.45 -7.54 -19.55
N LEU Q 175 -49.29 -8.76 -20.05
CA LEU Q 175 -48.32 -9.71 -19.53
C LEU Q 175 -47.20 -9.95 -20.52
N SER Q 176 -46.05 -10.33 -19.96
CA SER Q 176 -44.95 -10.88 -20.74
C SER Q 176 -44.17 -11.83 -19.86
N SER Q 177 -43.82 -12.98 -20.43
CA SER Q 177 -42.90 -13.92 -19.80
C SER Q 177 -41.57 -13.81 -20.53
N THR Q 178 -40.49 -13.76 -19.77
CA THR Q 178 -39.16 -13.51 -20.32
C THR Q 178 -38.37 -14.81 -20.20
N LEU Q 179 -38.48 -15.68 -21.21
CA LEU Q 179 -37.81 -16.97 -21.18
C LEU Q 179 -36.32 -16.74 -21.41
N THR Q 180 -35.58 -16.57 -20.32
CA THR Q 180 -34.17 -16.25 -20.38
C THR Q 180 -33.35 -17.53 -20.41
N LEU Q 181 -32.68 -17.78 -21.53
CA LEU Q 181 -31.83 -18.94 -21.70
C LEU Q 181 -30.39 -18.48 -21.83
N SER Q 182 -29.49 -19.45 -21.86
CA SER Q 182 -28.13 -19.18 -22.29
C SER Q 182 -28.07 -19.08 -23.80
N LYS Q 183 -26.91 -18.69 -24.31
CA LYS Q 183 -26.72 -18.68 -25.75
C LYS Q 183 -26.65 -20.08 -26.33
N ALA Q 184 -26.10 -21.03 -25.55
CA ALA Q 184 -25.89 -22.39 -26.06
C ALA Q 184 -27.21 -23.14 -26.22
N ASP Q 185 -28.05 -23.13 -25.18
CA ASP Q 185 -29.35 -23.80 -25.25
C ASP Q 185 -30.29 -23.10 -26.22
N TYR Q 186 -30.09 -21.81 -26.46
CA TYR Q 186 -30.79 -21.11 -27.53
C TYR Q 186 -30.44 -21.70 -28.88
N GLU Q 187 -29.15 -21.90 -29.15
CA GLU Q 187 -28.72 -22.40 -30.44
C GLU Q 187 -29.06 -23.88 -30.65
N LYS Q 188 -29.41 -24.59 -29.58
CA LYS Q 188 -29.78 -26.00 -29.71
C LYS Q 188 -31.14 -26.19 -30.36
N HIS Q 189 -31.98 -25.16 -30.38
CA HIS Q 189 -33.37 -25.33 -30.79
C HIS Q 189 -33.79 -24.15 -31.66
N LYS Q 190 -34.89 -24.35 -32.38
CA LYS Q 190 -35.49 -23.27 -33.17
C LYS Q 190 -36.92 -22.97 -32.76
N VAL Q 191 -37.78 -23.98 -32.70
CA VAL Q 191 -39.22 -23.78 -32.52
C VAL Q 191 -39.47 -23.30 -31.09
N TYR Q 192 -39.78 -22.02 -30.95
CA TYR Q 192 -39.90 -21.38 -29.65
C TYR Q 192 -41.36 -20.94 -29.50
N ALA Q 193 -42.19 -21.87 -29.03
CA ALA Q 193 -43.62 -21.66 -28.93
C ALA Q 193 -44.01 -21.17 -27.55
N CYS Q 194 -44.95 -20.24 -27.53
CA CYS Q 194 -45.48 -19.62 -26.32
C CYS Q 194 -46.94 -20.00 -26.21
N GLU Q 195 -47.23 -21.10 -25.53
CA GLU Q 195 -48.60 -21.53 -25.35
C GLU Q 195 -49.29 -20.65 -24.33
N VAL Q 196 -50.31 -19.92 -24.79
CA VAL Q 196 -50.98 -18.92 -23.97
C VAL Q 196 -52.38 -19.42 -23.67
N THR Q 197 -52.63 -19.74 -22.41
CA THR Q 197 -53.94 -20.20 -21.95
C THR Q 197 -54.58 -19.07 -21.16
N HIS Q 198 -55.61 -18.46 -21.76
CA HIS Q 198 -56.31 -17.36 -21.13
C HIS Q 198 -57.80 -17.51 -21.45
N GLN Q 199 -58.65 -16.91 -20.61
CA GLN Q 199 -60.08 -17.08 -20.74
C GLN Q 199 -60.64 -16.43 -21.99
N GLY Q 200 -60.01 -15.35 -22.46
CA GLY Q 200 -60.41 -14.74 -23.71
C GLY Q 200 -60.07 -15.57 -24.93
N LEU Q 201 -59.14 -16.51 -24.78
CA LEU Q 201 -58.75 -17.40 -25.86
C LEU Q 201 -59.55 -18.70 -25.74
N SER Q 202 -60.21 -19.09 -26.82
CA SER Q 202 -60.95 -20.34 -26.81
C SER Q 202 -60.01 -21.54 -26.81
N SER Q 203 -58.87 -21.42 -27.48
CA SER Q 203 -57.84 -22.44 -27.51
C SER Q 203 -56.57 -21.91 -26.87
N PRO Q 204 -55.73 -22.77 -26.31
CA PRO Q 204 -54.41 -22.29 -25.85
C PRO Q 204 -53.52 -21.95 -27.03
N VAL Q 205 -53.36 -20.66 -27.28
CA VAL Q 205 -52.67 -20.20 -28.48
C VAL Q 205 -51.17 -20.31 -28.29
N THR Q 206 -50.53 -21.07 -29.15
CA THR Q 206 -49.08 -21.23 -29.12
C THR Q 206 -48.46 -20.26 -30.12
N LYS Q 207 -47.88 -19.19 -29.61
CA LYS Q 207 -47.21 -18.21 -30.45
C LYS Q 207 -45.77 -18.64 -30.61
N SER Q 208 -45.39 -19.01 -31.83
CA SER Q 208 -44.12 -19.68 -32.07
C SER Q 208 -43.30 -18.92 -33.10
N PHE Q 209 -41.99 -19.17 -33.05
CA PHE Q 209 -41.08 -18.71 -34.09
C PHE Q 209 -39.93 -19.69 -34.17
N ASN Q 210 -39.06 -19.49 -35.15
CA ASN Q 210 -37.87 -20.29 -35.32
C ASN Q 210 -36.63 -19.44 -35.06
N ARG Q 211 -35.55 -20.11 -34.67
CA ARG Q 211 -34.29 -19.41 -34.47
C ARG Q 211 -33.69 -19.03 -35.81
N GLY Q 212 -33.35 -17.75 -35.96
CA GLY Q 212 -32.89 -17.24 -37.23
C GLY Q 212 -33.95 -17.09 -38.29
N GLU Q 213 -35.22 -16.99 -37.89
CA GLU Q 213 -36.31 -16.90 -38.84
C GLU Q 213 -36.49 -15.47 -39.36
N CYS Q 214 -36.85 -14.55 -38.47
CA CYS Q 214 -37.14 -13.17 -38.86
C CYS Q 214 -35.86 -12.36 -39.07
N GLU R 1 -39.72 8.62 38.30
CA GLU R 1 -39.92 9.87 37.58
C GLU R 1 -40.77 10.85 38.38
N ILE R 2 -40.24 11.31 39.50
CA ILE R 2 -40.87 12.37 40.28
C ILE R 2 -39.95 13.57 40.23
N VAL R 3 -40.46 14.68 39.70
CA VAL R 3 -39.64 15.87 39.52
C VAL R 3 -39.45 16.55 40.86
N LEU R 4 -38.20 16.72 41.26
CA LEU R 4 -37.84 17.41 42.48
C LEU R 4 -37.60 18.88 42.16
N THR R 5 -38.39 19.75 42.75
CA THR R 5 -38.27 21.19 42.50
C THR R 5 -37.52 21.84 43.63
N GLN R 6 -36.38 22.43 43.30
CA GLN R 6 -35.58 23.21 44.24
C GLN R 6 -35.90 24.68 43.99
N SER R 7 -36.76 25.23 44.83
CA SER R 7 -37.33 26.55 44.60
C SER R 7 -36.32 27.69 44.70
N PRO R 8 -35.34 27.67 45.61
CA PRO R 8 -34.18 28.54 45.36
C PRO R 8 -33.31 27.93 44.28
N ALA R 9 -33.24 28.60 43.13
CA ALA R 9 -32.36 28.13 42.06
C ALA R 9 -30.90 28.35 42.45
N THR R 10 -30.51 29.59 42.63
CA THR R 10 -29.25 29.95 43.27
C THR R 10 -29.56 30.93 44.39
N LEU R 11 -28.58 31.14 45.26
CA LEU R 11 -28.80 31.98 46.41
C LEU R 11 -27.47 32.54 46.87
N SER R 12 -27.46 33.79 47.31
CA SER R 12 -26.28 34.41 47.88
C SER R 12 -26.63 34.86 49.29
N LEU R 13 -25.78 34.49 50.26
CA LEU R 13 -26.07 34.85 51.65
C LEU R 13 -24.75 35.03 52.36
N SER R 14 -24.75 35.88 53.38
CA SER R 14 -23.56 36.24 54.10
C SER R 14 -23.13 35.10 55.01
N PRO R 15 -21.88 35.14 55.51
CA PRO R 15 -21.55 34.29 56.66
C PRO R 15 -22.36 34.73 57.87
N GLY R 16 -23.31 33.91 58.31
CA GLY R 16 -24.29 34.42 59.24
C GLY R 16 -25.41 33.47 59.62
N GLU R 17 -26.65 33.94 59.47
CA GLU R 17 -27.82 33.28 60.04
C GLU R 17 -28.28 32.09 59.22
N ARG R 18 -29.50 31.63 59.50
CA ARG R 18 -30.06 30.44 58.88
C ARG R 18 -30.28 30.62 57.39
N ALA R 19 -30.11 29.54 56.64
CA ALA R 19 -30.16 29.53 55.18
C ALA R 19 -31.02 28.36 54.70
N THR R 20 -32.25 28.31 55.22
CA THR R 20 -33.15 27.19 54.96
C THR R 20 -33.51 27.07 53.48
N LEU R 21 -33.34 25.88 52.93
CA LEU R 21 -33.62 25.60 51.54
C LEU R 21 -34.87 24.76 51.42
N SER R 22 -35.22 24.38 50.19
CA SER R 22 -36.44 23.63 49.97
C SER R 22 -36.31 22.78 48.72
N CYS R 23 -36.62 21.49 48.86
CA CYS R 23 -36.82 20.60 47.73
C CYS R 23 -38.25 20.12 47.79
N ARG R 24 -39.10 20.71 46.95
CA ARG R 24 -40.51 20.33 46.90
C ARG R 24 -40.71 19.30 45.82
N ALA R 25 -41.28 18.16 46.19
CA ALA R 25 -41.43 17.04 45.28
C ALA R 25 -42.64 17.23 44.39
N SER R 26 -42.82 16.31 43.45
CA SER R 26 -44.02 16.28 42.65
C SER R 26 -45.10 15.39 43.25
N GLN R 27 -44.74 14.44 44.11
CA GLN R 27 -45.71 13.56 44.74
C GLN R 27 -45.47 13.54 46.25
N ARG R 28 -46.19 12.68 46.95
CA ARG R 28 -45.97 12.48 48.38
C ARG R 28 -44.99 11.32 48.50
N ILE R 29 -43.69 11.65 48.49
CA ILE R 29 -42.69 10.59 48.63
C ILE R 29 -42.59 10.15 50.09
N SER R 30 -43.10 10.96 51.03
CA SER R 30 -43.25 10.62 52.45
C SER R 30 -41.89 10.30 53.08
N ASN R 31 -41.08 11.37 53.17
CA ASN R 31 -39.87 11.44 53.97
C ASN R 31 -38.77 10.55 53.40
N ASP R 32 -38.64 10.56 52.07
CA ASP R 32 -37.78 9.61 51.37
C ASP R 32 -36.89 10.33 50.35
N LEU R 33 -36.24 11.41 50.76
CA LEU R 33 -35.15 11.94 49.96
C LEU R 33 -33.94 12.21 50.82
N HIS R 34 -32.91 12.78 50.19
CA HIS R 34 -31.60 12.94 50.79
C HIS R 34 -31.11 14.35 50.47
N TRP R 35 -29.89 14.67 50.92
CA TRP R 35 -29.34 16.00 50.72
C TRP R 35 -27.84 15.92 50.51
N TYR R 36 -27.33 16.75 49.60
CA TYR R 36 -26.00 16.58 49.08
C TYR R 36 -25.24 17.89 49.08
N GLN R 37 -23.91 17.77 49.10
CA GLN R 37 -23.02 18.91 49.31
C GLN R 37 -21.90 18.84 48.27
N GLN R 38 -22.28 18.83 47.00
CA GLN R 38 -21.26 18.81 45.95
C GLN R 38 -20.53 20.15 45.94
N LYS R 39 -19.32 20.13 46.50
CA LYS R 39 -18.42 21.26 46.44
C LYS R 39 -17.87 21.37 45.02
N PRO R 40 -17.39 22.55 44.62
CA PRO R 40 -16.84 22.70 43.26
C PRO R 40 -15.60 21.87 43.04
N GLY R 41 -15.55 21.18 41.90
CA GLY R 41 -14.48 20.27 41.60
C GLY R 41 -14.46 19.03 42.45
N GLN R 42 -15.59 18.67 43.06
CA GLN R 42 -15.65 17.57 44.01
C GLN R 42 -16.78 16.62 43.66
N ALA R 43 -16.64 15.39 44.12
CA ALA R 43 -17.77 14.48 44.16
C ALA R 43 -18.76 14.98 45.22
N PRO R 44 -20.05 14.72 45.03
CA PRO R 44 -21.05 15.14 46.03
C PRO R 44 -20.89 14.40 47.35
N ARG R 45 -21.38 15.05 48.40
CA ARG R 45 -21.26 14.54 49.76
C ARG R 45 -22.63 14.53 50.42
N LEU R 46 -23.06 13.35 50.81
CA LEU R 46 -24.39 13.17 51.39
C LEU R 46 -24.48 13.79 52.79
N LEU R 47 -25.63 14.39 53.07
CA LEU R 47 -25.84 15.15 54.30
C LEU R 47 -26.89 14.54 55.21
N ILE R 48 -27.98 14.04 54.64
CA ILE R 48 -29.19 13.71 55.39
C ILE R 48 -29.72 12.36 54.93
N LYS R 49 -30.09 11.50 55.89
CA LYS R 49 -30.73 10.24 55.56
C LYS R 49 -32.12 10.43 54.99
N TYR R 50 -33.06 10.86 55.83
CA TYR R 50 -34.46 10.99 55.41
C TYR R 50 -35.06 12.17 56.16
N ALA R 51 -34.91 13.36 55.58
CA ALA R 51 -35.29 14.65 56.14
C ALA R 51 -34.72 14.93 57.53
N SER R 52 -33.69 14.20 57.94
CA SER R 52 -33.11 14.25 59.29
C SER R 52 -31.85 13.39 59.29
N GLN R 53 -31.22 13.33 60.47
CA GLN R 53 -30.25 12.31 60.87
C GLN R 53 -28.92 12.41 60.12
N SER R 54 -28.42 13.63 59.99
CA SER R 54 -27.04 14.02 60.35
C SER R 54 -25.98 12.94 60.20
N ILE R 55 -25.75 12.46 58.97
CA ILE R 55 -24.96 11.27 58.72
C ILE R 55 -23.49 11.40 59.07
N SER R 56 -23.04 10.61 60.04
CA SER R 56 -21.64 10.33 60.34
C SER R 56 -20.86 11.60 60.69
N GLY R 57 -21.40 12.33 61.66
CA GLY R 57 -20.74 13.52 62.15
C GLY R 57 -20.68 14.68 61.19
N ILE R 58 -21.59 14.76 60.22
CA ILE R 58 -21.68 15.98 59.42
C ILE R 58 -22.22 17.10 60.32
N PRO R 59 -21.46 18.19 60.54
CA PRO R 59 -21.21 18.65 61.91
C PRO R 59 -22.38 19.07 62.80
N SER R 60 -23.04 20.17 62.52
CA SER R 60 -23.97 20.67 63.52
C SER R 60 -25.18 21.41 62.96
N ARG R 61 -25.35 21.52 61.65
CA ARG R 61 -26.16 22.60 61.14
C ARG R 61 -27.04 22.19 59.97
N PHE R 62 -27.25 20.89 59.79
CA PHE R 62 -27.90 20.41 58.57
C PHE R 62 -29.18 19.67 58.92
N SER R 63 -30.02 20.29 59.74
CA SER R 63 -31.32 19.71 60.05
C SER R 63 -32.28 19.90 58.88
N GLY R 64 -33.20 18.95 58.72
CA GLY R 64 -34.20 19.04 57.68
C GLY R 64 -35.60 18.92 58.23
N SER R 65 -36.59 18.86 57.35
CA SER R 65 -37.97 18.67 57.77
C SER R 65 -38.73 17.96 56.68
N GLY R 66 -39.68 17.12 57.07
CA GLY R 66 -40.38 16.28 56.13
C GLY R 66 -41.87 16.49 56.06
N SER R 67 -42.62 15.40 55.80
CA SER R 67 -44.07 15.32 55.99
C SER R 67 -44.90 16.32 55.19
N GLY R 68 -45.10 16.11 53.89
CA GLY R 68 -44.68 14.91 53.18
C GLY R 68 -44.34 15.13 51.72
N THR R 69 -44.32 16.38 51.30
CA THR R 69 -43.81 16.77 50.00
C THR R 69 -42.85 17.95 50.08
N ASP R 70 -43.15 18.93 50.93
CA ASP R 70 -42.29 20.10 51.10
C ASP R 70 -41.12 19.74 52.00
N PHE R 71 -40.00 19.39 51.37
CA PHE R 71 -38.85 18.87 52.08
C PHE R 71 -37.75 19.91 52.09
N THR R 72 -37.31 20.28 53.29
CA THR R 72 -36.45 21.43 53.48
C THR R 72 -35.07 20.99 53.95
N LEU R 73 -34.11 21.88 53.75
CA LEU R 73 -32.77 21.75 54.31
C LEU R 73 -32.43 23.07 55.00
N THR R 74 -32.35 23.04 56.31
CA THR R 74 -31.97 24.23 57.07
C THR R 74 -30.46 24.26 57.22
N ILE R 75 -29.89 25.45 57.04
CA ILE R 75 -28.47 25.63 57.35
C ILE R 75 -28.41 26.57 58.53
N SER R 76 -28.45 26.01 59.74
CA SER R 76 -28.71 26.82 60.92
C SER R 76 -27.51 27.63 61.39
N SER R 77 -26.30 27.20 61.05
CA SER R 77 -25.07 27.73 61.62
C SER R 77 -24.09 28.03 60.50
N LEU R 78 -24.53 28.89 59.56
CA LEU R 78 -24.26 28.89 58.12
C LEU R 78 -22.90 28.34 57.68
N GLU R 79 -21.80 28.75 58.35
CA GLU R 79 -20.46 28.19 58.19
C GLU R 79 -19.98 28.35 56.74
N PRO R 80 -19.50 29.54 56.37
CA PRO R 80 -19.37 29.91 54.94
C PRO R 80 -18.47 29.04 54.07
N GLU R 81 -17.79 28.04 54.62
CA GLU R 81 -17.19 27.00 53.79
C GLU R 81 -18.24 26.12 53.12
N ASP R 82 -19.49 26.16 53.58
CA ASP R 82 -20.55 25.30 53.07
C ASP R 82 -21.16 25.78 51.77
N PHE R 83 -20.61 26.84 51.18
CA PHE R 83 -21.13 27.35 49.93
C PHE R 83 -20.83 26.37 48.82
N ALA R 84 -21.82 25.55 48.49
CA ALA R 84 -21.66 24.49 47.51
C ALA R 84 -22.98 24.24 46.82
N VAL R 85 -22.92 23.56 45.68
CA VAL R 85 -24.09 23.30 44.86
C VAL R 85 -24.84 22.15 45.52
N TYR R 86 -25.95 22.46 46.18
CA TYR R 86 -26.62 21.41 46.92
C TYR R 86 -27.59 20.66 46.02
N TYR R 87 -27.90 19.44 46.42
CA TYR R 87 -28.81 18.61 45.67
C TYR R 87 -29.68 17.78 46.61
N CYS R 88 -30.96 17.69 46.27
CA CYS R 88 -31.86 16.74 46.88
C CYS R 88 -32.06 15.58 45.92
N GLN R 89 -32.31 14.40 46.47
CA GLN R 89 -32.48 13.21 45.65
C GLN R 89 -33.45 12.26 46.32
N GLN R 90 -34.54 11.93 45.64
CA GLN R 90 -35.50 10.95 46.14
C GLN R 90 -34.89 9.56 46.20
N SER R 91 -35.54 8.71 46.99
CA SER R 91 -35.13 7.31 47.10
C SER R 91 -36.19 6.37 46.58
N ASN R 92 -37.40 6.43 47.13
CA ASN R 92 -38.36 5.34 46.99
C ASN R 92 -39.37 5.65 45.88
N SER R 93 -38.82 5.75 44.67
CA SER R 93 -39.54 5.68 43.40
C SER R 93 -38.51 5.57 42.29
N TRP R 94 -38.86 4.94 41.28
CA TRP R 94 -37.95 4.79 40.17
C TRP R 94 -38.32 5.74 39.03
N PRO R 95 -37.34 6.18 38.23
CA PRO R 95 -35.91 6.11 38.54
C PRO R 95 -35.33 7.37 39.18
N ARG R 96 -35.08 7.30 40.49
CA ARG R 96 -34.05 8.02 41.26
C ARG R 96 -33.68 9.42 40.80
N THR R 97 -34.64 10.33 40.74
CA THR R 97 -34.38 11.67 40.26
C THR R 97 -33.61 12.47 41.30
N PHE R 98 -32.79 13.40 40.80
CA PHE R 98 -32.07 14.34 41.64
C PHE R 98 -32.79 15.67 41.65
N GLY R 99 -32.17 16.65 42.31
CA GLY R 99 -32.62 18.01 42.25
C GLY R 99 -32.05 18.73 41.06
N GLY R 100 -31.84 20.03 41.21
CA GLY R 100 -31.30 20.81 40.12
C GLY R 100 -30.04 21.56 40.47
N GLY R 101 -29.83 21.82 41.76
CA GLY R 101 -28.71 22.68 42.12
C GLY R 101 -29.28 23.84 42.88
N THR R 102 -28.69 24.09 44.06
CA THR R 102 -29.17 25.11 44.98
C THR R 102 -27.95 25.89 45.47
N LYS R 103 -27.22 26.46 44.50
CA LYS R 103 -25.94 27.15 44.73
C LYS R 103 -26.06 28.23 45.79
N LEU R 104 -25.35 28.03 46.90
CA LEU R 104 -25.22 29.03 47.93
C LEU R 104 -23.99 29.87 47.64
N GLU R 105 -24.17 31.19 47.63
CA GLU R 105 -23.09 32.12 47.32
C GLU R 105 -22.91 33.09 48.47
N ILE R 106 -21.85 33.87 48.37
CA ILE R 106 -21.55 34.87 49.37
C ILE R 106 -22.37 36.11 49.06
N LYS R 107 -22.98 36.69 50.08
CA LYS R 107 -23.66 37.96 49.87
C LYS R 107 -22.62 39.07 49.80
N ARG R 108 -20.92 40.89 51.77
CA ARG R 108 -20.38 42.07 51.11
C ARG R 108 -21.42 42.81 50.27
N THR R 109 -20.95 43.71 49.41
CA THR R 109 -21.81 44.64 48.70
C THR R 109 -21.62 44.53 47.19
N VAL R 110 -22.46 45.27 46.48
CA VAL R 110 -22.36 45.39 45.04
C VAL R 110 -21.13 46.22 44.68
N ALA R 111 -20.25 45.66 43.86
CA ALA R 111 -19.01 46.31 43.47
C ALA R 111 -18.98 46.52 41.97
N ALA R 112 -18.32 47.59 41.54
CA ALA R 112 -18.20 47.89 40.13
C ALA R 112 -17.05 47.08 39.52
N PRO R 113 -17.21 46.60 38.29
CA PRO R 113 -16.10 45.93 37.63
C PRO R 113 -15.05 46.92 37.13
N SER R 114 -13.80 46.62 37.46
CA SER R 114 -12.68 47.32 36.85
C SER R 114 -12.53 46.76 35.45
N VAL R 115 -12.93 47.54 34.45
CA VAL R 115 -13.12 47.04 33.09
C VAL R 115 -11.84 47.28 32.30
N PHE R 116 -11.36 46.23 31.63
CA PHE R 116 -10.13 46.32 30.86
C PHE R 116 -10.31 45.63 29.52
N ILE R 117 -10.32 46.41 28.46
CA ILE R 117 -10.46 45.85 27.13
C ILE R 117 -9.05 45.61 26.59
N PHE R 118 -8.93 44.61 25.71
CA PHE R 118 -7.66 44.31 25.11
C PHE R 118 -7.83 44.14 23.61
N PRO R 119 -7.03 44.86 22.82
CA PRO R 119 -6.94 44.57 21.39
C PRO R 119 -6.48 43.15 21.11
N PRO R 120 -6.88 42.60 19.97
CA PRO R 120 -6.23 41.38 19.48
C PRO R 120 -4.77 41.69 19.17
N SER R 121 -3.90 40.73 19.49
CA SER R 121 -2.48 40.92 19.31
C SER R 121 -2.12 40.98 17.84
N ASP R 122 -0.97 41.59 17.56
CA ASP R 122 -0.40 41.52 16.23
C ASP R 122 0.00 40.10 15.87
N GLU R 123 0.38 39.31 16.88
CA GLU R 123 0.54 37.86 16.71
C GLU R 123 -0.76 37.21 16.23
N GLN R 124 -1.90 37.66 16.77
CA GLN R 124 -3.16 37.13 16.28
C GLN R 124 -3.50 37.71 14.91
N LEU R 125 -3.06 38.93 14.65
CA LEU R 125 -3.13 39.47 13.30
C LEU R 125 -2.14 38.80 12.38
N LYS R 126 -1.11 38.16 12.93
CA LYS R 126 -0.26 37.24 12.18
C LYS R 126 -0.81 35.81 12.20
N SER R 127 -2.06 35.64 12.61
CA SER R 127 -2.74 34.35 12.51
C SER R 127 -3.96 34.39 11.60
N GLY R 128 -4.52 35.58 11.32
CA GLY R 128 -5.69 35.70 10.49
C GLY R 128 -6.99 35.80 11.25
N THR R 129 -6.94 35.87 12.58
CA THR R 129 -8.12 36.06 13.40
C THR R 129 -7.92 37.29 14.29
N ALA R 130 -8.94 37.60 15.08
CA ALA R 130 -8.91 38.76 15.96
C ALA R 130 -9.92 38.55 17.08
N SER R 131 -9.43 38.42 18.31
CA SER R 131 -10.28 38.20 19.47
C SER R 131 -10.13 39.37 20.41
N VAL R 132 -11.20 40.12 20.61
CA VAL R 132 -11.17 41.29 21.47
C VAL R 132 -11.65 40.86 22.84
N VAL R 133 -10.81 41.04 23.85
CA VAL R 133 -11.09 40.61 25.21
C VAL R 133 -11.30 41.84 26.08
N CYS R 134 -12.49 41.95 26.66
CA CYS R 134 -12.86 43.03 27.56
C CYS R 134 -13.07 42.48 28.95
N LEU R 135 -12.21 42.85 29.89
CA LEU R 135 -12.32 42.34 31.24
C LEU R 135 -13.46 43.00 31.99
N LEU R 136 -14.00 42.26 32.94
CA LEU R 136 -14.76 42.79 34.05
C LEU R 136 -14.12 42.12 35.25
N ASN R 137 -13.63 42.89 36.20
CA ASN R 137 -12.82 42.33 37.27
C ASN R 137 -13.25 42.91 38.61
N ASN R 138 -13.37 42.03 39.60
CA ASN R 138 -13.54 42.37 41.01
C ASN R 138 -14.83 43.16 41.25
N PHE R 139 -15.94 42.46 40.99
CA PHE R 139 -17.26 43.05 41.04
C PHE R 139 -18.20 42.07 41.72
N TYR R 140 -19.42 42.54 41.94
CA TYR R 140 -20.46 41.74 42.55
C TYR R 140 -21.82 42.34 42.21
N PRO R 141 -22.81 41.54 41.82
CA PRO R 141 -22.81 40.09 41.61
C PRO R 141 -22.43 39.71 40.20
N ARG R 142 -22.82 38.50 39.78
CA ARG R 142 -22.60 38.04 38.41
C ARG R 142 -23.45 38.77 37.39
N GLU R 143 -24.43 39.56 37.83
CA GLU R 143 -25.43 40.14 36.95
C GLU R 143 -24.79 41.27 36.15
N ALA R 144 -24.31 40.94 34.95
CA ALA R 144 -23.57 41.89 34.14
C ALA R 144 -23.96 41.71 32.68
N LYS R 145 -23.78 42.77 31.91
CA LYS R 145 -24.04 42.76 30.48
C LYS R 145 -22.83 43.33 29.75
N VAL R 146 -22.31 42.58 28.78
CA VAL R 146 -21.25 43.05 27.91
C VAL R 146 -21.85 43.28 26.54
N GLN R 147 -21.74 44.50 26.04
CA GLN R 147 -22.26 44.85 24.72
C GLN R 147 -21.11 45.34 23.87
N TRP R 148 -20.93 44.70 22.72
CA TRP R 148 -19.82 44.99 21.82
C TRP R 148 -20.24 46.02 20.79
N LYS R 149 -19.41 47.04 20.60
CA LYS R 149 -19.66 48.07 19.61
C LYS R 149 -18.44 48.19 18.71
N VAL R 150 -18.65 47.94 17.43
CA VAL R 150 -17.58 47.81 16.44
C VAL R 150 -17.78 48.95 15.45
N ASP R 151 -17.01 50.02 15.64
CA ASP R 151 -17.38 51.38 15.20
C ASP R 151 -18.83 51.68 15.57
N ASN R 152 -19.14 51.48 16.86
CA ASN R 152 -20.46 51.68 17.46
C ASN R 152 -21.55 50.85 16.79
N ALA R 153 -21.27 49.56 16.59
CA ALA R 153 -22.24 48.63 16.03
C ALA R 153 -22.46 47.49 17.02
N LEU R 154 -23.68 47.38 17.53
CA LEU R 154 -24.03 46.35 18.51
C LEU R 154 -23.99 44.98 17.84
N GLN R 155 -22.94 44.21 18.11
CA GLN R 155 -22.76 42.91 17.51
C GLN R 155 -22.94 41.82 18.55
N SER R 156 -23.10 40.59 18.05
CA SER R 156 -23.30 39.42 18.88
C SER R 156 -22.95 38.19 18.05
N GLY R 157 -22.80 37.06 18.74
CA GLY R 157 -22.45 35.82 18.07
C GLY R 157 -20.98 35.64 17.79
N ASN R 158 -20.17 36.68 17.97
CA ASN R 158 -18.74 36.60 17.79
C ASN R 158 -18.01 36.61 19.13
N SER R 159 -18.74 36.55 20.23
CA SER R 159 -18.17 36.73 21.55
C SER R 159 -18.46 35.52 22.42
N GLN R 160 -17.42 35.06 23.11
CA GLN R 160 -17.56 34.01 24.12
C GLN R 160 -17.17 34.59 25.47
N GLU R 161 -17.91 34.19 26.50
CA GLU R 161 -17.77 34.77 27.82
C GLU R 161 -17.31 33.73 28.82
N SER R 162 -16.74 34.20 29.94
CA SER R 162 -16.14 33.32 30.93
C SER R 162 -16.31 33.92 32.32
N VAL R 163 -16.95 33.16 33.20
CA VAL R 163 -17.31 33.63 34.54
C VAL R 163 -16.38 32.96 35.54
N THR R 164 -15.78 33.76 36.43
CA THR R 164 -15.10 33.13 37.55
C THR R 164 -16.09 32.69 38.60
N GLU R 165 -15.66 31.73 39.41
CA GLU R 165 -16.37 31.44 40.64
C GLU R 165 -16.12 32.54 41.66
N GLN R 166 -16.92 32.53 42.72
CA GLN R 166 -16.83 33.61 43.68
C GLN R 166 -15.60 33.39 44.57
N ASP R 167 -14.80 34.45 44.72
CA ASP R 167 -13.51 34.31 45.35
C ASP R 167 -13.65 34.07 46.84
N SER R 168 -12.71 33.30 47.40
CA SER R 168 -12.67 33.16 48.84
C SER R 168 -12.16 34.43 49.49
N LYS R 169 -11.33 35.19 48.78
CA LYS R 169 -10.68 36.35 49.37
C LYS R 169 -11.64 37.52 49.53
N ASP R 170 -12.14 38.04 48.42
CA ASP R 170 -12.93 39.27 48.43
C ASP R 170 -14.34 39.06 47.90
N SER R 171 -14.73 37.81 47.63
CA SER R 171 -16.10 37.40 47.28
C SER R 171 -16.56 38.04 45.97
N THR R 172 -15.62 38.26 45.06
CA THR R 172 -15.91 38.98 43.83
C THR R 172 -16.08 38.01 42.67
N TYR R 173 -16.23 38.59 41.48
CA TYR R 173 -16.26 37.82 40.25
C TYR R 173 -15.33 38.47 39.24
N SER R 174 -15.08 37.76 38.16
CA SER R 174 -14.22 38.29 37.11
C SER R 174 -14.68 37.75 35.76
N LEU R 175 -15.15 38.65 34.91
CA LEU R 175 -15.69 38.32 33.59
C LEU R 175 -14.78 38.81 32.48
N SER R 176 -14.88 38.11 31.35
CA SER R 176 -14.33 38.59 30.09
C SER R 176 -15.16 38.04 28.97
N SER R 177 -15.47 38.89 27.99
CA SER R 177 -16.09 38.47 26.75
C SER R 177 -15.02 38.52 25.67
N THR R 178 -14.96 37.48 24.85
CA THR R 178 -13.89 37.33 23.86
C THR R 178 -14.51 37.53 22.48
N LEU R 179 -14.56 38.80 22.04
CA LEU R 179 -15.17 39.11 20.75
C LEU R 179 -14.24 38.64 19.64
N THR R 180 -14.45 37.41 19.19
CA THR R 180 -13.58 36.79 18.20
C THR R 180 -14.10 37.10 16.81
N LEU R 181 -13.33 37.87 16.05
CA LEU R 181 -13.65 38.23 14.69
C LEU R 181 -12.64 37.59 13.75
N SER R 182 -12.89 37.73 12.45
CA SER R 182 -11.89 37.44 11.47
C SER R 182 -10.90 38.60 11.39
N LYS R 183 -9.83 38.40 10.62
CA LYS R 183 -8.88 39.48 10.40
C LYS R 183 -9.48 40.57 9.51
N ALA R 184 -10.35 40.18 8.58
CA ALA R 184 -10.90 41.14 7.61
C ALA R 184 -11.87 42.11 8.27
N ASP R 185 -12.84 41.58 9.01
CA ASP R 185 -13.81 42.42 9.71
C ASP R 185 -13.17 43.23 10.82
N TYR R 186 -12.06 42.75 11.37
CA TYR R 186 -11.25 43.55 12.29
C TYR R 186 -10.71 44.79 11.59
N GLU R 187 -10.13 44.61 10.40
CA GLU R 187 -9.54 45.73 9.69
C GLU R 187 -10.56 46.70 9.13
N LYS R 188 -11.83 46.30 9.07
CA LYS R 188 -12.87 47.19 8.57
C LYS R 188 -13.20 48.31 9.55
N HIS R 189 -12.85 48.15 10.83
CA HIS R 189 -13.32 49.08 11.84
C HIS R 189 -12.19 49.40 12.82
N LYS R 190 -12.36 50.48 13.57
CA LYS R 190 -11.41 50.84 14.63
C LYS R 190 -12.07 50.89 15.99
N VAL R 191 -13.16 51.63 16.14
CA VAL R 191 -13.76 51.92 17.45
C VAL R 191 -14.37 50.64 18.00
N TYR R 192 -13.71 50.05 18.99
CA TYR R 192 -14.09 48.75 19.54
C TYR R 192 -14.52 48.98 20.98
N ALA R 193 -15.78 49.32 21.17
CA ALA R 193 -16.31 49.68 22.47
C ALA R 193 -16.95 48.48 23.14
N CYS R 194 -16.72 48.38 24.45
CA CYS R 194 -17.25 47.32 25.30
C CYS R 194 -18.20 47.95 26.29
N GLU R 195 -19.48 48.02 25.94
CA GLU R 195 -20.47 48.58 26.84
C GLU R 195 -20.76 47.61 27.96
N VAL R 196 -20.43 48.01 29.18
CA VAL R 196 -20.51 47.14 30.35
C VAL R 196 -21.64 47.65 31.24
N THR R 197 -22.71 46.88 31.33
CA THR R 197 -23.84 47.20 32.17
C THR R 197 -23.81 46.29 33.39
N HIS R 198 -23.49 46.86 34.54
CA HIS R 198 -23.41 46.11 35.79
C HIS R 198 -23.96 46.99 36.90
N GLN R 199 -24.41 46.35 37.98
CA GLN R 199 -25.08 47.06 39.07
C GLN R 199 -24.12 47.97 39.82
N GLY R 200 -22.84 47.61 39.89
CA GLY R 200 -21.86 48.49 40.50
C GLY R 200 -21.56 49.72 39.67
N LEU R 201 -21.88 49.70 38.38
CA LEU R 201 -21.70 50.84 37.50
C LEU R 201 -22.99 51.63 37.44
N SER R 202 -22.91 52.93 37.71
CA SER R 202 -24.09 53.78 37.61
C SER R 202 -24.51 53.98 36.16
N SER R 203 -23.54 54.04 35.25
CA SER R 203 -23.79 54.16 33.83
C SER R 203 -23.25 52.93 33.11
N PRO R 204 -23.81 52.56 31.96
CA PRO R 204 -23.19 51.49 31.17
C PRO R 204 -21.87 51.95 30.56
N VAL R 205 -20.77 51.49 31.14
CA VAL R 205 -19.46 52.00 30.78
C VAL R 205 -19.01 51.33 29.49
N THR R 206 -18.73 52.14 28.48
CA THR R 206 -18.25 51.65 27.20
C THR R 206 -16.73 51.78 27.18
N LYS R 207 -16.05 50.66 27.33
CA LYS R 207 -14.59 50.64 27.29
C LYS R 207 -14.17 50.43 25.84
N SER R 208 -13.54 51.46 25.26
CA SER R 208 -13.31 51.48 23.82
C SER R 208 -11.84 51.66 23.52
N PHE R 209 -11.46 51.24 22.31
CA PHE R 209 -10.15 51.53 21.76
C PHE R 209 -10.29 51.62 20.25
N ASN R 210 -9.20 52.01 19.60
CA ASN R 210 -9.14 52.07 18.15
C ASN R 210 -8.17 51.01 17.62
N ARG R 211 -8.40 50.60 16.38
CA ARG R 211 -7.51 49.65 15.74
C ARG R 211 -6.19 50.33 15.40
N GLY R 212 -5.08 49.74 15.84
CA GLY R 212 -3.78 50.35 15.66
C GLY R 212 -3.52 51.53 16.57
N GLU R 213 -4.22 51.63 17.69
CA GLU R 213 -4.06 52.76 18.60
C GLU R 213 -2.87 52.59 19.51
N CYS R 214 -2.91 51.57 20.38
CA CYS R 214 -1.86 51.37 21.37
C CYS R 214 -0.64 50.68 20.76
#